data_7FID
#
_entry.id   7FID
#
_cell.length_a   1.00
_cell.length_b   1.00
_cell.length_c   1.00
_cell.angle_alpha   90.00
_cell.angle_beta   90.00
_cell.angle_gamma   90.00
#
_symmetry.space_group_name_H-M   'P 1'
#
loop_
_entity.id
_entity.type
_entity.pdbx_description
1 polymer 'Lon protease'
2 polymer 'unknown endogenous substrate'
3 non-polymer 'PHOSPHOTHIOPHOSPHORIC ACID-ADENYLATE ESTER'
4 non-polymer "ADENOSINE-5'-DIPHOSPHATE"
#
loop_
_entity_poly.entity_id
_entity_poly.type
_entity_poly.pdbx_seq_one_letter_code
_entity_poly.pdbx_strand_id
1 'polypeptide(L)'
;MRLELPVIPLRNTVILPHTTTPVDVGRAKSKRAVEEAMGADRLIFLVAQRDPEVDDPAPDDLYTWGVQAVVKQAMRLPDG
TLQVMVEARARAQVTDYIPGPYLRARGEVFSEIFPIDEAVVRVLVEELKEAFEKYVANHKSLRLDRYQLEAVKGTSDPAM
LADTIAYHATWTVAEKQEILELTDLEARLKKVLGLLSRDLERFELDKRVAQRVKEQMDTNQREYYLREQMKAIQKELGGE
DGLSDLEALRKKIEEVGMPEAVKTKALKELDRLERMQQGSPEATVARTYLDWLTEVPWSKADPEVLDINHTRQVLDEDHY
GLKDVKERILEYLAVRQLTQGLDVRNKAPILVLVGPPGVGKTSLGRSIARSMNRKFHRISLGGVRDEAEIRGHRRTYIGA
MPGKLIHAMKQVGVINPVILLDEIDKMSSDWRGDPASAMLEVLDPEQNNTFTDHYLDVPYDLSKVFFITTANTLQTIPRP
LLDRMEVIEIPGYTNMEKQAIARQYLWPKQVRESGMEGRIEVTDAAILRVISEYTREAGVRGLERELGKIARKGAKFWLE
GAWEGLRTIDASDIPTYLGIPRYRPDKAETEPQVGTAQGLAWTPVGGTLLTIEVAAVPGSGKLSLTGQLGEVMKESAQAA
LTYLRAHTQDYGLPEDFYNKVDLHVHVPDGATPKDGPSAGITMATAIASALSRRPARMDIAMTGEVSLRGKVMPIGGVKE
KLLAAHQAGIHKIVLPKDNEAQLEELPKEVLEGLEIKLVEDVGEVLEYLLLPEPTMPPVVQPSDNRQQPGAGAKLAAALE
HHHHHH
;
B,C,D,E,F,A
2 'polypeptide(L)'
;(UNK)(UNK)(UNK)(UNK)(UNK)(UNK)(UNK)(UNK)(UNK)(UNK)(UNK)(UNK)(UNK)(UNK)(UNK)(UNK)
(UNK)(UNK)(UNK)(UNK)(UNK)(UNK)
;
S
#
loop_
_chem_comp.id
_chem_comp.type
_chem_comp.name
_chem_comp.formula
ADP non-polymer ADENOSINE-5'-DIPHOSPHATE 'C10 H15 N5 O10 P2'
AGS non-polymer 'PHOSPHOTHIOPHOSPHORIC ACID-ADENYLATE ESTER' 'C10 H16 N5 O12 P3 S'
#
# COMPACT_ATOMS: atom_id res chain seq x y z
N ARG A 2 -0.48 -72.08 -56.62
CA ARG A 2 -0.26 -70.64 -56.73
C ARG A 2 0.81 -70.16 -55.76
N LEU A 3 1.72 -71.09 -55.39
CA LEU A 3 2.84 -70.86 -54.47
C LEU A 3 2.36 -70.26 -53.14
N GLU A 4 1.63 -71.11 -52.41
CA GLU A 4 1.14 -70.77 -51.08
C GLU A 4 2.28 -70.39 -50.16
N LEU A 5 2.12 -69.27 -49.46
CA LEU A 5 3.20 -68.72 -48.66
C LEU A 5 2.70 -68.35 -47.27
N PRO A 6 3.46 -68.74 -46.24
CA PRO A 6 3.02 -68.53 -44.86
C PRO A 6 3.57 -67.22 -44.30
N VAL A 7 3.08 -66.83 -43.14
CA VAL A 7 3.41 -65.52 -42.57
C VAL A 7 4.63 -65.67 -41.66
N ILE A 8 5.77 -65.15 -42.10
CA ILE A 8 7.02 -65.22 -41.34
C ILE A 8 7.49 -63.79 -41.06
N PRO A 9 7.66 -63.40 -39.80
CA PRO A 9 8.14 -62.05 -39.50
C PRO A 9 9.65 -61.97 -39.54
N LEU A 10 10.16 -60.74 -39.48
CA LEU A 10 11.57 -60.44 -39.44
C LEU A 10 12.02 -60.17 -38.01
N ARG A 11 13.30 -59.85 -37.83
CA ARG A 11 13.85 -59.64 -36.50
C ARG A 11 13.89 -58.17 -36.13
N ASN A 12 14.75 -57.40 -36.79
CA ASN A 12 14.74 -55.95 -36.72
C ASN A 12 15.12 -55.27 -38.02
N THR A 13 15.47 -56.02 -39.06
CA THR A 13 16.18 -55.50 -40.23
C THR A 13 15.20 -55.33 -41.38
N VAL A 14 15.29 -54.21 -42.08
CA VAL A 14 14.47 -53.95 -43.26
C VAL A 14 15.21 -54.49 -44.48
N ILE A 15 14.53 -55.32 -45.26
CA ILE A 15 15.13 -55.94 -46.45
C ILE A 15 14.49 -55.32 -47.69
N LEU A 16 15.33 -54.76 -48.58
CA LEU A 16 14.72 -54.07 -49.70
C LEU A 16 14.56 -55.00 -50.89
N PRO A 17 13.46 -54.85 -51.64
CA PRO A 17 13.29 -55.65 -52.86
C PRO A 17 14.26 -55.23 -53.95
N HIS A 18 14.32 -56.07 -54.99
CA HIS A 18 15.13 -55.86 -56.20
C HIS A 18 16.62 -55.76 -55.86
N THR A 19 17.04 -56.45 -54.80
CA THR A 19 18.37 -56.30 -54.23
C THR A 19 18.82 -57.64 -53.67
N THR A 20 19.99 -58.11 -54.11
CA THR A 20 20.60 -59.30 -53.54
C THR A 20 21.03 -59.02 -52.10
N THR A 21 20.39 -59.69 -51.14
CA THR A 21 20.46 -59.31 -49.74
C THR A 21 20.66 -60.55 -48.87
N PRO A 22 21.54 -60.50 -47.87
CA PRO A 22 21.64 -61.61 -46.91
C PRO A 22 20.43 -61.60 -45.96
N VAL A 23 19.99 -62.80 -45.57
CA VAL A 23 18.91 -62.99 -44.62
C VAL A 23 19.42 -63.91 -43.53
N ASP A 24 19.40 -63.41 -42.28
CA ASP A 24 19.96 -64.13 -41.14
C ASP A 24 18.84 -64.42 -40.13
N VAL A 25 18.17 -65.55 -40.34
CA VAL A 25 17.04 -65.94 -39.50
C VAL A 25 17.62 -66.48 -38.20
N GLY A 26 17.47 -65.72 -37.11
CA GLY A 26 18.08 -66.10 -35.85
C GLY A 26 17.10 -66.33 -34.71
N ARG A 27 15.81 -66.40 -35.02
CA ARG A 27 14.77 -66.59 -34.02
C ARG A 27 14.43 -68.07 -33.93
N ALA A 28 14.40 -68.59 -32.70
CA ALA A 28 14.25 -70.03 -32.49
C ALA A 28 12.84 -70.51 -32.82
N LYS A 29 11.83 -69.66 -32.64
CA LYS A 29 10.46 -70.04 -32.98
C LYS A 29 10.04 -69.58 -34.37
N SER A 30 11.00 -69.31 -35.26
CA SER A 30 10.75 -69.15 -36.67
C SER A 30 11.48 -70.17 -37.53
N LYS A 31 12.24 -71.07 -36.91
CA LYS A 31 12.90 -72.15 -37.63
C LYS A 31 11.87 -73.10 -38.24
N ARG A 32 10.82 -73.41 -37.48
CA ARG A 32 9.68 -74.18 -37.98
C ARG A 32 9.01 -73.49 -39.17
N ALA A 33 8.89 -72.15 -39.11
CA ALA A 33 8.31 -71.35 -40.19
C ALA A 33 9.14 -71.44 -41.46
N VAL A 34 10.45 -71.25 -41.32
CA VAL A 34 11.36 -71.34 -42.46
C VAL A 34 11.37 -72.75 -43.06
N GLU A 35 11.33 -73.79 -42.20
CA GLU A 35 11.39 -75.15 -42.71
C GLU A 35 10.13 -75.55 -43.47
N GLU A 36 8.95 -75.19 -42.97
CA GLU A 36 7.75 -75.53 -43.73
C GLU A 36 7.52 -74.56 -44.88
N ALA A 37 8.15 -73.38 -44.84
CA ALA A 37 8.14 -72.52 -46.02
C ALA A 37 9.01 -73.09 -47.13
N MET A 38 10.04 -73.85 -46.74
CA MET A 38 10.81 -74.62 -47.71
C MET A 38 10.02 -75.79 -48.27
N GLY A 39 8.93 -76.18 -47.61
CA GLY A 39 8.01 -77.13 -48.19
C GLY A 39 7.02 -76.54 -49.18
N ALA A 40 7.27 -75.30 -49.62
CA ALA A 40 6.42 -74.59 -50.57
C ALA A 40 7.26 -74.06 -51.72
N ASP A 41 8.06 -74.95 -52.33
CA ASP A 41 9.00 -74.66 -53.43
C ASP A 41 10.12 -73.70 -53.00
N ARG A 42 10.38 -73.66 -51.68
CA ARG A 42 11.54 -73.01 -51.07
C ARG A 42 11.64 -71.52 -51.38
N LEU A 43 10.52 -70.82 -51.37
CA LEU A 43 10.54 -69.36 -51.35
C LEU A 43 9.83 -68.90 -50.08
N ILE A 44 10.29 -67.77 -49.54
CA ILE A 44 10.01 -67.37 -48.17
C ILE A 44 9.27 -66.03 -48.18
N PHE A 45 8.16 -65.97 -47.44
CA PHE A 45 7.33 -64.77 -47.35
C PHE A 45 7.67 -64.05 -46.04
N LEU A 46 8.52 -63.03 -46.14
CA LEU A 46 9.04 -62.31 -44.97
C LEU A 46 8.22 -61.05 -44.72
N VAL A 47 7.73 -60.90 -43.50
CA VAL A 47 6.98 -59.72 -43.09
C VAL A 47 7.88 -58.85 -42.23
N ALA A 48 7.83 -57.53 -42.46
CA ALA A 48 8.65 -56.59 -41.71
C ALA A 48 8.24 -56.52 -40.24
N GLN A 49 9.23 -56.33 -39.37
CA GLN A 49 8.99 -56.39 -37.93
C GLN A 49 8.73 -55.00 -37.36
N ARG A 50 7.74 -54.93 -36.48
CA ARG A 50 7.15 -53.68 -36.03
C ARG A 50 7.64 -53.26 -34.65
N ASP A 51 6.79 -52.44 -34.00
CA ASP A 51 6.66 -52.02 -32.62
C ASP A 51 7.00 -53.20 -31.69
N PRO A 52 7.63 -52.96 -30.46
CA PRO A 52 8.72 -53.82 -29.95
C PRO A 52 8.69 -55.32 -30.18
N GLU A 53 9.88 -55.86 -30.50
CA GLU A 53 10.02 -57.23 -30.98
C GLU A 53 9.70 -58.23 -29.87
N VAL A 54 8.78 -59.14 -30.20
CA VAL A 54 8.30 -60.15 -29.27
C VAL A 54 8.49 -61.52 -29.93
N ASP A 55 8.23 -62.59 -29.19
CA ASP A 55 8.34 -63.93 -29.74
C ASP A 55 7.00 -64.65 -29.66
N ASP A 56 5.93 -63.95 -30.02
CA ASP A 56 4.56 -64.43 -29.91
C ASP A 56 3.98 -64.60 -31.31
N PRO A 57 3.89 -65.83 -31.82
CA PRO A 57 3.13 -66.05 -33.06
C PRO A 57 1.64 -65.88 -32.84
N ALA A 58 1.06 -64.88 -33.50
CA ALA A 58 -0.37 -64.60 -33.35
C ALA A 58 -0.95 -64.14 -34.67
N PRO A 59 -2.22 -64.48 -34.95
CA PRO A 59 -2.84 -64.01 -36.19
C PRO A 59 -3.19 -62.52 -36.19
N ASP A 60 -3.15 -61.86 -35.04
CA ASP A 60 -3.50 -60.44 -34.94
C ASP A 60 -2.32 -59.57 -34.54
N ASP A 61 -1.18 -60.17 -34.26
CA ASP A 61 -0.01 -59.42 -33.81
C ASP A 61 1.05 -59.34 -34.92
N LEU A 62 0.64 -59.31 -36.19
CA LEU A 62 1.55 -59.24 -37.34
C LEU A 62 0.97 -58.26 -38.38
N TYR A 63 1.57 -58.21 -39.57
CA TYR A 63 0.89 -57.64 -40.73
C TYR A 63 0.87 -58.59 -41.92
N THR A 64 0.19 -58.17 -42.98
CA THR A 64 -0.10 -59.00 -44.15
C THR A 64 0.73 -58.63 -45.37
N TRP A 65 1.64 -57.68 -45.24
CA TRP A 65 2.53 -57.30 -46.34
C TRP A 65 3.82 -58.11 -46.21
N GLY A 66 4.32 -58.59 -47.32
CA GLY A 66 5.53 -59.38 -47.24
C GLY A 66 6.31 -59.46 -48.54
N VAL A 67 7.63 -59.50 -48.40
CA VAL A 67 8.52 -59.69 -49.54
C VAL A 67 8.69 -61.18 -49.79
N GLN A 68 8.97 -61.52 -51.04
CA GLN A 68 9.15 -62.91 -51.45
C GLN A 68 10.61 -63.16 -51.77
N ALA A 69 11.29 -63.86 -50.88
CA ALA A 69 12.70 -64.19 -50.97
C ALA A 69 12.87 -65.60 -51.53
N VAL A 70 14.07 -65.88 -52.04
CA VAL A 70 14.37 -67.16 -52.67
C VAL A 70 15.50 -67.83 -51.90
N VAL A 71 15.44 -69.16 -51.84
CA VAL A 71 16.49 -69.96 -51.22
C VAL A 71 17.43 -70.43 -52.30
N LYS A 72 18.66 -69.91 -52.28
CA LYS A 72 19.71 -70.43 -53.16
C LYS A 72 20.40 -71.60 -52.47
N GLN A 73 21.01 -71.34 -51.32
CA GLN A 73 21.49 -72.36 -50.40
C GLN A 73 21.61 -71.72 -49.01
N ALA A 74 21.41 -72.53 -47.97
CA ALA A 74 21.27 -72.02 -46.61
C ALA A 74 22.40 -72.60 -45.74
N MET A 75 23.15 -71.70 -45.11
CA MET A 75 24.22 -72.07 -44.19
C MET A 75 23.66 -72.13 -42.76
N ARG A 76 23.96 -73.22 -42.06
CA ARG A 76 23.39 -73.52 -40.76
C ARG A 76 24.42 -73.26 -39.66
N LEU A 77 23.96 -72.74 -38.52
CA LEU A 77 24.78 -72.67 -37.34
C LEU A 77 24.08 -73.40 -36.19
N PRO A 78 24.83 -74.00 -35.22
CA PRO A 78 24.22 -74.82 -34.17
C PRO A 78 23.64 -74.02 -32.98
N ASP A 79 22.93 -72.95 -33.29
CA ASP A 79 22.21 -72.20 -32.28
C ASP A 79 20.85 -71.70 -32.75
N GLY A 80 20.42 -72.07 -33.95
CA GLY A 80 19.19 -71.56 -34.50
C GLY A 80 19.40 -70.34 -35.37
N THR A 81 20.48 -70.36 -36.15
CA THR A 81 20.85 -69.20 -36.97
C THR A 81 21.11 -69.70 -38.39
N LEU A 82 20.36 -69.14 -39.35
CA LEU A 82 20.34 -69.65 -40.71
C LEU A 82 20.62 -68.50 -41.68
N GLN A 83 21.56 -68.71 -42.60
CA GLN A 83 21.92 -67.69 -43.57
C GLN A 83 21.44 -68.09 -44.95
N VAL A 84 20.77 -67.16 -45.64
CA VAL A 84 20.35 -67.38 -47.02
C VAL A 84 20.47 -66.09 -47.81
N MET A 85 21.15 -66.16 -48.95
CA MET A 85 21.33 -65.02 -49.85
C MET A 85 20.14 -64.99 -50.79
N VAL A 86 19.35 -63.92 -50.73
CA VAL A 86 18.07 -63.87 -51.42
C VAL A 86 18.09 -62.74 -52.44
N GLU A 87 17.10 -62.77 -53.32
CA GLU A 87 16.86 -61.70 -54.28
C GLU A 87 15.35 -61.60 -54.48
N ALA A 88 14.75 -60.54 -53.93
CA ALA A 88 13.30 -60.45 -53.82
C ALA A 88 12.65 -60.12 -55.15
N ARG A 89 11.47 -60.70 -55.38
CA ARG A 89 10.74 -60.48 -56.63
C ARG A 89 9.76 -59.32 -56.50
N ALA A 90 8.79 -59.43 -55.60
CA ALA A 90 7.76 -58.41 -55.46
C ALA A 90 7.19 -58.44 -54.05
N ARG A 91 6.27 -57.51 -53.79
CA ARG A 91 5.51 -57.38 -52.56
C ARG A 91 4.18 -58.11 -52.69
N ALA A 92 3.76 -58.76 -51.61
CA ALA A 92 2.57 -59.60 -51.66
C ALA A 92 1.71 -59.34 -50.42
N GLN A 93 0.44 -59.74 -50.54
CA GLN A 93 -0.63 -59.47 -49.58
C GLN A 93 -1.16 -60.76 -48.97
N VAL A 94 -2.14 -60.64 -48.07
CA VAL A 94 -2.88 -61.78 -47.51
C VAL A 94 -4.36 -61.42 -47.51
N THR A 95 -5.18 -62.25 -48.17
CA THR A 95 -6.63 -62.06 -48.19
C THR A 95 -7.33 -62.97 -47.18
N ASP A 96 -6.95 -64.25 -47.15
CA ASP A 96 -7.50 -65.18 -46.16
C ASP A 96 -6.34 -65.72 -45.33
N TYR A 97 -6.46 -65.56 -44.00
CA TYR A 97 -5.48 -66.07 -43.05
C TYR A 97 -6.07 -67.21 -42.24
N ILE A 98 -5.30 -68.28 -42.10
CA ILE A 98 -5.66 -69.43 -41.27
C ILE A 98 -4.71 -69.47 -40.08
N PRO A 99 -5.21 -69.42 -38.84
CA PRO A 99 -4.33 -69.46 -37.66
C PRO A 99 -3.54 -70.77 -37.51
N GLY A 100 -2.65 -70.82 -36.53
CA GLY A 100 -1.77 -71.96 -36.39
C GLY A 100 -1.54 -72.42 -34.97
N PRO A 101 -0.36 -72.99 -34.68
CA PRO A 101 0.78 -73.22 -35.58
C PRO A 101 0.62 -74.40 -36.56
N TYR A 102 1.04 -74.24 -37.83
CA TYR A 102 1.61 -72.97 -38.28
C TYR A 102 0.62 -72.15 -39.12
N LEU A 103 0.69 -70.83 -38.92
CA LEU A 103 -0.14 -69.83 -39.55
C LEU A 103 0.04 -69.81 -41.07
N ARG A 104 -1.05 -69.94 -41.80
CA ARG A 104 -0.96 -70.00 -43.25
C ARG A 104 -1.76 -68.84 -43.85
N ALA A 105 -1.46 -68.54 -45.11
CA ALA A 105 -1.97 -67.34 -45.75
C ALA A 105 -2.11 -67.58 -47.24
N ARG A 106 -3.30 -67.27 -47.78
CA ARG A 106 -3.50 -67.44 -49.22
C ARG A 106 -3.42 -66.09 -49.92
N GLY A 107 -2.34 -65.87 -50.67
CA GLY A 107 -2.21 -64.68 -51.47
C GLY A 107 -2.98 -64.77 -52.78
N GLU A 108 -2.97 -63.65 -53.49
CA GLU A 108 -3.70 -63.48 -54.74
C GLU A 108 -2.75 -62.92 -55.80
N VAL A 109 -3.35 -62.41 -56.89
CA VAL A 109 -2.58 -61.75 -57.95
C VAL A 109 -1.85 -60.52 -57.39
N PHE A 110 -0.71 -60.23 -58.02
CA PHE A 110 0.26 -59.31 -57.43
C PHE A 110 -0.01 -57.87 -57.81
N SER A 111 0.64 -56.96 -57.08
CA SER A 111 0.63 -55.54 -57.38
C SER A 111 1.56 -55.31 -58.57
N GLU A 112 1.05 -55.49 -59.78
CA GLU A 112 1.87 -55.42 -60.99
C GLU A 112 1.63 -54.07 -61.65
N ILE A 113 2.69 -53.52 -62.24
CA ILE A 113 2.63 -52.25 -62.93
C ILE A 113 3.51 -52.35 -64.17
N PHE A 114 3.12 -51.62 -65.22
CA PHE A 114 3.86 -51.57 -66.47
C PHE A 114 4.32 -50.14 -66.68
N PRO A 115 5.57 -49.94 -67.11
CA PRO A 115 6.08 -48.56 -67.29
C PRO A 115 5.59 -47.95 -68.59
N ILE A 116 4.77 -46.89 -68.47
CA ILE A 116 4.38 -46.05 -69.60
C ILE A 116 4.86 -44.64 -69.28
N ASP A 117 5.31 -43.93 -70.33
CA ASP A 117 5.87 -42.56 -70.26
C ASP A 117 7.11 -42.53 -69.36
N GLU A 118 8.17 -43.19 -69.85
CA GLU A 118 9.43 -43.24 -69.12
C GLU A 118 10.28 -41.99 -69.28
N ALA A 119 9.79 -40.96 -69.98
CA ALA A 119 10.59 -39.74 -70.17
C ALA A 119 10.45 -38.78 -68.99
N VAL A 120 9.23 -38.61 -68.49
CA VAL A 120 9.03 -37.87 -67.24
C VAL A 120 9.69 -38.64 -66.09
N VAL A 121 9.62 -39.97 -66.14
CA VAL A 121 10.35 -40.81 -65.19
C VAL A 121 11.85 -40.60 -65.34
N ARG A 122 12.33 -40.35 -66.56
CA ARG A 122 13.76 -40.09 -66.79
C ARG A 122 14.20 -38.75 -66.21
N VAL A 123 13.36 -37.71 -66.35
CA VAL A 123 13.65 -36.42 -65.72
C VAL A 123 13.66 -36.55 -64.20
N LEU A 124 12.72 -37.34 -63.67
CA LEU A 124 12.71 -37.67 -62.25
C LEU A 124 13.96 -38.46 -61.84
N VAL A 125 14.43 -39.34 -62.73
CA VAL A 125 15.65 -40.13 -62.50
C VAL A 125 16.87 -39.23 -62.43
N GLU A 126 17.00 -38.26 -63.33
CA GLU A 126 18.20 -37.43 -63.31
C GLU A 126 18.20 -36.43 -62.15
N GLU A 127 17.01 -35.93 -61.74
CA GLU A 127 17.02 -35.06 -60.57
C GLU A 127 17.29 -35.85 -59.29
N LEU A 128 16.76 -37.07 -59.18
CA LEU A 128 17.07 -37.94 -58.05
C LEU A 128 18.53 -38.38 -58.09
N LYS A 129 19.07 -38.53 -59.30
CA LYS A 129 20.46 -38.87 -59.53
C LYS A 129 21.39 -37.83 -58.93
N GLU A 130 21.26 -36.57 -59.38
CA GLU A 130 22.12 -35.51 -58.86
C GLU A 130 21.83 -35.22 -57.38
N ALA A 131 20.60 -35.51 -56.92
CA ALA A 131 20.26 -35.39 -55.51
C ALA A 131 21.11 -36.33 -54.63
N PHE A 132 21.11 -37.63 -54.93
CA PHE A 132 21.89 -38.52 -54.07
C PHE A 132 23.39 -38.35 -54.34
N GLU A 133 23.77 -37.90 -55.54
CA GLU A 133 25.17 -37.61 -55.82
C GLU A 133 25.68 -36.47 -54.94
N LYS A 134 24.87 -35.41 -54.79
CA LYS A 134 25.26 -34.31 -53.93
C LYS A 134 25.30 -34.70 -52.45
N TYR A 135 24.34 -35.54 -51.99
CA TYR A 135 24.38 -35.94 -50.59
C TYR A 135 25.59 -36.83 -50.29
N VAL A 136 25.94 -37.75 -51.19
CA VAL A 136 27.15 -38.55 -51.01
C VAL A 136 28.39 -37.67 -51.10
N ALA A 137 28.32 -36.62 -51.94
CA ALA A 137 29.46 -35.73 -52.14
C ALA A 137 29.72 -34.84 -50.94
N ASN A 138 28.71 -34.60 -50.11
CA ASN A 138 28.96 -33.70 -48.97
C ASN A 138 29.17 -34.44 -47.66
N HIS A 139 28.41 -35.52 -47.44
CA HIS A 139 28.29 -36.04 -46.07
C HIS A 139 28.80 -37.47 -45.91
N LYS A 140 29.99 -37.64 -45.33
CA LYS A 140 30.67 -38.93 -45.34
C LYS A 140 30.62 -39.69 -44.02
N SER A 141 29.84 -39.27 -43.02
CA SER A 141 29.82 -40.08 -41.80
C SER A 141 28.89 -41.29 -41.89
N LEU A 142 28.23 -41.49 -43.03
CA LEU A 142 27.43 -42.68 -43.27
C LEU A 142 28.23 -43.79 -43.94
N ARG A 143 29.46 -43.47 -44.36
CA ARG A 143 30.50 -44.41 -44.85
C ARG A 143 30.00 -45.36 -45.96
N LEU A 144 29.55 -44.77 -47.06
CA LEU A 144 29.10 -45.60 -48.17
C LEU A 144 30.15 -45.65 -49.27
N ASP A 145 29.97 -46.60 -50.18
CA ASP A 145 30.84 -46.75 -51.34
C ASP A 145 30.55 -45.68 -52.38
N ARG A 146 31.44 -45.58 -53.37
CA ARG A 146 31.41 -44.48 -54.33
C ARG A 146 31.56 -44.96 -55.77
N TYR A 147 32.20 -46.12 -55.97
CA TYR A 147 32.79 -46.47 -57.25
C TYR A 147 31.91 -47.38 -58.10
N GLN A 148 30.60 -47.40 -57.90
CA GLN A 148 29.73 -48.28 -58.66
C GLN A 148 28.78 -47.56 -59.60
N LEU A 149 28.87 -46.24 -59.74
CA LEU A 149 27.86 -45.49 -60.48
C LEU A 149 27.99 -45.70 -61.98
N GLU A 150 29.19 -46.03 -62.45
CA GLU A 150 29.44 -46.17 -63.90
C GLU A 150 28.77 -47.39 -64.51
N ALA A 151 28.35 -48.37 -63.70
CA ALA A 151 27.69 -49.55 -64.24
C ALA A 151 26.17 -49.46 -64.07
N VAL A 152 25.70 -48.88 -62.96
CA VAL A 152 24.27 -48.82 -62.67
C VAL A 152 23.69 -47.50 -63.18
N LYS A 153 24.52 -46.67 -63.80
CA LYS A 153 24.02 -45.44 -64.40
C LYS A 153 23.16 -45.73 -65.62
N GLY A 154 23.50 -46.79 -66.37
CA GLY A 154 22.72 -47.15 -67.54
C GLY A 154 21.50 -47.99 -67.27
N THR A 155 21.18 -48.28 -66.01
CA THR A 155 19.98 -49.04 -65.69
C THR A 155 18.74 -48.16 -65.79
N SER A 156 17.69 -48.71 -66.40
CA SER A 156 16.44 -47.98 -66.61
C SER A 156 15.32 -48.79 -65.96
N ASP A 157 15.16 -48.60 -64.65
CA ASP A 157 14.08 -49.15 -63.83
C ASP A 157 13.96 -48.35 -62.54
N PRO A 158 12.83 -47.66 -62.34
CA PRO A 158 12.73 -46.75 -61.17
C PRO A 158 12.64 -47.46 -59.84
N ALA A 159 12.03 -48.66 -59.80
CA ALA A 159 11.93 -49.41 -58.55
C ALA A 159 13.29 -49.88 -58.08
N MET A 160 14.13 -50.39 -59.00
CA MET A 160 15.45 -50.87 -58.62
C MET A 160 16.37 -49.72 -58.23
N LEU A 161 16.25 -48.57 -58.90
CA LEU A 161 17.05 -47.41 -58.53
C LEU A 161 16.66 -46.86 -57.17
N ALA A 162 15.34 -46.81 -56.89
CA ALA A 162 14.88 -46.33 -55.58
C ALA A 162 15.28 -47.29 -54.47
N ASP A 163 15.17 -48.60 -54.72
CA ASP A 163 15.56 -49.59 -53.72
C ASP A 163 17.08 -49.62 -53.54
N THR A 164 17.83 -49.30 -54.60
CA THR A 164 19.28 -49.23 -54.51
C THR A 164 19.71 -48.06 -53.65
N ILE A 165 19.04 -46.92 -53.82
CA ILE A 165 19.40 -45.75 -53.02
C ILE A 165 18.95 -45.90 -51.57
N ALA A 166 17.71 -46.33 -51.34
CA ALA A 166 17.21 -46.49 -49.98
C ALA A 166 17.79 -47.70 -49.26
N TYR A 167 18.37 -48.64 -50.01
CA TYR A 167 18.99 -49.82 -49.39
C TYR A 167 20.27 -49.47 -48.67
N HIS A 168 21.11 -48.61 -49.26
CA HIS A 168 22.36 -48.22 -48.65
C HIS A 168 22.23 -47.00 -47.73
N ALA A 169 21.04 -46.45 -47.58
CA ALA A 169 20.84 -45.25 -46.77
C ALA A 169 19.94 -45.55 -45.57
N THR A 170 20.07 -44.71 -44.54
CA THR A 170 19.50 -45.00 -43.23
C THR A 170 18.56 -43.89 -42.79
N TRP A 171 17.34 -44.29 -42.40
CA TRP A 171 16.42 -43.47 -41.62
C TRP A 171 15.42 -44.42 -40.95
N THR A 172 14.34 -43.86 -40.41
CA THR A 172 13.45 -44.65 -39.57
C THR A 172 12.59 -45.60 -40.41
N VAL A 173 11.99 -46.56 -39.72
CA VAL A 173 11.40 -47.74 -40.36
C VAL A 173 10.02 -47.46 -40.94
N ALA A 174 9.29 -46.48 -40.35
CA ALA A 174 7.90 -46.25 -40.73
C ALA A 174 7.79 -45.75 -42.17
N GLU A 175 8.58 -44.75 -42.53
CA GLU A 175 8.53 -44.30 -43.91
C GLU A 175 9.31 -45.21 -44.84
N LYS A 176 10.17 -46.11 -44.33
CA LYS A 176 10.62 -47.23 -45.15
C LYS A 176 9.45 -48.06 -45.64
N GLN A 177 8.56 -48.48 -44.72
CA GLN A 177 7.41 -49.26 -45.19
C GLN A 177 6.41 -48.41 -45.96
N GLU A 178 6.35 -47.09 -45.72
CA GLU A 178 5.48 -46.29 -46.57
C GLU A 178 6.08 -46.11 -47.97
N ILE A 179 7.40 -46.15 -48.11
CA ILE A 179 7.97 -46.32 -49.45
C ILE A 179 7.57 -47.68 -50.02
N LEU A 180 7.51 -48.70 -49.19
CA LEU A 180 7.08 -50.02 -49.67
C LEU A 180 5.57 -50.09 -49.90
N GLU A 181 4.75 -49.67 -48.93
CA GLU A 181 3.32 -49.96 -48.92
C GLU A 181 2.48 -48.86 -49.58
N LEU A 182 2.74 -48.55 -50.85
CA LEU A 182 1.83 -47.81 -51.71
C LEU A 182 1.59 -48.58 -53.00
N THR A 183 0.96 -47.92 -53.97
CA THR A 183 0.71 -48.48 -55.28
C THR A 183 1.35 -47.66 -56.40
N ASP A 184 1.41 -46.35 -56.25
CA ASP A 184 2.05 -45.49 -57.23
C ASP A 184 3.57 -45.66 -57.20
N LEU A 185 4.22 -45.33 -58.31
CA LEU A 185 5.64 -45.57 -58.47
C LEU A 185 6.44 -44.30 -58.69
N GLU A 186 5.87 -43.29 -59.35
CA GLU A 186 6.54 -42.00 -59.46
C GLU A 186 6.41 -41.20 -58.17
N ALA A 187 5.33 -41.40 -57.42
CA ALA A 187 5.07 -40.61 -56.22
C ALA A 187 6.09 -40.93 -55.13
N ARG A 188 6.51 -42.19 -55.03
CA ARG A 188 7.53 -42.52 -54.04
C ARG A 188 8.90 -41.98 -54.43
N LEU A 189 9.16 -41.82 -55.72
CA LEU A 189 10.37 -41.14 -56.17
C LEU A 189 10.32 -39.66 -55.80
N LYS A 190 9.13 -39.06 -55.93
CA LYS A 190 8.97 -37.67 -55.52
C LYS A 190 9.12 -37.52 -54.00
N LYS A 191 8.68 -38.51 -53.23
CA LYS A 191 8.79 -38.38 -51.78
C LYS A 191 10.20 -38.69 -51.28
N VAL A 192 10.95 -39.55 -51.98
CA VAL A 192 12.35 -39.69 -51.58
C VAL A 192 13.14 -38.45 -52.02
N LEU A 193 12.72 -37.76 -53.09
CA LEU A 193 13.25 -36.43 -53.35
C LEU A 193 12.93 -35.46 -52.22
N GLY A 194 11.72 -35.55 -51.67
CA GLY A 194 11.35 -34.68 -50.55
C GLY A 194 12.14 -34.97 -49.29
N LEU A 195 12.40 -36.25 -49.02
CA LEU A 195 13.22 -36.60 -47.86
C LEU A 195 14.68 -36.23 -48.10
N LEU A 196 15.14 -36.26 -49.35
CA LEU A 196 16.48 -35.75 -49.64
C LEU A 196 16.56 -34.26 -49.41
N SER A 197 15.51 -33.51 -49.78
CA SER A 197 15.50 -32.08 -49.54
C SER A 197 15.44 -31.78 -48.04
N ARG A 198 14.73 -32.63 -47.30
CA ARG A 198 14.78 -32.60 -45.84
C ARG A 198 16.19 -32.81 -45.31
N ASP A 199 16.93 -33.77 -45.89
CA ASP A 199 18.34 -33.96 -45.53
C ASP A 199 19.16 -32.71 -45.82
N LEU A 200 18.88 -32.08 -46.97
CA LEU A 200 19.61 -30.88 -47.41
C LEU A 200 19.44 -29.74 -46.43
N GLU A 201 18.18 -29.41 -46.12
CA GLU A 201 17.91 -28.32 -45.17
C GLU A 201 18.38 -28.70 -43.76
N ARG A 202 18.43 -30.01 -43.45
CA ARG A 202 18.89 -30.43 -42.14
C ARG A 202 20.39 -30.15 -41.96
N PHE A 203 21.23 -30.53 -42.94
CA PHE A 203 22.64 -30.22 -42.72
C PHE A 203 22.94 -28.74 -42.94
N GLU A 204 22.11 -28.06 -43.72
CA GLU A 204 22.26 -26.61 -43.82
C GLU A 204 22.03 -25.93 -42.48
N LEU A 205 20.94 -26.29 -41.79
CA LEU A 205 20.63 -25.63 -40.54
C LEU A 205 21.57 -26.06 -39.43
N ASP A 206 22.08 -27.30 -39.45
CA ASP A 206 22.93 -27.68 -38.33
C ASP A 206 24.33 -27.09 -38.48
N LYS A 207 24.83 -26.94 -39.73
CA LYS A 207 26.08 -26.21 -39.90
C LYS A 207 25.87 -24.73 -39.59
N ARG A 208 24.66 -24.23 -39.84
CA ARG A 208 24.37 -22.83 -39.54
C ARG A 208 24.38 -22.57 -38.03
N VAL A 209 23.73 -23.43 -37.26
CA VAL A 209 23.72 -23.22 -35.81
C VAL A 209 25.08 -23.54 -35.22
N ALA A 210 25.87 -24.44 -35.84
CA ALA A 210 27.22 -24.69 -35.35
C ALA A 210 28.12 -23.49 -35.61
N GLN A 211 27.96 -22.86 -36.77
CA GLN A 211 28.65 -21.61 -37.08
C GLN A 211 28.31 -20.54 -36.05
N ARG A 212 27.02 -20.43 -35.71
CA ARG A 212 26.60 -19.46 -34.71
C ARG A 212 27.15 -19.80 -33.34
N VAL A 213 27.28 -21.09 -33.02
CA VAL A 213 27.88 -21.50 -31.76
C VAL A 213 29.34 -21.08 -31.68
N LYS A 214 30.09 -21.19 -32.79
CA LYS A 214 31.47 -20.76 -32.73
C LYS A 214 31.55 -19.24 -32.61
N GLU A 215 30.60 -18.51 -33.21
CA GLU A 215 30.65 -17.05 -33.03
C GLU A 215 30.24 -16.65 -31.62
N GLN A 216 29.38 -17.43 -30.96
CA GLN A 216 29.04 -17.14 -29.57
C GLN A 216 30.20 -17.47 -28.65
N MET A 217 30.93 -18.55 -28.94
CA MET A 217 32.18 -18.85 -28.24
C MET A 217 33.18 -17.70 -28.36
N ASP A 218 33.33 -17.17 -29.58
CA ASP A 218 34.23 -16.06 -29.83
C ASP A 218 33.81 -14.82 -29.06
N THR A 219 32.51 -14.53 -29.05
CA THR A 219 31.98 -13.36 -28.33
C THR A 219 32.22 -13.49 -26.83
N ASN A 220 31.98 -14.69 -26.28
CA ASN A 220 32.14 -14.89 -24.84
C ASN A 220 33.60 -14.75 -24.42
N GLN A 221 34.52 -15.38 -25.15
CA GLN A 221 35.93 -15.26 -24.77
C GLN A 221 36.45 -13.85 -25.00
N ARG A 222 35.92 -13.14 -26.01
CA ARG A 222 36.40 -11.80 -26.29
C ARG A 222 35.93 -10.81 -25.21
N GLU A 223 34.69 -10.96 -24.76
CA GLU A 223 34.25 -10.06 -23.69
C GLU A 223 34.91 -10.41 -22.37
N TYR A 224 35.24 -11.69 -22.15
CA TYR A 224 36.05 -12.06 -20.98
C TYR A 224 37.44 -11.44 -21.04
N TYR A 225 38.01 -11.39 -22.24
CA TYR A 225 39.29 -10.73 -22.47
C TYR A 225 39.21 -9.24 -22.17
N LEU A 226 38.12 -8.60 -22.60
CA LEU A 226 37.90 -7.20 -22.26
C LEU A 226 37.77 -6.98 -20.76
N ARG A 227 37.03 -7.88 -20.09
CA ARG A 227 36.86 -7.84 -18.64
C ARG A 227 38.20 -7.87 -17.93
N GLU A 228 39.10 -8.75 -18.36
CA GLU A 228 40.35 -8.86 -17.64
C GLU A 228 41.33 -7.74 -17.99
N GLN A 229 41.31 -7.20 -19.23
CA GLN A 229 42.08 -5.99 -19.51
C GLN A 229 41.63 -4.81 -18.67
N MET A 230 40.32 -4.61 -18.58
CA MET A 230 39.82 -3.43 -17.90
C MET A 230 40.06 -3.52 -16.40
N LYS A 231 39.87 -4.71 -15.80
CA LYS A 231 40.14 -4.83 -14.38
C LYS A 231 41.64 -4.65 -14.11
N ALA A 232 42.49 -5.19 -14.99
CA ALA A 232 43.93 -5.09 -14.80
C ALA A 232 44.40 -3.65 -14.86
N ILE A 233 44.22 -3.00 -16.01
CA ILE A 233 44.82 -1.69 -16.21
C ILE A 233 44.03 -0.61 -15.48
N GLN A 234 42.85 -0.95 -14.96
CA GLN A 234 42.20 0.03 -14.11
C GLN A 234 42.58 -0.18 -12.66
N LYS A 235 42.06 -1.22 -12.00
CA LYS A 235 42.15 -1.24 -10.55
C LYS A 235 43.50 -1.77 -10.07
N GLU A 236 44.42 -2.08 -10.98
CA GLU A 236 45.77 -2.40 -10.56
C GLU A 236 46.79 -1.60 -11.38
N LEU A 237 46.41 -0.41 -11.85
CA LEU A 237 47.39 0.49 -12.44
C LEU A 237 48.37 1.01 -11.40
N GLY A 238 47.99 1.00 -10.13
CA GLY A 238 48.81 1.54 -9.07
C GLY A 238 48.46 2.95 -8.63
N GLY A 239 48.66 3.95 -9.49
CA GLY A 239 48.56 5.33 -9.05
C GLY A 239 47.14 5.82 -8.88
N GLU A 240 46.31 5.65 -9.90
CA GLU A 240 44.98 6.24 -9.93
C GLU A 240 43.91 5.24 -9.50
N ASP A 241 44.04 4.78 -8.26
CA ASP A 241 43.20 3.69 -7.78
C ASP A 241 42.52 4.07 -6.47
N GLY A 242 41.84 3.09 -5.86
CA GLY A 242 41.10 3.29 -4.64
C GLY A 242 41.92 3.10 -3.38
N LEU A 243 43.11 3.63 -3.38
CA LEU A 243 43.85 3.76 -2.15
C LEU A 243 43.11 4.62 -1.15
N SER A 244 42.41 5.64 -1.63
CA SER A 244 41.98 6.69 -0.72
C SER A 244 40.65 6.38 -0.04
N ASP A 245 39.75 5.64 -0.68
CA ASP A 245 38.37 5.58 -0.17
C ASP A 245 38.28 4.74 1.10
N LEU A 246 38.67 3.46 1.03
CA LEU A 246 38.53 2.59 2.19
C LEU A 246 39.51 2.93 3.29
N GLU A 247 40.75 3.28 2.96
CA GLU A 247 41.71 3.62 4.01
C GLU A 247 41.44 5.01 4.59
N ALA A 248 40.94 5.94 3.78
CA ALA A 248 40.54 7.24 4.34
C ALA A 248 39.31 7.10 5.20
N LEU A 249 38.42 6.16 4.86
CA LEU A 249 37.27 5.87 5.71
C LEU A 249 37.71 5.23 7.02
N ARG A 250 38.71 4.33 6.94
CA ARG A 250 39.32 3.72 8.12
C ARG A 250 39.91 4.76 9.06
N LYS A 251 40.66 5.72 8.51
CA LYS A 251 41.26 6.73 9.38
C LYS A 251 40.25 7.79 9.79
N LYS A 252 39.15 7.91 9.05
CA LYS A 252 38.15 8.91 9.39
C LYS A 252 37.25 8.42 10.52
N ILE A 253 37.02 7.10 10.60
CA ILE A 253 36.24 6.54 11.70
C ILE A 253 36.91 6.81 13.04
N GLU A 254 38.22 6.66 13.11
CA GLU A 254 38.95 6.84 14.36
C GLU A 254 39.45 8.27 14.56
N GLU A 255 38.81 9.25 13.92
CA GLU A 255 39.08 10.67 14.21
C GLU A 255 37.85 11.40 14.73
N VAL A 256 36.73 11.38 14.00
CA VAL A 256 35.56 12.11 14.45
C VAL A 256 34.82 11.29 15.51
N GLY A 257 34.60 11.90 16.68
CA GLY A 257 33.96 11.22 17.78
C GLY A 257 34.82 10.06 18.26
N MET A 258 34.22 8.89 18.44
CA MET A 258 32.79 8.64 18.48
C MET A 258 32.67 7.66 19.65
N PRO A 259 31.47 7.36 20.17
CA PRO A 259 31.37 6.39 21.26
C PRO A 259 31.85 5.00 20.87
N GLU A 260 32.20 4.22 21.89
CA GLU A 260 32.96 2.99 21.67
C GLU A 260 32.12 1.90 21.06
N ALA A 261 30.85 1.80 21.45
CA ALA A 261 29.97 0.82 20.82
C ALA A 261 29.72 1.15 19.35
N VAL A 262 29.54 2.43 19.04
CA VAL A 262 29.36 2.87 17.66
C VAL A 262 30.63 2.67 16.86
N LYS A 263 31.80 2.86 17.49
CA LYS A 263 33.06 2.66 16.78
C LYS A 263 33.32 1.19 16.51
N THR A 264 32.98 0.30 17.45
CA THR A 264 33.10 -1.13 17.23
C THR A 264 32.15 -1.60 16.12
N LYS A 265 30.90 -1.09 16.14
CA LYS A 265 29.92 -1.36 15.10
C LYS A 265 30.44 -0.93 13.73
N ALA A 266 31.01 0.27 13.65
CA ALA A 266 31.50 0.81 12.38
C ALA A 266 32.70 0.05 11.86
N LEU A 267 33.61 -0.35 12.75
CA LEU A 267 34.79 -1.09 12.29
C LEU A 267 34.44 -2.51 11.88
N LYS A 268 33.51 -3.16 12.55
CA LYS A 268 33.09 -4.48 12.11
C LYS A 268 32.34 -4.40 10.78
N GLU A 269 31.58 -3.32 10.57
CA GLU A 269 30.91 -3.16 9.29
C GLU A 269 31.90 -2.86 8.17
N LEU A 270 32.96 -2.12 8.47
CA LEU A 270 33.98 -1.85 7.46
C LEU A 270 34.77 -3.11 7.11
N ASP A 271 35.06 -3.95 8.11
CA ASP A 271 35.73 -5.22 7.82
C ASP A 271 34.81 -6.18 7.08
N ARG A 272 33.50 -6.09 7.30
CA ARG A 272 32.55 -6.82 6.47
C ARG A 272 32.56 -6.31 5.04
N LEU A 273 32.74 -4.98 4.87
CA LEU A 273 32.73 -4.38 3.54
C LEU A 273 33.99 -4.73 2.76
N GLU A 274 35.13 -4.83 3.43
CA GLU A 274 36.40 -5.06 2.72
C GLU A 274 36.57 -6.47 2.18
N ARG A 275 35.59 -7.36 2.34
CA ARG A 275 35.60 -8.69 1.75
C ARG A 275 34.45 -8.92 0.79
N MET A 276 33.75 -7.87 0.38
CA MET A 276 32.61 -8.04 -0.51
C MET A 276 33.05 -8.06 -1.96
N GLN A 277 32.14 -8.52 -2.82
CA GLN A 277 32.41 -8.61 -4.25
C GLN A 277 32.46 -7.22 -4.86
N GLN A 278 33.32 -7.05 -5.86
CA GLN A 278 33.35 -5.82 -6.63
C GLN A 278 32.05 -5.65 -7.41
N GLY A 279 31.46 -4.48 -7.27
CA GLY A 279 30.07 -4.27 -7.64
C GLY A 279 29.51 -3.15 -6.80
N SER A 280 28.42 -3.37 -6.07
CA SER A 280 27.76 -4.64 -5.81
C SER A 280 26.37 -4.21 -5.38
N PRO A 281 25.36 -5.10 -5.38
CA PRO A 281 24.07 -4.69 -4.81
C PRO A 281 24.09 -4.62 -3.29
N GLU A 282 25.11 -5.17 -2.63
CA GLU A 282 25.20 -5.12 -1.17
C GLU A 282 26.30 -4.19 -0.69
N ALA A 283 27.34 -3.94 -1.50
CA ALA A 283 28.40 -3.04 -1.08
C ALA A 283 27.96 -1.58 -1.10
N THR A 284 26.97 -1.24 -1.93
CA THR A 284 26.42 0.10 -1.92
C THR A 284 25.71 0.41 -0.61
N VAL A 285 24.99 -0.58 -0.07
CA VAL A 285 24.29 -0.40 1.20
C VAL A 285 25.28 -0.15 2.34
N ALA A 286 26.34 -0.94 2.40
CA ALA A 286 27.33 -0.79 3.46
C ALA A 286 28.13 0.50 3.31
N ARG A 287 28.46 0.89 2.07
CA ARG A 287 29.22 2.11 1.91
C ARG A 287 28.38 3.36 2.17
N THR A 288 27.10 3.33 1.80
CA THR A 288 26.21 4.43 2.11
C THR A 288 25.99 4.54 3.62
N TYR A 289 25.89 3.40 4.30
CA TYR A 289 25.74 3.40 5.75
C TYR A 289 26.97 3.94 6.45
N LEU A 290 28.16 3.56 5.97
CA LEU A 290 29.37 4.10 6.58
C LEU A 290 29.56 5.57 6.28
N ASP A 291 29.08 6.06 5.13
CA ASP A 291 29.12 7.49 4.86
C ASP A 291 28.21 8.26 5.80
N TRP A 292 26.98 7.78 6.00
CA TRP A 292 26.10 8.40 6.98
C TRP A 292 26.63 8.33 8.40
N LEU A 293 27.38 7.27 8.74
CA LEU A 293 27.96 7.24 10.08
C LEU A 293 29.13 8.22 10.22
N THR A 294 29.93 8.38 9.18
CA THR A 294 31.12 9.22 9.32
C THR A 294 30.86 10.70 9.13
N GLU A 295 29.78 11.11 8.47
CA GLU A 295 29.60 12.55 8.29
C GLU A 295 28.46 13.16 9.11
N VAL A 296 27.81 12.37 9.97
CA VAL A 296 26.92 12.92 10.99
C VAL A 296 27.86 13.38 12.10
N PRO A 297 27.56 14.45 12.85
CA PRO A 297 28.54 14.93 13.83
C PRO A 297 28.49 14.24 15.18
N TRP A 298 29.68 13.95 15.70
CA TRP A 298 29.87 13.34 17.00
C TRP A 298 30.87 14.22 17.74
N SER A 299 30.41 14.91 18.78
CA SER A 299 31.25 15.73 19.67
C SER A 299 32.02 16.82 18.92
N LYS A 300 31.27 17.75 18.34
CA LYS A 300 31.83 18.95 17.75
C LYS A 300 30.82 20.07 17.95
N ALA A 301 31.25 21.15 18.57
CA ALA A 301 30.32 22.20 18.95
C ALA A 301 30.95 23.57 18.75
N ASP A 302 30.18 24.48 18.19
CA ASP A 302 30.56 25.87 18.22
C ASP A 302 30.42 26.40 19.65
N PRO A 303 31.20 27.39 20.05
CA PRO A 303 31.34 27.67 21.47
C PRO A 303 30.12 28.28 22.13
N GLU A 304 29.97 27.92 23.40
CA GLU A 304 29.10 28.46 24.44
C GLU A 304 29.72 29.77 24.94
N VAL A 305 29.55 30.08 26.23
CA VAL A 305 29.41 31.39 26.86
C VAL A 305 30.05 32.60 26.15
N LEU A 306 29.22 33.61 25.94
CA LEU A 306 29.50 34.77 25.13
C LEU A 306 29.46 36.00 26.01
N ASP A 307 29.54 37.17 25.38
CA ASP A 307 29.27 38.42 26.07
C ASP A 307 27.76 38.64 26.08
N ILE A 308 27.23 38.98 27.25
CA ILE A 308 25.79 39.04 27.39
C ILE A 308 25.24 40.36 26.86
N ASN A 309 25.95 41.46 27.05
CA ASN A 309 25.52 42.74 26.51
C ASN A 309 25.52 42.75 25.00
N HIS A 310 26.49 42.06 24.39
CA HIS A 310 26.52 41.98 22.94
C HIS A 310 25.34 41.19 22.39
N THR A 311 24.90 40.15 23.10
CA THR A 311 23.74 39.44 22.60
C THR A 311 22.45 40.19 22.85
N ARG A 312 22.36 41.01 23.90
CA ARG A 312 21.12 41.76 24.01
C ARG A 312 21.09 42.90 23.00
N GLN A 313 22.24 43.43 22.60
CA GLN A 313 22.25 44.42 21.55
C GLN A 313 21.95 43.81 20.19
N VAL A 314 22.35 42.57 19.96
CA VAL A 314 21.99 41.94 18.69
C VAL A 314 20.51 41.56 18.68
N LEU A 315 19.96 41.15 19.83
CA LEU A 315 18.55 40.81 19.87
C LEU A 315 17.65 42.03 19.74
N ASP A 316 18.11 43.20 20.21
CA ASP A 316 17.26 44.37 20.12
C ASP A 316 17.19 44.99 18.74
N GLU A 317 18.04 44.61 17.80
CA GLU A 317 18.02 45.25 16.50
C GLU A 317 17.27 44.45 15.45
N ASP A 318 16.58 43.40 15.84
CA ASP A 318 15.76 42.64 14.93
C ASP A 318 14.28 42.65 15.27
N HIS A 319 13.91 42.92 16.51
CA HIS A 319 12.53 42.84 16.94
C HIS A 319 12.29 43.89 18.01
N TYR A 320 11.11 44.47 17.98
CA TYR A 320 10.70 45.40 19.02
C TYR A 320 9.94 44.64 20.09
N GLY A 321 10.19 44.99 21.34
CA GLY A 321 9.45 44.38 22.43
C GLY A 321 9.90 42.97 22.71
N LEU A 322 8.94 42.10 23.02
CA LEU A 322 9.14 40.67 23.26
C LEU A 322 10.14 40.42 24.38
N LYS A 323 9.80 40.89 25.58
CA LYS A 323 10.76 40.83 26.66
C LYS A 323 10.91 39.44 27.26
N ASP A 324 9.89 38.60 27.19
CA ASP A 324 9.98 37.31 27.86
C ASP A 324 10.94 36.36 27.15
N VAL A 325 10.91 36.37 25.81
CA VAL A 325 11.81 35.51 25.05
C VAL A 325 13.24 35.99 25.18
N LYS A 326 13.44 37.30 25.18
CA LYS A 326 14.78 37.85 25.33
C LYS A 326 15.35 37.57 26.70
N GLU A 327 14.50 37.63 27.74
CA GLU A 327 14.99 37.29 29.07
C GLU A 327 15.31 35.82 29.21
N ARG A 328 14.54 34.95 28.55
CA ARG A 328 14.85 33.52 28.57
C ARG A 328 16.20 33.24 27.94
N ILE A 329 16.51 33.91 26.83
CA ILE A 329 17.81 33.69 26.19
C ILE A 329 18.95 34.22 27.06
N LEU A 330 18.76 35.39 27.67
CA LEU A 330 19.84 35.96 28.47
C LEU A 330 20.10 35.17 29.75
N GLU A 331 19.08 34.59 30.36
CA GLU A 331 19.38 33.82 31.55
C GLU A 331 19.84 32.41 31.25
N TYR A 332 19.52 31.87 30.06
CA TYR A 332 20.27 30.73 29.53
C TYR A 332 21.76 31.04 29.44
N LEU A 333 22.12 32.22 28.94
CA LEU A 333 23.55 32.53 28.81
C LEU A 333 24.19 32.80 30.17
N ALA A 334 23.42 33.28 31.13
CA ALA A 334 23.96 33.43 32.49
C ALA A 334 24.28 32.08 33.12
N VAL A 335 23.39 31.10 32.93
CA VAL A 335 23.67 29.75 33.42
C VAL A 335 24.88 29.15 32.70
N ARG A 336 25.01 29.41 31.39
CA ARG A 336 26.21 28.93 30.69
C ARG A 336 27.48 29.59 31.17
N GLN A 337 27.42 30.81 31.68
CA GLN A 337 28.65 31.39 32.21
C GLN A 337 28.98 30.81 33.58
N LEU A 338 27.99 30.57 34.43
CA LEU A 338 28.34 30.10 35.77
C LEU A 338 28.79 28.65 35.82
N THR A 339 28.29 27.79 34.94
CA THR A 339 28.67 26.39 34.96
C THR A 339 29.87 26.10 34.08
N GLN A 340 30.69 27.10 33.80
CA GLN A 340 31.85 26.89 32.96
C GLN A 340 32.95 26.21 33.75
N GLY A 341 33.37 25.04 33.30
CA GLY A 341 34.41 24.30 33.97
C GLY A 341 33.93 23.33 35.03
N LEU A 342 32.65 23.32 35.35
CA LEU A 342 32.13 22.29 36.25
C LEU A 342 31.86 21.02 35.44
N ASP A 343 31.36 20.00 36.13
CA ASP A 343 31.15 18.68 35.54
C ASP A 343 29.70 18.27 35.73
N VAL A 344 28.79 19.14 35.34
CA VAL A 344 27.39 18.95 35.58
C VAL A 344 26.69 18.76 34.23
N ARG A 345 25.46 18.26 34.27
CA ARG A 345 24.70 17.98 33.06
C ARG A 345 24.27 19.26 32.35
N ASN A 346 24.43 19.28 31.03
CA ASN A 346 24.05 20.39 30.19
C ASN A 346 22.87 19.94 29.34
N LYS A 347 21.71 20.53 29.56
CA LYS A 347 20.51 20.21 28.79
C LYS A 347 19.97 21.48 28.17
N ALA A 348 19.75 21.46 26.87
CA ALA A 348 19.27 22.62 26.14
C ALA A 348 17.75 22.72 26.25
N PRO A 349 17.20 23.93 26.19
CA PRO A 349 15.76 24.11 26.35
C PRO A 349 14.94 23.59 25.18
N ILE A 350 13.66 23.37 25.45
CA ILE A 350 12.66 22.95 24.47
C ILE A 350 11.46 23.86 24.66
N LEU A 351 11.25 24.79 23.74
CA LEU A 351 10.26 25.84 23.88
C LEU A 351 9.17 25.69 22.85
N VAL A 352 7.97 26.15 23.20
CA VAL A 352 6.91 26.37 22.23
C VAL A 352 6.46 27.82 22.40
N LEU A 353 6.20 28.49 21.28
CA LEU A 353 5.81 29.89 21.25
C LEU A 353 4.38 29.95 20.73
N VAL A 354 3.45 30.42 21.53
CA VAL A 354 2.04 30.36 21.18
C VAL A 354 1.50 31.76 21.01
N GLY A 355 0.83 32.03 19.90
CA GLY A 355 0.23 33.33 19.69
C GLY A 355 -0.61 33.50 18.45
N PRO A 356 -1.17 34.69 18.26
CA PRO A 356 -2.03 34.98 17.10
C PRO A 356 -1.26 34.95 15.79
N PRO A 357 -1.93 34.94 14.62
CA PRO A 357 -1.23 34.60 13.38
C PRO A 357 -0.25 35.62 12.82
N GLY A 358 -0.07 36.78 13.40
CA GLY A 358 0.82 37.70 12.73
C GLY A 358 2.04 38.12 13.51
N VAL A 359 2.14 37.63 14.71
CA VAL A 359 3.18 38.04 15.63
C VAL A 359 4.46 37.30 15.27
N GLY A 360 5.62 37.88 15.55
CA GLY A 360 6.85 37.32 15.01
C GLY A 360 7.35 36.01 15.59
N LYS A 361 6.56 34.95 15.50
CA LYS A 361 6.97 33.67 16.06
C LYS A 361 8.04 32.99 15.21
N THR A 362 7.83 32.90 13.90
CA THR A 362 8.80 32.23 13.05
C THR A 362 10.04 33.09 12.85
N SER A 363 9.87 34.41 12.89
CA SER A 363 10.97 35.31 12.63
C SER A 363 11.95 35.39 13.80
N LEU A 364 11.56 34.92 14.98
CA LEU A 364 12.49 34.90 16.10
C LEU A 364 13.50 33.78 16.02
N GLY A 365 13.27 32.78 15.17
CA GLY A 365 14.15 31.62 15.16
C GLY A 365 15.56 31.95 14.71
N ARG A 366 15.70 32.53 13.53
CA ARG A 366 17.06 32.78 13.07
C ARG A 366 17.64 34.02 13.71
N SER A 367 16.81 34.85 14.34
CA SER A 367 17.36 35.95 15.13
C SER A 367 17.97 35.45 16.42
N ILE A 368 17.30 34.53 17.12
CA ILE A 368 17.88 33.89 18.30
C ILE A 368 19.12 33.10 17.93
N ALA A 369 19.13 32.47 16.76
CA ALA A 369 20.32 31.74 16.34
C ALA A 369 21.47 32.68 15.99
N ARG A 370 21.18 33.81 15.34
CA ARG A 370 22.23 34.75 14.98
C ARG A 370 22.77 35.48 16.19
N SER A 371 21.94 35.62 17.22
CA SER A 371 22.38 36.29 18.44
C SER A 371 23.45 35.50 19.18
N MET A 372 23.29 34.18 19.25
CA MET A 372 24.20 33.33 20.01
C MET A 372 25.30 32.73 19.15
N ASN A 373 25.40 33.12 17.88
CA ASN A 373 26.37 32.62 16.91
C ASN A 373 26.27 31.11 16.72
N ARG A 374 25.05 30.60 16.63
CA ARG A 374 24.88 29.18 16.40
C ARG A 374 24.30 28.91 15.03
N LYS A 375 24.45 27.67 14.58
CA LYS A 375 23.90 27.26 13.32
C LYS A 375 22.40 27.08 13.44
N PHE A 376 21.70 27.34 12.34
CA PHE A 376 20.25 27.38 12.35
C PHE A 376 19.72 26.40 11.32
N HIS A 377 18.62 25.72 11.63
CA HIS A 377 17.96 24.91 10.63
C HIS A 377 16.47 24.86 10.93
N ARG A 378 15.68 24.79 9.86
CA ARG A 378 14.24 24.99 9.96
C ARG A 378 13.52 23.81 9.32
N ILE A 379 12.77 23.07 10.13
CA ILE A 379 11.93 21.98 9.67
C ILE A 379 10.49 22.43 9.75
N SER A 380 9.77 22.29 8.65
CA SER A 380 8.37 22.68 8.56
C SER A 380 7.50 21.44 8.71
N LEU A 381 6.81 21.35 9.83
CA LEU A 381 5.81 20.32 10.03
C LEU A 381 4.49 20.87 9.54
N GLY A 382 3.39 20.19 9.85
CA GLY A 382 2.13 20.74 9.43
C GLY A 382 1.68 20.17 8.11
N GLY A 383 0.63 19.37 8.14
CA GLY A 383 0.26 18.55 7.04
C GLY A 383 0.96 17.22 6.98
N VAL A 384 2.11 17.09 7.65
CA VAL A 384 2.89 15.86 7.62
C VAL A 384 2.14 14.74 8.31
N ARG A 385 1.93 13.65 7.60
CA ARG A 385 1.26 12.49 8.16
C ARG A 385 2.13 11.25 8.18
N ASP A 386 3.30 11.29 7.58
CA ASP A 386 4.15 10.12 7.41
C ASP A 386 5.09 10.01 8.60
N GLU A 387 5.11 8.83 9.22
CA GLU A 387 6.04 8.58 10.31
C GLU A 387 7.45 8.36 9.82
N ALA A 388 7.62 8.02 8.55
CA ALA A 388 8.96 7.88 7.98
C ALA A 388 9.63 9.20 7.69
N GLU A 389 9.05 10.32 8.08
CA GLU A 389 9.76 11.58 8.07
C GLU A 389 10.52 11.83 9.36
N ILE A 390 10.01 11.32 10.47
CA ILE A 390 10.66 11.51 11.76
C ILE A 390 11.80 10.52 11.95
N ARG A 391 11.50 9.23 11.86
CA ARG A 391 12.52 8.21 11.78
C ARG A 391 12.71 7.88 10.30
N GLY A 392 13.51 6.87 10.00
CA GLY A 392 13.76 6.60 8.60
C GLY A 392 13.11 5.34 8.09
N HIS A 393 13.86 4.55 7.34
CA HIS A 393 13.51 3.18 6.99
C HIS A 393 14.68 2.27 7.36
N ARG A 394 14.42 0.97 7.32
CA ARG A 394 15.27 -0.09 7.85
C ARG A 394 16.62 -0.26 7.11
N ARG A 395 16.79 0.36 5.93
CA ARG A 395 17.82 0.15 4.90
C ARG A 395 17.97 -1.29 4.41
N THR A 396 17.01 -2.15 4.72
CA THR A 396 16.80 -3.31 3.88
C THR A 396 15.98 -2.91 2.65
N TYR A 397 15.06 -1.97 2.85
CA TYR A 397 14.29 -1.38 1.77
C TYR A 397 15.22 -0.63 0.83
N ILE A 398 14.79 -0.52 -0.43
CA ILE A 398 15.74 -0.27 -1.51
C ILE A 398 16.34 1.14 -1.52
N GLY A 399 15.53 2.19 -1.54
CA GLY A 399 16.09 3.52 -1.59
C GLY A 399 16.00 4.24 -0.26
N ALA A 400 16.30 3.53 0.81
CA ALA A 400 16.06 4.06 2.15
C ALA A 400 17.11 5.09 2.55
N MET A 401 16.72 5.95 3.48
CA MET A 401 17.53 7.06 3.96
C MET A 401 16.89 7.57 5.25
N PRO A 402 17.67 8.18 6.16
CA PRO A 402 17.12 8.51 7.48
C PRO A 402 16.13 9.65 7.50
N GLY A 403 15.60 9.94 8.69
CA GLY A 403 14.56 10.93 8.86
C GLY A 403 15.06 12.35 8.74
N LYS A 404 14.15 13.28 9.04
CA LYS A 404 14.47 14.69 8.89
C LYS A 404 15.41 15.19 9.98
N LEU A 405 15.40 14.57 11.16
CA LEU A 405 16.24 15.08 12.24
C LEU A 405 17.70 14.74 12.01
N ILE A 406 18.01 13.53 11.56
CA ILE A 406 19.38 13.17 11.27
C ILE A 406 19.89 13.93 10.05
N HIS A 407 19.01 14.19 9.09
CA HIS A 407 19.39 15.01 7.94
C HIS A 407 19.65 16.45 8.34
N ALA A 408 18.86 16.98 9.29
CA ALA A 408 19.08 18.33 9.78
C ALA A 408 20.35 18.42 10.60
N MET A 409 20.67 17.37 11.35
CA MET A 409 21.94 17.34 12.07
C MET A 409 23.11 17.14 11.13
N LYS A 410 22.87 16.62 9.94
CA LYS A 410 23.94 16.47 8.96
C LYS A 410 24.20 17.74 8.17
N GLN A 411 23.15 18.54 7.91
CA GLN A 411 23.34 19.82 7.21
C GLN A 411 24.14 20.79 8.05
N VAL A 412 23.66 21.06 9.27
CA VAL A 412 24.45 21.72 10.30
C VAL A 412 25.67 20.88 10.61
N GLY A 413 26.80 21.53 10.84
CA GLY A 413 27.97 20.73 11.13
C GLY A 413 28.24 20.40 12.59
N VAL A 414 27.40 20.87 13.52
CA VAL A 414 27.73 20.77 14.95
C VAL A 414 26.67 19.99 15.70
N ILE A 415 26.89 19.78 17.00
CA ILE A 415 25.96 19.02 17.82
C ILE A 415 25.01 19.89 18.62
N ASN A 416 25.18 21.21 18.60
CA ASN A 416 24.25 22.12 19.25
C ASN A 416 23.78 23.21 18.30
N PRO A 417 22.86 22.90 17.40
CA PRO A 417 22.27 23.97 16.60
C PRO A 417 21.05 24.57 17.26
N VAL A 418 20.37 25.47 16.55
CA VAL A 418 19.02 25.87 16.90
C VAL A 418 18.13 25.33 15.80
N ILE A 419 17.16 24.50 16.17
CA ILE A 419 16.27 23.87 15.20
C ILE A 419 14.86 24.36 15.46
N LEU A 420 14.26 24.95 14.43
CA LEU A 420 12.90 25.45 14.49
C LEU A 420 11.94 24.43 13.90
N LEU A 421 11.04 23.93 14.72
CA LEU A 421 9.96 23.04 14.30
C LEU A 421 8.71 23.89 14.16
N ASP A 422 8.32 24.15 12.91
CA ASP A 422 7.37 25.20 12.62
C ASP A 422 5.99 24.58 12.43
N GLU A 423 4.97 25.23 13.01
CA GLU A 423 3.57 24.79 13.13
C GLU A 423 3.46 23.33 13.58
N ILE A 424 3.89 23.09 14.81
CA ILE A 424 3.82 21.74 15.38
C ILE A 424 2.40 21.30 15.72
N ASP A 425 1.44 22.22 15.78
CA ASP A 425 0.08 21.85 16.12
C ASP A 425 -0.75 21.46 14.92
N LYS A 426 -0.13 21.24 13.76
CA LYS A 426 -0.85 20.92 12.55
C LYS A 426 -0.44 19.57 11.98
N MET A 427 0.27 18.75 12.74
CA MET A 427 0.51 17.39 12.31
C MET A 427 -0.80 16.61 12.31
N SER A 428 -0.99 15.79 11.29
CA SER A 428 -2.26 15.14 11.05
C SER A 428 -2.21 13.72 11.59
N SER A 429 -3.03 13.45 12.61
CA SER A 429 -3.01 12.18 13.33
C SER A 429 -4.33 11.45 13.16
N ASP A 430 -4.26 10.17 12.84
CA ASP A 430 -5.41 9.28 12.85
C ASP A 430 -4.94 7.89 13.21
N TRP A 431 -5.78 6.89 12.96
CA TRP A 431 -5.46 5.52 13.35
C TRP A 431 -4.52 4.83 12.37
N ARG A 432 -4.25 5.42 11.21
CA ARG A 432 -3.16 4.98 10.34
C ARG A 432 -2.39 6.19 9.81
N GLY A 433 -1.23 6.43 10.43
CA GLY A 433 -0.42 7.60 10.14
C GLY A 433 -0.43 8.55 11.32
N ASP A 434 0.61 8.50 12.15
CA ASP A 434 0.69 9.33 13.35
C ASP A 434 2.14 9.69 13.61
N PRO A 435 2.59 10.84 13.12
CA PRO A 435 3.95 11.29 13.42
C PRO A 435 4.08 12.05 14.72
N ALA A 436 2.97 12.39 15.38
CA ALA A 436 3.03 13.09 16.66
C ALA A 436 3.36 12.17 17.81
N SER A 437 3.32 10.86 17.60
CA SER A 437 3.73 9.91 18.60
C SER A 437 5.20 9.55 18.49
N ALA A 438 5.78 9.70 17.30
CA ALA A 438 7.22 9.54 17.15
C ALA A 438 7.98 10.76 17.64
N MET A 439 7.34 11.92 17.74
CA MET A 439 7.98 13.08 18.30
C MET A 439 8.14 13.00 19.80
N LEU A 440 7.44 12.08 20.46
CA LEU A 440 7.57 11.90 21.89
C LEU A 440 8.95 11.39 22.29
N GLU A 441 9.64 10.73 21.38
CA GLU A 441 10.99 10.30 21.67
C GLU A 441 12.01 11.40 21.44
N VAL A 442 11.75 12.32 20.52
CA VAL A 442 12.77 13.29 20.18
C VAL A 442 12.75 14.49 21.11
N LEU A 443 11.65 14.72 21.84
CA LEU A 443 11.53 15.88 22.70
C LEU A 443 11.45 15.49 24.16
N ASP A 444 11.82 14.27 24.51
CA ASP A 444 11.77 13.80 25.88
C ASP A 444 12.94 14.40 26.64
N PRO A 445 12.72 15.15 27.72
CA PRO A 445 13.80 15.93 28.32
C PRO A 445 14.86 15.13 29.06
N GLU A 446 14.72 13.82 29.23
CA GLU A 446 15.84 13.05 29.71
C GLU A 446 15.98 11.68 29.07
N GLN A 447 15.32 11.42 27.96
CA GLN A 447 15.52 10.17 27.26
C GLN A 447 15.97 10.37 25.84
N ASN A 448 16.24 11.60 25.41
CA ASN A 448 16.81 11.80 24.08
C ASN A 448 18.33 11.88 24.11
N ASN A 449 18.94 11.35 25.17
CA ASN A 449 20.33 10.90 25.07
C ASN A 449 20.47 9.80 24.03
N THR A 450 19.46 8.95 23.92
CA THR A 450 19.48 7.77 23.07
C THR A 450 18.26 7.86 22.17
N PHE A 451 18.39 8.60 21.09
CA PHE A 451 17.38 8.63 20.04
C PHE A 451 17.81 7.70 18.92
N THR A 452 16.94 6.78 18.56
CA THR A 452 17.23 5.78 17.53
C THR A 452 16.21 5.93 16.41
N ASP A 453 16.67 6.35 15.23
CA ASP A 453 15.83 6.21 14.06
C ASP A 453 16.01 4.82 13.47
N HIS A 454 15.29 4.55 12.39
CA HIS A 454 15.35 3.20 11.84
C HIS A 454 16.52 3.00 10.89
N TYR A 455 17.10 4.07 10.35
CA TYR A 455 18.22 3.90 9.44
C TYR A 455 19.51 3.66 10.21
N LEU A 456 19.92 4.62 11.03
CA LEU A 456 21.04 4.41 11.92
C LEU A 456 20.59 3.50 13.06
N ASP A 457 21.25 2.37 13.24
CA ASP A 457 20.91 1.45 14.31
C ASP A 457 21.70 1.72 15.58
N VAL A 458 22.09 2.97 15.80
CA VAL A 458 22.83 3.35 17.00
C VAL A 458 22.01 4.41 17.71
N PRO A 459 22.19 4.55 19.03
CA PRO A 459 21.58 5.67 19.73
C PRO A 459 22.35 6.96 19.47
N TYR A 460 21.61 8.03 19.16
CA TYR A 460 22.19 9.32 18.83
C TYR A 460 21.73 10.36 19.85
N ASP A 461 22.65 11.24 20.24
CA ASP A 461 22.41 12.20 21.31
C ASP A 461 21.82 13.48 20.75
N LEU A 462 20.60 13.80 21.14
CA LEU A 462 19.93 15.04 20.78
C LEU A 462 19.66 15.92 21.98
N SER A 463 20.58 15.96 22.95
CA SER A 463 20.30 16.70 24.16
C SER A 463 20.96 18.06 24.20
N LYS A 464 21.86 18.35 23.26
CA LYS A 464 22.46 19.67 23.19
C LYS A 464 21.73 20.60 22.24
N VAL A 465 20.83 20.07 21.44
CA VAL A 465 20.17 20.86 20.40
C VAL A 465 19.03 21.67 21.01
N PHE A 466 19.02 22.96 20.68
CA PHE A 466 18.05 23.93 21.15
C PHE A 466 16.82 23.84 20.25
N PHE A 467 15.73 23.28 20.75
CA PHE A 467 14.50 23.17 19.95
C PHE A 467 13.59 24.35 20.22
N ILE A 468 13.10 24.98 19.16
CA ILE A 468 12.07 25.99 19.27
C ILE A 468 10.92 25.55 18.40
N THR A 469 9.73 25.42 18.96
CA THR A 469 8.59 25.05 18.15
C THR A 469 7.58 26.18 18.14
N THR A 470 6.72 26.17 17.13
CA THR A 470 5.78 27.27 16.93
C THR A 470 4.37 26.73 16.85
N ALA A 471 3.41 27.41 17.48
CA ALA A 471 2.02 27.02 17.40
C ALA A 471 1.15 28.25 17.56
N ASN A 472 -0.10 28.16 17.13
CA ASN A 472 -1.04 29.24 17.39
C ASN A 472 -2.26 28.82 18.19
N THR A 473 -2.38 27.56 18.56
CA THR A 473 -3.27 27.14 19.63
C THR A 473 -2.68 25.92 20.29
N LEU A 474 -3.05 25.69 21.54
CA LEU A 474 -2.55 24.54 22.29
C LEU A 474 -3.54 23.38 22.31
N GLN A 475 -4.62 23.46 21.56
CA GLN A 475 -5.66 22.45 21.68
C GLN A 475 -5.45 21.26 20.77
N THR A 476 -4.81 21.45 19.63
CA THR A 476 -4.59 20.35 18.71
C THR A 476 -3.25 19.67 18.92
N ILE A 477 -2.55 19.99 20.01
CA ILE A 477 -1.34 19.27 20.37
C ILE A 477 -1.76 18.16 21.31
N PRO A 478 -1.27 16.93 21.13
CA PRO A 478 -1.55 15.87 22.10
C PRO A 478 -0.93 16.18 23.44
N ARG A 479 -1.58 15.71 24.49
CA ARG A 479 -1.18 16.02 25.86
C ARG A 479 0.18 15.50 26.32
N PRO A 480 0.62 14.28 25.98
CA PRO A 480 1.99 13.92 26.33
C PRO A 480 3.04 14.71 25.58
N LEU A 481 2.73 15.20 24.39
CA LEU A 481 3.70 16.01 23.67
C LEU A 481 3.74 17.43 24.21
N LEU A 482 2.59 17.98 24.58
CA LEU A 482 2.56 19.30 25.18
C LEU A 482 3.23 19.31 26.54
N ASP A 483 3.17 18.21 27.27
CA ASP A 483 3.74 18.22 28.60
C ASP A 483 5.26 18.21 28.62
N ARG A 484 5.92 17.97 27.50
CA ARG A 484 7.37 17.93 27.44
C ARG A 484 7.98 19.27 27.07
N MET A 485 7.19 20.31 26.86
CA MET A 485 7.67 21.57 26.30
C MET A 485 7.34 22.73 27.21
N GLU A 486 8.24 23.70 27.25
CA GLU A 486 8.03 24.92 28.02
C GLU A 486 7.32 25.95 27.16
N VAL A 487 6.19 26.45 27.64
CA VAL A 487 5.30 27.27 26.83
C VAL A 487 5.53 28.75 27.12
N ILE A 488 5.65 29.54 26.06
CA ILE A 488 5.77 30.98 26.18
C ILE A 488 4.66 31.62 25.37
N GLU A 489 3.84 32.42 26.04
CA GLU A 489 2.77 33.15 25.40
C GLU A 489 3.30 34.39 24.72
N ILE A 490 2.83 34.65 23.51
CA ILE A 490 3.13 35.90 22.83
C ILE A 490 1.78 36.53 22.50
N PRO A 491 1.39 37.58 23.18
CA PRO A 491 -0.05 37.91 23.26
C PRO A 491 -0.64 38.68 22.09
N GLY A 492 0.13 39.52 21.41
CA GLY A 492 -0.50 40.43 20.46
C GLY A 492 -0.27 41.86 20.88
N TYR A 493 -0.04 42.74 19.92
CA TYR A 493 0.52 44.05 20.24
C TYR A 493 -0.56 45.08 20.51
N THR A 494 -0.18 46.12 21.22
CA THR A 494 -1.06 47.26 21.50
C THR A 494 -0.94 48.26 20.37
N ASN A 495 -1.54 49.44 20.51
CA ASN A 495 -1.41 50.42 19.46
C ASN A 495 -0.08 51.16 19.54
N MET A 496 0.46 51.35 20.74
CA MET A 496 1.75 52.02 20.85
C MET A 496 2.87 51.14 20.36
N GLU A 497 2.78 49.84 20.63
CA GLU A 497 3.76 48.89 20.11
C GLU A 497 3.67 48.80 18.59
N LYS A 498 2.46 48.77 18.04
CA LYS A 498 2.31 48.76 16.58
C LYS A 498 2.84 50.03 15.94
N GLN A 499 2.69 51.17 16.60
CA GLN A 499 3.22 52.40 16.05
C GLN A 499 4.74 52.43 16.08
N ALA A 500 5.34 51.87 17.13
CA ALA A 500 6.80 51.80 17.19
C ALA A 500 7.37 50.82 16.16
N ILE A 501 6.71 49.67 15.99
CA ILE A 501 7.14 48.70 14.98
C ILE A 501 7.01 49.28 13.58
N ALA A 502 5.95 50.04 13.33
CA ALA A 502 5.78 50.65 12.02
C ALA A 502 6.79 51.75 11.77
N ARG A 503 7.20 52.47 12.81
CA ARG A 503 8.20 53.51 12.59
C ARG A 503 9.59 52.92 12.39
N GLN A 504 9.96 51.88 13.12
CA GLN A 504 11.33 51.42 13.06
C GLN A 504 11.58 50.26 12.11
N TYR A 505 10.58 49.50 11.76
CA TYR A 505 10.90 48.30 11.01
C TYR A 505 10.11 48.15 9.72
N LEU A 506 8.84 48.53 9.71
CA LEU A 506 8.01 48.22 8.55
C LEU A 506 8.10 49.29 7.47
N TRP A 507 7.97 50.54 7.83
CA TRP A 507 8.03 51.62 6.85
C TRP A 507 9.39 51.82 6.19
N PRO A 508 10.54 51.71 6.87
CA PRO A 508 11.80 51.77 6.10
C PRO A 508 12.00 50.62 5.13
N LYS A 509 11.53 49.42 5.46
CA LYS A 509 11.64 48.31 4.51
C LYS A 509 10.74 48.50 3.31
N GLN A 510 9.49 48.92 3.55
CA GLN A 510 8.59 49.15 2.42
C GLN A 510 8.99 50.36 1.60
N VAL A 511 9.73 51.30 2.20
CA VAL A 511 10.28 52.40 1.44
C VAL A 511 11.44 51.95 0.58
N ARG A 512 12.35 51.12 1.11
CA ARG A 512 13.49 50.67 0.32
C ARG A 512 13.06 49.78 -0.82
N GLU A 513 12.08 48.93 -0.61
CA GLU A 513 11.70 47.99 -1.66
C GLU A 513 10.82 48.61 -2.74
N SER A 514 10.65 49.91 -2.78
CA SER A 514 9.86 50.56 -3.80
C SER A 514 10.65 51.58 -4.59
N GLY A 515 11.89 51.86 -4.22
CA GLY A 515 12.67 52.87 -4.88
C GLY A 515 12.45 54.28 -4.36
N MET A 516 11.36 54.52 -3.65
CA MET A 516 11.05 55.86 -3.17
C MET A 516 11.79 56.09 -1.86
N GLU A 517 13.03 56.58 -1.94
CA GLU A 517 14.03 56.42 -0.91
C GLU A 517 14.51 57.80 -0.46
N GLY A 518 13.59 58.59 0.03
CA GLY A 518 13.85 59.96 0.36
C GLY A 518 13.00 60.88 -0.41
N ARG A 519 11.98 60.36 -1.08
CA ARG A 519 11.03 61.13 -1.85
C ARG A 519 9.69 61.19 -1.18
N ILE A 520 9.46 60.39 -0.14
CA ILE A 520 8.15 60.27 0.47
C ILE A 520 8.33 59.92 1.93
N GLU A 521 7.40 60.37 2.77
CA GLU A 521 7.51 60.22 4.22
C GLU A 521 6.13 60.36 4.83
N VAL A 522 5.87 59.62 5.90
CA VAL A 522 4.62 59.76 6.65
C VAL A 522 4.93 60.36 8.00
N THR A 523 3.89 60.89 8.64
CA THR A 523 3.98 61.39 10.00
C THR A 523 3.50 60.32 10.96
N ASP A 524 3.45 60.67 12.25
CA ASP A 524 2.99 59.71 13.24
C ASP A 524 1.48 59.67 13.34
N ALA A 525 0.83 60.80 13.10
CA ALA A 525 -0.63 60.81 13.05
C ALA A 525 -1.15 59.98 11.88
N ALA A 526 -0.39 59.93 10.79
CA ALA A 526 -0.77 59.12 9.65
C ALA A 526 -0.68 57.64 9.97
N ILE A 527 0.38 57.23 10.65
CA ILE A 527 0.54 55.82 11.01
C ILE A 527 -0.53 55.41 12.01
N LEU A 528 -0.83 56.29 12.97
CA LEU A 528 -1.88 55.99 13.93
C LEU A 528 -3.25 55.90 13.27
N ARG A 529 -3.51 56.72 12.24
CA ARG A 529 -4.78 56.61 11.54
C ARG A 529 -4.86 55.33 10.72
N VAL A 530 -3.75 54.91 10.11
CA VAL A 530 -3.73 53.64 9.38
C VAL A 530 -4.01 52.48 10.31
N ILE A 531 -3.46 52.52 11.53
CA ILE A 531 -3.69 51.44 12.49
C ILE A 531 -5.15 51.44 12.95
N SER A 532 -5.71 52.61 13.23
CA SER A 532 -7.02 52.63 13.87
C SER A 532 -8.16 52.43 12.87
N GLU A 533 -8.08 52.99 11.67
CA GLU A 533 -9.23 52.99 10.77
C GLU A 533 -9.13 52.03 9.61
N TYR A 534 -8.02 51.35 9.42
CA TYR A 534 -7.87 50.52 8.24
C TYR A 534 -7.38 49.12 8.56
N THR A 535 -7.46 48.67 9.81
CA THR A 535 -6.80 47.45 10.26
C THR A 535 -7.45 46.96 11.55
N ARG A 536 -7.86 45.70 11.58
CA ARG A 536 -8.23 45.01 12.82
C ARG A 536 -7.60 43.63 12.83
N GLU A 537 -6.52 43.49 13.60
CA GLU A 537 -5.78 42.26 13.70
C GLU A 537 -4.89 42.35 14.92
N ALA A 538 -4.37 41.21 15.34
CA ALA A 538 -3.41 41.19 16.43
C ALA A 538 -1.99 41.29 15.94
N GLY A 539 -1.71 40.81 14.73
CA GLY A 539 -0.38 40.87 14.17
C GLY A 539 -0.10 42.15 13.44
N VAL A 540 0.90 42.11 12.57
CA VAL A 540 1.34 43.30 11.86
C VAL A 540 1.46 43.06 10.36
N ARG A 541 0.86 42.01 9.84
CA ARG A 541 0.93 41.80 8.40
C ARG A 541 -0.01 42.70 7.61
N GLY A 542 -1.19 42.98 8.14
CA GLY A 542 -2.09 43.90 7.48
C GLY A 542 -1.55 45.31 7.46
N LEU A 543 -0.91 45.73 8.55
CA LEU A 543 -0.28 47.05 8.60
C LEU A 543 0.85 47.16 7.60
N GLU A 544 1.60 46.08 7.42
CA GLU A 544 2.67 46.07 6.44
C GLU A 544 2.13 46.15 5.02
N ARG A 545 1.01 45.50 4.75
CA ARG A 545 0.40 45.62 3.43
C ARG A 545 -0.15 47.01 3.15
N GLU A 546 -0.67 47.70 4.17
CA GLU A 546 -1.16 49.06 3.95
C GLU A 546 -0.02 50.03 3.69
N LEU A 547 1.09 49.89 4.43
CA LEU A 547 2.24 50.73 4.18
C LEU A 547 2.86 50.46 2.81
N GLY A 548 2.84 49.20 2.37
CA GLY A 548 3.26 48.89 1.02
C GLY A 548 2.38 49.50 -0.05
N LYS A 549 1.08 49.57 0.22
CA LYS A 549 0.15 50.18 -0.73
C LYS A 549 0.41 51.67 -0.88
N ILE A 550 0.71 52.35 0.22
CA ILE A 550 1.09 53.76 0.16
C ILE A 550 2.37 53.94 -0.64
N ALA A 551 3.34 53.04 -0.46
CA ALA A 551 4.60 53.18 -1.20
C ALA A 551 4.43 52.94 -2.70
N ARG A 552 3.60 51.96 -3.09
CA ARG A 552 3.34 51.69 -4.51
C ARG A 552 2.70 52.89 -5.19
N LYS A 553 1.66 53.45 -4.55
CA LYS A 553 0.99 54.58 -5.17
C LYS A 553 1.89 55.80 -5.23
N GLY A 554 2.79 55.96 -4.26
CA GLY A 554 3.78 57.00 -4.36
C GLY A 554 4.71 56.83 -5.53
N ALA A 555 5.08 55.57 -5.84
CA ALA A 555 5.94 55.32 -6.99
C ALA A 555 5.25 55.65 -8.31
N LYS A 556 3.99 55.26 -8.44
CA LYS A 556 3.24 55.59 -9.65
C LYS A 556 3.06 57.09 -9.82
N PHE A 557 2.79 57.80 -8.72
CA PHE A 557 2.69 59.26 -8.80
C PHE A 557 4.03 59.91 -9.15
N TRP A 558 5.14 59.31 -8.73
CA TRP A 558 6.44 59.83 -9.15
C TRP A 558 6.64 59.67 -10.65
N LEU A 559 6.30 58.50 -11.20
CA LEU A 559 6.49 58.32 -12.63
C LEU A 559 5.53 59.15 -13.47
N GLU A 560 4.38 59.56 -12.94
CA GLU A 560 3.53 60.46 -13.69
C GLU A 560 4.18 61.85 -13.79
N GLY A 561 4.33 62.53 -12.65
CA GLY A 561 5.06 63.78 -12.65
C GLY A 561 5.91 63.93 -11.41
N ALA A 562 7.21 64.06 -11.58
CA ALA A 562 8.12 64.09 -10.45
C ALA A 562 8.03 65.41 -9.71
N TRP A 563 8.40 65.39 -8.44
CA TRP A 563 8.42 66.57 -7.60
C TRP A 563 9.83 66.78 -7.06
N GLU A 564 9.95 67.74 -6.15
CA GLU A 564 11.25 68.14 -5.63
C GLU A 564 11.19 68.10 -4.10
N GLY A 565 12.24 67.58 -3.49
CA GLY A 565 12.26 67.44 -2.04
C GLY A 565 11.62 66.15 -1.63
N LEU A 566 10.72 66.22 -0.65
CA LEU A 566 9.98 65.03 -0.24
C LEU A 566 8.57 65.42 0.19
N ARG A 567 7.60 64.69 -0.31
CA ARG A 567 6.21 64.89 0.08
C ARG A 567 5.95 64.19 1.40
N THR A 568 5.31 64.89 2.31
CA THR A 568 4.98 64.35 3.62
C THR A 568 3.50 64.00 3.65
N ILE A 569 3.19 62.76 3.99
CA ILE A 569 1.82 62.29 4.03
C ILE A 569 1.28 62.55 5.43
N ASP A 570 0.34 63.47 5.55
CA ASP A 570 -0.24 63.75 6.86
C ASP A 570 -1.50 62.93 7.02
N ALA A 571 -2.18 63.06 8.16
CA ALA A 571 -3.32 62.22 8.47
C ALA A 571 -4.55 62.56 7.66
N SER A 572 -4.58 63.70 6.99
CA SER A 572 -5.69 64.04 6.11
C SER A 572 -5.48 63.54 4.70
N ASP A 573 -4.28 63.08 4.35
CA ASP A 573 -3.98 62.62 3.01
C ASP A 573 -4.11 61.12 2.86
N ILE A 574 -4.44 60.42 3.94
CA ILE A 574 -4.54 58.96 3.88
C ILE A 574 -5.64 58.46 2.95
N PRO A 575 -6.87 59.01 2.90
CA PRO A 575 -7.84 58.48 1.94
C PRO A 575 -7.51 58.72 0.48
N THR A 576 -6.54 59.57 0.15
CA THR A 576 -6.05 59.65 -1.22
C THR A 576 -5.37 58.36 -1.62
N TYR A 577 -4.72 57.69 -0.67
CA TYR A 577 -3.94 56.50 -0.94
C TYR A 577 -4.65 55.21 -0.57
N LEU A 578 -5.51 55.20 0.44
CA LEU A 578 -6.07 53.96 0.90
C LEU A 578 -7.58 53.84 0.71
N GLY A 579 -8.26 54.88 0.27
CA GLY A 579 -9.67 54.80 -0.01
C GLY A 579 -10.54 55.19 1.17
N ILE A 580 -11.78 54.73 1.11
CA ILE A 580 -12.74 54.98 2.18
C ILE A 580 -12.35 54.14 3.39
N PRO A 581 -12.38 54.68 4.61
CA PRO A 581 -12.00 53.90 5.79
C PRO A 581 -12.94 52.73 6.05
N ARG A 582 -12.35 51.63 6.53
CA ARG A 582 -13.09 50.39 6.66
C ARG A 582 -13.62 50.11 8.05
N TYR A 583 -13.06 50.73 9.08
CA TYR A 583 -13.48 50.44 10.44
C TYR A 583 -13.79 51.73 11.16
N ARG A 584 -14.75 51.66 12.06
CA ARG A 584 -15.12 52.81 12.86
C ARG A 584 -14.63 52.63 14.28
N PRO A 585 -13.82 53.53 14.79
CA PRO A 585 -13.36 53.40 16.17
C PRO A 585 -14.44 53.74 17.16
N ASP A 586 -14.35 53.12 18.34
CA ASP A 586 -15.30 53.35 19.41
C ASP A 586 -15.16 54.76 19.96
N LYS A 587 -16.23 55.25 20.58
CA LYS A 587 -16.15 56.53 21.25
C LYS A 587 -17.10 56.56 22.43
N ALA A 588 -16.66 57.22 23.48
CA ALA A 588 -17.43 57.30 24.71
C ALA A 588 -18.59 58.28 24.55
N GLU A 589 -19.56 58.14 25.44
CA GLU A 589 -20.63 59.11 25.58
C GLU A 589 -20.33 60.04 26.74
N THR A 590 -21.00 61.18 26.75
CA THR A 590 -20.75 62.20 27.75
C THR A 590 -21.88 62.38 28.74
N GLU A 591 -23.08 62.58 28.26
CA GLU A 591 -24.25 62.83 29.10
C GLU A 591 -24.67 61.53 29.79
N PRO A 592 -25.04 61.59 31.06
CA PRO A 592 -25.56 60.40 31.73
C PRO A 592 -26.95 60.02 31.22
N GLN A 593 -27.18 58.72 31.12
CA GLN A 593 -28.39 58.18 30.54
C GLN A 593 -29.12 57.31 31.56
N VAL A 594 -30.38 57.04 31.29
CA VAL A 594 -31.22 56.25 32.17
C VAL A 594 -31.28 54.84 31.60
N GLY A 595 -30.77 53.88 32.36
CA GLY A 595 -30.82 52.50 31.92
C GLY A 595 -29.79 52.14 30.88
N THR A 596 -28.58 52.65 31.01
CA THR A 596 -27.52 52.38 30.05
C THR A 596 -26.22 52.34 30.81
N ALA A 597 -25.36 51.38 30.49
CA ALA A 597 -24.09 51.28 31.19
C ALA A 597 -22.97 50.93 30.23
N GLN A 598 -21.76 51.33 30.60
CA GLN A 598 -20.58 51.28 29.75
C GLN A 598 -19.67 50.16 30.24
N GLY A 599 -19.67 49.03 29.56
CA GLY A 599 -18.84 47.91 29.93
C GLY A 599 -17.69 47.73 28.95
N LEU A 600 -16.86 46.75 29.25
CA LEU A 600 -15.66 46.47 28.48
C LEU A 600 -15.66 45.01 28.08
N ALA A 601 -15.05 44.71 26.95
CA ALA A 601 -14.97 43.34 26.47
C ALA A 601 -13.66 43.17 25.75
N TRP A 602 -13.27 41.92 25.51
CA TRP A 602 -12.06 41.74 24.74
C TRP A 602 -12.22 40.53 23.84
N THR A 603 -11.81 40.72 22.60
CA THR A 603 -11.63 39.71 21.58
C THR A 603 -10.14 39.42 21.51
N PRO A 604 -9.72 38.37 20.78
CA PRO A 604 -8.26 38.21 20.57
C PRO A 604 -7.62 39.33 19.78
N VAL A 605 -8.40 40.09 19.01
CA VAL A 605 -7.89 41.29 18.36
C VAL A 605 -7.55 42.35 19.40
N GLY A 606 -8.44 42.61 20.34
CA GLY A 606 -8.13 43.53 21.41
C GLY A 606 -9.37 43.91 22.19
N GLY A 607 -9.24 44.97 22.97
CA GLY A 607 -10.33 45.45 23.77
C GLY A 607 -11.35 46.21 22.97
N THR A 608 -12.55 46.30 23.53
CA THR A 608 -13.69 46.88 22.86
C THR A 608 -14.64 47.39 23.93
N LEU A 609 -15.35 48.46 23.62
CA LEU A 609 -16.40 48.94 24.51
C LEU A 609 -17.71 48.23 24.23
N LEU A 610 -18.35 47.71 25.29
CA LEU A 610 -19.73 47.28 25.25
C LEU A 610 -20.63 48.37 25.80
N THR A 611 -21.82 48.50 25.23
CA THR A 611 -22.87 49.30 25.82
C THR A 611 -24.03 48.37 26.12
N ILE A 612 -24.62 48.50 27.30
CA ILE A 612 -25.75 47.67 27.68
C ILE A 612 -26.94 48.56 27.92
N GLU A 613 -28.06 48.25 27.26
CA GLU A 613 -29.28 49.04 27.33
C GLU A 613 -30.39 48.21 27.94
N VAL A 614 -31.12 48.79 28.87
CA VAL A 614 -32.20 48.10 29.54
C VAL A 614 -33.45 48.97 29.47
N ALA A 615 -34.56 48.38 29.08
CA ALA A 615 -35.85 49.06 29.10
C ALA A 615 -36.78 48.36 30.06
N ALA A 616 -37.58 49.15 30.77
CA ALA A 616 -38.54 48.64 31.75
C ALA A 616 -39.91 49.22 31.39
N VAL A 617 -40.80 48.37 30.94
CA VAL A 617 -42.12 48.82 30.46
C VAL A 617 -43.15 48.14 31.34
N PRO A 618 -44.40 48.62 31.35
CA PRO A 618 -45.44 47.89 32.07
C PRO A 618 -45.68 46.52 31.47
N GLY A 619 -46.03 45.57 32.32
CA GLY A 619 -46.19 44.21 31.88
C GLY A 619 -46.49 43.24 32.99
N SER A 620 -46.16 41.98 32.79
CA SER A 620 -46.52 40.93 33.71
C SER A 620 -45.32 40.29 34.40
N GLY A 621 -44.11 40.68 34.03
CA GLY A 621 -42.92 40.12 34.60
C GLY A 621 -42.34 39.10 33.65
N LYS A 622 -41.41 39.53 32.82
CA LYS A 622 -40.77 38.69 31.83
C LYS A 622 -39.32 39.13 31.77
N LEU A 623 -38.54 38.48 30.93
CA LEU A 623 -37.15 38.89 30.79
C LEU A 623 -36.72 38.52 29.38
N SER A 624 -36.71 39.50 28.49
CA SER A 624 -36.18 39.31 27.15
C SER A 624 -34.70 39.65 27.16
N LEU A 625 -33.92 38.88 26.41
CA LEU A 625 -32.47 39.02 26.42
C LEU A 625 -32.01 38.90 24.97
N THR A 626 -31.79 40.02 24.31
CA THR A 626 -31.47 40.03 22.90
C THR A 626 -30.10 40.63 22.66
N GLY A 627 -29.69 40.61 21.41
CA GLY A 627 -28.35 40.99 21.05
C GLY A 627 -27.43 39.84 20.80
N GLN A 628 -27.98 38.63 20.65
CA GLN A 628 -27.27 37.40 20.29
C GLN A 628 -26.25 37.04 21.37
N LEU A 629 -26.77 36.81 22.57
CA LEU A 629 -25.98 36.59 23.77
C LEU A 629 -25.73 35.11 24.00
N GLY A 630 -24.62 34.83 24.67
CA GLY A 630 -24.32 33.47 25.08
C GLY A 630 -25.12 33.07 26.30
N GLU A 631 -24.95 31.82 26.70
CA GLU A 631 -25.73 31.30 27.82
C GLU A 631 -25.20 31.77 29.16
N VAL A 632 -23.88 31.89 29.29
CA VAL A 632 -23.27 32.38 30.52
C VAL A 632 -23.67 33.82 30.78
N MET A 633 -23.83 34.60 29.72
CA MET A 633 -24.18 36.00 29.89
C MET A 633 -25.65 36.17 30.29
N LYS A 634 -26.51 35.28 29.80
CA LYS A 634 -27.89 35.26 30.25
C LYS A 634 -27.98 34.86 31.72
N GLU A 635 -27.13 33.92 32.15
CA GLU A 635 -27.14 33.56 33.57
C GLU A 635 -26.60 34.68 34.44
N SER A 636 -25.68 35.50 33.91
CA SER A 636 -25.23 36.68 34.63
C SER A 636 -26.34 37.69 34.83
N ALA A 637 -27.16 37.89 33.79
CA ALA A 637 -28.29 38.81 33.91
C ALA A 637 -29.31 38.31 34.92
N GLN A 638 -29.58 37.01 34.94
CA GLN A 638 -30.55 36.46 35.88
C GLN A 638 -30.04 36.55 37.31
N ALA A 639 -28.74 36.37 37.52
CA ALA A 639 -28.19 36.50 38.86
C ALA A 639 -28.25 37.94 39.35
N ALA A 640 -28.00 38.91 38.47
CA ALA A 640 -28.07 40.31 38.87
C ALA A 640 -29.51 40.73 39.19
N LEU A 641 -30.48 40.21 38.43
CA LEU A 641 -31.87 40.54 38.70
C LEU A 641 -32.34 39.91 40.01
N THR A 642 -31.89 38.69 40.31
CA THR A 642 -32.26 38.05 41.56
C THR A 642 -31.62 38.76 42.75
N TYR A 643 -30.42 39.33 42.56
CA TYR A 643 -29.87 40.18 43.61
C TYR A 643 -30.73 41.41 43.83
N LEU A 644 -31.18 42.06 42.76
CA LEU A 644 -31.94 43.29 42.94
C LEU A 644 -33.35 43.03 43.46
N ARG A 645 -33.88 41.82 43.29
CA ARG A 645 -35.22 41.54 43.81
C ARG A 645 -35.24 41.35 45.31
N ALA A 646 -34.10 41.24 45.95
CA ALA A 646 -34.04 40.99 47.38
C ALA A 646 -33.63 42.20 48.18
N HIS A 647 -33.31 43.31 47.54
CA HIS A 647 -32.85 44.51 48.21
C HIS A 647 -33.56 45.72 47.64
N THR A 648 -34.87 45.63 47.49
CA THR A 648 -35.63 46.69 46.84
C THR A 648 -35.67 47.96 47.66
N GLN A 649 -35.68 47.85 48.98
CA GLN A 649 -35.77 49.05 49.80
C GLN A 649 -34.42 49.72 49.97
N ASP A 650 -33.33 49.03 49.63
CA ASP A 650 -32.02 49.64 49.76
C ASP A 650 -31.77 50.67 48.67
N TYR A 651 -32.32 50.47 47.48
CA TYR A 651 -32.00 51.30 46.34
C TYR A 651 -33.17 52.09 45.81
N GLY A 652 -34.32 52.04 46.48
CA GLY A 652 -35.46 52.79 46.03
C GLY A 652 -36.18 52.20 44.85
N LEU A 653 -36.12 50.92 44.68
CA LEU A 653 -36.83 50.28 43.59
C LEU A 653 -38.30 50.13 43.99
N PRO A 654 -39.22 50.05 43.03
CA PRO A 654 -40.62 49.78 43.38
C PRO A 654 -40.76 48.37 43.92
N GLU A 655 -41.62 48.22 44.92
CA GLU A 655 -41.57 47.03 45.77
C GLU A 655 -42.19 45.81 45.12
N ASP A 656 -42.77 45.94 43.94
CA ASP A 656 -43.42 44.81 43.30
C ASP A 656 -43.17 44.75 41.81
N PHE A 657 -41.95 45.00 41.36
CA PHE A 657 -41.74 45.00 39.92
C PHE A 657 -41.65 43.60 39.34
N TYR A 658 -41.66 42.56 40.15
CA TYR A 658 -41.46 41.22 39.63
C TYR A 658 -42.67 40.67 38.89
N ASN A 659 -43.85 41.24 39.10
CA ASN A 659 -45.01 40.86 38.32
C ASN A 659 -45.74 42.06 37.75
N LYS A 660 -45.11 43.22 37.75
CA LYS A 660 -45.69 44.41 37.15
C LYS A 660 -44.90 44.98 35.99
N VAL A 661 -43.63 44.60 35.82
CA VAL A 661 -42.73 45.25 34.87
C VAL A 661 -42.13 44.19 33.98
N ASP A 662 -42.12 44.43 32.67
CA ASP A 662 -41.35 43.63 31.73
C ASP A 662 -40.04 44.32 31.45
N LEU A 663 -38.95 43.57 31.57
CA LEU A 663 -37.61 44.08 31.33
C LEU A 663 -37.08 43.54 30.02
N HIS A 664 -36.25 44.34 29.36
CA HIS A 664 -35.63 43.92 28.12
C HIS A 664 -34.20 44.41 28.12
N VAL A 665 -33.26 43.48 27.98
CA VAL A 665 -31.83 43.77 28.00
C VAL A 665 -31.31 43.59 26.60
N HIS A 666 -30.72 44.64 26.03
CA HIS A 666 -30.23 44.61 24.67
C HIS A 666 -28.78 45.05 24.66
N VAL A 667 -27.94 44.28 23.99
CA VAL A 667 -26.52 44.56 23.90
C VAL A 667 -26.18 44.76 22.44
N PRO A 668 -26.05 46.01 21.99
CA PRO A 668 -25.72 46.28 20.60
C PRO A 668 -24.30 45.85 20.28
N ASP A 669 -24.06 45.40 19.03
CA ASP A 669 -25.04 45.32 17.97
C ASP A 669 -25.63 43.93 17.85
N GLY A 670 -26.69 43.80 17.05
CA GLY A 670 -27.40 42.54 16.95
C GLY A 670 -26.66 41.47 16.17
N ALA A 671 -25.66 41.85 15.40
CA ALA A 671 -24.98 40.86 14.55
C ALA A 671 -23.85 40.13 15.27
N THR A 672 -23.21 40.76 16.23
CA THR A 672 -22.02 40.17 16.84
C THR A 672 -22.41 39.31 18.03
N PRO A 673 -21.90 38.09 18.16
CA PRO A 673 -22.16 37.28 19.34
C PRO A 673 -21.36 37.74 20.55
N LYS A 674 -21.96 37.56 21.73
CA LYS A 674 -21.38 38.00 22.99
C LYS A 674 -21.54 36.91 24.04
N ASP A 675 -20.45 36.59 24.74
CA ASP A 675 -20.52 35.59 25.80
C ASP A 675 -19.44 35.87 26.83
N GLY A 676 -19.67 35.38 28.05
CA GLY A 676 -18.72 35.52 29.12
C GLY A 676 -19.37 36.00 30.39
N PRO A 677 -18.78 35.70 31.54
CA PRO A 677 -19.36 36.11 32.82
C PRO A 677 -18.96 37.50 33.25
N SER A 678 -18.10 38.18 32.50
CA SER A 678 -17.40 39.36 32.99
C SER A 678 -18.18 40.64 32.84
N ALA A 679 -19.45 40.57 32.50
CA ALA A 679 -20.24 41.77 32.33
C ALA A 679 -21.36 41.80 33.34
N GLY A 680 -21.06 41.43 34.58
CA GLY A 680 -22.09 41.22 35.58
C GLY A 680 -22.51 42.47 36.31
N ILE A 681 -21.56 43.32 36.69
CA ILE A 681 -21.95 44.51 37.44
C ILE A 681 -22.43 45.62 36.52
N THR A 682 -22.06 45.59 35.24
CA THR A 682 -22.61 46.56 34.32
C THR A 682 -24.07 46.26 34.00
N MET A 683 -24.47 44.99 34.01
CA MET A 683 -25.89 44.68 33.86
C MET A 683 -26.67 45.06 35.10
N ALA A 684 -26.09 44.88 36.28
CA ALA A 684 -26.77 45.29 37.50
C ALA A 684 -26.94 46.80 37.57
N THR A 685 -25.95 47.55 37.10
CA THR A 685 -26.07 49.00 37.06
C THR A 685 -27.13 49.44 36.06
N ALA A 686 -27.17 48.81 34.89
CA ALA A 686 -28.17 49.17 33.89
C ALA A 686 -29.58 48.85 34.36
N ILE A 687 -29.77 47.69 35.01
CA ILE A 687 -31.10 47.31 35.47
C ILE A 687 -31.57 48.19 36.62
N ALA A 688 -30.66 48.53 37.55
CA ALA A 688 -31.04 49.42 38.62
C ALA A 688 -31.31 50.84 38.14
N SER A 689 -30.58 51.28 37.11
CA SER A 689 -30.85 52.60 36.56
C SER A 689 -32.19 52.63 35.84
N ALA A 690 -32.57 51.54 35.19
CA ALA A 690 -33.84 51.51 34.50
C ALA A 690 -35.01 51.38 35.44
N LEU A 691 -34.84 50.69 36.57
CA LEU A 691 -35.97 50.57 37.47
C LEU A 691 -36.11 51.76 38.42
N SER A 692 -35.03 52.25 38.97
CA SER A 692 -35.13 53.34 39.94
C SER A 692 -35.21 54.71 39.29
N ARG A 693 -35.16 54.77 37.96
CA ARG A 693 -35.30 56.00 37.17
C ARG A 693 -34.22 57.03 37.48
N ARG A 694 -33.05 56.56 37.85
CA ARG A 694 -31.90 57.39 38.19
C ARG A 694 -30.83 57.24 37.12
N PRO A 695 -30.33 58.34 36.56
CA PRO A 695 -29.40 58.23 35.44
C PRO A 695 -28.04 57.70 35.85
N ALA A 696 -27.45 56.89 34.99
CA ALA A 696 -26.17 56.27 35.26
C ALA A 696 -25.08 57.04 34.53
N ARG A 697 -23.97 57.29 35.22
CA ARG A 697 -22.88 58.03 34.61
C ARG A 697 -22.19 57.19 33.55
N MET A 698 -21.93 57.82 32.40
CA MET A 698 -21.41 57.12 31.24
C MET A 698 -19.96 57.39 30.99
N ASP A 699 -19.30 58.18 31.82
CA ASP A 699 -17.86 58.43 31.70
C ASP A 699 -17.04 57.52 32.61
N ILE A 700 -17.62 56.43 33.08
CA ILE A 700 -16.96 55.46 33.93
C ILE A 700 -17.17 54.09 33.32
N ALA A 701 -16.10 53.44 32.91
CA ALA A 701 -16.22 52.07 32.45
C ALA A 701 -16.16 51.15 33.66
N MET A 702 -16.70 49.94 33.48
CA MET A 702 -16.69 49.00 34.59
C MET A 702 -16.68 47.58 34.05
N THR A 703 -16.26 46.67 34.90
CA THR A 703 -16.17 45.26 34.57
C THR A 703 -16.05 44.48 35.87
N GLY A 704 -16.55 43.27 35.87
CA GLY A 704 -16.60 42.48 37.08
C GLY A 704 -17.72 41.46 37.02
N GLU A 705 -17.56 40.40 37.78
CA GLU A 705 -18.52 39.30 37.82
C GLU A 705 -19.30 39.33 39.12
N VAL A 706 -20.60 39.32 39.04
CA VAL A 706 -21.44 39.45 40.22
C VAL A 706 -21.89 38.06 40.65
N SER A 707 -22.14 37.89 41.94
CA SER A 707 -22.69 36.66 42.45
C SER A 707 -24.04 36.96 43.06
N LEU A 708 -24.62 35.97 43.70
CA LEU A 708 -25.99 36.11 44.17
C LEU A 708 -26.07 36.82 45.50
N ARG A 709 -24.99 36.84 46.27
CA ARG A 709 -24.91 37.62 47.50
C ARG A 709 -24.41 39.03 47.26
N GLY A 710 -24.16 39.40 46.02
CA GLY A 710 -23.62 40.72 45.73
C GLY A 710 -22.14 40.82 45.95
N LYS A 711 -21.38 39.82 45.52
CA LYS A 711 -19.93 39.86 45.61
C LYS A 711 -19.36 40.05 44.21
N VAL A 712 -18.22 40.69 44.12
CA VAL A 712 -17.60 40.99 42.85
C VAL A 712 -16.33 40.15 42.76
N MET A 713 -16.34 39.25 41.94
CA MET A 713 -15.39 38.20 41.66
C MET A 713 -14.45 38.62 40.53
N PRO A 714 -13.21 38.13 40.52
CA PRO A 714 -12.25 38.62 39.53
C PRO A 714 -12.48 38.08 38.14
N ILE A 715 -11.88 38.78 37.18
CA ILE A 715 -12.12 38.58 35.76
C ILE A 715 -10.79 38.37 35.06
N GLY A 716 -10.84 38.27 33.74
CA GLY A 716 -9.64 38.06 32.94
C GLY A 716 -9.54 39.05 31.81
N GLY A 717 -8.31 39.38 31.46
CA GLY A 717 -8.05 40.27 30.35
C GLY A 717 -8.09 41.73 30.73
N VAL A 718 -7.44 42.07 31.84
CA VAL A 718 -7.54 43.41 32.39
C VAL A 718 -6.80 44.43 31.53
N LYS A 719 -5.66 44.03 30.98
CA LYS A 719 -4.78 44.93 30.24
C LYS A 719 -5.45 45.47 28.98
N GLU A 720 -6.03 44.57 28.17
CA GLU A 720 -6.66 44.96 26.93
C GLU A 720 -7.87 45.86 27.17
N LYS A 721 -8.67 45.54 28.18
CA LYS A 721 -9.84 46.33 28.50
C LYS A 721 -9.47 47.73 28.95
N LEU A 722 -8.45 47.84 29.80
CA LEU A 722 -8.08 49.17 30.28
C LEU A 722 -7.39 49.99 29.20
N LEU A 723 -6.65 49.35 28.30
CA LEU A 723 -6.06 50.09 27.18
C LEU A 723 -7.13 50.61 26.23
N ALA A 724 -8.15 49.79 25.94
CA ALA A 724 -9.24 50.25 25.09
C ALA A 724 -10.02 51.38 25.73
N ALA A 725 -10.24 51.30 27.04
CA ALA A 725 -10.93 52.37 27.72
C ALA A 725 -10.11 53.65 27.75
N HIS A 726 -8.78 53.53 27.78
CA HIS A 726 -7.98 54.74 27.72
C HIS A 726 -7.93 55.33 26.32
N GLN A 727 -8.01 54.50 25.29
CA GLN A 727 -8.00 55.03 23.93
C GLN A 727 -9.31 55.72 23.59
N ALA A 728 -10.42 55.17 24.08
CA ALA A 728 -11.71 55.77 23.74
C ALA A 728 -12.00 57.06 24.50
N GLY A 729 -11.22 57.40 25.51
CA GLY A 729 -11.39 58.67 26.20
C GLY A 729 -11.87 58.56 27.63
N ILE A 730 -12.16 57.38 28.13
CA ILE A 730 -12.67 57.22 29.49
C ILE A 730 -11.48 57.23 30.45
N HIS A 731 -11.63 57.90 31.58
CA HIS A 731 -10.53 58.00 32.54
C HIS A 731 -10.91 57.54 33.94
N LYS A 732 -12.04 56.88 34.13
CA LYS A 732 -12.41 56.37 35.44
C LYS A 732 -12.86 54.92 35.29
N ILE A 733 -12.30 54.04 36.11
CA ILE A 733 -12.49 52.61 35.99
C ILE A 733 -12.99 52.07 37.31
N VAL A 734 -13.94 51.14 37.25
CA VAL A 734 -14.36 50.35 38.41
C VAL A 734 -13.88 48.93 38.18
N LEU A 735 -13.24 48.32 39.18
CA LEU A 735 -12.55 47.07 38.98
C LEU A 735 -12.63 46.26 40.27
N PRO A 736 -12.67 44.93 40.19
CA PRO A 736 -12.72 44.13 41.42
C PRO A 736 -11.45 44.24 42.23
N LYS A 737 -11.58 43.92 43.52
CA LYS A 737 -10.46 44.04 44.43
C LYS A 737 -9.37 43.03 44.12
N ASP A 738 -9.74 41.86 43.63
CA ASP A 738 -8.78 40.79 43.44
C ASP A 738 -8.01 40.90 42.14
N ASN A 739 -8.39 41.81 41.23
CA ASN A 739 -7.61 42.07 40.04
C ASN A 739 -6.59 43.15 40.23
N GLU A 740 -6.23 43.47 41.47
CA GLU A 740 -5.24 44.50 41.72
C GLU A 740 -3.85 44.06 41.31
N ALA A 741 -3.62 42.75 41.28
CA ALA A 741 -2.30 42.23 40.92
C ALA A 741 -2.00 42.43 39.44
N GLN A 742 -3.01 42.40 38.59
CA GLN A 742 -2.78 42.55 37.16
C GLN A 742 -2.49 43.99 36.74
N LEU A 743 -2.64 44.97 37.62
CA LEU A 743 -2.51 46.35 37.23
C LEU A 743 -1.09 46.77 36.89
N GLU A 744 -0.08 46.01 37.26
CA GLU A 744 1.24 46.36 36.77
C GLU A 744 1.60 45.66 35.47
N GLU A 745 0.62 45.15 34.73
CA GLU A 745 0.88 44.76 33.36
C GLU A 745 0.79 45.92 32.38
N LEU A 746 0.45 47.08 32.84
CA LEU A 746 0.17 48.26 32.04
C LEU A 746 1.39 49.17 31.97
N PRO A 747 1.51 49.96 30.90
CA PRO A 747 2.54 51.00 30.87
C PRO A 747 2.29 52.04 31.95
N LYS A 748 3.39 52.66 32.39
CA LYS A 748 3.31 53.59 33.51
C LYS A 748 2.63 54.90 33.15
N GLU A 749 2.63 55.27 31.88
CA GLU A 749 1.96 56.49 31.48
C GLU A 749 0.47 56.30 31.28
N VAL A 750 0.00 55.06 31.27
CA VAL A 750 -1.44 54.82 31.23
C VAL A 750 -2.01 54.85 32.64
N LEU A 751 -1.31 54.21 33.59
CA LEU A 751 -1.77 54.19 34.98
C LEU A 751 -1.80 55.55 35.64
N GLU A 752 -1.01 56.50 35.16
CA GLU A 752 -1.07 57.83 35.74
C GLU A 752 -2.25 58.63 35.22
N GLY A 753 -2.81 58.24 34.08
CA GLY A 753 -3.94 58.95 33.54
C GLY A 753 -5.27 58.37 33.98
N LEU A 754 -5.25 57.11 34.39
CA LEU A 754 -6.48 56.46 34.83
C LEU A 754 -6.70 56.68 36.31
N GLU A 755 -7.87 56.28 36.77
CA GLU A 755 -8.27 56.47 38.16
C GLU A 755 -9.15 55.29 38.54
N ILE A 756 -8.55 54.28 39.14
CA ILE A 756 -9.20 53.00 39.37
C ILE A 756 -9.79 52.99 40.76
N LYS A 757 -11.07 52.59 40.86
CA LYS A 757 -11.73 52.32 42.12
C LYS A 757 -11.91 50.82 42.25
N LEU A 758 -11.39 50.24 43.32
CA LEU A 758 -11.38 48.80 43.53
C LEU A 758 -12.50 48.44 44.49
N VAL A 759 -13.50 47.73 44.00
CA VAL A 759 -14.68 47.40 44.77
C VAL A 759 -14.64 45.92 45.12
N GLU A 760 -15.48 45.54 46.07
CA GLU A 760 -15.67 44.13 46.36
C GLU A 760 -17.11 43.74 46.65
N ASP A 761 -18.04 44.67 46.59
CA ASP A 761 -19.46 44.33 46.61
C ASP A 761 -20.22 45.33 45.77
N VAL A 762 -21.35 44.90 45.22
CA VAL A 762 -22.04 45.66 44.18
C VAL A 762 -22.77 46.87 44.72
N GLY A 763 -22.96 46.96 46.03
CA GLY A 763 -23.57 48.15 46.60
C GLY A 763 -22.70 49.38 46.46
N GLU A 764 -21.38 49.20 46.49
CA GLU A 764 -20.47 50.32 46.29
C GLU A 764 -20.47 50.80 44.85
N VAL A 765 -20.63 49.87 43.91
CA VAL A 765 -20.76 50.22 42.50
C VAL A 765 -22.03 51.02 42.26
N LEU A 766 -23.16 50.54 42.79
CA LEU A 766 -24.41 51.26 42.60
C LEU A 766 -24.44 52.59 43.33
N GLU A 767 -23.67 52.73 44.40
CA GLU A 767 -23.60 54.03 45.06
C GLU A 767 -22.66 54.98 44.34
N TYR A 768 -21.68 54.46 43.60
CA TYR A 768 -20.74 55.32 42.91
C TYR A 768 -21.24 55.74 41.53
N LEU A 769 -22.03 54.91 40.86
CA LEU A 769 -22.41 55.15 39.48
C LEU A 769 -23.68 55.97 39.31
N LEU A 770 -24.67 55.78 40.16
CA LEU A 770 -25.98 56.36 39.92
C LEU A 770 -26.05 57.78 40.47
N LEU A 771 -26.59 58.69 39.68
CA LEU A 771 -26.83 60.04 40.16
C LEU A 771 -27.98 60.03 41.17
N PRO A 772 -27.91 60.85 42.21
CA PRO A 772 -28.81 60.68 43.35
C PRO A 772 -30.27 61.09 43.12
N GLU A 773 -30.62 61.76 42.02
CA GLU A 773 -31.98 62.25 41.88
C GLU A 773 -32.69 61.55 40.73
N PRO A 774 -33.93 61.10 40.95
CA PRO A 774 -34.72 60.53 39.84
C PRO A 774 -35.26 61.59 38.91
N THR A 775 -35.03 61.42 37.61
CA THR A 775 -35.47 62.40 36.63
C THR A 775 -36.84 62.03 36.05
N MET A 776 -36.91 60.88 35.39
CA MET A 776 -38.10 60.43 34.70
C MET A 776 -39.17 59.99 35.70
N PRO A 777 -40.46 60.04 35.31
CA PRO A 777 -41.48 59.44 36.15
C PRO A 777 -41.37 57.93 36.14
N PRO A 778 -41.76 57.27 37.22
CA PRO A 778 -41.52 55.82 37.33
C PRO A 778 -42.45 55.00 36.47
N VAL A 779 -41.96 53.83 36.06
CA VAL A 779 -42.83 52.83 35.45
C VAL A 779 -43.68 52.19 36.54
N VAL A 780 -44.99 52.33 36.43
CA VAL A 780 -45.88 51.85 37.48
C VAL A 780 -46.13 50.36 37.25
N ARG B 2 93.63 63.48 -22.50
CA ARG B 2 94.26 64.04 -23.70
C ARG B 2 93.62 65.37 -24.09
N LEU B 3 92.34 65.33 -24.42
CA LEU B 3 91.59 66.50 -24.81
C LEU B 3 90.24 66.50 -24.08
N GLU B 4 89.74 67.69 -23.75
CA GLU B 4 88.45 67.82 -23.10
C GLU B 4 87.34 67.50 -24.09
N LEU B 5 86.91 66.23 -24.11
CA LEU B 5 85.94 65.69 -25.05
C LEU B 5 84.63 65.39 -24.36
N PRO B 6 83.49 65.56 -25.04
CA PRO B 6 82.20 65.29 -24.39
C PRO B 6 81.94 63.80 -24.24
N VAL B 7 81.54 63.40 -23.03
CA VAL B 7 81.10 62.03 -22.81
C VAL B 7 79.75 61.82 -23.49
N ILE B 8 79.66 60.79 -24.30
CA ILE B 8 78.45 60.49 -25.08
C ILE B 8 77.80 59.24 -24.48
N PRO B 9 76.70 59.37 -23.74
CA PRO B 9 76.00 58.18 -23.25
C PRO B 9 75.08 57.60 -24.31
N LEU B 10 75.21 56.30 -24.56
CA LEU B 10 74.35 55.61 -25.49
C LEU B 10 73.36 54.73 -24.73
N ARG B 11 72.56 53.96 -25.48
CA ARG B 11 71.49 53.18 -24.87
C ARG B 11 72.01 51.89 -24.26
N ASN B 12 72.57 51.01 -25.10
CA ASN B 12 73.06 49.71 -24.63
C ASN B 12 74.38 49.32 -25.30
N THR B 13 75.20 50.30 -25.67
CA THR B 13 76.44 50.05 -26.37
C THR B 13 77.55 49.88 -25.34
N VAL B 14 77.89 48.63 -25.04
CA VAL B 14 78.96 48.30 -24.11
C VAL B 14 80.19 47.92 -24.92
N ILE B 15 81.28 48.66 -24.71
CA ILE B 15 82.50 48.50 -25.50
C ILE B 15 83.40 47.47 -24.83
N LEU B 16 83.92 46.54 -25.63
CA LEU B 16 84.88 45.55 -25.17
C LEU B 16 86.13 45.62 -26.03
N PRO B 17 87.32 45.55 -25.44
CA PRO B 17 88.56 45.70 -26.21
C PRO B 17 88.84 44.49 -27.10
N HIS B 18 89.78 44.72 -28.03
CA HIS B 18 90.24 43.74 -29.03
C HIS B 18 89.10 43.21 -29.90
N THR B 19 88.13 44.06 -30.20
CA THR B 19 87.01 43.70 -31.07
C THR B 19 86.55 44.95 -31.80
N THR B 20 86.54 44.90 -33.13
CA THR B 20 86.06 46.03 -33.93
C THR B 20 84.55 46.13 -33.81
N THR B 21 84.07 47.21 -33.19
CA THR B 21 82.68 47.32 -32.80
C THR B 21 82.02 48.51 -33.47
N PRO B 22 80.90 48.32 -34.17
CA PRO B 22 80.16 49.46 -34.71
C PRO B 22 79.41 50.20 -33.61
N VAL B 23 79.25 51.51 -33.83
CA VAL B 23 78.60 52.40 -32.86
C VAL B 23 77.29 52.88 -33.47
N ASP B 24 76.20 52.66 -32.75
CA ASP B 24 74.87 53.10 -33.18
C ASP B 24 74.50 54.38 -32.44
N VAL B 25 74.04 55.37 -33.19
CA VAL B 25 73.59 56.64 -32.63
C VAL B 25 72.12 56.80 -33.03
N GLY B 26 71.23 56.76 -32.04
CA GLY B 26 69.81 56.88 -32.30
C GLY B 26 69.18 58.09 -31.63
N ARG B 27 70.00 58.97 -31.08
CA ARG B 27 69.53 60.17 -30.41
C ARG B 27 70.15 61.40 -31.07
N ALA B 28 69.51 62.55 -30.85
CA ALA B 28 70.01 63.82 -31.37
C ALA B 28 70.93 64.54 -30.40
N LYS B 29 70.72 64.37 -29.09
CA LYS B 29 71.61 64.96 -28.10
C LYS B 29 72.97 64.27 -28.10
N SER B 30 73.03 63.03 -28.55
CA SER B 30 74.31 62.38 -28.84
C SER B 30 74.83 62.74 -30.22
N LYS B 31 73.94 62.98 -31.19
CA LYS B 31 74.34 63.35 -32.55
C LYS B 31 75.04 64.71 -32.57
N ARG B 32 74.62 65.62 -31.69
CA ARG B 32 75.29 66.92 -31.59
C ARG B 32 76.73 66.77 -31.10
N ALA B 33 76.95 65.92 -30.10
CA ALA B 33 78.31 65.70 -29.60
C ALA B 33 79.16 64.93 -30.60
N VAL B 34 78.53 64.04 -31.38
CA VAL B 34 79.26 63.34 -32.44
C VAL B 34 79.70 64.31 -33.55
N GLU B 35 78.78 65.16 -34.01
CA GLU B 35 79.14 66.10 -35.07
C GLU B 35 80.00 67.26 -34.57
N GLU B 36 80.08 67.47 -33.25
CA GLU B 36 81.11 68.35 -32.72
C GLU B 36 82.42 67.62 -32.44
N ALA B 37 82.40 66.28 -32.44
CA ALA B 37 83.63 65.51 -32.24
C ALA B 37 84.38 65.28 -33.54
N MET B 38 83.85 65.73 -34.68
CA MET B 38 84.52 65.54 -35.96
C MET B 38 85.77 66.40 -36.09
N GLY B 39 85.79 67.59 -35.50
CA GLY B 39 86.94 68.47 -35.54
C GLY B 39 87.96 68.23 -34.45
N ALA B 40 87.78 67.20 -33.63
CA ALA B 40 88.70 66.91 -32.53
C ALA B 40 89.38 65.57 -32.76
N ASP B 41 89.83 65.35 -34.01
CA ASP B 41 90.53 64.13 -34.45
C ASP B 41 89.68 62.87 -34.28
N ARG B 42 88.36 63.02 -34.32
CA ARG B 42 87.35 61.97 -34.33
C ARG B 42 87.44 61.04 -33.11
N LEU B 43 87.93 61.53 -31.98
CA LEU B 43 88.03 60.70 -30.78
C LEU B 43 86.74 60.82 -29.97
N ILE B 44 86.16 59.67 -29.63
CA ILE B 44 84.87 59.61 -28.95
C ILE B 44 84.98 58.69 -27.75
N PHE B 45 84.64 59.21 -26.57
CA PHE B 45 84.50 58.38 -25.37
C PHE B 45 83.04 57.99 -25.18
N LEU B 46 82.84 56.78 -24.66
CA LEU B 46 81.50 56.23 -24.46
C LEU B 46 81.39 55.69 -23.03
N VAL B 47 80.57 56.33 -22.21
CA VAL B 47 80.22 55.85 -20.89
C VAL B 47 78.71 55.65 -20.87
N ALA B 48 78.28 54.40 -20.73
CA ALA B 48 76.89 54.05 -20.91
C ALA B 48 76.08 54.33 -19.65
N GLN B 49 74.80 53.96 -19.68
CA GLN B 49 73.89 54.14 -18.55
C GLN B 49 73.95 52.92 -17.63
N ARG B 50 73.14 52.94 -16.59
CA ARG B 50 73.16 51.92 -15.54
C ARG B 50 71.76 51.39 -15.28
N ASP B 51 71.63 50.66 -14.16
CA ASP B 51 70.35 50.17 -13.64
C ASP B 51 69.46 51.36 -13.29
N PRO B 52 68.12 51.13 -13.01
CA PRO B 52 67.07 51.74 -13.84
C PRO B 52 67.34 53.13 -14.44
N GLU B 53 67.06 53.21 -15.74
CA GLU B 53 67.57 54.25 -16.62
C GLU B 53 66.99 55.62 -16.31
N VAL B 54 67.87 56.57 -16.02
CA VAL B 54 67.55 57.99 -15.97
C VAL B 54 68.42 58.64 -17.02
N ASP B 55 67.83 58.99 -18.16
CA ASP B 55 68.57 59.42 -19.35
C ASP B 55 68.80 60.94 -19.39
N ASP B 56 68.86 61.59 -18.25
CA ASP B 56 69.18 63.01 -18.21
C ASP B 56 70.69 63.21 -18.15
N PRO B 57 71.21 64.26 -18.79
CA PRO B 57 72.64 64.55 -18.70
C PRO B 57 73.03 65.05 -17.32
N ALA B 58 73.71 64.21 -16.54
CA ALA B 58 74.07 64.54 -15.17
C ALA B 58 75.49 64.08 -14.88
N PRO B 59 76.32 64.93 -14.27
CA PRO B 59 77.71 64.54 -13.99
C PRO B 59 77.86 63.53 -12.86
N ASP B 60 76.82 63.31 -12.05
CA ASP B 60 76.87 62.36 -10.95
C ASP B 60 76.35 60.98 -11.31
N ASP B 61 75.36 60.90 -12.21
CA ASP B 61 74.84 59.61 -12.62
C ASP B 61 75.80 58.88 -13.55
N LEU B 62 76.66 59.60 -14.26
CA LEU B 62 77.62 58.99 -15.16
C LEU B 62 78.86 58.54 -14.40
N TYR B 63 79.68 57.73 -15.06
CA TYR B 63 80.86 57.15 -14.44
C TYR B 63 82.12 57.83 -14.96
N THR B 64 83.24 57.55 -14.28
CA THR B 64 84.54 58.14 -14.59
C THR B 64 85.49 57.15 -15.26
N TRP B 65 84.98 56.29 -16.13
CA TRP B 65 85.77 55.26 -16.77
C TRP B 65 85.31 55.10 -18.21
N GLY B 66 86.16 55.44 -19.17
CA GLY B 66 85.82 55.36 -20.58
C GLY B 66 86.75 54.41 -21.32
N VAL B 67 86.46 54.22 -22.60
CA VAL B 67 87.29 53.41 -23.50
C VAL B 67 87.59 54.24 -24.74
N GLN B 68 88.87 54.46 -25.01
CA GLN B 68 89.29 55.25 -26.16
C GLN B 68 89.45 54.36 -27.37
N ALA B 69 89.00 54.86 -28.53
CA ALA B 69 89.10 54.13 -29.79
C ALA B 69 89.24 55.12 -30.93
N VAL B 70 89.64 54.60 -32.08
CA VAL B 70 89.88 55.42 -33.28
C VAL B 70 88.88 55.00 -34.35
N VAL B 71 88.49 55.95 -35.19
CA VAL B 71 87.52 55.71 -36.25
C VAL B 71 88.19 54.97 -37.39
N LYS B 72 87.62 53.84 -37.78
CA LYS B 72 88.14 53.05 -38.90
C LYS B 72 87.46 53.43 -40.21
N GLN B 73 86.13 53.33 -40.26
CA GLN B 73 85.37 53.69 -41.45
C GLN B 73 83.96 54.11 -41.04
N ALA B 74 83.19 54.60 -42.01
CA ALA B 74 81.84 55.05 -41.76
C ALA B 74 80.94 54.58 -42.89
N MET B 75 79.68 54.29 -42.56
CA MET B 75 78.71 53.79 -43.52
C MET B 75 77.48 54.70 -43.49
N ARG B 76 76.99 55.05 -44.68
CA ARG B 76 75.83 55.92 -44.85
C ARG B 76 74.58 55.07 -44.98
N LEU B 77 73.58 55.34 -44.14
CA LEU B 77 72.35 54.57 -44.11
C LEU B 77 71.15 55.48 -44.30
N PRO B 78 70.14 55.03 -45.05
CA PRO B 78 68.98 55.89 -45.33
C PRO B 78 68.02 56.04 -44.16
N ASP B 79 68.12 55.21 -43.12
CA ASP B 79 67.15 55.23 -42.03
C ASP B 79 67.48 56.23 -40.92
N GLY B 80 68.33 57.21 -41.19
CA GLY B 80 68.69 58.22 -40.21
C GLY B 80 69.80 57.83 -39.26
N THR B 81 70.27 56.59 -39.32
CA THR B 81 71.31 56.12 -38.42
C THR B 81 72.66 56.16 -39.16
N LEU B 82 73.40 57.24 -38.97
CA LEU B 82 74.73 57.40 -39.56
C LEU B 82 75.72 56.69 -38.64
N GLN B 83 75.83 55.37 -38.82
CA GLN B 83 76.69 54.56 -37.98
C GLN B 83 78.17 54.76 -38.34
N VAL B 84 79.03 54.29 -37.45
CA VAL B 84 80.48 54.39 -37.62
C VAL B 84 81.08 53.08 -37.11
N MET B 85 82.28 52.76 -37.58
CA MET B 85 82.98 51.53 -37.21
C MET B 85 84.28 51.91 -36.52
N VAL B 86 84.42 51.55 -35.25
CA VAL B 86 85.63 51.81 -34.49
C VAL B 86 86.16 50.50 -33.95
N GLU B 87 87.46 50.47 -33.66
CA GLU B 87 88.10 49.34 -33.01
C GLU B 87 88.75 49.84 -31.72
N ALA B 88 88.49 49.15 -30.62
CA ALA B 88 88.96 49.60 -29.32
C ALA B 88 90.46 49.33 -29.17
N ARG B 89 91.12 50.22 -28.43
CA ARG B 89 92.54 50.10 -28.16
C ARG B 89 92.83 49.94 -26.68
N ALA B 90 92.32 50.83 -25.84
CA ALA B 90 92.58 50.79 -24.40
C ALA B 90 91.51 51.60 -23.68
N ARG B 91 91.28 51.26 -22.41
CA ARG B 91 90.41 52.06 -21.57
C ARG B 91 91.22 53.13 -20.85
N ALA B 92 90.51 54.13 -20.33
CA ALA B 92 91.14 55.27 -19.68
C ALA B 92 90.17 55.83 -18.63
N GLN B 93 90.66 56.83 -17.90
CA GLN B 93 89.94 57.40 -16.76
C GLN B 93 89.36 58.75 -17.15
N VAL B 94 88.48 59.25 -16.28
CA VAL B 94 87.95 60.61 -16.38
C VAL B 94 88.24 61.28 -15.04
N THR B 95 88.93 62.41 -15.08
CA THR B 95 89.35 63.09 -13.85
C THR B 95 88.31 64.09 -13.36
N ASP B 96 87.86 64.99 -14.23
CA ASP B 96 87.00 66.09 -13.82
C ASP B 96 85.92 66.32 -14.88
N TYR B 97 84.75 66.75 -14.43
CA TYR B 97 83.64 67.14 -15.29
C TYR B 97 83.41 68.64 -15.13
N ILE B 98 83.55 69.39 -16.22
CA ILE B 98 83.13 70.78 -16.24
C ILE B 98 81.61 70.78 -16.29
N PRO B 99 80.92 71.54 -15.42
CA PRO B 99 79.46 71.50 -15.37
C PRO B 99 78.83 72.05 -16.64
N GLY B 100 77.59 71.63 -16.87
CA GLY B 100 76.91 71.89 -18.13
C GLY B 100 75.40 71.80 -18.01
N PRO B 101 74.73 71.15 -18.97
CA PRO B 101 75.16 70.39 -20.17
C PRO B 101 75.81 71.23 -21.28
N TYR B 102 76.79 70.69 -22.01
CA TYR B 102 77.29 69.31 -21.83
C TYR B 102 78.49 69.23 -20.90
N LEU B 103 79.12 68.05 -20.87
CA LEU B 103 80.13 67.71 -19.86
C LEU B 103 81.47 67.48 -20.53
N ARG B 104 82.47 68.29 -20.18
CA ARG B 104 83.84 68.06 -20.62
C ARG B 104 84.48 66.92 -19.82
N ALA B 105 85.49 66.30 -20.43
CA ALA B 105 86.23 65.22 -19.78
C ALA B 105 87.62 65.13 -20.39
N ARG B 106 88.65 65.29 -19.55
CA ARG B 106 90.03 65.15 -19.96
C ARG B 106 90.71 64.09 -19.11
N GLY B 107 91.25 63.05 -19.77
CA GLY B 107 91.97 62.02 -19.07
C GLY B 107 93.47 62.24 -19.09
N GLU B 108 94.12 61.87 -17.99
CA GLU B 108 95.56 62.06 -17.86
C GLU B 108 96.33 60.98 -18.62
N VAL B 109 96.17 59.72 -18.21
CA VAL B 109 96.83 58.57 -18.82
C VAL B 109 95.79 57.51 -19.10
N PHE B 110 96.26 56.37 -19.61
CA PHE B 110 95.39 55.22 -19.87
C PHE B 110 95.35 54.33 -18.62
N SER B 111 94.81 53.12 -18.77
CA SER B 111 94.75 52.16 -17.68
C SER B 111 95.38 50.86 -18.18
N GLU B 112 96.70 50.76 -18.03
CA GLU B 112 97.48 49.60 -18.45
C GLU B 112 98.44 49.20 -17.32
N ILE B 113 97.88 49.09 -16.10
CA ILE B 113 98.70 48.74 -14.95
C ILE B 113 98.95 47.24 -14.94
N PHE B 114 100.16 46.84 -14.52
CA PHE B 114 100.52 45.44 -14.49
C PHE B 114 100.65 44.93 -13.06
N PRO B 115 100.03 43.80 -12.73
CA PRO B 115 100.15 43.24 -11.38
C PRO B 115 101.52 42.62 -11.14
N ILE B 116 101.70 42.15 -9.91
CA ILE B 116 102.92 41.51 -9.45
C ILE B 116 102.60 40.05 -9.15
N ASP B 117 103.57 39.16 -9.39
CA ASP B 117 103.46 37.71 -9.19
C ASP B 117 102.34 37.11 -10.06
N GLU B 118 102.61 37.13 -11.36
CA GLU B 118 101.68 36.68 -12.39
C GLU B 118 101.45 35.16 -12.42
N ALA B 119 102.16 34.40 -11.57
CA ALA B 119 102.00 32.96 -11.55
C ALA B 119 100.63 32.56 -11.00
N VAL B 120 100.19 33.22 -9.93
CA VAL B 120 98.85 32.96 -9.38
C VAL B 120 97.78 33.41 -10.35
N VAL B 121 98.05 34.49 -11.10
CA VAL B 121 97.13 34.95 -12.15
C VAL B 121 97.03 33.91 -13.27
N ARG B 122 98.15 33.31 -13.66
CA ARG B 122 98.12 32.30 -14.71
C ARG B 122 97.44 31.01 -14.25
N VAL B 123 97.63 30.65 -12.98
CA VAL B 123 96.92 29.51 -12.42
C VAL B 123 95.41 29.78 -12.35
N LEU B 124 95.02 31.02 -12.04
CA LEU B 124 93.61 31.37 -12.03
C LEU B 124 93.02 31.40 -13.44
N VAL B 125 93.80 31.79 -14.45
CA VAL B 125 93.34 31.74 -15.84
C VAL B 125 93.19 30.29 -16.31
N GLU B 126 94.11 29.42 -15.90
CA GLU B 126 93.98 27.99 -16.25
C GLU B 126 92.80 27.34 -15.52
N GLU B 127 92.53 27.75 -14.27
CA GLU B 127 91.35 27.25 -13.58
C GLU B 127 90.07 27.81 -14.18
N LEU B 128 90.12 29.04 -14.72
CA LEU B 128 88.99 29.57 -15.48
C LEU B 128 88.77 28.81 -16.77
N LYS B 129 89.86 28.35 -17.41
CA LYS B 129 89.75 27.53 -18.61
C LYS B 129 89.13 26.17 -18.28
N GLU B 130 89.54 25.58 -17.15
CA GLU B 130 88.94 24.31 -16.73
C GLU B 130 87.48 24.48 -16.31
N ALA B 131 87.15 25.62 -15.69
CA ALA B 131 85.77 25.91 -15.34
C ALA B 131 84.91 26.15 -16.57
N PHE B 132 85.49 26.77 -17.62
CA PHE B 132 84.78 26.90 -18.88
C PHE B 132 84.63 25.57 -19.60
N GLU B 133 85.58 24.65 -19.42
CA GLU B 133 85.44 23.30 -19.96
C GLU B 133 84.34 22.53 -19.25
N LYS B 134 84.21 22.71 -17.93
CA LYS B 134 83.14 22.05 -17.19
C LYS B 134 81.81 22.78 -17.26
N TYR B 135 81.80 24.03 -17.73
CA TYR B 135 80.58 24.82 -17.84
C TYR B 135 79.95 24.72 -19.23
N VAL B 136 80.62 24.05 -20.17
CA VAL B 136 80.21 24.07 -21.57
C VAL B 136 78.93 23.26 -21.81
N ALA B 137 78.47 22.48 -20.82
CA ALA B 137 77.22 21.73 -20.96
C ALA B 137 76.01 22.67 -21.08
N ASN B 138 76.06 23.81 -20.40
CA ASN B 138 75.06 24.87 -20.58
C ASN B 138 75.41 25.82 -21.72
N HIS B 139 76.37 25.46 -22.57
CA HIS B 139 76.81 26.29 -23.68
C HIS B 139 76.59 25.62 -25.03
N LYS B 140 76.18 24.34 -25.04
CA LYS B 140 75.97 23.63 -26.30
C LYS B 140 74.74 24.12 -27.05
N SER B 141 73.79 24.77 -26.37
CA SER B 141 72.61 25.30 -27.05
C SER B 141 72.90 26.60 -27.80
N LEU B 142 74.09 27.16 -27.63
CA LEU B 142 74.49 28.40 -28.30
C LEU B 142 74.85 28.18 -29.77
N ARG B 143 74.99 26.92 -30.20
CA ARG B 143 75.35 26.52 -31.56
C ARG B 143 76.70 27.13 -31.98
N LEU B 144 77.75 26.70 -31.28
CA LEU B 144 79.10 27.17 -31.49
C LEU B 144 80.03 25.97 -31.69
N ASP B 145 80.97 26.10 -32.62
CA ASP B 145 81.95 25.06 -32.87
C ASP B 145 83.03 25.10 -31.79
N ARG B 146 83.87 24.06 -31.76
CA ARG B 146 84.97 23.96 -30.80
C ARG B 146 86.32 24.26 -31.45
N TYR B 147 86.35 25.21 -32.38
CA TYR B 147 87.58 25.59 -33.06
C TYR B 147 88.18 26.89 -32.53
N GLN B 148 87.42 27.68 -31.77
CA GLN B 148 87.93 28.95 -31.25
C GLN B 148 88.68 28.78 -29.95
N LEU B 149 88.60 27.60 -29.32
CA LEU B 149 89.29 27.36 -28.05
C LEU B 149 90.80 27.35 -28.24
N GLU B 150 91.27 26.75 -29.34
CA GLU B 150 92.70 26.78 -29.67
C GLU B 150 93.15 28.19 -30.05
N ALA B 151 92.26 28.99 -30.63
CA ALA B 151 92.60 30.35 -31.00
C ALA B 151 92.63 31.30 -29.81
N VAL B 152 91.86 31.03 -28.76
CA VAL B 152 91.90 31.85 -27.56
C VAL B 152 92.89 31.34 -26.53
N LYS B 153 93.32 30.08 -26.62
CA LYS B 153 94.36 29.58 -25.72
C LYS B 153 95.74 30.12 -26.11
N GLY B 154 95.99 30.30 -27.40
CA GLY B 154 97.29 30.75 -27.87
C GLY B 154 97.60 32.21 -27.57
N THR B 155 96.60 33.00 -27.22
CA THR B 155 96.82 34.41 -26.89
C THR B 155 97.20 34.54 -25.42
N SER B 156 98.34 35.17 -25.15
CA SER B 156 98.88 35.24 -23.80
C SER B 156 98.27 36.37 -22.97
N ASP B 157 97.33 37.13 -23.52
CA ASP B 157 96.71 38.24 -22.80
C ASP B 157 95.57 37.70 -21.94
N PRO B 158 95.63 37.81 -20.61
CA PRO B 158 94.55 37.25 -19.78
C PRO B 158 93.29 38.10 -19.78
N ALA B 159 93.41 39.43 -19.90
CA ALA B 159 92.21 40.27 -19.96
C ALA B 159 91.47 40.10 -21.28
N MET B 160 92.22 39.95 -22.38
CA MET B 160 91.61 39.65 -23.67
C MET B 160 90.95 38.28 -23.67
N LEU B 161 91.56 37.30 -22.99
CA LEU B 161 90.96 35.97 -22.87
C LEU B 161 89.68 36.01 -22.03
N ALA B 162 89.69 36.78 -20.95
CA ALA B 162 88.50 36.90 -20.09
C ALA B 162 87.38 37.62 -20.82
N ASP B 163 87.70 38.70 -21.54
CA ASP B 163 86.70 39.41 -22.33
C ASP B 163 86.21 38.60 -23.53
N THR B 164 87.04 37.70 -24.06
CA THR B 164 86.62 36.88 -25.20
C THR B 164 85.72 35.74 -24.76
N ILE B 165 85.99 35.13 -23.59
CA ILE B 165 85.07 34.15 -23.03
C ILE B 165 83.77 34.85 -22.60
N ALA B 166 83.89 36.06 -22.04
CA ALA B 166 82.70 36.80 -21.62
C ALA B 166 81.92 37.38 -22.79
N TYR B 167 82.52 37.45 -23.98
CA TYR B 167 81.87 38.08 -25.13
C TYR B 167 80.74 37.24 -25.70
N HIS B 168 80.80 35.92 -25.56
CA HIS B 168 79.69 35.06 -25.98
C HIS B 168 78.67 34.86 -24.87
N ALA B 169 78.95 35.32 -23.65
CA ALA B 169 78.09 35.14 -22.48
C ALA B 169 77.96 36.45 -21.72
N THR B 170 77.63 37.53 -22.43
CA THR B 170 77.56 38.86 -21.85
C THR B 170 76.42 38.97 -20.84
N TRP B 171 76.51 40.01 -20.00
CA TRP B 171 75.56 40.23 -18.91
C TRP B 171 75.27 41.72 -18.82
N THR B 172 74.73 42.13 -17.67
CA THR B 172 74.23 43.50 -17.48
C THR B 172 75.36 44.53 -17.49
N VAL B 173 74.96 45.80 -17.55
CA VAL B 173 75.90 46.88 -17.82
C VAL B 173 76.54 47.39 -16.53
N ALA B 174 75.78 47.43 -15.43
CA ALA B 174 76.30 47.97 -14.18
C ALA B 174 77.39 47.09 -13.58
N GLU B 175 77.29 45.77 -13.78
CA GLU B 175 78.36 44.89 -13.36
C GLU B 175 79.61 45.08 -14.22
N LYS B 176 79.43 45.38 -15.51
CA LYS B 176 80.58 45.71 -16.35
C LYS B 176 81.22 47.03 -15.93
N GLN B 177 80.42 47.96 -15.42
CA GLN B 177 80.97 49.21 -14.89
C GLN B 177 81.71 48.98 -13.58
N GLU B 178 81.17 48.12 -12.71
CA GLU B 178 81.87 47.78 -11.47
C GLU B 178 83.15 46.99 -11.72
N ILE B 179 83.21 46.22 -12.80
CA ILE B 179 84.48 45.63 -13.23
C ILE B 179 85.41 46.71 -13.75
N LEU B 180 84.87 47.69 -14.50
CA LEU B 180 85.70 48.73 -15.10
C LEU B 180 86.19 49.74 -14.05
N GLU B 181 85.51 49.82 -12.90
CA GLU B 181 86.00 50.69 -11.83
C GLU B 181 87.23 50.12 -11.15
N LEU B 182 87.35 48.80 -11.08
CA LEU B 182 88.47 48.17 -10.39
C LEU B 182 89.74 48.26 -11.22
N THR B 183 90.87 48.38 -10.54
CA THR B 183 92.16 48.55 -11.21
C THR B 183 92.99 47.27 -11.26
N ASP B 184 92.86 46.38 -10.28
CA ASP B 184 93.68 45.17 -10.24
C ASP B 184 93.09 44.10 -11.14
N LEU B 185 93.98 43.25 -11.67
CA LEU B 185 93.53 42.13 -12.50
C LEU B 185 93.05 40.95 -11.66
N GLU B 186 93.61 40.76 -10.46
CA GLU B 186 93.24 39.63 -9.62
C GLU B 186 91.80 39.75 -9.13
N ALA B 187 91.42 40.95 -8.68
CA ALA B 187 90.07 41.17 -8.16
C ALA B 187 89.02 41.07 -9.26
N ARG B 188 89.32 41.58 -10.46
CA ARG B 188 88.36 41.48 -11.54
C ARG B 188 88.25 40.06 -12.09
N LEU B 189 89.34 39.28 -12.09
CA LEU B 189 89.24 37.88 -12.49
C LEU B 189 88.49 37.04 -11.47
N LYS B 190 88.70 37.30 -10.18
CA LYS B 190 87.91 36.62 -9.15
C LYS B 190 86.43 37.01 -9.22
N LYS B 191 86.15 38.27 -9.60
CA LYS B 191 84.77 38.72 -9.75
C LYS B 191 84.11 38.06 -10.97
N VAL B 192 84.83 37.92 -12.08
CA VAL B 192 84.29 37.25 -13.26
C VAL B 192 84.04 35.77 -12.97
N LEU B 193 84.97 35.12 -12.26
CA LEU B 193 84.77 33.71 -11.92
C LEU B 193 83.63 33.52 -10.92
N GLY B 194 83.45 34.50 -10.01
CA GLY B 194 82.31 34.44 -9.12
C GLY B 194 80.98 34.65 -9.83
N LEU B 195 80.96 35.53 -10.84
CA LEU B 195 79.77 35.72 -11.65
C LEU B 195 79.46 34.48 -12.47
N LEU B 196 80.50 33.77 -12.95
CA LEU B 196 80.26 32.54 -13.70
C LEU B 196 79.78 31.42 -12.79
N SER B 197 80.25 31.37 -11.54
CA SER B 197 79.74 30.39 -10.58
C SER B 197 78.30 30.69 -10.19
N ARG B 198 77.97 31.97 -10.02
CA ARG B 198 76.60 32.39 -9.75
C ARG B 198 75.67 32.05 -10.91
N ASP B 199 76.16 32.25 -12.15
CA ASP B 199 75.38 31.86 -13.31
C ASP B 199 75.25 30.34 -13.43
N LEU B 200 76.26 29.60 -12.97
CA LEU B 200 76.18 28.14 -12.97
C LEU B 200 75.07 27.67 -12.02
N GLU B 201 75.04 28.23 -10.81
CA GLU B 201 73.98 27.90 -9.87
C GLU B 201 72.61 28.38 -10.35
N ARG B 202 72.57 29.51 -11.05
CA ARG B 202 71.31 30.04 -11.57
C ARG B 202 70.77 29.16 -12.69
N PHE B 203 71.63 28.70 -13.60
CA PHE B 203 71.18 27.76 -14.62
C PHE B 203 70.88 26.39 -14.07
N GLU B 204 71.50 25.97 -12.95
CA GLU B 204 71.06 24.74 -12.30
C GLU B 204 69.64 24.87 -11.74
N LEU B 205 69.33 26.02 -11.13
CA LEU B 205 67.97 26.26 -10.66
C LEU B 205 66.98 26.35 -11.82
N ASP B 206 67.39 26.98 -12.93
CA ASP B 206 66.55 27.05 -14.12
C ASP B 206 66.29 25.67 -14.72
N LYS B 207 67.33 24.84 -14.78
CA LYS B 207 67.18 23.48 -15.30
C LYS B 207 66.31 22.63 -14.39
N ARG B 208 66.39 22.84 -13.07
CA ARG B 208 65.56 22.05 -12.17
C ARG B 208 64.09 22.45 -12.26
N VAL B 209 63.82 23.76 -12.35
CA VAL B 209 62.44 24.22 -12.50
C VAL B 209 61.87 23.79 -13.85
N ALA B 210 62.68 23.89 -14.92
CA ALA B 210 62.23 23.47 -16.24
C ALA B 210 62.06 21.96 -16.32
N GLN B 211 62.88 21.21 -15.57
CA GLN B 211 62.75 19.76 -15.52
C GLN B 211 61.47 19.35 -14.79
N ARG B 212 61.09 20.10 -13.76
CA ARG B 212 59.88 19.72 -13.03
C ARG B 212 58.61 20.13 -13.79
N VAL B 213 58.68 21.25 -14.53
CA VAL B 213 57.60 21.58 -15.46
C VAL B 213 57.50 20.53 -16.55
N LYS B 214 58.64 20.07 -17.08
CA LYS B 214 58.70 18.97 -18.03
C LYS B 214 58.12 17.69 -17.45
N GLU B 215 58.36 17.44 -16.16
CA GLU B 215 57.80 16.28 -15.49
C GLU B 215 56.29 16.37 -15.42
N GLN B 216 55.75 17.54 -15.07
CA GLN B 216 54.30 17.75 -15.02
C GLN B 216 53.65 17.54 -16.38
N MET B 217 54.20 18.17 -17.42
CA MET B 217 53.61 18.04 -18.75
C MET B 217 53.76 16.63 -19.31
N ASP B 218 54.88 15.95 -19.03
CA ASP B 218 55.07 14.60 -19.55
C ASP B 218 54.23 13.59 -18.80
N THR B 219 53.99 13.80 -17.49
CA THR B 219 53.12 12.86 -16.80
C THR B 219 51.67 13.10 -17.17
N ASN B 220 51.32 14.35 -17.55
CA ASN B 220 50.01 14.60 -18.13
C ASN B 220 49.86 13.88 -19.46
N GLN B 221 50.90 13.95 -20.31
CA GLN B 221 50.88 13.31 -21.62
C GLN B 221 50.76 11.79 -21.51
N ARG B 222 51.60 11.17 -20.68
CA ARG B 222 51.59 9.70 -20.61
C ARG B 222 50.37 9.18 -19.85
N GLU B 223 49.91 9.90 -18.82
CA GLU B 223 48.69 9.53 -18.12
C GLU B 223 47.48 9.59 -19.04
N TYR B 224 47.26 10.71 -19.72
CA TYR B 224 46.09 10.73 -20.58
C TYR B 224 46.34 9.96 -21.88
N TYR B 225 47.59 9.58 -22.16
CA TYR B 225 47.87 8.68 -23.27
C TYR B 225 47.41 7.25 -22.98
N LEU B 226 47.74 6.75 -21.79
CA LEU B 226 47.21 5.43 -21.42
C LEU B 226 45.70 5.48 -21.31
N ARG B 227 45.17 6.65 -20.91
CA ARG B 227 43.72 6.83 -20.98
C ARG B 227 43.22 6.85 -22.42
N GLU B 228 44.01 7.39 -23.38
CA GLU B 228 43.61 7.39 -24.79
C GLU B 228 43.37 5.98 -25.29
N GLN B 229 44.36 5.10 -25.13
CA GLN B 229 44.20 3.76 -25.67
C GLN B 229 43.23 2.91 -24.83
N MET B 230 43.19 3.11 -23.52
CA MET B 230 42.30 2.31 -22.68
C MET B 230 40.84 2.64 -22.96
N LYS B 231 40.48 3.93 -22.95
CA LYS B 231 39.11 4.30 -23.25
C LYS B 231 38.79 4.03 -24.73
N ALA B 232 39.81 4.05 -25.60
CA ALA B 232 39.61 3.65 -26.99
C ALA B 232 39.15 2.21 -27.10
N ILE B 233 39.83 1.28 -26.40
CA ILE B 233 39.35 -0.11 -26.38
C ILE B 233 37.95 -0.20 -25.78
N GLN B 234 37.72 0.45 -24.62
CA GLN B 234 36.46 0.22 -23.90
C GLN B 234 35.25 0.78 -24.66
N LYS B 235 35.46 1.77 -25.51
CA LYS B 235 34.30 2.28 -26.23
C LYS B 235 34.23 1.80 -27.67
N GLU B 236 35.28 1.95 -28.48
CA GLU B 236 35.07 1.54 -29.85
C GLU B 236 35.41 0.07 -30.09
N LEU B 237 35.58 -0.74 -29.03
CA LEU B 237 35.60 -2.17 -29.27
C LEU B 237 34.31 -2.84 -28.80
N GLY B 238 33.70 -2.33 -27.75
CA GLY B 238 32.48 -2.89 -27.20
C GLY B 238 32.26 -2.38 -25.80
N GLY B 239 31.02 -1.98 -25.53
CA GLY B 239 30.70 -1.20 -24.34
C GLY B 239 30.81 0.28 -24.59
N GLU B 240 30.14 0.75 -25.64
CA GLU B 240 30.35 2.11 -26.13
C GLU B 240 29.49 3.12 -25.38
N ASP B 241 28.20 2.83 -25.23
CA ASP B 241 27.31 3.76 -24.57
C ASP B 241 27.41 3.68 -23.06
N GLY B 242 26.42 4.26 -22.40
CA GLY B 242 26.37 4.32 -20.97
C GLY B 242 27.08 5.51 -20.38
N LEU B 243 28.15 5.96 -21.00
CA LEU B 243 28.99 7.04 -20.51
C LEU B 243 28.69 8.36 -21.20
N SER B 244 27.79 8.33 -22.20
CA SER B 244 27.36 9.55 -22.88
C SER B 244 26.44 10.39 -22.01
N ASP B 245 25.44 9.77 -21.39
CA ASP B 245 24.63 10.52 -20.43
C ASP B 245 25.36 10.74 -19.12
N LEU B 246 26.40 9.94 -18.84
CA LEU B 246 27.27 10.22 -17.69
C LEU B 246 28.03 11.53 -17.84
N GLU B 247 28.86 11.64 -18.91
CA GLU B 247 29.55 12.88 -19.25
C GLU B 247 28.57 14.03 -19.44
N ALA B 248 27.43 13.75 -20.09
CA ALA B 248 26.45 14.78 -20.37
C ALA B 248 25.76 15.28 -19.11
N LEU B 249 25.47 14.39 -18.16
CA LEU B 249 24.81 14.82 -16.94
C LEU B 249 25.79 15.50 -16.02
N ARG B 250 27.08 15.12 -16.08
CA ARG B 250 28.11 15.86 -15.37
C ARG B 250 28.18 17.31 -15.85
N LYS B 251 28.30 17.52 -17.16
CA LYS B 251 28.43 18.89 -17.66
C LYS B 251 27.10 19.64 -17.56
N LYS B 252 25.99 18.90 -17.52
CA LYS B 252 24.67 19.50 -17.32
C LYS B 252 24.52 20.01 -15.89
N ILE B 253 25.01 19.27 -14.90
CA ILE B 253 25.08 19.78 -13.54
C ILE B 253 25.99 21.00 -13.48
N GLU B 254 27.08 20.97 -14.25
CA GLU B 254 28.01 22.10 -14.25
C GLU B 254 27.40 23.37 -14.86
N GLU B 255 26.51 23.26 -15.85
CA GLU B 255 26.15 24.47 -16.59
C GLU B 255 24.92 25.18 -16.03
N VAL B 256 23.85 24.46 -15.69
CA VAL B 256 22.63 25.14 -15.29
C VAL B 256 22.66 25.48 -13.81
N GLY B 257 22.30 26.73 -13.49
CA GLY B 257 22.23 27.17 -12.10
C GLY B 257 23.61 27.17 -11.47
N MET B 258 23.73 26.63 -10.26
CA MET B 258 22.67 26.34 -9.30
C MET B 258 23.37 26.73 -7.99
N PRO B 259 22.70 26.75 -6.84
CA PRO B 259 23.41 27.03 -5.58
C PRO B 259 24.46 25.97 -5.25
N GLU B 260 25.41 26.36 -4.40
CA GLU B 260 26.58 25.53 -4.18
C GLU B 260 26.29 24.32 -3.32
N ALA B 261 25.34 24.45 -2.39
CA ALA B 261 25.00 23.31 -1.53
C ALA B 261 24.32 22.21 -2.32
N VAL B 262 23.34 22.57 -3.14
CA VAL B 262 22.64 21.58 -3.95
C VAL B 262 23.55 21.05 -5.05
N LYS B 263 24.52 21.86 -5.52
CA LYS B 263 25.47 21.37 -6.51
C LYS B 263 26.44 20.36 -5.91
N THR B 264 26.89 20.60 -4.67
CA THR B 264 27.76 19.64 -3.99
C THR B 264 27.01 18.34 -3.70
N LYS B 265 25.75 18.46 -3.26
CA LYS B 265 24.92 17.28 -3.02
C LYS B 265 24.70 16.47 -4.30
N ALA B 266 24.44 17.16 -5.41
CA ALA B 266 24.21 16.45 -6.66
C ALA B 266 25.48 15.82 -7.21
N LEU B 267 26.64 16.46 -7.00
CA LEU B 267 27.86 15.84 -7.49
C LEU B 267 28.26 14.63 -6.66
N LYS B 268 28.06 14.65 -5.34
CA LYS B 268 28.37 13.44 -4.59
C LYS B 268 27.33 12.35 -4.83
N GLU B 269 26.10 12.74 -5.18
CA GLU B 269 25.11 11.75 -5.59
C GLU B 269 25.47 11.12 -6.93
N LEU B 270 26.00 11.91 -7.85
CA LEU B 270 26.45 11.37 -9.13
C LEU B 270 27.67 10.47 -8.97
N ASP B 271 28.59 10.83 -8.06
CA ASP B 271 29.74 9.97 -7.81
C ASP B 271 29.33 8.68 -7.11
N ARG B 272 28.28 8.72 -6.30
CA ARG B 272 27.71 7.48 -5.77
C ARG B 272 27.09 6.64 -6.88
N LEU B 273 26.44 7.29 -7.85
CA LEU B 273 25.77 6.56 -8.91
C LEU B 273 26.75 5.95 -9.90
N GLU B 274 27.91 6.58 -10.12
CA GLU B 274 28.84 6.07 -11.12
C GLU B 274 29.55 4.80 -10.70
N ARG B 275 29.53 4.43 -9.43
CA ARG B 275 30.32 3.32 -8.93
C ARG B 275 29.46 2.10 -8.64
N MET B 276 28.24 2.07 -9.16
CA MET B 276 27.35 0.95 -8.98
C MET B 276 26.90 0.43 -10.32
N GLN B 277 26.48 -0.84 -10.36
CA GLN B 277 26.16 -1.48 -11.61
C GLN B 277 24.85 -0.94 -12.17
N GLN B 278 24.81 -0.75 -13.48
CA GLN B 278 23.69 -0.09 -14.10
C GLN B 278 22.50 -1.05 -14.19
N GLY B 279 21.30 -0.48 -14.26
CA GLY B 279 20.11 -1.29 -14.33
C GLY B 279 19.64 -1.88 -13.03
N SER B 280 20.25 -1.50 -11.91
CA SER B 280 19.76 -1.92 -10.61
C SER B 280 18.47 -1.19 -10.28
N PRO B 281 17.66 -1.72 -9.35
CA PRO B 281 16.54 -0.94 -8.83
C PRO B 281 16.97 0.20 -7.92
N GLU B 282 18.24 0.27 -7.52
CA GLU B 282 18.79 1.42 -6.81
C GLU B 282 19.47 2.40 -7.74
N ALA B 283 20.07 1.94 -8.85
CA ALA B 283 20.59 2.87 -9.84
C ALA B 283 19.49 3.54 -10.63
N THR B 284 18.28 3.00 -10.59
CA THR B 284 17.15 3.65 -11.25
C THR B 284 16.65 4.82 -10.44
N VAL B 285 16.54 4.65 -9.11
CA VAL B 285 15.95 5.68 -8.26
C VAL B 285 16.89 6.85 -8.04
N ALA B 286 18.18 6.68 -8.31
CA ALA B 286 19.14 7.77 -8.19
C ALA B 286 19.34 8.50 -9.51
N ARG B 287 18.98 7.88 -10.62
CA ARG B 287 19.05 8.49 -11.95
C ARG B 287 17.86 9.40 -12.21
N THR B 288 16.71 9.08 -11.62
CA THR B 288 15.53 9.93 -11.74
C THR B 288 15.66 11.18 -10.88
N TYR B 289 16.31 11.04 -9.72
CA TYR B 289 16.47 12.19 -8.84
C TYR B 289 17.38 13.23 -9.46
N LEU B 290 18.39 12.79 -10.19
CA LEU B 290 19.33 13.74 -10.77
C LEU B 290 18.74 14.52 -11.94
N ASP B 291 17.91 13.91 -12.78
CA ASP B 291 17.38 14.73 -13.86
C ASP B 291 16.16 15.52 -13.41
N TRP B 292 15.51 15.10 -12.31
CA TRP B 292 14.62 16.05 -11.65
C TRP B 292 15.37 17.25 -11.08
N LEU B 293 16.59 17.07 -10.60
CA LEU B 293 17.34 18.23 -10.15
C LEU B 293 17.81 19.11 -11.31
N THR B 294 18.16 18.50 -12.43
CA THR B 294 18.70 19.31 -13.52
C THR B 294 17.62 19.86 -14.46
N GLU B 295 16.36 19.45 -14.31
CA GLU B 295 15.33 19.96 -15.21
C GLU B 295 14.44 21.03 -14.62
N VAL B 296 14.49 21.26 -13.31
CA VAL B 296 13.80 22.41 -12.72
C VAL B 296 14.62 23.65 -13.04
N PRO B 297 14.02 24.84 -13.10
CA PRO B 297 14.81 26.02 -13.41
C PRO B 297 15.53 26.60 -12.21
N TRP B 298 16.79 26.94 -12.44
CA TRP B 298 17.62 27.64 -11.46
C TRP B 298 18.16 28.87 -12.16
N SER B 299 17.68 30.05 -11.76
CA SER B 299 18.17 31.36 -12.21
C SER B 299 18.07 31.52 -13.73
N LYS B 300 16.83 31.54 -14.21
CA LYS B 300 16.56 31.79 -15.62
C LYS B 300 15.21 32.47 -15.68
N ALA B 301 15.19 33.75 -16.06
CA ALA B 301 13.99 34.56 -15.90
C ALA B 301 13.71 35.36 -17.16
N ASP B 302 12.54 35.98 -17.18
CA ASP B 302 11.87 36.87 -18.12
C ASP B 302 12.13 38.33 -17.76
N PRO B 303 12.05 39.24 -18.73
CA PRO B 303 12.17 40.67 -18.40
C PRO B 303 10.97 41.17 -17.62
N GLU B 304 11.22 42.14 -16.75
CA GLU B 304 10.21 42.61 -15.82
C GLU B 304 9.93 44.10 -15.89
N VAL B 305 10.51 44.82 -16.85
CA VAL B 305 10.19 46.23 -17.07
C VAL B 305 9.62 46.39 -18.47
N LEU B 306 8.39 46.92 -18.56
CA LEU B 306 7.61 46.65 -19.76
C LEU B 306 6.73 47.77 -20.31
N ASP B 307 7.08 49.06 -20.15
CA ASP B 307 6.42 50.17 -20.85
C ASP B 307 4.92 50.27 -20.59
N ILE B 308 4.53 50.76 -19.42
CA ILE B 308 3.20 50.59 -18.84
C ILE B 308 2.03 51.05 -19.71
N ASN B 309 2.26 51.89 -20.72
CA ASN B 309 1.17 52.31 -21.60
C ASN B 309 0.67 51.15 -22.45
N HIS B 310 1.59 50.35 -22.98
CA HIS B 310 1.22 49.19 -23.76
C HIS B 310 0.49 48.16 -22.91
N THR B 311 0.90 47.99 -21.66
CA THR B 311 0.21 47.05 -20.79
C THR B 311 -1.17 47.56 -20.42
N ARG B 312 -1.31 48.88 -20.25
CA ARG B 312 -2.62 49.47 -19.99
C ARG B 312 -3.57 49.22 -21.15
N GLN B 313 -3.06 49.31 -22.37
CA GLN B 313 -3.91 49.03 -23.53
C GLN B 313 -4.17 47.54 -23.75
N VAL B 314 -3.29 46.66 -23.29
CA VAL B 314 -3.55 45.24 -23.48
C VAL B 314 -4.52 44.71 -22.43
N LEU B 315 -4.48 45.24 -21.21
CA LEU B 315 -5.35 44.74 -20.16
C LEU B 315 -6.83 45.03 -20.42
N ASP B 316 -7.14 46.09 -21.14
CA ASP B 316 -8.54 46.44 -21.37
C ASP B 316 -8.99 46.12 -22.80
N GLU B 317 -8.43 45.09 -23.40
CA GLU B 317 -9.03 44.52 -24.60
C GLU B 317 -9.59 43.14 -24.33
N ASP B 318 -9.55 42.71 -23.08
CA ASP B 318 -10.15 41.46 -22.66
C ASP B 318 -11.22 41.62 -21.60
N HIS B 319 -11.21 42.73 -20.86
CA HIS B 319 -12.16 42.93 -19.79
C HIS B 319 -12.56 44.39 -19.72
N TYR B 320 -13.81 44.60 -19.35
CA TYR B 320 -14.37 45.93 -19.12
C TYR B 320 -14.34 46.23 -17.64
N GLY B 321 -13.93 47.44 -17.29
CA GLY B 321 -13.96 47.84 -15.90
C GLY B 321 -12.81 47.25 -15.12
N LEU B 322 -13.08 46.83 -13.88
CA LEU B 322 -12.13 46.18 -12.98
C LEU B 322 -10.90 47.06 -12.74
N LYS B 323 -11.13 48.26 -12.20
CA LYS B 323 -10.04 49.21 -12.04
C LYS B 323 -9.08 48.82 -10.92
N ASP B 324 -9.52 48.02 -9.96
CA ASP B 324 -8.66 47.67 -8.83
C ASP B 324 -7.55 46.72 -9.26
N VAL B 325 -7.90 45.68 -9.99
CA VAL B 325 -6.92 44.69 -10.40
C VAL B 325 -5.96 45.28 -11.42
N LYS B 326 -6.49 46.00 -12.40
CA LYS B 326 -5.67 46.63 -13.42
C LYS B 326 -4.75 47.68 -12.82
N GLU B 327 -5.24 48.41 -11.84
CA GLU B 327 -4.41 49.43 -11.24
C GLU B 327 -3.34 48.83 -10.35
N ARG B 328 -3.60 47.69 -9.72
CA ARG B 328 -2.57 47.07 -8.91
C ARG B 328 -1.47 46.48 -9.77
N ILE B 329 -1.83 45.99 -10.96
CA ILE B 329 -0.81 45.51 -11.89
C ILE B 329 0.05 46.68 -12.39
N LEU B 330 -0.57 47.82 -12.66
CA LEU B 330 0.25 48.95 -13.12
C LEU B 330 1.12 49.51 -12.01
N GLU B 331 0.69 49.43 -10.76
CA GLU B 331 1.55 49.84 -9.65
C GLU B 331 2.74 48.92 -9.49
N TYR B 332 2.54 47.61 -9.68
CA TYR B 332 3.64 46.65 -9.71
C TYR B 332 4.65 47.00 -10.80
N LEU B 333 4.16 47.32 -12.00
CA LEU B 333 5.09 47.64 -13.08
C LEU B 333 5.79 48.97 -12.86
N ALA B 334 5.14 49.91 -12.17
CA ALA B 334 5.81 51.16 -11.86
C ALA B 334 6.94 50.96 -10.86
N VAL B 335 6.71 50.12 -9.85
CA VAL B 335 7.76 49.79 -8.89
C VAL B 335 8.93 49.12 -9.59
N ARG B 336 8.66 48.17 -10.49
CA ARG B 336 9.75 47.52 -11.23
C ARG B 336 10.49 48.47 -12.15
N GLN B 337 9.79 49.43 -12.74
CA GLN B 337 10.43 50.47 -13.53
C GLN B 337 11.39 51.28 -12.70
N LEU B 338 10.97 51.63 -11.50
CA LEU B 338 11.70 52.60 -10.70
C LEU B 338 12.83 51.96 -9.89
N THR B 339 12.77 50.68 -9.63
CA THR B 339 13.73 50.07 -8.70
C THR B 339 14.87 49.33 -9.40
N GLN B 340 14.93 49.32 -10.73
CA GLN B 340 15.98 48.58 -11.40
C GLN B 340 17.32 49.28 -11.27
N GLY B 341 18.40 48.51 -11.43
CA GLY B 341 19.71 49.04 -11.18
C GLY B 341 20.04 49.19 -9.71
N LEU B 342 19.27 48.56 -8.84
CA LEU B 342 19.47 48.60 -7.40
C LEU B 342 19.49 47.17 -6.88
N ASP B 343 19.92 47.02 -5.64
CA ASP B 343 19.91 45.70 -4.99
C ASP B 343 19.00 45.75 -3.75
N VAL B 344 17.72 45.64 -4.00
CA VAL B 344 16.71 45.37 -2.99
C VAL B 344 15.97 44.13 -3.44
N ARG B 345 15.29 43.49 -2.51
CA ARG B 345 14.74 42.17 -2.82
C ARG B 345 13.44 42.33 -3.58
N ASN B 346 13.34 41.62 -4.70
CA ASN B 346 12.05 41.46 -5.35
C ASN B 346 11.21 40.47 -4.56
N LYS B 347 9.97 40.82 -4.31
CA LYS B 347 9.01 39.84 -3.82
C LYS B 347 7.74 40.02 -4.63
N ALA B 348 7.35 38.98 -5.34
CA ALA B 348 6.18 39.04 -6.18
C ALA B 348 4.92 39.02 -5.32
N PRO B 349 3.83 39.60 -5.81
CA PRO B 349 2.61 39.67 -5.00
C PRO B 349 1.96 38.30 -4.82
N ILE B 350 1.11 38.22 -3.80
CA ILE B 350 0.29 37.05 -3.53
C ILE B 350 -1.12 37.54 -3.30
N LEU B 351 -1.98 37.34 -4.29
CA LEU B 351 -3.29 37.94 -4.34
C LEU B 351 -4.36 36.86 -4.19
N VAL B 352 -5.48 37.23 -3.57
CA VAL B 352 -6.71 36.47 -3.66
C VAL B 352 -7.77 37.40 -4.23
N LEU B 353 -8.54 36.88 -5.17
CA LEU B 353 -9.62 37.61 -5.83
C LEU B 353 -10.91 36.94 -5.39
N VAL B 354 -11.76 37.66 -4.67
CA VAL B 354 -12.95 37.05 -4.08
C VAL B 354 -14.20 37.73 -4.62
N GLY B 355 -15.18 36.93 -5.02
CA GLY B 355 -16.41 37.45 -5.56
C GLY B 355 -17.42 36.39 -5.94
N PRO B 356 -18.58 36.83 -6.41
CA PRO B 356 -19.67 35.90 -6.74
C PRO B 356 -19.38 35.17 -8.04
N PRO B 357 -20.12 34.10 -8.37
CA PRO B 357 -19.83 33.36 -9.60
C PRO B 357 -20.15 34.14 -10.85
N GLY B 358 -19.42 33.81 -11.91
CA GLY B 358 -19.65 34.40 -13.21
C GLY B 358 -19.00 35.74 -13.43
N VAL B 359 -18.42 36.33 -12.43
CA VAL B 359 -17.61 37.51 -12.62
C VAL B 359 -16.24 37.05 -13.09
N GLY B 360 -15.49 37.89 -13.78
CA GLY B 360 -14.32 37.40 -14.45
C GLY B 360 -13.10 37.07 -13.61
N LYS B 361 -13.18 36.12 -12.68
CA LYS B 361 -12.02 35.88 -11.83
C LYS B 361 -11.02 34.92 -12.46
N THR B 362 -11.49 33.76 -12.94
CA THR B 362 -10.58 32.78 -13.51
C THR B 362 -10.01 33.27 -14.84
N SER B 363 -10.80 33.96 -15.63
CA SER B 363 -10.32 34.39 -16.94
C SER B 363 -9.40 35.58 -16.87
N LEU B 364 -9.29 36.21 -15.72
CA LEU B 364 -8.44 37.39 -15.58
C LEU B 364 -6.99 37.03 -15.39
N GLY B 365 -6.70 35.85 -14.86
CA GLY B 365 -5.31 35.47 -14.63
C GLY B 365 -4.54 35.24 -15.91
N ARG B 366 -5.19 34.65 -16.91
CA ARG B 366 -4.54 34.45 -18.19
C ARG B 366 -4.32 35.78 -18.91
N SER B 367 -5.20 36.75 -18.70
CA SER B 367 -5.02 38.05 -19.31
C SER B 367 -3.92 38.85 -18.63
N ILE B 368 -3.82 38.76 -17.30
CA ILE B 368 -2.73 39.39 -16.57
C ILE B 368 -1.39 38.80 -17.00
N ALA B 369 -1.33 37.47 -17.16
CA ALA B 369 -0.09 36.86 -17.61
C ALA B 369 0.23 37.22 -19.05
N ARG B 370 -0.79 37.38 -19.90
CA ARG B 370 -0.53 37.70 -21.29
C ARG B 370 -0.08 39.15 -21.47
N SER B 371 -0.57 40.06 -20.62
CA SER B 371 -0.22 41.46 -20.80
C SER B 371 1.20 41.75 -20.32
N MET B 372 1.72 40.98 -19.37
CA MET B 372 3.07 41.20 -18.87
C MET B 372 4.11 40.31 -19.52
N ASN B 373 3.74 39.60 -20.59
CA ASN B 373 4.63 38.70 -21.34
C ASN B 373 5.27 37.63 -20.47
N ARG B 374 4.51 37.06 -19.57
CA ARG B 374 5.03 36.07 -18.64
C ARG B 374 4.26 34.77 -18.81
N LYS B 375 4.90 33.68 -18.40
CA LYS B 375 4.34 32.36 -18.54
C LYS B 375 3.18 32.15 -17.56
N PHE B 376 2.28 31.25 -17.92
CA PHE B 376 1.08 31.03 -17.15
C PHE B 376 0.92 29.56 -16.82
N HIS B 377 0.38 29.27 -15.65
CA HIS B 377 0.00 27.89 -15.35
C HIS B 377 -1.15 27.89 -14.36
N ARG B 378 -2.12 27.01 -14.58
CA ARG B 378 -3.21 26.79 -13.64
C ARG B 378 -2.97 25.55 -12.81
N ILE B 379 -3.32 25.64 -11.53
CA ILE B 379 -3.44 24.49 -10.66
C ILE B 379 -4.82 24.58 -10.04
N SER B 380 -5.65 23.59 -10.29
CA SER B 380 -7.01 23.58 -9.77
C SER B 380 -7.00 22.86 -8.43
N LEU B 381 -7.29 23.59 -7.36
CA LEU B 381 -7.29 23.04 -6.02
C LEU B 381 -8.66 22.61 -5.58
N GLY B 382 -9.61 22.49 -6.51
CA GLY B 382 -10.95 22.10 -6.15
C GLY B 382 -11.04 20.64 -5.79
N GLY B 383 -11.39 20.36 -4.55
CA GLY B 383 -11.53 18.99 -4.12
C GLY B 383 -10.24 18.24 -3.87
N VAL B 384 -9.09 18.91 -3.94
CA VAL B 384 -7.83 18.27 -3.58
C VAL B 384 -7.84 17.99 -2.09
N ARG B 385 -7.51 16.76 -1.74
CA ARG B 385 -7.82 16.26 -0.41
C ARG B 385 -6.61 15.77 0.37
N ASP B 386 -5.52 15.41 -0.28
CA ASP B 386 -4.35 14.92 0.44
C ASP B 386 -3.16 15.87 0.32
N GLU B 387 -2.35 15.86 1.36
CA GLU B 387 -1.13 16.66 1.45
C GLU B 387 -0.08 16.24 0.43
N ALA B 388 -0.18 15.05 -0.12
CA ALA B 388 0.83 14.57 -1.06
C ALA B 388 0.68 15.16 -2.45
N GLU B 389 -0.25 16.09 -2.68
CA GLU B 389 -0.32 16.81 -3.92
C GLU B 389 0.44 18.13 -3.87
N ILE B 390 0.61 18.70 -2.69
CA ILE B 390 1.36 19.94 -2.51
C ILE B 390 2.83 19.59 -2.49
N ARG B 391 3.21 18.76 -1.54
CA ARG B 391 4.55 18.20 -1.46
C ARG B 391 4.52 16.85 -2.18
N GLY B 392 5.57 16.06 -2.07
CA GLY B 392 5.52 14.79 -2.76
C GLY B 392 5.54 13.61 -1.82
N HIS B 393 6.23 12.55 -2.21
CA HIS B 393 6.62 11.49 -1.32
C HIS B 393 8.14 11.39 -1.35
N ARG B 394 8.71 10.75 -0.34
CA ARG B 394 10.14 10.47 -0.32
C ARG B 394 10.50 9.58 -1.50
N ARG B 395 11.71 9.71 -2.00
CA ARG B 395 12.12 8.85 -3.11
C ARG B 395 12.55 7.46 -2.65
N THR B 396 11.80 6.83 -1.76
CA THR B 396 12.01 5.45 -1.39
C THR B 396 10.81 4.59 -1.69
N TYR B 397 9.67 5.20 -1.98
CA TYR B 397 8.50 4.47 -2.44
C TYR B 397 8.62 4.20 -3.93
N ILE B 398 7.66 3.47 -4.47
CA ILE B 398 7.80 2.95 -5.83
C ILE B 398 7.63 4.02 -6.90
N GLY B 399 6.49 4.68 -6.95
CA GLY B 399 6.27 5.65 -8.00
C GLY B 399 6.26 7.07 -7.48
N ALA B 400 7.22 7.40 -6.63
CA ALA B 400 7.25 8.70 -5.99
C ALA B 400 7.76 9.78 -6.93
N MET B 401 7.21 10.96 -6.78
CA MET B 401 7.45 12.10 -7.66
C MET B 401 6.92 13.35 -6.98
N PRO B 402 7.43 14.56 -7.33
CA PRO B 402 7.09 15.75 -6.55
C PRO B 402 5.64 16.22 -6.61
N GLY B 403 5.35 17.30 -5.91
CA GLY B 403 4.00 17.82 -5.86
C GLY B 403 3.63 18.59 -7.10
N LYS B 404 2.49 19.27 -7.01
CA LYS B 404 2.01 20.09 -8.12
C LYS B 404 2.90 21.28 -8.38
N LEU B 405 3.56 21.80 -7.35
CA LEU B 405 4.28 23.05 -7.48
C LEU B 405 5.62 22.88 -8.19
N ILE B 406 6.39 21.85 -7.83
CA ILE B 406 7.64 21.57 -8.51
C ILE B 406 7.38 21.11 -9.94
N HIS B 407 6.29 20.37 -10.15
CA HIS B 407 5.92 19.97 -11.50
C HIS B 407 5.49 21.15 -12.35
N ALA B 408 4.76 22.10 -11.75
CA ALA B 408 4.36 23.32 -12.44
C ALA B 408 5.57 24.18 -12.79
N MET B 409 6.53 24.27 -11.87
CA MET B 409 7.74 24.99 -12.16
C MET B 409 8.60 24.28 -13.18
N LYS B 410 8.43 22.97 -13.36
CA LYS B 410 9.12 22.29 -14.44
C LYS B 410 8.46 22.58 -15.79
N GLN B 411 7.13 22.63 -15.83
CA GLN B 411 6.42 22.89 -17.09
C GLN B 411 6.75 24.27 -17.65
N VAL B 412 6.60 25.30 -16.83
CA VAL B 412 7.13 26.61 -17.14
C VAL B 412 8.65 26.55 -17.20
N GLY B 413 9.26 27.27 -18.12
CA GLY B 413 10.70 27.20 -18.17
C GLY B 413 11.44 28.10 -17.22
N VAL B 414 10.77 29.06 -16.58
CA VAL B 414 11.46 30.14 -15.89
C VAL B 414 11.14 30.15 -14.41
N ILE B 415 11.75 31.09 -13.67
CA ILE B 415 11.56 31.17 -12.22
C ILE B 415 10.53 32.20 -11.81
N ASN B 416 10.01 33.00 -12.73
CA ASN B 416 8.91 33.92 -12.42
C ASN B 416 7.73 33.75 -13.37
N PRO B 417 6.92 32.70 -13.19
CA PRO B 417 5.66 32.66 -13.92
C PRO B 417 4.54 33.33 -13.19
N VAL B 418 3.35 33.29 -13.78
CA VAL B 418 2.12 33.59 -13.09
C VAL B 418 1.40 32.28 -12.86
N ILE B 419 1.09 31.96 -11.62
CA ILE B 419 0.45 30.71 -11.28
C ILE B 419 -0.88 31.00 -10.63
N LEU B 420 -1.93 30.43 -11.18
CA LEU B 420 -3.28 30.61 -10.71
C LEU B 420 -3.69 29.40 -9.89
N LEU B 421 -3.89 29.60 -8.59
CA LEU B 421 -4.40 28.57 -7.69
C LEU B 421 -5.91 28.77 -7.63
N ASP B 422 -6.63 27.85 -8.24
CA ASP B 422 -8.03 28.07 -8.53
C ASP B 422 -8.88 27.35 -7.50
N GLU B 423 -9.90 28.05 -7.00
CA GLU B 423 -10.86 27.56 -6.01
C GLU B 423 -10.15 27.10 -4.72
N ILE B 424 -9.53 28.06 -4.05
CA ILE B 424 -8.73 27.73 -2.88
C ILE B 424 -9.58 27.58 -1.63
N ASP B 425 -10.85 27.94 -1.69
CA ASP B 425 -11.74 27.70 -0.56
C ASP B 425 -12.45 26.36 -0.64
N LYS B 426 -12.32 25.64 -1.75
CA LYS B 426 -12.93 24.33 -1.94
C LYS B 426 -11.95 23.21 -1.62
N MET B 427 -11.03 23.45 -0.71
CA MET B 427 -9.96 22.52 -0.41
C MET B 427 -10.17 22.00 1.00
N SER B 428 -10.13 20.68 1.17
CA SER B 428 -10.67 20.03 2.35
C SER B 428 -9.74 20.16 3.55
N SER B 429 -10.33 19.95 4.73
CA SER B 429 -9.57 19.86 5.97
C SER B 429 -10.16 18.78 6.88
N ASP B 430 -10.73 17.74 6.29
CA ASP B 430 -11.43 16.68 7.01
C ASP B 430 -10.50 15.64 7.60
N TRP B 431 -11.06 14.48 7.94
CA TRP B 431 -10.28 13.34 8.41
C TRP B 431 -9.26 12.89 7.36
N ARG B 432 -9.63 12.94 6.09
CA ARG B 432 -8.73 12.49 5.04
C ARG B 432 -7.83 13.66 4.64
N GLY B 433 -6.68 13.77 5.31
CA GLY B 433 -5.67 14.72 4.94
C GLY B 433 -5.97 16.17 5.23
N ASP B 434 -4.93 17.00 5.20
CA ASP B 434 -5.06 18.43 5.40
C ASP B 434 -4.08 19.14 4.48
N PRO B 435 -4.48 19.43 3.24
CA PRO B 435 -3.59 20.14 2.34
C PRO B 435 -3.60 21.65 2.52
N ALA B 436 -4.56 22.21 3.26
CA ALA B 436 -4.54 23.62 3.55
C ALA B 436 -3.48 24.00 4.56
N SER B 437 -2.89 23.03 5.24
CA SER B 437 -1.80 23.29 6.16
C SER B 437 -0.44 23.20 5.51
N ALA B 438 -0.31 22.46 4.41
CA ALA B 438 0.92 22.47 3.66
C ALA B 438 1.04 23.71 2.79
N MET B 439 -0.07 24.39 2.52
CA MET B 439 -0.03 25.63 1.77
C MET B 439 0.57 26.77 2.56
N LEU B 440 0.67 26.65 3.89
CA LEU B 440 1.24 27.71 4.70
C LEU B 440 2.72 27.91 4.41
N GLU B 441 3.42 26.85 4.01
CA GLU B 441 4.81 26.98 3.64
C GLU B 441 4.97 27.60 2.26
N VAL B 442 4.00 27.39 1.38
CA VAL B 442 4.10 27.85 0.01
C VAL B 442 3.85 29.34 -0.07
N LEU B 443 2.81 29.81 0.58
CA LEU B 443 2.36 31.19 0.44
C LEU B 443 2.87 32.09 1.55
N ASP B 444 3.94 31.69 2.22
CA ASP B 444 4.51 32.51 3.28
C ASP B 444 5.41 33.56 2.66
N PRO B 445 5.08 34.85 2.76
CA PRO B 445 5.83 35.86 2.01
C PRO B 445 7.23 36.14 2.52
N GLU B 446 7.62 35.58 3.67
CA GLU B 446 8.97 35.76 4.17
C GLU B 446 9.80 34.50 4.11
N GLN B 447 9.18 33.33 4.05
CA GLN B 447 9.90 32.08 4.19
C GLN B 447 9.75 31.17 2.97
N ASN B 448 9.14 31.63 1.88
CA ASN B 448 9.01 30.72 0.74
C ASN B 448 10.19 30.79 -0.21
N ASN B 449 11.29 31.39 0.20
CA ASN B 449 12.52 31.22 -0.54
C ASN B 449 13.27 29.96 -0.14
N THR B 450 12.73 29.19 0.80
CA THR B 450 13.28 27.90 1.19
C THR B 450 12.16 26.87 1.29
N PHE B 451 11.32 26.80 0.27
CA PHE B 451 10.28 25.78 0.22
C PHE B 451 10.91 24.41 0.02
N THR B 452 10.58 23.46 0.88
CA THR B 452 11.19 22.14 0.86
C THR B 452 10.15 21.10 0.51
N ASP B 453 10.32 20.49 -0.66
CA ASP B 453 9.48 19.41 -1.12
C ASP B 453 9.86 18.12 -0.39
N HIS B 454 9.00 17.11 -0.44
CA HIS B 454 9.43 15.83 0.13
C HIS B 454 10.24 15.01 -0.85
N TYR B 455 10.01 15.17 -2.15
CA TYR B 455 10.80 14.41 -3.10
C TYR B 455 12.20 14.99 -3.23
N LEU B 456 12.30 16.26 -3.61
CA LEU B 456 13.59 16.94 -3.61
C LEU B 456 13.98 17.24 -2.18
N ASP B 457 15.17 16.85 -1.76
CA ASP B 457 15.60 17.10 -0.40
C ASP B 457 16.26 18.45 -0.22
N VAL B 458 16.07 19.36 -1.17
CA VAL B 458 16.81 20.63 -1.18
C VAL B 458 15.80 21.75 -1.12
N PRO B 459 16.18 22.90 -0.55
CA PRO B 459 15.28 24.05 -0.58
C PRO B 459 15.23 24.70 -1.95
N TYR B 460 14.07 25.24 -2.27
CA TYR B 460 13.80 25.77 -3.60
C TYR B 460 13.12 27.12 -3.46
N ASP B 461 13.51 28.08 -4.30
CA ASP B 461 13.08 29.46 -4.16
C ASP B 461 11.80 29.68 -4.96
N LEU B 462 10.71 30.00 -4.25
CA LEU B 462 9.44 30.34 -4.88
C LEU B 462 9.10 31.82 -4.71
N SER B 463 10.05 32.64 -4.30
CA SER B 463 9.72 34.02 -3.96
C SER B 463 9.58 34.91 -5.17
N LYS B 464 9.83 34.42 -6.37
CA LYS B 464 9.70 35.21 -7.58
C LYS B 464 8.40 34.97 -8.31
N VAL B 465 7.61 34.02 -7.89
CA VAL B 465 6.47 33.64 -8.71
C VAL B 465 5.26 34.44 -8.27
N PHE B 466 4.44 34.79 -9.24
CA PHE B 466 3.29 35.67 -9.06
C PHE B 466 2.09 34.79 -8.79
N PHE B 467 1.64 34.72 -7.54
CA PHE B 467 0.50 33.87 -7.21
C PHE B 467 -0.80 34.63 -7.30
N ILE B 468 -1.77 34.07 -8.01
CA ILE B 468 -3.12 34.60 -8.02
C ILE B 468 -4.04 33.47 -7.61
N THR B 469 -4.79 33.64 -6.53
CA THR B 469 -5.71 32.61 -6.08
C THR B 469 -7.13 33.13 -6.20
N THR B 470 -8.08 32.23 -6.46
CA THR B 470 -9.47 32.64 -6.62
C THR B 470 -10.36 31.94 -5.62
N ALA B 471 -11.42 32.63 -5.18
CA ALA B 471 -12.33 32.07 -4.19
C ALA B 471 -13.67 32.77 -4.27
N ASN B 472 -14.73 32.06 -3.87
CA ASN B 472 -16.08 32.62 -3.84
C ASN B 472 -16.37 33.35 -2.53
N THR B 473 -15.89 32.82 -1.41
CA THR B 473 -16.09 33.48 -0.13
C THR B 473 -14.86 33.24 0.74
N LEU B 474 -14.64 34.15 1.68
CA LEU B 474 -13.47 34.10 2.54
C LEU B 474 -13.68 33.28 3.80
N GLN B 475 -14.87 32.72 4.01
CA GLN B 475 -15.17 32.15 5.30
C GLN B 475 -14.65 30.73 5.47
N THR B 476 -14.50 29.97 4.40
CA THR B 476 -14.01 28.61 4.50
C THR B 476 -12.51 28.52 4.26
N ILE B 477 -11.79 29.62 4.40
CA ILE B 477 -10.33 29.64 4.35
C ILE B 477 -9.83 29.72 5.78
N PRO B 478 -8.86 28.91 6.18
CA PRO B 478 -8.29 29.03 7.54
C PRO B 478 -7.59 30.36 7.72
N ARG B 479 -7.66 30.89 8.93
CA ARG B 479 -7.17 32.24 9.18
C ARG B 479 -5.65 32.42 9.08
N PRO B 480 -4.77 31.48 9.47
CA PRO B 480 -3.35 31.66 9.15
C PRO B 480 -3.04 31.63 7.68
N LEU B 481 -3.89 31.04 6.84
CA LEU B 481 -3.68 31.05 5.40
C LEU B 481 -4.21 32.31 4.77
N LEU B 482 -5.33 32.83 5.27
CA LEU B 482 -5.88 34.07 4.77
C LEU B 482 -5.04 35.27 5.17
N ASP B 483 -4.33 35.17 6.29
CA ASP B 483 -3.52 36.30 6.74
C ASP B 483 -2.28 36.52 5.89
N ARG B 484 -1.93 35.56 5.04
CA ARG B 484 -0.78 35.65 4.16
C ARG B 484 -1.08 36.30 2.83
N MET B 485 -2.34 36.47 2.46
CA MET B 485 -2.71 36.91 1.12
C MET B 485 -3.33 38.29 1.15
N GLU B 486 -3.17 39.02 0.06
CA GLU B 486 -3.82 40.31 -0.09
C GLU B 486 -5.16 40.15 -0.81
N VAL B 487 -6.22 40.75 -0.26
CA VAL B 487 -7.57 40.56 -0.79
C VAL B 487 -7.90 41.64 -1.81
N ILE B 488 -8.53 41.21 -2.90
CA ILE B 488 -9.14 42.10 -3.89
C ILE B 488 -10.56 41.61 -4.08
N GLU B 489 -11.53 42.47 -3.83
CA GLU B 489 -12.92 42.08 -3.94
C GLU B 489 -13.47 42.50 -5.29
N ILE B 490 -14.00 41.52 -6.02
CA ILE B 490 -14.62 41.79 -7.31
C ILE B 490 -16.13 41.77 -7.05
N PRO B 491 -16.79 42.92 -6.97
CA PRO B 491 -18.12 42.98 -6.36
C PRO B 491 -19.26 42.31 -7.13
N GLY B 492 -19.46 42.65 -8.39
CA GLY B 492 -20.68 42.28 -9.08
C GLY B 492 -21.17 43.46 -9.90
N TYR B 493 -21.77 43.23 -11.05
CA TYR B 493 -21.93 44.31 -12.00
C TYR B 493 -23.29 44.97 -11.88
N THR B 494 -23.35 46.23 -12.28
CA THR B 494 -24.58 46.99 -12.31
C THR B 494 -25.26 46.76 -13.65
N ASN B 495 -26.35 47.46 -13.95
CA ASN B 495 -26.99 47.25 -15.24
C ASN B 495 -26.30 48.03 -16.35
N MET B 496 -25.74 49.19 -16.04
CA MET B 496 -24.98 49.93 -17.05
C MET B 496 -23.71 49.19 -17.43
N GLU B 497 -23.06 48.57 -16.43
CA GLU B 497 -21.87 47.81 -16.69
C GLU B 497 -22.17 46.55 -17.48
N LYS B 498 -23.25 45.85 -17.14
CA LYS B 498 -23.63 44.68 -17.91
C LYS B 498 -24.02 45.03 -19.33
N GLN B 499 -24.62 46.20 -19.52
CA GLN B 499 -25.00 46.61 -20.85
C GLN B 499 -23.78 46.95 -21.69
N ALA B 500 -22.77 47.58 -21.09
CA ALA B 500 -21.56 47.88 -21.84
C ALA B 500 -20.74 46.63 -22.12
N ILE B 501 -20.73 45.66 -21.19
CA ILE B 501 -20.07 44.38 -21.44
C ILE B 501 -20.75 43.65 -22.59
N ALA B 502 -22.09 43.64 -22.59
CA ALA B 502 -22.81 42.94 -23.64
C ALA B 502 -22.67 43.63 -24.99
N ARG B 503 -22.53 44.95 -25.01
CA ARG B 503 -22.32 45.60 -26.30
C ARG B 503 -20.91 45.39 -26.83
N GLN B 504 -19.91 45.51 -25.98
CA GLN B 504 -18.54 45.55 -26.49
C GLN B 504 -17.82 44.22 -26.45
N TYR B 505 -18.25 43.28 -25.63
CA TYR B 505 -17.46 42.08 -25.51
C TYR B 505 -18.21 40.80 -25.80
N LEU B 506 -19.46 40.68 -25.36
CA LEU B 506 -20.16 39.41 -25.47
C LEU B 506 -20.82 39.23 -26.83
N TRP B 507 -21.51 40.24 -27.31
CA TRP B 507 -22.25 40.13 -28.55
C TRP B 507 -21.41 39.99 -29.81
N PRO B 508 -20.28 40.70 -30.00
CA PRO B 508 -19.45 40.38 -31.18
C PRO B 508 -18.88 38.97 -31.14
N LYS B 509 -18.53 38.46 -29.96
CA LYS B 509 -18.03 37.10 -29.85
C LYS B 509 -19.11 36.09 -30.19
N GLN B 510 -20.33 36.30 -29.70
CA GLN B 510 -21.41 35.35 -29.99
C GLN B 510 -21.87 35.43 -31.43
N VAL B 511 -21.75 36.59 -32.07
CA VAL B 511 -22.07 36.65 -33.50
C VAL B 511 -21.00 35.95 -34.31
N ARG B 512 -19.73 36.21 -34.00
CA ARG B 512 -18.64 35.67 -34.79
C ARG B 512 -18.52 34.16 -34.62
N GLU B 513 -18.83 33.64 -33.45
CA GLU B 513 -18.69 32.22 -33.20
C GLU B 513 -19.79 31.39 -33.85
N SER B 514 -20.90 32.01 -34.25
CA SER B 514 -21.98 31.28 -34.90
C SER B 514 -22.14 31.63 -36.37
N GLY B 515 -21.23 32.41 -36.93
CA GLY B 515 -21.18 32.59 -38.37
C GLY B 515 -22.21 33.52 -38.94
N MET B 516 -22.91 34.29 -38.11
CA MET B 516 -23.89 35.27 -38.58
C MET B 516 -23.31 36.66 -38.61
N GLU B 517 -22.04 36.78 -38.98
CA GLU B 517 -21.34 38.05 -38.96
C GLU B 517 -21.90 38.99 -40.02
N GLY B 518 -22.36 40.16 -39.58
CA GLY B 518 -22.87 41.14 -40.51
C GLY B 518 -24.25 40.84 -41.04
N ARG B 519 -25.01 39.98 -40.39
CA ARG B 519 -26.33 39.61 -40.86
C ARG B 519 -27.43 39.86 -39.85
N ILE B 520 -27.09 40.26 -38.62
CA ILE B 520 -28.07 40.32 -37.55
C ILE B 520 -27.54 41.28 -36.49
N GLU B 521 -28.45 42.02 -35.85
CA GLU B 521 -28.10 43.02 -34.85
C GLU B 521 -29.11 43.01 -33.73
N VAL B 522 -28.75 43.65 -32.62
CA VAL B 522 -29.66 43.94 -31.53
C VAL B 522 -29.56 45.41 -31.20
N THR B 523 -30.63 45.96 -30.66
CA THR B 523 -30.62 47.34 -30.22
C THR B 523 -30.26 47.40 -28.75
N ASP B 524 -30.21 48.60 -28.20
CA ASP B 524 -29.86 48.76 -26.80
C ASP B 524 -31.02 48.39 -25.90
N ALA B 525 -32.25 48.72 -26.33
CA ALA B 525 -33.41 48.36 -25.55
C ALA B 525 -33.62 46.85 -25.50
N ALA B 526 -33.21 46.15 -26.55
CA ALA B 526 -33.28 44.70 -26.55
C ALA B 526 -32.32 44.10 -25.53
N ILE B 527 -31.10 44.63 -25.44
CA ILE B 527 -30.13 44.16 -24.46
C ILE B 527 -30.61 44.45 -23.05
N LEU B 528 -31.22 45.62 -22.86
CA LEU B 528 -31.74 45.95 -21.53
C LEU B 528 -32.91 45.06 -21.14
N ARG B 529 -33.74 44.67 -22.10
CA ARG B 529 -34.84 43.77 -21.79
C ARG B 529 -34.35 42.37 -21.47
N VAL B 530 -33.31 41.91 -22.18
CA VAL B 530 -32.72 40.60 -21.90
C VAL B 530 -32.10 40.58 -20.51
N ILE B 531 -31.45 41.67 -20.11
CA ILE B 531 -30.87 41.75 -18.76
C ILE B 531 -31.96 41.73 -17.71
N SER B 532 -33.02 42.51 -17.90
CA SER B 532 -33.98 42.66 -16.82
C SER B 532 -34.91 41.47 -16.68
N GLU B 533 -35.36 40.86 -17.78
CA GLU B 533 -36.43 39.88 -17.68
C GLU B 533 -36.02 38.44 -17.97
N TYR B 534 -34.74 38.17 -18.17
CA TYR B 534 -34.31 36.82 -18.51
C TYR B 534 -33.08 36.39 -17.72
N THR B 535 -32.76 37.10 -16.64
CA THR B 535 -31.49 36.93 -15.96
C THR B 535 -31.63 37.39 -14.52
N ARG B 536 -31.22 36.53 -13.57
CA ARG B 536 -31.00 36.92 -12.18
C ARG B 536 -29.60 36.44 -11.80
N GLU B 537 -28.63 37.33 -11.87
CA GLU B 537 -27.25 36.95 -11.62
C GLU B 537 -26.50 38.14 -11.07
N ALA B 538 -25.36 37.85 -10.48
CA ALA B 538 -24.34 38.86 -10.29
C ALA B 538 -23.34 38.86 -11.43
N GLY B 539 -23.05 37.70 -12.01
CA GLY B 539 -22.13 37.58 -13.11
C GLY B 539 -22.79 37.85 -14.44
N VAL B 540 -22.08 37.47 -15.50
CA VAL B 540 -22.58 37.67 -16.86
C VAL B 540 -22.54 36.36 -17.63
N ARG B 541 -22.52 35.25 -16.93
CA ARG B 541 -22.45 33.98 -17.63
C ARG B 541 -23.80 33.54 -18.21
N GLY B 542 -24.91 34.07 -17.71
CA GLY B 542 -26.20 33.77 -18.28
C GLY B 542 -26.59 34.70 -19.40
N LEU B 543 -26.05 35.91 -19.34
CA LEU B 543 -26.33 36.90 -20.38
C LEU B 543 -25.75 36.47 -21.72
N GLU B 544 -24.55 35.91 -21.72
CA GLU B 544 -23.98 35.46 -22.98
C GLU B 544 -24.65 34.19 -23.47
N ARG B 545 -25.29 33.44 -22.57
CA ARG B 545 -26.02 32.27 -23.01
C ARG B 545 -27.33 32.67 -23.70
N GLU B 546 -27.98 33.73 -23.22
CA GLU B 546 -29.15 34.25 -23.92
C GLU B 546 -28.78 34.84 -25.28
N LEU B 547 -27.66 35.55 -25.34
CA LEU B 547 -27.20 36.07 -26.63
C LEU B 547 -26.82 34.96 -27.59
N GLY B 548 -26.30 33.85 -27.06
CA GLY B 548 -26.05 32.70 -27.90
C GLY B 548 -27.32 32.07 -28.44
N LYS B 549 -28.40 32.06 -27.64
CA LYS B 549 -29.69 31.63 -28.16
C LYS B 549 -30.15 32.47 -29.33
N ILE B 550 -30.00 33.79 -29.21
CA ILE B 550 -30.42 34.67 -30.29
C ILE B 550 -29.62 34.41 -31.55
N ALA B 551 -28.31 34.18 -31.41
CA ALA B 551 -27.47 33.94 -32.58
C ALA B 551 -27.79 32.60 -33.24
N ARG B 552 -28.08 31.57 -32.46
CA ARG B 552 -28.42 30.27 -33.04
C ARG B 552 -29.76 30.30 -33.75
N LYS B 553 -30.76 30.96 -33.16
CA LYS B 553 -32.04 31.12 -33.85
C LYS B 553 -31.89 31.91 -35.15
N GLY B 554 -31.02 32.91 -35.15
CA GLY B 554 -30.76 33.63 -36.38
C GLY B 554 -30.12 32.77 -37.45
N ALA B 555 -29.22 31.88 -37.05
CA ALA B 555 -28.59 30.98 -38.01
C ALA B 555 -29.60 29.99 -38.60
N LYS B 556 -30.53 29.51 -37.79
CA LYS B 556 -31.53 28.59 -38.31
C LYS B 556 -32.50 29.29 -39.24
N PHE B 557 -32.91 30.53 -38.90
CA PHE B 557 -33.73 31.30 -39.82
C PHE B 557 -33.00 31.64 -41.11
N TRP B 558 -31.68 31.83 -41.05
CA TRP B 558 -30.93 32.05 -42.27
C TRP B 558 -30.89 30.81 -43.14
N LEU B 559 -30.84 29.62 -42.53
CA LEU B 559 -30.86 28.44 -43.39
C LEU B 559 -32.24 28.13 -43.93
N GLU B 560 -33.30 28.52 -43.23
CA GLU B 560 -34.63 28.28 -43.78
C GLU B 560 -34.93 29.21 -44.95
N GLY B 561 -34.98 30.50 -44.70
CA GLY B 561 -35.15 31.48 -45.75
C GLY B 561 -33.84 32.07 -46.17
N ALA B 562 -33.84 33.38 -46.40
CA ALA B 562 -32.67 34.24 -46.57
C ALA B 562 -33.19 35.66 -46.57
N TRP B 563 -32.27 36.61 -46.45
CA TRP B 563 -32.58 38.01 -46.59
C TRP B 563 -31.32 38.72 -47.03
N GLU B 564 -31.35 40.05 -47.03
CA GLU B 564 -30.16 40.83 -47.33
C GLU B 564 -30.13 42.04 -46.43
N GLY B 565 -28.92 42.54 -46.20
CA GLY B 565 -28.72 43.59 -45.24
C GLY B 565 -28.86 43.06 -43.83
N LEU B 566 -28.84 43.99 -42.88
CA LEU B 566 -29.00 43.61 -41.50
C LEU B 566 -30.45 43.27 -41.20
N ARG B 567 -30.64 42.49 -40.15
CA ARG B 567 -31.95 42.19 -39.61
C ARG B 567 -31.92 42.59 -38.14
N THR B 568 -32.52 43.72 -37.82
CA THR B 568 -32.33 44.35 -36.52
C THR B 568 -33.40 43.87 -35.56
N ILE B 569 -32.97 43.23 -34.48
CA ILE B 569 -33.88 42.71 -33.47
C ILE B 569 -34.11 43.80 -32.43
N ASP B 570 -35.34 44.24 -32.30
CA ASP B 570 -35.69 45.31 -31.40
C ASP B 570 -36.27 44.70 -30.12
N ALA B 571 -36.74 45.56 -29.22
CA ALA B 571 -37.17 45.09 -27.91
C ALA B 571 -38.47 44.33 -27.94
N SER B 572 -39.27 44.49 -29.00
CA SER B 572 -40.51 43.75 -29.11
C SER B 572 -40.33 42.38 -29.74
N ASP B 573 -39.22 42.15 -30.40
CA ASP B 573 -38.96 40.88 -31.08
C ASP B 573 -38.30 39.86 -30.19
N ILE B 574 -37.99 40.23 -28.94
CA ILE B 574 -37.27 39.32 -28.04
C ILE B 574 -38.04 38.06 -27.69
N PRO B 575 -39.35 38.08 -27.37
CA PRO B 575 -40.01 36.79 -27.07
C PRO B 575 -40.18 35.87 -28.26
N THR B 576 -40.00 36.35 -29.49
CA THR B 576 -39.95 35.45 -30.63
C THR B 576 -38.72 34.56 -30.56
N TYR B 577 -37.61 35.09 -30.07
CA TYR B 577 -36.37 34.34 -30.01
C TYR B 577 -36.16 33.63 -28.69
N LEU B 578 -36.60 34.21 -27.58
CA LEU B 578 -36.27 33.66 -26.27
C LEU B 578 -37.46 33.10 -25.51
N GLY B 579 -38.68 33.35 -25.95
CA GLY B 579 -39.83 32.77 -25.30
C GLY B 579 -40.48 33.71 -24.30
N ILE B 580 -41.17 33.10 -23.35
CA ILE B 580 -41.90 33.83 -22.33
C ILE B 580 -40.89 34.42 -21.35
N PRO B 581 -41.06 35.67 -20.92
CA PRO B 581 -40.16 36.23 -19.91
C PRO B 581 -40.20 35.44 -18.61
N ARG B 582 -39.04 35.30 -18.00
CA ARG B 582 -38.86 34.33 -16.93
C ARG B 582 -38.87 34.96 -15.55
N TYR B 583 -38.50 36.22 -15.43
CA TYR B 583 -38.44 36.90 -14.14
C TYR B 583 -39.26 38.16 -14.20
N ARG B 584 -39.86 38.51 -13.08
CA ARG B 584 -40.67 39.71 -13.00
C ARG B 584 -39.88 40.81 -12.33
N PRO B 585 -39.61 41.93 -12.99
CA PRO B 585 -38.89 43.01 -12.32
C PRO B 585 -39.79 43.70 -11.31
N ASP B 586 -39.23 43.95 -10.13
CA ASP B 586 -40.02 44.49 -9.04
C ASP B 586 -40.19 46.00 -9.18
N LYS B 587 -41.29 46.50 -8.63
CA LYS B 587 -41.69 47.88 -8.84
C LYS B 587 -42.18 48.47 -7.52
N ALA B 588 -42.13 49.79 -7.43
CA ALA B 588 -42.60 50.49 -6.26
C ALA B 588 -44.08 50.82 -6.40
N GLU B 589 -44.81 50.71 -5.30
CA GLU B 589 -46.22 51.09 -5.31
C GLU B 589 -46.35 52.55 -4.88
N THR B 590 -47.49 53.14 -5.19
CA THR B 590 -47.57 54.59 -5.25
C THR B 590 -48.42 55.24 -4.16
N GLU B 591 -49.44 54.58 -3.65
CA GLU B 591 -50.30 55.24 -2.69
C GLU B 591 -49.92 54.85 -1.27
N PRO B 592 -50.17 55.72 -0.29
CA PRO B 592 -49.83 55.37 1.10
C PRO B 592 -50.70 54.25 1.63
N GLN B 593 -50.04 53.24 2.18
CA GLN B 593 -50.69 52.11 2.84
C GLN B 593 -50.55 52.25 4.34
N VAL B 594 -51.44 51.59 5.06
CA VAL B 594 -51.41 51.58 6.51
C VAL B 594 -50.92 50.22 6.97
N GLY B 595 -49.86 50.22 7.78
CA GLY B 595 -49.25 49.00 8.24
C GLY B 595 -48.24 48.40 7.31
N THR B 596 -47.60 49.20 6.47
CA THR B 596 -46.72 48.68 5.43
C THR B 596 -45.55 49.62 5.28
N ALA B 597 -44.35 49.08 5.07
CA ALA B 597 -43.22 49.94 4.82
C ALA B 597 -42.27 49.31 3.82
N GLN B 598 -41.59 50.18 3.08
CA GLN B 598 -40.72 49.80 1.98
C GLN B 598 -39.28 49.84 2.45
N GLY B 599 -38.62 48.68 2.51
CA GLY B 599 -37.24 48.59 2.90
C GLY B 599 -36.39 48.01 1.79
N LEU B 600 -35.11 47.83 2.08
CA LEU B 600 -34.13 47.42 1.11
C LEU B 600 -33.40 46.19 1.63
N ALA B 601 -32.96 45.33 0.72
CA ALA B 601 -32.27 44.12 1.11
C ALA B 601 -31.11 43.86 0.19
N TRP B 602 -30.03 43.35 0.77
CA TRP B 602 -28.87 42.88 0.03
C TRP B 602 -28.98 41.37 -0.09
N THR B 603 -28.70 40.85 -1.27
CA THR B 603 -28.84 39.44 -1.58
C THR B 603 -27.64 39.07 -2.43
N PRO B 604 -27.29 37.78 -2.52
CA PRO B 604 -26.12 37.40 -3.34
C PRO B 604 -26.24 37.72 -4.83
N VAL B 605 -27.43 37.94 -5.35
CA VAL B 605 -27.55 38.31 -6.76
C VAL B 605 -27.76 39.81 -6.90
N GLY B 606 -27.55 40.56 -5.81
CA GLY B 606 -27.61 41.99 -5.97
C GLY B 606 -28.39 42.65 -4.86
N GLY B 607 -29.25 43.59 -5.24
CA GLY B 607 -30.06 44.25 -4.25
C GLY B 607 -31.52 44.10 -4.63
N THR B 608 -32.41 44.22 -3.66
CA THR B 608 -33.83 44.06 -3.97
C THR B 608 -34.64 44.84 -2.96
N LEU B 609 -35.93 44.94 -3.22
CA LEU B 609 -36.85 45.61 -2.32
C LEU B 609 -37.46 44.60 -1.36
N LEU B 610 -37.54 44.98 -0.09
CA LEU B 610 -38.36 44.29 0.89
C LEU B 610 -39.60 45.11 1.18
N THR B 611 -40.68 44.41 1.47
CA THR B 611 -41.88 45.05 1.97
C THR B 611 -42.23 44.37 3.27
N ILE B 612 -42.28 45.14 4.35
CA ILE B 612 -42.70 44.62 5.63
C ILE B 612 -44.14 45.02 5.84
N GLU B 613 -45.00 44.06 6.15
CA GLU B 613 -46.38 44.39 6.43
C GLU B 613 -46.78 43.82 7.78
N VAL B 614 -47.59 44.58 8.50
CA VAL B 614 -47.90 44.32 9.90
C VAL B 614 -49.40 44.43 10.09
N ALA B 615 -49.99 43.42 10.70
CA ALA B 615 -51.39 43.47 11.09
C ALA B 615 -51.50 43.57 12.59
N ALA B 616 -52.45 44.36 13.06
CA ALA B 616 -52.69 44.58 14.48
C ALA B 616 -54.16 44.26 14.76
N VAL B 617 -54.40 43.10 15.34
CA VAL B 617 -55.77 42.59 15.52
C VAL B 617 -56.04 42.55 17.00
N PRO B 618 -57.32 42.60 17.42
CA PRO B 618 -57.59 42.49 18.85
C PRO B 618 -57.29 41.11 19.37
N GLY B 619 -56.68 41.06 20.55
CA GLY B 619 -56.17 39.83 21.09
C GLY B 619 -55.68 39.97 22.51
N SER B 620 -54.65 39.22 22.87
CA SER B 620 -54.20 39.15 24.25
C SER B 620 -52.75 39.58 24.42
N GLY B 621 -52.08 39.95 23.35
CA GLY B 621 -50.73 40.46 23.43
C GLY B 621 -49.75 39.38 23.07
N LYS B 622 -49.37 39.34 21.80
CA LYS B 622 -48.49 38.31 21.27
C LYS B 622 -47.67 38.95 20.17
N LEU B 623 -46.79 38.16 19.58
CA LEU B 623 -45.96 38.65 18.48
C LEU B 623 -45.57 37.43 17.68
N SER B 624 -46.26 37.22 16.57
CA SER B 624 -45.89 36.16 15.64
C SER B 624 -45.16 36.78 14.48
N LEU B 625 -44.14 36.07 14.00
CA LEU B 625 -43.20 36.62 13.04
C LEU B 625 -43.00 35.57 11.95
N THR B 626 -43.60 35.78 10.78
CA THR B 626 -43.55 34.79 9.73
C THR B 626 -42.84 35.35 8.51
N GLY B 627 -42.57 34.48 7.55
CA GLY B 627 -41.87 34.83 6.35
C GLY B 627 -40.46 34.29 6.24
N GLN B 628 -40.15 33.23 6.98
CA GLN B 628 -38.82 32.60 7.04
C GLN B 628 -37.76 33.61 7.48
N LEU B 629 -37.97 34.17 8.66
CA LEU B 629 -37.09 35.20 9.19
C LEU B 629 -36.00 34.57 10.04
N GLY B 630 -34.79 35.10 9.91
CA GLY B 630 -33.71 34.68 10.77
C GLY B 630 -33.89 35.22 12.18
N GLU B 631 -33.02 34.77 13.07
CA GLU B 631 -33.19 35.12 14.48
C GLU B 631 -32.72 36.53 14.80
N VAL B 632 -31.73 37.04 14.06
CA VAL B 632 -31.31 38.42 14.26
C VAL B 632 -32.40 39.39 13.84
N MET B 633 -33.15 39.04 12.81
CA MET B 633 -34.23 39.89 12.35
C MET B 633 -35.42 39.85 13.32
N LYS B 634 -35.65 38.69 13.94
CA LYS B 634 -36.66 38.61 14.99
C LYS B 634 -36.27 39.45 16.20
N GLU B 635 -34.99 39.46 16.55
CA GLU B 635 -34.55 40.29 17.65
C GLU B 635 -34.65 41.77 17.32
N SER B 636 -34.45 42.16 16.06
CA SER B 636 -34.65 43.55 15.69
C SER B 636 -36.10 43.96 15.76
N ALA B 637 -37.03 43.05 15.40
CA ALA B 637 -38.45 43.34 15.58
C ALA B 637 -38.82 43.50 17.05
N GLN B 638 -38.28 42.65 17.91
CA GLN B 638 -38.56 42.74 19.33
C GLN B 638 -38.00 44.04 19.93
N ALA B 639 -36.85 44.49 19.44
CA ALA B 639 -36.28 45.74 19.93
C ALA B 639 -37.10 46.95 19.49
N ALA B 640 -37.59 46.93 18.24
CA ALA B 640 -38.43 48.02 17.77
C ALA B 640 -39.74 48.10 18.55
N LEU B 641 -40.33 46.94 18.85
CA LEU B 641 -41.56 46.95 19.64
C LEU B 641 -41.31 47.40 21.06
N THR B 642 -40.15 47.08 21.64
CA THR B 642 -39.88 47.56 23.00
C THR B 642 -39.61 49.05 23.02
N TYR B 643 -39.05 49.61 21.95
CA TYR B 643 -38.96 51.06 21.86
C TYR B 643 -40.35 51.69 21.81
N LEU B 644 -41.26 51.10 21.04
CA LEU B 644 -42.57 51.72 20.92
C LEU B 644 -43.41 51.57 22.17
N ARG B 645 -43.19 50.53 22.97
CA ARG B 645 -43.95 50.38 24.21
C ARG B 645 -43.57 51.39 25.27
N ALA B 646 -42.45 52.09 25.13
CA ALA B 646 -41.96 53.01 26.13
C ALA B 646 -42.22 54.46 25.80
N HIS B 647 -42.75 54.75 24.62
CA HIS B 647 -43.01 56.10 24.16
C HIS B 647 -44.41 56.16 23.59
N THR B 648 -45.37 55.57 24.29
CA THR B 648 -46.69 55.30 23.74
C THR B 648 -47.56 56.52 23.62
N GLN B 649 -47.12 57.69 24.06
CA GLN B 649 -47.89 58.90 23.88
C GLN B 649 -47.17 59.93 23.03
N ASP B 650 -45.93 59.66 22.63
CA ASP B 650 -45.27 60.55 21.69
C ASP B 650 -45.86 60.43 20.30
N TYR B 651 -46.35 59.24 19.95
CA TYR B 651 -46.78 58.97 18.58
C TYR B 651 -48.27 58.69 18.48
N GLY B 652 -49.01 58.81 19.57
CA GLY B 652 -50.43 58.60 19.51
C GLY B 652 -50.86 57.17 19.48
N LEU B 653 -50.08 56.28 20.07
CA LEU B 653 -50.44 54.87 20.11
C LEU B 653 -51.49 54.65 21.19
N PRO B 654 -52.24 53.55 21.12
CA PRO B 654 -53.15 53.23 22.22
C PRO B 654 -52.38 52.90 23.47
N GLU B 655 -52.93 53.30 24.61
CA GLU B 655 -52.19 53.31 25.87
C GLU B 655 -51.91 51.92 26.42
N ASP B 656 -52.60 50.90 25.94
CA ASP B 656 -52.44 49.56 26.48
C ASP B 656 -52.41 48.51 25.37
N PHE B 657 -51.66 48.77 24.31
CA PHE B 657 -51.62 47.79 23.25
C PHE B 657 -50.77 46.57 23.61
N TYR B 658 -50.01 46.63 24.71
CA TYR B 658 -49.18 45.50 25.08
C TYR B 658 -49.99 44.33 25.60
N ASN B 659 -51.26 44.56 25.90
CA ASN B 659 -52.07 43.64 26.66
C ASN B 659 -53.37 43.33 25.96
N LYS B 660 -53.72 44.06 24.90
CA LYS B 660 -55.00 43.86 24.24
C LYS B 660 -54.87 43.61 22.74
N VAL B 661 -53.67 43.63 22.18
CA VAL B 661 -53.48 43.62 20.74
C VAL B 661 -52.50 42.53 20.38
N ASP B 662 -52.86 41.68 19.44
CA ASP B 662 -51.93 40.73 18.86
C ASP B 662 -51.36 41.34 17.58
N LEU B 663 -50.05 41.21 17.41
CA LEU B 663 -49.37 41.71 16.24
C LEU B 663 -48.90 40.56 15.39
N HIS B 664 -48.91 40.76 14.08
CA HIS B 664 -48.38 39.76 13.15
C HIS B 664 -47.53 40.51 12.15
N VAL B 665 -46.27 40.11 12.01
CA VAL B 665 -45.32 40.77 11.14
C VAL B 665 -44.93 39.80 10.05
N HIS B 666 -45.24 40.14 8.81
CA HIS B 666 -45.06 39.24 7.68
C HIS B 666 -44.19 39.93 6.64
N VAL B 667 -43.19 39.21 6.14
CA VAL B 667 -42.31 39.70 5.10
C VAL B 667 -42.44 38.79 3.89
N PRO B 668 -43.19 39.20 2.87
CA PRO B 668 -43.27 38.40 1.65
C PRO B 668 -41.95 38.42 0.90
N ASP B 669 -41.62 37.30 0.24
CA ASP B 669 -42.47 36.11 0.11
C ASP B 669 -42.09 35.02 1.08
N GLY B 670 -42.96 34.02 1.21
CA GLY B 670 -42.79 33.03 2.25
C GLY B 670 -41.77 31.95 1.96
N ALA B 671 -41.22 31.92 0.76
CA ALA B 671 -40.31 30.85 0.38
C ALA B 671 -38.84 31.23 0.51
N THR B 672 -38.53 32.51 0.73
CA THR B 672 -37.15 32.97 0.72
C THR B 672 -36.68 33.29 2.14
N PRO B 673 -35.58 32.71 2.59
CA PRO B 673 -35.08 33.01 3.94
C PRO B 673 -34.41 34.38 4.02
N LYS B 674 -34.61 35.04 5.16
CA LYS B 674 -34.24 36.44 5.35
C LYS B 674 -33.62 36.62 6.73
N ASP B 675 -32.48 37.31 6.79
CA ASP B 675 -31.81 37.55 8.07
C ASP B 675 -30.89 38.75 7.95
N GLY B 676 -30.61 39.37 9.09
CA GLY B 676 -29.78 40.54 9.16
C GLY B 676 -30.44 41.62 10.02
N PRO B 677 -29.66 42.52 10.59
CA PRO B 677 -30.22 43.54 11.48
C PRO B 677 -30.63 44.84 10.81
N SER B 678 -30.59 44.93 9.49
CA SER B 678 -30.68 46.21 8.80
C SER B 678 -32.10 46.59 8.45
N ALA B 679 -33.10 45.93 9.00
CA ALA B 679 -34.48 46.29 8.74
C ALA B 679 -35.14 46.77 10.01
N GLY B 680 -34.39 47.42 10.88
CA GLY B 680 -34.91 47.81 12.17
C GLY B 680 -35.86 48.98 12.10
N ILE B 681 -35.53 50.00 11.33
CA ILE B 681 -36.41 51.16 11.27
C ILE B 681 -37.58 50.94 10.32
N THR B 682 -37.46 49.99 9.40
CA THR B 682 -38.59 49.62 8.57
C THR B 682 -39.67 48.96 9.40
N MET B 683 -39.27 48.08 10.29
CA MET B 683 -40.21 47.43 11.19
C MET B 683 -40.79 48.40 12.19
N ALA B 684 -40.00 49.37 12.66
CA ALA B 684 -40.53 50.36 13.58
C ALA B 684 -41.57 51.23 12.90
N THR B 685 -41.34 51.58 11.64
CA THR B 685 -42.31 52.36 10.88
C THR B 685 -43.58 51.57 10.63
N ALA B 686 -43.44 50.29 10.27
CA ALA B 686 -44.62 49.48 9.98
C ALA B 686 -45.45 49.20 11.22
N ILE B 687 -44.80 48.93 12.36
CA ILE B 687 -45.54 48.68 13.59
C ILE B 687 -46.20 49.95 14.09
N ALA B 688 -45.50 51.09 14.01
CA ALA B 688 -46.12 52.35 14.42
C ALA B 688 -47.22 52.79 13.50
N SER B 689 -47.18 52.39 12.23
CA SER B 689 -48.29 52.71 11.35
C SER B 689 -49.46 51.78 11.56
N ALA B 690 -49.22 50.55 12.01
CA ALA B 690 -50.33 49.66 12.22
C ALA B 690 -51.03 49.93 13.53
N LEU B 691 -50.31 50.41 14.55
CA LEU B 691 -50.97 50.65 15.83
C LEU B 691 -51.77 51.92 15.83
N SER B 692 -51.17 53.04 15.47
CA SER B 692 -51.91 54.27 15.23
C SER B 692 -52.21 54.33 13.75
N ARG B 693 -53.49 54.48 13.40
CA ARG B 693 -53.94 54.18 12.05
C ARG B 693 -53.55 55.28 11.05
N ARG B 694 -52.25 55.50 10.91
CA ARG B 694 -51.75 56.52 10.03
C ARG B 694 -50.98 55.89 8.89
N PRO B 695 -51.28 56.25 7.65
CA PRO B 695 -50.64 55.59 6.52
C PRO B 695 -49.19 56.00 6.35
N ALA B 696 -48.36 55.04 5.96
CA ALA B 696 -46.96 55.29 5.71
C ALA B 696 -46.75 55.56 4.23
N ARG B 697 -45.85 56.48 3.93
CA ARG B 697 -45.55 56.81 2.54
C ARG B 697 -44.73 55.70 1.91
N MET B 698 -45.15 55.26 0.73
CA MET B 698 -44.44 54.22 0.02
C MET B 698 -43.51 54.79 -1.04
N ASP B 699 -43.38 56.11 -1.09
CA ASP B 699 -42.39 56.74 -1.96
C ASP B 699 -40.97 56.49 -1.51
N ILE B 700 -40.76 56.20 -0.24
CA ILE B 700 -39.48 56.36 0.42
C ILE B 700 -39.00 55.00 0.86
N ALA B 701 -37.76 54.67 0.54
CA ALA B 701 -37.14 53.44 0.99
C ALA B 701 -36.23 53.73 2.17
N MET B 702 -36.24 52.85 3.15
CA MET B 702 -35.54 53.04 4.40
C MET B 702 -34.61 51.88 4.65
N THR B 703 -33.59 52.13 5.46
CA THR B 703 -32.72 51.08 5.97
C THR B 703 -31.98 51.59 7.20
N GLY B 704 -31.61 50.68 8.07
CA GLY B 704 -30.87 51.04 9.27
C GLY B 704 -31.24 50.23 10.49
N GLU B 705 -30.25 49.98 11.34
CA GLU B 705 -30.43 49.19 12.55
C GLU B 705 -30.90 50.08 13.69
N VAL B 706 -31.92 49.64 14.39
CA VAL B 706 -32.45 50.41 15.51
C VAL B 706 -31.93 49.81 16.80
N SER B 707 -31.83 50.62 17.84
CA SER B 707 -31.44 50.14 19.15
C SER B 707 -32.60 50.38 20.12
N LEU B 708 -32.35 50.12 21.39
CA LEU B 708 -33.42 50.11 22.35
C LEU B 708 -33.70 51.50 22.91
N ARG B 709 -32.78 52.44 22.74
CA ARG B 709 -32.99 53.84 23.09
C ARG B 709 -33.49 54.65 21.92
N GLY B 710 -33.63 54.05 20.75
CA GLY B 710 -34.03 54.79 19.57
C GLY B 710 -32.91 55.28 18.70
N LYS B 711 -31.67 54.87 18.95
CA LYS B 711 -30.58 55.26 18.07
C LYS B 711 -30.62 54.46 16.79
N VAL B 712 -29.96 54.98 15.75
CA VAL B 712 -29.91 54.34 14.45
C VAL B 712 -28.46 54.05 14.12
N MET B 713 -28.08 52.80 14.18
CA MET B 713 -26.70 52.43 13.94
C MET B 713 -26.46 52.18 12.45
N PRO B 714 -25.23 52.33 11.97
CA PRO B 714 -24.96 52.14 10.55
C PRO B 714 -25.00 50.68 10.12
N ILE B 715 -25.02 50.49 8.81
CA ILE B 715 -25.25 49.19 8.17
C ILE B 715 -24.19 48.93 7.11
N GLY B 716 -24.35 47.83 6.39
CA GLY B 716 -23.48 47.51 5.29
C GLY B 716 -24.27 47.19 4.04
N GLY B 717 -23.59 47.28 2.91
CA GLY B 717 -24.18 46.97 1.63
C GLY B 717 -24.96 48.09 1.01
N VAL B 718 -24.46 49.32 1.08
CA VAL B 718 -25.30 50.47 0.82
C VAL B 718 -25.48 50.74 -0.67
N LYS B 719 -24.47 50.50 -1.50
CA LYS B 719 -24.61 50.92 -2.90
C LYS B 719 -25.47 49.94 -3.69
N GLU B 720 -25.48 48.68 -3.29
CA GLU B 720 -26.39 47.72 -3.91
C GLU B 720 -27.84 48.08 -3.62
N LYS B 721 -28.11 48.48 -2.38
CA LYS B 721 -29.45 48.86 -1.98
C LYS B 721 -29.89 50.14 -2.68
N LEU B 722 -28.97 51.10 -2.86
CA LEU B 722 -29.38 52.32 -3.52
C LEU B 722 -29.54 52.15 -5.03
N LEU B 723 -28.74 51.29 -5.64
CA LEU B 723 -28.96 51.00 -7.06
C LEU B 723 -30.26 50.26 -7.28
N ALA B 724 -30.59 49.32 -6.39
CA ALA B 724 -31.86 48.62 -6.50
C ALA B 724 -33.03 49.54 -6.24
N ALA B 725 -32.87 50.55 -5.39
CA ALA B 725 -33.93 51.51 -5.19
C ALA B 725 -34.07 52.45 -6.37
N HIS B 726 -32.98 52.67 -7.10
CA HIS B 726 -33.06 53.55 -8.26
C HIS B 726 -33.59 52.84 -9.50
N GLN B 727 -33.38 51.52 -9.61
CA GLN B 727 -33.96 50.77 -10.72
C GLN B 727 -35.48 50.75 -10.64
N ALA B 728 -36.02 50.67 -9.42
CA ALA B 728 -37.46 50.57 -9.25
C ALA B 728 -38.16 51.90 -9.27
N GLY B 729 -37.44 53.00 -9.42
CA GLY B 729 -38.09 54.29 -9.54
C GLY B 729 -38.43 54.94 -8.22
N ILE B 730 -37.55 54.85 -7.24
CA ILE B 730 -37.71 55.48 -5.94
C ILE B 730 -36.65 56.56 -5.83
N HIS B 731 -37.07 57.78 -5.51
CA HIS B 731 -36.17 58.92 -5.52
C HIS B 731 -36.03 59.56 -4.15
N LYS B 732 -36.36 58.85 -3.09
CA LYS B 732 -36.21 59.37 -1.73
C LYS B 732 -35.67 58.25 -0.86
N ILE B 733 -34.64 58.54 -0.08
CA ILE B 733 -33.96 57.54 0.74
C ILE B 733 -33.84 58.07 2.16
N VAL B 734 -34.04 57.21 3.15
CA VAL B 734 -33.71 57.48 4.55
C VAL B 734 -32.53 56.60 4.92
N LEU B 735 -31.48 57.19 5.50
CA LEU B 735 -30.22 56.49 5.68
C LEU B 735 -29.58 56.98 6.98
N PRO B 736 -28.81 56.14 7.66
CA PRO B 736 -28.12 56.58 8.88
C PRO B 736 -27.08 57.64 8.61
N LYS B 737 -26.79 58.42 9.65
CA LYS B 737 -25.81 59.50 9.54
C LYS B 737 -24.41 58.96 9.31
N ASP B 738 -24.08 57.84 9.94
CA ASP B 738 -22.75 57.27 9.87
C ASP B 738 -22.47 56.55 8.57
N ASN B 739 -23.43 56.48 7.65
CA ASN B 739 -23.18 55.93 6.34
C ASN B 739 -23.03 56.99 5.27
N GLU B 740 -22.70 58.22 5.62
CA GLU B 740 -22.50 59.18 4.55
C GLU B 740 -21.11 59.12 3.96
N ALA B 741 -20.19 58.42 4.60
CA ALA B 741 -18.89 58.18 4.00
C ALA B 741 -19.00 57.22 2.83
N GLN B 742 -19.92 56.27 2.91
CA GLN B 742 -20.10 55.28 1.86
C GLN B 742 -20.89 55.78 0.68
N LEU B 743 -21.31 57.04 0.65
CA LEU B 743 -22.05 57.55 -0.50
C LEU B 743 -21.15 57.88 -1.69
N GLU B 744 -19.83 57.77 -1.54
CA GLU B 744 -18.93 58.08 -2.63
C GLU B 744 -18.72 56.91 -3.58
N GLU B 745 -19.26 55.74 -3.24
CA GLU B 745 -19.12 54.57 -4.10
C GLU B 745 -20.11 54.56 -5.25
N LEU B 746 -21.08 55.44 -5.24
CA LEU B 746 -22.11 55.44 -6.25
C LEU B 746 -21.64 56.17 -7.51
N PRO B 747 -22.13 55.76 -8.68
CA PRO B 747 -21.94 56.58 -9.86
C PRO B 747 -22.69 57.89 -9.76
N LYS B 748 -22.19 58.88 -10.48
CA LYS B 748 -22.56 60.28 -10.22
C LYS B 748 -24.01 60.58 -10.57
N GLU B 749 -24.54 59.92 -11.60
CA GLU B 749 -25.88 60.26 -12.07
C GLU B 749 -26.97 59.73 -11.13
N VAL B 750 -26.76 58.54 -10.56
CA VAL B 750 -27.76 58.05 -9.63
C VAL B 750 -27.64 58.73 -8.29
N LEU B 751 -26.47 59.28 -7.96
CA LEU B 751 -26.35 60.05 -6.74
C LEU B 751 -26.98 61.42 -6.92
N GLU B 752 -26.97 61.93 -8.14
CA GLU B 752 -27.67 63.18 -8.43
C GLU B 752 -29.17 62.99 -8.50
N GLY B 753 -29.63 61.79 -8.86
CA GLY B 753 -31.06 61.55 -8.94
C GLY B 753 -31.76 61.42 -7.61
N LEU B 754 -31.09 60.87 -6.60
CA LEU B 754 -31.71 60.57 -5.32
C LEU B 754 -31.78 61.79 -4.41
N GLU B 755 -32.58 61.68 -3.37
CA GLU B 755 -32.66 62.68 -2.30
C GLU B 755 -32.43 61.96 -0.98
N ILE B 756 -31.24 62.05 -0.44
CA ILE B 756 -30.87 61.32 0.76
C ILE B 756 -31.26 62.14 1.98
N LYS B 757 -31.83 61.48 2.98
CA LYS B 757 -32.07 62.10 4.27
C LYS B 757 -31.30 61.33 5.32
N LEU B 758 -30.44 62.02 6.06
CA LEU B 758 -29.54 61.38 7.01
C LEU B 758 -30.08 61.56 8.42
N VAL B 759 -30.45 60.45 9.05
CA VAL B 759 -31.10 60.49 10.35
C VAL B 759 -30.18 59.86 11.38
N GLU B 760 -30.49 60.12 12.66
CA GLU B 760 -29.76 59.49 13.73
C GLU B 760 -30.63 59.10 14.92
N ASP B 761 -31.94 59.33 14.85
CA ASP B 761 -32.87 58.77 15.83
C ASP B 761 -34.21 58.57 15.15
N VAL B 762 -34.98 57.62 15.68
CA VAL B 762 -36.13 57.10 14.94
C VAL B 762 -37.35 58.00 15.04
N GLY B 763 -37.33 59.00 15.93
CA GLY B 763 -38.39 59.99 15.93
C GLY B 763 -38.45 60.81 14.67
N GLU B 764 -37.29 61.06 14.06
CA GLU B 764 -37.22 61.79 12.79
C GLU B 764 -37.83 60.99 11.65
N VAL B 765 -37.48 59.71 11.57
CA VAL B 765 -38.03 58.82 10.55
C VAL B 765 -39.53 58.69 10.72
N LEU B 766 -40.01 58.63 11.95
CA LEU B 766 -41.44 58.52 12.17
C LEU B 766 -42.20 59.79 11.84
N GLU B 767 -41.62 60.96 12.11
CA GLU B 767 -42.34 62.15 11.70
C GLU B 767 -42.20 62.44 10.21
N TYR B 768 -41.26 61.80 9.54
CA TYR B 768 -41.09 62.01 8.11
C TYR B 768 -41.88 61.02 7.26
N LEU B 769 -42.10 59.81 7.77
CA LEU B 769 -42.76 58.78 6.96
C LEU B 769 -44.28 58.76 7.09
N LEU B 770 -44.83 59.13 8.24
CA LEU B 770 -46.25 58.94 8.48
C LEU B 770 -47.04 60.19 8.06
N LEU B 771 -48.21 59.96 7.50
CA LEU B 771 -49.13 61.05 7.23
C LEU B 771 -49.77 61.52 8.53
N PRO B 772 -50.05 62.81 8.68
CA PRO B 772 -50.43 63.33 10.00
C PRO B 772 -51.83 62.99 10.46
N GLU B 773 -52.65 62.34 9.64
CA GLU B 773 -54.03 62.13 10.07
C GLU B 773 -54.43 60.66 10.00
N PRO B 774 -55.21 60.19 10.97
CA PRO B 774 -55.73 58.81 10.90
C PRO B 774 -56.79 58.68 9.82
N THR B 775 -56.74 57.56 9.08
CA THR B 775 -57.70 57.27 8.04
C THR B 775 -58.35 55.90 8.25
N MET B 776 -58.46 55.47 9.50
CA MET B 776 -59.00 54.16 9.86
C MET B 776 -59.36 54.17 11.34
N PRO B 777 -60.46 53.54 11.75
CA PRO B 777 -60.77 53.48 13.19
C PRO B 777 -59.81 52.54 13.91
N PRO B 778 -59.20 53.01 14.99
CA PRO B 778 -58.22 52.18 15.69
C PRO B 778 -58.89 51.06 16.48
N VAL B 779 -58.25 49.89 16.47
CA VAL B 779 -58.71 48.78 17.28
C VAL B 779 -58.53 49.11 18.77
N VAL B 780 -59.60 48.88 19.54
CA VAL B 780 -59.55 49.12 20.97
C VAL B 780 -58.74 48.03 21.65
N ARG C 2 80.88 -44.50 23.11
CA ARG C 2 81.43 -45.78 23.52
C ARG C 2 82.57 -45.56 24.51
N LEU C 3 83.73 -45.16 23.99
CA LEU C 3 84.87 -44.78 24.83
C LEU C 3 84.94 -43.26 25.00
N GLU C 4 83.91 -42.71 25.64
CA GLU C 4 83.74 -41.26 25.89
C GLU C 4 83.81 -40.48 24.58
N LEU C 5 83.03 -40.94 23.60
CA LEU C 5 83.13 -40.41 22.26
C LEU C 5 82.50 -39.02 22.15
N PRO C 6 83.17 -38.07 21.49
CA PRO C 6 82.51 -36.83 21.11
C PRO C 6 81.45 -37.09 20.04
N VAL C 7 80.24 -36.59 20.30
CA VAL C 7 79.05 -37.05 19.58
C VAL C 7 78.84 -36.17 18.35
N ILE C 8 78.65 -36.81 17.19
CA ILE C 8 78.14 -36.15 16.00
C ILE C 8 76.70 -36.58 15.80
N PRO C 9 75.73 -35.67 15.84
CA PRO C 9 74.32 -36.08 15.76
C PRO C 9 73.89 -36.39 14.33
N LEU C 10 72.59 -36.65 14.19
CA LEU C 10 71.96 -36.97 12.91
C LEU C 10 71.25 -35.74 12.37
N ARG C 11 71.22 -35.60 11.05
CA ARG C 11 70.75 -34.37 10.42
C ARG C 11 69.43 -34.56 9.69
N ASN C 12 69.36 -35.54 8.78
CA ASN C 12 68.23 -35.70 7.87
C ASN C 12 67.62 -37.10 7.88
N THR C 13 68.41 -38.13 8.16
CA THR C 13 67.97 -39.53 8.16
C THR C 13 68.91 -40.27 9.10
N VAL C 14 68.44 -41.38 9.67
CA VAL C 14 69.32 -42.26 10.43
C VAL C 14 70.31 -42.86 9.44
N ILE C 15 71.53 -43.09 9.91
CA ILE C 15 72.54 -43.75 9.08
C ILE C 15 72.43 -45.24 9.32
N LEU C 16 72.17 -45.97 8.28
CA LEU C 16 71.98 -47.42 8.34
C LEU C 16 73.27 -48.11 7.90
N PRO C 17 73.46 -49.39 8.25
CA PRO C 17 74.69 -50.08 7.83
C PRO C 17 74.74 -50.29 6.32
N HIS C 18 75.99 -50.31 5.82
CA HIS C 18 76.33 -50.50 4.40
C HIS C 18 75.71 -49.40 3.51
N THR C 19 75.63 -48.19 4.05
CA THR C 19 75.02 -47.07 3.33
C THR C 19 76.04 -45.98 3.10
N THR C 20 76.15 -45.53 1.85
CA THR C 20 77.02 -44.43 1.47
C THR C 20 76.25 -43.14 1.71
N THR C 21 76.46 -42.54 2.88
CA THR C 21 75.71 -41.38 3.31
C THR C 21 76.65 -40.21 3.62
N PRO C 22 76.42 -39.06 3.00
CA PRO C 22 77.26 -37.89 3.31
C PRO C 22 76.89 -37.23 4.62
N VAL C 23 77.71 -37.41 5.65
CA VAL C 23 77.52 -36.74 6.91
C VAL C 23 78.40 -35.50 6.92
N ASP C 24 77.75 -34.33 6.99
CA ASP C 24 78.43 -33.04 6.94
C ASP C 24 78.01 -32.20 8.14
N VAL C 25 78.97 -31.57 8.80
CA VAL C 25 78.73 -30.72 9.96
C VAL C 25 79.31 -29.35 9.62
N GLY C 26 78.45 -28.35 9.50
CA GLY C 26 78.87 -27.05 9.03
C GLY C 26 79.19 -26.03 10.11
N ARG C 27 78.88 -26.34 11.36
CA ARG C 27 79.17 -25.42 12.45
C ARG C 27 80.63 -25.54 12.87
N ALA C 28 81.28 -24.39 13.07
CA ALA C 28 82.72 -24.34 13.25
C ALA C 28 83.19 -24.85 14.60
N LYS C 29 82.39 -24.70 15.66
CA LYS C 29 82.81 -25.25 16.95
C LYS C 29 82.52 -26.75 17.01
N SER C 30 81.41 -27.18 16.42
CA SER C 30 81.13 -28.61 16.29
C SER C 30 81.96 -29.28 15.22
N LYS C 31 82.72 -28.51 14.43
CA LYS C 31 83.77 -29.07 13.59
C LYS C 31 84.86 -29.70 14.43
N ARG C 32 85.17 -29.09 15.58
CA ARG C 32 86.15 -29.65 16.50
C ARG C 32 85.65 -30.97 17.10
N ALA C 33 84.33 -31.10 17.29
CA ALA C 33 83.77 -32.38 17.70
C ALA C 33 83.93 -33.44 16.63
N VAL C 34 83.86 -33.05 15.35
CA VAL C 34 84.08 -33.98 14.26
C VAL C 34 85.55 -34.39 14.20
N GLU C 35 86.46 -33.43 14.37
CA GLU C 35 87.89 -33.70 14.32
C GLU C 35 88.32 -34.57 15.50
N GLU C 36 87.73 -34.38 16.67
CA GLU C 36 88.03 -35.23 17.82
C GLU C 36 87.28 -36.57 17.78
N ALA C 37 86.17 -36.66 17.05
CA ALA C 37 85.59 -37.97 16.79
C ALA C 37 86.45 -38.77 15.84
N MET C 38 87.10 -38.08 14.90
CA MET C 38 88.13 -38.71 14.08
C MET C 38 89.34 -39.10 14.91
N GLY C 39 89.78 -38.24 15.82
CA GLY C 39 90.87 -38.55 16.72
C GLY C 39 90.57 -39.63 17.73
N ALA C 40 89.30 -39.92 18.00
CA ALA C 40 88.89 -41.04 18.83
C ALA C 40 88.71 -42.32 18.01
N ASP C 41 89.75 -42.68 17.24
CA ASP C 41 89.83 -43.91 16.44
C ASP C 41 88.74 -43.96 15.37
N ARG C 42 88.27 -42.77 14.95
CA ARG C 42 87.23 -42.56 13.94
C ARG C 42 85.95 -43.34 14.23
N LEU C 43 85.55 -43.43 15.49
CA LEU C 43 84.33 -44.10 15.90
C LEU C 43 83.30 -43.03 16.23
N ILE C 44 82.33 -42.84 15.35
CA ILE C 44 81.40 -41.71 15.40
C ILE C 44 80.09 -42.20 16.01
N PHE C 45 79.60 -41.46 17.01
CA PHE C 45 78.38 -41.86 17.73
C PHE C 45 77.22 -40.98 17.25
N LEU C 46 76.45 -41.53 16.33
CA LEU C 46 75.29 -40.85 15.74
C LEU C 46 74.10 -40.93 16.68
N VAL C 47 73.56 -39.78 17.07
CA VAL C 47 72.49 -39.70 18.06
C VAL C 47 71.31 -38.99 17.41
N ALA C 48 70.10 -39.26 17.89
CA ALA C 48 68.90 -38.62 17.36
C ALA C 48 68.59 -37.34 18.12
N GLN C 49 68.62 -36.22 17.40
CA GLN C 49 68.28 -34.94 17.97
C GLN C 49 66.98 -34.42 17.38
N ARG C 50 66.66 -33.17 17.70
CA ARG C 50 65.30 -32.65 17.58
C ARG C 50 65.06 -32.09 16.17
N ASP C 51 63.78 -32.03 15.78
CA ASP C 51 63.32 -31.47 14.51
C ASP C 51 63.64 -29.96 14.46
N PRO C 52 63.41 -29.28 13.27
CA PRO C 52 64.53 -28.65 12.55
C PRO C 52 65.67 -28.14 13.41
N GLU C 53 66.86 -28.60 13.09
CA GLU C 53 67.95 -28.71 14.05
C GLU C 53 68.56 -27.35 14.40
N VAL C 54 68.63 -27.08 15.70
CA VAL C 54 69.43 -26.00 16.22
C VAL C 54 70.91 -26.34 15.98
N ASP C 55 71.70 -25.32 15.63
CA ASP C 55 73.14 -25.50 15.49
C ASP C 55 73.80 -25.95 16.79
N ASP C 56 73.28 -25.52 17.93
CA ASP C 56 73.79 -25.88 19.25
C ASP C 56 73.54 -27.37 19.51
N PRO C 57 74.56 -28.14 19.88
CA PRO C 57 74.32 -29.52 20.35
C PRO C 57 73.70 -29.49 21.74
N ALA C 58 72.41 -29.87 21.81
CA ALA C 58 71.59 -29.85 23.03
C ALA C 58 71.55 -31.24 23.66
N PRO C 59 71.69 -31.33 24.99
CA PRO C 59 71.74 -32.66 25.63
C PRO C 59 70.39 -33.22 26.02
N ASP C 60 69.39 -32.39 26.32
CA ASP C 60 68.18 -32.84 26.98
C ASP C 60 67.01 -33.12 26.04
N ASP C 61 67.22 -33.04 24.73
CA ASP C 61 66.17 -33.31 23.76
C ASP C 61 66.48 -34.52 22.90
N LEU C 62 67.41 -35.36 23.35
CA LEU C 62 67.97 -36.44 22.55
C LEU C 62 67.23 -37.76 22.78
N TYR C 63 67.70 -38.80 22.09
CA TYR C 63 67.23 -40.16 22.29
C TYR C 63 68.46 -41.06 22.42
N THR C 64 68.48 -41.88 23.48
CA THR C 64 69.69 -42.60 23.86
C THR C 64 70.01 -43.78 22.94
N TRP C 65 69.13 -44.11 21.99
CA TRP C 65 69.37 -45.23 21.08
C TRP C 65 70.23 -44.73 19.92
N GLY C 66 71.53 -44.59 20.20
CA GLY C 66 72.46 -44.05 19.23
C GLY C 66 73.23 -45.14 18.50
N VAL C 67 73.44 -44.92 17.21
CA VAL C 67 74.11 -45.90 16.36
C VAL C 67 75.55 -45.47 16.13
N GLN C 68 76.48 -46.41 16.24
CA GLN C 68 77.88 -46.13 15.95
C GLN C 68 78.13 -46.21 14.45
N ALA C 69 79.27 -45.64 14.04
CA ALA C 69 79.69 -45.69 12.66
C ALA C 69 81.21 -45.55 12.58
N VAL C 70 81.77 -46.01 11.47
CA VAL C 70 83.20 -45.92 11.21
C VAL C 70 83.39 -45.18 9.89
N VAL C 71 84.54 -44.54 9.73
CA VAL C 71 84.81 -43.70 8.57
C VAL C 71 85.30 -44.56 7.42
N LYS C 72 84.59 -44.50 6.29
CA LYS C 72 85.09 -45.12 5.07
C LYS C 72 86.07 -44.18 4.36
N GLN C 73 85.65 -42.95 4.11
CA GLN C 73 86.57 -41.92 3.63
C GLN C 73 86.12 -40.56 4.14
N ALA C 74 87.09 -39.70 4.45
CA ALA C 74 86.87 -38.39 5.02
C ALA C 74 87.79 -37.39 4.30
N MET C 75 87.27 -36.78 3.24
CA MET C 75 88.01 -35.76 2.52
C MET C 75 87.96 -34.43 3.27
N ARG C 76 89.01 -33.64 3.12
CA ARG C 76 89.15 -32.39 3.86
C ARG C 76 88.86 -31.19 2.96
N LEU C 77 87.96 -30.32 3.42
CA LEU C 77 87.68 -29.06 2.78
C LEU C 77 87.79 -27.93 3.80
N PRO C 78 88.52 -26.85 3.51
CA PRO C 78 88.74 -25.77 4.49
C PRO C 78 87.63 -24.72 4.46
N ASP C 79 86.40 -25.16 4.73
CA ASP C 79 85.27 -24.23 4.75
C ASP C 79 84.42 -24.41 6.00
N GLY C 80 84.88 -25.19 6.98
CA GLY C 80 84.14 -25.48 8.18
C GLY C 80 83.33 -26.76 8.12
N THR C 81 83.06 -27.27 6.92
CA THR C 81 82.21 -28.43 6.73
C THR C 81 83.04 -29.61 6.22
N LEU C 82 82.88 -30.76 6.86
CA LEU C 82 83.66 -31.96 6.54
C LEU C 82 82.70 -33.07 6.10
N GLN C 83 82.52 -33.21 4.80
CA GLN C 83 81.64 -34.25 4.25
C GLN C 83 82.35 -35.60 4.32
N VAL C 84 81.84 -36.49 5.16
CA VAL C 84 82.46 -37.80 5.40
C VAL C 84 81.47 -38.88 4.98
N MET C 85 81.99 -39.94 4.35
CA MET C 85 81.18 -41.12 4.05
C MET C 85 81.37 -42.11 5.20
N VAL C 86 80.38 -42.19 6.08
CA VAL C 86 80.45 -43.11 7.22
C VAL C 86 79.67 -44.37 6.87
N GLU C 87 79.88 -45.42 7.66
CA GLU C 87 79.18 -46.68 7.52
C GLU C 87 78.78 -47.13 8.93
N ALA C 88 77.48 -47.17 9.19
CA ALA C 88 76.98 -47.50 10.51
C ALA C 88 77.18 -48.98 10.82
N ARG C 89 77.25 -49.29 12.12
CA ARG C 89 77.51 -50.65 12.56
C ARG C 89 76.33 -51.24 13.33
N ALA C 90 75.94 -50.64 14.44
CA ALA C 90 74.94 -51.23 15.32
C ALA C 90 74.40 -50.17 16.27
N ARG C 91 73.22 -50.46 16.83
CA ARG C 91 72.62 -49.57 17.81
C ARG C 91 73.28 -49.77 19.17
N ALA C 92 73.02 -48.81 20.06
CA ALA C 92 73.45 -48.90 21.46
C ALA C 92 72.61 -47.93 22.28
N GLN C 93 72.08 -48.40 23.40
CA GLN C 93 71.45 -47.49 24.35
C GLN C 93 72.51 -46.87 25.24
N VAL C 94 72.50 -45.53 25.34
CA VAL C 94 73.45 -44.80 26.16
C VAL C 94 73.18 -45.13 27.62
N THR C 95 74.18 -45.72 28.29
CA THR C 95 74.06 -45.98 29.73
C THR C 95 74.02 -44.68 30.52
N ASP C 96 74.97 -43.78 30.24
CA ASP C 96 74.95 -42.43 30.78
C ASP C 96 75.76 -41.52 29.85
N TYR C 97 75.41 -40.24 29.83
CA TYR C 97 76.08 -39.26 29.00
C TYR C 97 76.17 -37.95 29.76
N ILE C 98 77.07 -37.07 29.32
CA ILE C 98 77.29 -35.78 29.95
C ILE C 98 76.76 -34.71 29.00
N PRO C 99 76.23 -33.59 29.51
CA PRO C 99 75.83 -32.51 28.60
C PRO C 99 77.02 -31.85 27.90
N GLY C 100 76.71 -31.18 26.79
CA GLY C 100 77.69 -30.41 26.07
C GLY C 100 77.39 -28.92 26.16
N PRO C 101 77.62 -28.18 25.06
CA PRO C 101 78.23 -28.58 23.78
C PRO C 101 79.76 -28.57 23.85
N TYR C 102 80.46 -29.48 23.17
CA TYR C 102 79.88 -30.53 22.32
C TYR C 102 79.48 -31.77 23.12
N LEU C 103 78.65 -32.62 22.52
CA LEU C 103 78.04 -33.72 23.24
C LEU C 103 78.99 -34.90 23.36
N ARG C 104 78.90 -35.60 24.49
CA ARG C 104 79.66 -36.81 24.76
C ARG C 104 78.69 -37.88 25.26
N ALA C 105 78.93 -39.13 24.86
CA ALA C 105 78.09 -40.25 25.28
C ALA C 105 78.90 -41.53 25.23
N ARG C 106 78.43 -42.53 25.98
CA ARG C 106 79.05 -43.85 26.01
C ARG C 106 78.00 -44.93 25.76
N GLY C 107 78.47 -46.05 25.21
CA GLY C 107 77.58 -47.14 24.81
C GLY C 107 78.11 -48.48 25.29
N GLU C 108 77.80 -49.51 24.51
CA GLU C 108 78.10 -50.89 24.88
C GLU C 108 78.57 -51.63 23.62
N VAL C 109 78.59 -52.97 23.70
CA VAL C 109 79.12 -53.85 22.67
C VAL C 109 78.32 -53.76 21.38
N PHE C 110 78.89 -54.25 20.28
CA PHE C 110 78.22 -54.23 18.99
C PHE C 110 77.09 -55.26 18.95
N SER C 111 75.96 -54.86 18.39
CA SER C 111 74.80 -55.73 18.33
C SER C 111 74.94 -56.72 17.17
N GLU C 112 74.86 -58.01 17.49
CA GLU C 112 74.76 -59.04 16.46
C GLU C 112 73.57 -59.94 16.75
N ILE C 113 72.41 -59.33 16.97
CA ILE C 113 71.18 -60.08 17.23
C ILE C 113 70.75 -60.81 15.96
N PHE C 114 70.26 -62.04 16.12
CA PHE C 114 69.73 -62.82 15.01
C PHE C 114 68.22 -62.94 15.17
N PRO C 115 67.44 -62.52 14.19
CA PRO C 115 65.99 -62.71 14.26
C PRO C 115 65.60 -64.18 14.15
N ILE C 116 64.84 -64.68 15.12
CA ILE C 116 64.46 -66.08 15.16
C ILE C 116 63.35 -66.35 14.17
N ASP C 117 63.00 -67.64 14.01
CA ASP C 117 61.99 -68.15 13.08
C ASP C 117 62.41 -67.85 11.63
N GLU C 118 63.56 -68.45 11.28
CA GLU C 118 64.28 -68.13 10.05
C GLU C 118 63.50 -68.51 8.78
N ALA C 119 62.64 -69.52 8.84
CA ALA C 119 61.78 -69.84 7.71
C ALA C 119 60.77 -68.73 7.43
N VAL C 120 60.13 -68.22 8.48
CA VAL C 120 59.17 -67.13 8.33
C VAL C 120 59.88 -65.84 7.93
N VAL C 121 61.10 -65.63 8.46
CA VAL C 121 61.88 -64.45 8.08
C VAL C 121 62.26 -64.50 6.60
N ARG C 122 62.71 -65.66 6.12
CA ARG C 122 63.14 -65.80 4.73
C ARG C 122 61.96 -65.67 3.76
N VAL C 123 60.84 -66.33 4.07
CA VAL C 123 59.65 -66.22 3.21
C VAL C 123 59.07 -64.82 3.29
N LEU C 124 59.24 -64.15 4.43
CA LEU C 124 58.83 -62.76 4.55
C LEU C 124 59.69 -61.84 3.70
N VAL C 125 61.00 -62.13 3.60
CA VAL C 125 61.86 -61.31 2.75
C VAL C 125 61.57 -61.59 1.28
N GLU C 126 61.10 -62.81 0.97
CA GLU C 126 60.58 -63.05 -0.39
C GLU C 126 59.29 -62.28 -0.66
N GLU C 127 58.42 -62.17 0.35
CA GLU C 127 57.22 -61.34 0.22
C GLU C 127 57.57 -59.87 0.05
N LEU C 128 58.57 -59.40 0.77
CA LEU C 128 59.00 -58.01 0.59
C LEU C 128 59.82 -57.85 -0.67
N LYS C 129 60.32 -58.93 -1.27
CA LYS C 129 60.91 -58.86 -2.60
C LYS C 129 59.84 -58.71 -3.67
N GLU C 130 58.69 -59.38 -3.48
CA GLU C 130 57.53 -59.08 -4.32
C GLU C 130 57.08 -57.63 -4.11
N ALA C 131 57.14 -57.15 -2.87
CA ALA C 131 56.86 -55.75 -2.58
C ALA C 131 57.88 -54.82 -3.23
N PHE C 132 59.16 -55.20 -3.25
CA PHE C 132 60.20 -54.48 -3.98
C PHE C 132 59.84 -54.30 -5.43
N GLU C 133 59.47 -55.39 -6.09
CA GLU C 133 59.16 -55.33 -7.52
C GLU C 133 57.92 -54.49 -7.77
N LYS C 134 56.94 -54.51 -6.86
CA LYS C 134 55.77 -53.69 -7.11
C LYS C 134 56.03 -52.20 -6.83
N TYR C 135 56.80 -51.82 -5.79
CA TYR C 135 56.98 -50.39 -5.58
C TYR C 135 58.09 -49.83 -6.47
N VAL C 136 58.89 -50.69 -7.08
CA VAL C 136 59.78 -50.19 -8.12
C VAL C 136 59.04 -50.17 -9.45
N ALA C 137 57.92 -50.89 -9.56
CA ALA C 137 57.13 -50.85 -10.77
C ALA C 137 56.23 -49.63 -10.85
N ASN C 138 55.51 -49.29 -9.77
CA ASN C 138 54.48 -48.26 -9.91
C ASN C 138 54.75 -46.97 -9.12
N HIS C 139 55.95 -46.77 -8.58
CA HIS C 139 56.24 -45.58 -7.79
C HIS C 139 57.47 -44.85 -8.33
N LYS C 140 57.44 -44.56 -9.64
CA LYS C 140 58.37 -43.58 -10.20
C LYS C 140 57.87 -42.15 -9.98
N SER C 141 56.71 -42.00 -9.32
CA SER C 141 56.25 -40.67 -8.92
C SER C 141 57.17 -40.03 -7.88
N LEU C 142 57.85 -40.84 -7.07
CA LEU C 142 58.90 -40.34 -6.20
C LEU C 142 60.23 -40.21 -6.91
N ARG C 143 60.27 -40.46 -8.23
CA ARG C 143 61.46 -40.45 -9.10
C ARG C 143 62.63 -41.24 -8.49
N LEU C 144 62.39 -42.53 -8.28
CA LEU C 144 63.37 -43.39 -7.67
C LEU C 144 64.55 -43.60 -8.61
N ASP C 145 65.76 -43.35 -8.10
CA ASP C 145 66.96 -43.22 -8.92
C ASP C 145 67.37 -44.58 -9.46
N ARG C 146 67.98 -44.58 -10.64
CA ARG C 146 68.36 -45.84 -11.27
C ARG C 146 69.84 -46.17 -11.06
N TYR C 147 70.44 -45.68 -9.99
CA TYR C 147 71.64 -46.29 -9.44
C TYR C 147 71.35 -47.61 -8.76
N GLN C 148 70.09 -47.85 -8.37
CA GLN C 148 69.63 -49.13 -7.87
C GLN C 148 68.88 -49.94 -8.93
N LEU C 149 69.25 -49.79 -10.20
CA LEU C 149 68.58 -50.56 -11.25
C LEU C 149 69.03 -52.02 -11.25
N GLU C 150 70.32 -52.25 -11.50
CA GLU C 150 70.88 -53.60 -11.57
C GLU C 150 71.65 -53.98 -10.33
N ALA C 151 71.84 -53.05 -9.39
CA ALA C 151 72.60 -53.30 -8.18
C ALA C 151 71.81 -54.04 -7.11
N VAL C 152 70.49 -54.12 -7.23
CA VAL C 152 69.65 -54.76 -6.22
C VAL C 152 68.99 -56.03 -6.73
N LYS C 153 68.86 -56.20 -8.04
CA LYS C 153 68.12 -57.34 -8.57
C LYS C 153 69.00 -58.58 -8.60
N GLY C 154 68.58 -59.61 -7.86
CA GLY C 154 69.35 -60.82 -7.70
C GLY C 154 70.29 -60.77 -6.51
N THR C 155 69.80 -60.30 -5.38
CA THR C 155 70.60 -60.11 -4.18
C THR C 155 70.10 -61.01 -3.06
N SER C 156 71.00 -61.81 -2.50
CA SER C 156 70.67 -62.71 -1.40
C SER C 156 70.76 -62.05 -0.03
N ASP C 157 71.46 -60.92 0.06
CA ASP C 157 71.65 -60.21 1.34
C ASP C 157 70.33 -59.60 1.79
N PRO C 158 69.80 -59.97 2.96
CA PRO C 158 68.52 -59.40 3.40
C PRO C 158 68.63 -58.09 4.16
N ALA C 159 69.77 -57.81 4.81
CA ALA C 159 69.81 -56.72 5.77
C ALA C 159 69.99 -55.36 5.09
N MET C 160 70.91 -55.26 4.13
CA MET C 160 71.05 -54.04 3.33
C MET C 160 69.80 -53.78 2.52
N LEU C 161 69.19 -54.86 2.00
CA LEU C 161 67.92 -54.82 1.30
C LEU C 161 66.79 -54.25 2.18
N ALA C 162 66.69 -54.73 3.42
CA ALA C 162 65.61 -54.34 4.33
C ALA C 162 65.79 -52.93 4.86
N ASP C 163 67.01 -52.55 5.26
CA ASP C 163 67.14 -51.17 5.72
C ASP C 163 67.20 -50.19 4.54
N THR C 164 67.44 -50.67 3.31
CA THR C 164 67.21 -49.84 2.13
C THR C 164 65.74 -49.50 2.01
N ILE C 165 64.86 -50.50 2.22
CA ILE C 165 63.42 -50.21 2.31
C ILE C 165 63.14 -49.21 3.41
N ALA C 166 63.85 -49.34 4.54
CA ALA C 166 63.67 -48.43 5.67
C ALA C 166 64.02 -46.98 5.32
N TYR C 167 65.13 -46.73 4.63
CA TYR C 167 65.32 -45.33 4.22
C TYR C 167 64.64 -45.01 2.91
N HIS C 168 63.89 -45.93 2.32
CA HIS C 168 62.96 -45.52 1.27
C HIS C 168 61.62 -45.05 1.84
N ALA C 169 61.32 -45.41 3.08
CA ALA C 169 60.05 -45.01 3.68
C ALA C 169 60.11 -43.53 4.02
N THR C 170 59.57 -42.69 3.15
CA THR C 170 59.77 -41.25 3.27
C THR C 170 58.97 -40.65 4.42
N TRP C 171 59.52 -40.75 5.63
CA TRP C 171 58.95 -40.10 6.80
C TRP C 171 60.08 -39.62 7.68
N THR C 172 59.74 -39.23 8.90
CA THR C 172 60.63 -38.46 9.75
C THR C 172 61.75 -39.33 10.33
N VAL C 173 62.74 -38.66 10.91
CA VAL C 173 63.84 -39.35 11.60
C VAL C 173 63.31 -40.05 12.85
N ALA C 174 62.26 -39.49 13.45
CA ALA C 174 61.61 -40.12 14.60
C ALA C 174 61.01 -41.48 14.23
N GLU C 175 60.51 -41.61 12.99
CA GLU C 175 60.07 -42.92 12.51
C GLU C 175 61.22 -43.89 12.43
N LYS C 176 62.41 -43.40 12.07
CA LYS C 176 63.57 -44.26 11.95
C LYS C 176 64.09 -44.69 13.31
N GLN C 177 63.98 -43.79 14.31
CA GLN C 177 64.34 -44.20 15.66
C GLN C 177 63.30 -45.15 16.23
N GLU C 178 62.03 -45.01 15.83
CA GLU C 178 61.01 -46.00 16.17
C GLU C 178 61.29 -47.35 15.54
N ILE C 179 61.90 -47.35 14.34
CA ILE C 179 62.38 -48.60 13.76
C ILE C 179 63.49 -49.20 14.59
N LEU C 180 64.51 -48.40 14.92
CA LEU C 180 65.65 -48.94 15.66
C LEU C 180 65.35 -49.17 17.14
N GLU C 181 64.18 -48.76 17.63
CA GLU C 181 63.67 -49.27 18.91
C GLU C 181 63.38 -50.76 18.79
N LEU C 182 62.77 -51.16 17.68
CA LEU C 182 62.31 -52.52 17.51
C LEU C 182 63.48 -53.44 17.18
N THR C 183 63.59 -54.53 17.93
CA THR C 183 64.64 -55.50 17.65
C THR C 183 64.14 -56.67 16.80
N ASP C 184 62.83 -56.85 16.72
CA ASP C 184 62.26 -57.94 15.92
C ASP C 184 62.10 -57.51 14.47
N LEU C 185 62.75 -58.25 13.57
CA LEU C 185 62.76 -57.91 12.15
C LEU C 185 61.41 -58.15 11.50
N GLU C 186 60.64 -59.12 12.01
CA GLU C 186 59.37 -59.48 11.41
C GLU C 186 58.34 -58.37 11.55
N ALA C 187 58.30 -57.73 12.72
CA ALA C 187 57.35 -56.63 12.91
C ALA C 187 57.77 -55.39 12.12
N ARG C 188 59.09 -55.17 11.96
CA ARG C 188 59.60 -54.16 11.04
C ARG C 188 59.03 -54.34 9.65
N LEU C 189 59.27 -55.52 9.07
CA LEU C 189 58.89 -55.76 7.68
C LEU C 189 57.37 -55.83 7.52
N LYS C 190 56.64 -56.24 8.57
CA LYS C 190 55.18 -56.28 8.46
C LYS C 190 54.58 -54.87 8.51
N LYS C 191 55.03 -54.03 9.44
CA LYS C 191 54.52 -52.65 9.47
C LYS C 191 55.00 -51.84 8.28
N VAL C 192 56.16 -52.19 7.70
CA VAL C 192 56.56 -51.53 6.46
C VAL C 192 55.73 -52.03 5.27
N LEU C 193 55.29 -53.30 5.29
CA LEU C 193 54.28 -53.73 4.32
C LEU C 193 52.97 -52.98 4.51
N GLY C 194 52.63 -52.65 5.76
CA GLY C 194 51.47 -51.79 6.00
C GLY C 194 51.67 -50.40 5.44
N LEU C 195 52.90 -49.88 5.55
CA LEU C 195 53.24 -48.59 4.97
C LEU C 195 53.13 -48.62 3.45
N LEU C 196 53.57 -49.72 2.83
CA LEU C 196 53.50 -49.80 1.37
C LEU C 196 52.07 -50.05 0.91
N SER C 197 51.24 -50.71 1.73
CA SER C 197 49.83 -50.86 1.41
C SER C 197 49.11 -49.53 1.49
N ARG C 198 49.43 -48.72 2.50
CA ARG C 198 48.82 -47.40 2.52
C ARG C 198 49.43 -46.50 1.44
N ASP C 199 50.65 -46.76 1.01
CA ASP C 199 51.18 -46.10 -0.19
C ASP C 199 50.37 -46.48 -1.44
N LEU C 200 49.95 -47.75 -1.51
CA LEU C 200 49.11 -48.20 -2.62
C LEU C 200 47.75 -47.52 -2.62
N GLU C 201 47.16 -47.30 -1.44
CA GLU C 201 45.89 -46.58 -1.45
C GLU C 201 46.09 -45.10 -1.74
N ARG C 202 47.24 -44.51 -1.37
CA ARG C 202 47.55 -43.15 -1.80
C ARG C 202 47.58 -43.06 -3.33
N PHE C 203 48.23 -44.05 -3.95
CA PHE C 203 48.30 -44.22 -5.40
C PHE C 203 46.90 -44.32 -6.03
N GLU C 204 46.05 -45.17 -5.45
CA GLU C 204 44.72 -45.37 -6.01
C GLU C 204 43.79 -44.19 -5.72
N LEU C 205 43.97 -43.52 -4.59
CA LEU C 205 43.17 -42.33 -4.33
C LEU C 205 43.59 -41.19 -5.23
N ASP C 206 44.87 -41.14 -5.61
CA ASP C 206 45.32 -40.14 -6.55
C ASP C 206 44.75 -40.37 -7.94
N LYS C 207 44.72 -41.64 -8.38
CA LYS C 207 44.11 -41.92 -9.67
C LYS C 207 42.59 -41.70 -9.59
N ARG C 208 42.00 -41.90 -8.42
CA ARG C 208 40.57 -41.64 -8.21
C ARG C 208 40.23 -40.17 -8.37
N VAL C 209 40.96 -39.30 -7.67
CA VAL C 209 40.67 -37.89 -7.74
C VAL C 209 41.04 -37.35 -9.12
N ALA C 210 42.07 -37.91 -9.77
CA ALA C 210 42.45 -37.45 -11.10
C ALA C 210 41.39 -37.82 -12.14
N GLN C 211 40.87 -39.05 -12.06
CA GLN C 211 39.86 -39.45 -13.02
C GLN C 211 38.59 -38.64 -12.85
N ARG C 212 38.13 -38.47 -11.60
CA ARG C 212 36.87 -37.77 -11.43
C ARG C 212 37.01 -36.27 -11.65
N VAL C 213 38.22 -35.73 -11.51
CA VAL C 213 38.38 -34.31 -11.77
C VAL C 213 38.35 -34.04 -13.27
N LYS C 214 38.95 -34.92 -14.10
CA LYS C 214 38.94 -34.55 -15.52
C LYS C 214 37.61 -34.91 -16.17
N GLU C 215 36.89 -35.93 -15.64
CA GLU C 215 35.56 -36.15 -16.23
C GLU C 215 34.57 -35.08 -15.79
N GLN C 216 34.66 -34.61 -14.54
CA GLN C 216 33.83 -33.47 -14.14
C GLN C 216 34.16 -32.23 -14.97
N MET C 217 35.46 -32.01 -15.25
CA MET C 217 35.89 -30.85 -16.02
C MET C 217 35.32 -30.88 -17.45
N ASP C 218 35.50 -31.98 -18.17
CA ASP C 218 35.07 -31.93 -19.56
C ASP C 218 33.57 -32.12 -19.72
N THR C 219 32.90 -32.74 -18.74
CA THR C 219 31.44 -32.73 -18.79
C THR C 219 30.89 -31.34 -18.50
N ASN C 220 31.57 -30.57 -17.64
CA ASN C 220 31.20 -29.17 -17.46
C ASN C 220 31.39 -28.38 -18.73
N GLN C 221 32.46 -28.68 -19.48
CA GLN C 221 32.65 -28.07 -20.78
C GLN C 221 31.55 -28.45 -21.77
N ARG C 222 31.11 -29.71 -21.75
CA ARG C 222 30.11 -30.12 -22.74
C ARG C 222 28.73 -29.55 -22.41
N GLU C 223 28.41 -29.37 -21.13
CA GLU C 223 27.14 -28.74 -20.81
C GLU C 223 27.21 -27.22 -21.03
N TYR C 224 28.41 -26.64 -20.96
CA TYR C 224 28.59 -25.28 -21.48
C TYR C 224 28.25 -25.20 -22.96
N TYR C 225 28.76 -26.15 -23.75
CA TYR C 225 28.43 -26.26 -25.18
C TYR C 225 26.93 -26.46 -25.40
N LEU C 226 26.29 -27.23 -24.52
CA LEU C 226 24.85 -27.45 -24.54
C LEU C 226 24.09 -26.14 -24.41
N ARG C 227 24.47 -25.29 -23.47
CA ARG C 227 23.78 -24.02 -23.36
C ARG C 227 24.16 -23.07 -24.49
N GLU C 228 25.36 -23.21 -25.07
CA GLU C 228 25.72 -22.44 -26.25
C GLU C 228 24.79 -22.76 -27.43
N GLN C 229 24.55 -24.04 -27.68
CA GLN C 229 23.70 -24.40 -28.80
C GLN C 229 22.22 -24.15 -28.49
N MET C 230 21.85 -24.14 -27.20
CA MET C 230 20.46 -23.77 -26.92
C MET C 230 20.25 -22.28 -27.15
N LYS C 231 21.29 -21.46 -26.97
CA LYS C 231 21.13 -20.05 -27.31
C LYS C 231 21.11 -19.85 -28.83
N ALA C 232 21.89 -20.65 -29.56
CA ALA C 232 21.90 -20.53 -31.01
C ALA C 232 20.56 -20.97 -31.61
N ILE C 233 20.01 -22.09 -31.13
CA ILE C 233 18.72 -22.52 -31.64
C ILE C 233 17.61 -21.61 -31.11
N GLN C 234 17.83 -20.98 -29.95
CA GLN C 234 16.88 -20.02 -29.40
C GLN C 234 16.73 -18.81 -30.31
N LYS C 235 17.83 -18.28 -30.82
CA LYS C 235 17.69 -17.20 -31.78
C LYS C 235 17.24 -17.72 -33.15
N GLU C 236 17.52 -18.98 -33.46
CA GLU C 236 17.04 -19.51 -34.73
C GLU C 236 15.54 -19.77 -34.78
N LEU C 237 14.87 -19.93 -33.64
CA LEU C 237 13.42 -20.06 -33.73
C LEU C 237 12.66 -18.95 -32.99
N GLY C 238 13.07 -18.61 -31.76
CA GLY C 238 12.39 -17.64 -30.93
C GLY C 238 13.23 -16.42 -30.63
N GLY C 239 14.21 -16.16 -31.48
CA GLY C 239 14.84 -14.86 -31.65
C GLY C 239 14.39 -14.20 -32.92
N GLU C 240 13.15 -14.50 -33.29
CA GLU C 240 12.64 -14.20 -34.63
C GLU C 240 12.20 -12.74 -34.75
N ASP C 241 12.36 -11.95 -33.67
CA ASP C 241 11.54 -10.77 -33.38
C ASP C 241 11.76 -9.64 -34.38
N GLY C 242 11.33 -9.88 -35.61
CA GLY C 242 11.11 -8.83 -36.57
C GLY C 242 9.81 -8.15 -36.21
N LEU C 243 9.04 -8.78 -35.33
CA LEU C 243 8.08 -8.06 -34.51
C LEU C 243 8.56 -8.13 -33.07
N SER C 244 8.77 -6.95 -32.48
CA SER C 244 9.25 -6.75 -31.12
C SER C 244 8.16 -6.14 -30.23
N ASP C 245 8.56 -5.78 -29.01
CA ASP C 245 7.57 -5.25 -28.07
C ASP C 245 7.80 -3.77 -27.77
N LEU C 246 8.98 -3.41 -27.28
CA LEU C 246 9.20 -2.03 -26.86
C LEU C 246 9.36 -1.09 -28.04
N GLU C 247 9.95 -1.55 -29.13
CA GLU C 247 10.05 -0.68 -30.29
C GLU C 247 8.74 -0.63 -31.06
N ALA C 248 7.91 -1.66 -30.89
CA ALA C 248 6.53 -1.58 -31.33
C ALA C 248 5.78 -0.52 -30.54
N LEU C 249 6.08 -0.43 -29.24
CA LEU C 249 5.50 0.63 -28.42
C LEU C 249 6.01 2.00 -28.84
N ARG C 250 7.28 2.08 -29.25
CA ARG C 250 7.82 3.35 -29.74
C ARG C 250 7.14 3.78 -31.03
N LYS C 251 6.90 2.84 -31.95
CA LYS C 251 6.18 3.17 -33.17
C LYS C 251 4.74 3.56 -32.88
N LYS C 252 4.12 2.88 -31.91
CA LYS C 252 2.76 3.22 -31.49
C LYS C 252 2.70 4.61 -30.86
N ILE C 253 3.74 5.00 -30.11
CA ILE C 253 3.81 6.35 -29.58
C ILE C 253 3.96 7.36 -30.71
N GLU C 254 4.73 7.01 -31.73
CA GLU C 254 4.99 7.95 -32.82
C GLU C 254 3.77 8.15 -33.70
N GLU C 255 2.94 7.12 -33.91
CA GLU C 255 1.95 7.23 -34.98
C GLU C 255 0.61 7.80 -34.50
N VAL C 256 0.18 7.48 -33.27
CA VAL C 256 -1.05 8.12 -32.78
C VAL C 256 -0.73 9.52 -32.27
N GLY C 257 -1.72 10.40 -32.37
CA GLY C 257 -1.62 11.75 -31.79
C GLY C 257 -0.53 12.56 -32.44
N MET C 258 0.27 13.27 -31.64
CA MET C 258 -0.01 13.64 -30.25
C MET C 258 0.29 15.13 -30.20
N PRO C 259 -0.05 15.81 -29.11
CA PRO C 259 0.61 17.09 -28.82
C PRO C 259 2.09 16.84 -28.55
N GLU C 260 2.90 17.88 -28.81
CA GLU C 260 4.35 17.69 -28.84
C GLU C 260 4.94 17.51 -27.45
N ALA C 261 4.42 18.24 -26.46
CA ALA C 261 4.92 18.12 -25.10
C ALA C 261 4.61 16.73 -24.52
N VAL C 262 3.42 16.22 -24.80
CA VAL C 262 3.04 14.88 -24.39
C VAL C 262 3.91 13.84 -25.09
N LYS C 263 4.27 14.09 -26.35
CA LYS C 263 5.09 13.15 -27.08
C LYS C 263 6.52 13.10 -26.53
N THR C 264 7.09 14.26 -26.20
CA THR C 264 8.42 14.27 -25.59
C THR C 264 8.41 13.64 -24.21
N LYS C 265 7.33 13.87 -23.43
CA LYS C 265 7.21 13.25 -22.12
C LYS C 265 7.13 11.73 -22.23
N ALA C 266 6.37 11.24 -23.21
CA ALA C 266 6.25 9.80 -23.39
C ALA C 266 7.54 9.17 -23.89
N LEU C 267 8.29 9.88 -24.74
CA LEU C 267 9.56 9.31 -25.22
C LEU C 267 10.62 9.30 -24.13
N LYS C 268 10.64 10.32 -23.26
CA LYS C 268 11.54 10.29 -22.11
C LYS C 268 11.19 9.16 -21.16
N GLU C 269 9.89 8.95 -20.93
CA GLU C 269 9.45 7.83 -20.10
C GLU C 269 9.81 6.49 -20.72
N LEU C 270 9.76 6.39 -22.04
CA LEU C 270 10.14 5.16 -22.72
C LEU C 270 11.63 4.88 -22.61
N ASP C 271 12.47 5.91 -22.72
CA ASP C 271 13.91 5.72 -22.56
C ASP C 271 14.25 5.31 -21.13
N ARG C 272 13.57 5.94 -20.16
CA ARG C 272 13.72 5.54 -18.75
C ARG C 272 13.31 4.10 -18.54
N LEU C 273 12.25 3.64 -19.22
CA LEU C 273 11.82 2.25 -19.08
C LEU C 273 12.81 1.28 -19.72
N GLU C 274 13.35 1.61 -20.89
CA GLU C 274 14.24 0.65 -21.53
C GLU C 274 15.62 0.61 -20.87
N ARG C 275 16.00 1.65 -20.13
CA ARG C 275 17.29 1.57 -19.43
C ARG C 275 17.27 0.61 -18.26
N MET C 276 16.12 0.39 -17.63
CA MET C 276 16.11 -0.48 -16.47
C MET C 276 15.81 -1.91 -16.88
N GLN C 277 15.95 -2.81 -15.91
CA GLN C 277 15.69 -4.23 -16.14
C GLN C 277 14.24 -4.55 -15.83
N GLN C 278 13.73 -5.58 -16.47
CA GLN C 278 12.33 -5.95 -16.36
C GLN C 278 12.10 -6.80 -15.11
N GLY C 279 10.82 -6.97 -14.78
CA GLY C 279 10.43 -7.69 -13.58
C GLY C 279 10.41 -6.86 -12.32
N SER C 280 11.07 -5.70 -12.30
CA SER C 280 11.04 -4.81 -11.16
C SER C 280 9.65 -4.21 -11.02
N PRO C 281 9.21 -3.90 -9.79
CA PRO C 281 7.84 -3.40 -9.61
C PRO C 281 7.65 -1.97 -10.07
N GLU C 282 8.71 -1.24 -10.42
CA GLU C 282 8.56 0.10 -10.93
C GLU C 282 8.43 0.10 -12.45
N ALA C 283 9.01 -0.92 -13.10
CA ALA C 283 8.85 -1.09 -14.53
C ALA C 283 7.41 -1.43 -14.91
N THR C 284 6.68 -2.11 -14.02
CA THR C 284 5.28 -2.39 -14.28
C THR C 284 4.45 -1.10 -14.25
N VAL C 285 4.78 -0.20 -13.32
CA VAL C 285 4.11 1.10 -13.24
C VAL C 285 4.37 1.92 -14.50
N ALA C 286 5.63 1.93 -14.95
CA ALA C 286 5.96 2.68 -16.18
C ALA C 286 5.30 2.07 -17.41
N ARG C 287 5.21 0.74 -17.48
CA ARG C 287 4.56 0.07 -18.60
C ARG C 287 3.07 0.35 -18.63
N THR C 288 2.42 0.31 -17.47
CA THR C 288 0.99 0.60 -17.41
C THR C 288 0.70 2.05 -17.77
N TYR C 289 1.59 2.97 -17.36
CA TYR C 289 1.39 4.37 -17.69
C TYR C 289 1.55 4.63 -19.18
N LEU C 290 2.51 3.97 -19.83
CA LEU C 290 2.63 4.13 -21.28
C LEU C 290 1.48 3.47 -22.02
N ASP C 291 0.94 2.37 -21.47
CA ASP C 291 -0.26 1.75 -22.05
C ASP C 291 -1.44 2.69 -21.99
N TRP C 292 -1.62 3.39 -20.87
CA TRP C 292 -2.71 4.37 -20.79
C TRP C 292 -2.49 5.56 -21.69
N LEU C 293 -1.24 5.99 -21.89
CA LEU C 293 -1.04 7.12 -22.79
C LEU C 293 -1.24 6.75 -24.25
N THR C 294 -1.03 5.49 -24.63
CA THR C 294 -1.14 5.18 -26.05
C THR C 294 -2.56 4.90 -26.53
N GLU C 295 -3.48 4.49 -25.66
CA GLU C 295 -4.78 4.04 -26.15
C GLU C 295 -5.91 4.97 -25.72
N VAL C 296 -5.61 6.24 -25.54
CA VAL C 296 -6.61 7.30 -25.37
C VAL C 296 -6.60 8.10 -26.65
N PRO C 297 -7.74 8.46 -27.24
CA PRO C 297 -7.73 9.13 -28.54
C PRO C 297 -7.26 10.57 -28.46
N TRP C 298 -6.44 10.96 -29.43
CA TRP C 298 -5.89 12.30 -29.48
C TRP C 298 -6.32 13.10 -30.70
N SER C 299 -6.55 12.45 -31.85
CA SER C 299 -6.90 13.21 -33.04
C SER C 299 -7.99 12.60 -33.90
N LYS C 300 -8.53 11.42 -33.57
CA LYS C 300 -9.59 10.82 -34.37
C LYS C 300 -10.92 11.50 -34.07
N ALA C 301 -11.56 12.03 -35.10
CA ALA C 301 -12.83 12.70 -34.95
C ALA C 301 -13.90 11.99 -35.76
N ASP C 302 -15.14 12.10 -35.29
CA ASP C 302 -16.28 11.63 -36.05
C ASP C 302 -16.54 12.52 -37.26
N PRO C 303 -17.16 11.97 -38.32
CA PRO C 303 -17.56 12.83 -39.43
C PRO C 303 -18.62 13.85 -39.07
N GLU C 304 -18.85 14.78 -39.98
CA GLU C 304 -19.56 16.01 -39.62
C GLU C 304 -20.37 16.42 -40.86
N VAL C 305 -20.58 17.72 -41.06
CA VAL C 305 -21.86 18.38 -41.28
C VAL C 305 -22.89 17.53 -42.00
N LEU C 306 -24.05 17.40 -41.38
CA LEU C 306 -25.06 16.42 -41.74
C LEU C 306 -26.17 17.08 -42.53
N ASP C 307 -27.16 16.28 -42.88
CA ASP C 307 -28.35 16.73 -43.58
C ASP C 307 -29.42 16.98 -42.52
N ILE C 308 -29.89 18.22 -42.42
CA ILE C 308 -30.73 18.61 -41.31
C ILE C 308 -32.13 18.03 -41.44
N ASN C 309 -32.61 17.80 -42.66
CA ASN C 309 -33.91 17.20 -42.84
C ASN C 309 -33.88 15.72 -42.52
N HIS C 310 -32.76 15.09 -42.87
CA HIS C 310 -32.56 13.67 -42.55
C HIS C 310 -32.52 13.45 -41.05
N THR C 311 -31.80 14.29 -40.31
CA THR C 311 -31.76 14.10 -38.87
C THR C 311 -33.04 14.57 -38.21
N ARG C 312 -33.82 15.44 -38.84
CA ARG C 312 -35.15 15.74 -38.34
C ARG C 312 -36.05 14.52 -38.39
N GLN C 313 -36.06 13.85 -39.54
CA GLN C 313 -36.92 12.67 -39.62
C GLN C 313 -36.34 11.45 -38.90
N VAL C 314 -35.05 11.46 -38.56
CA VAL C 314 -34.54 10.41 -37.69
C VAL C 314 -34.94 10.66 -36.24
N LEU C 315 -34.91 11.92 -35.80
CA LEU C 315 -35.40 12.23 -34.45
C LEU C 315 -36.89 12.01 -34.32
N ASP C 316 -37.65 12.14 -35.41
CA ASP C 316 -39.09 11.94 -35.37
C ASP C 316 -39.49 10.49 -35.60
N GLU C 317 -38.66 9.52 -35.24
CA GLU C 317 -39.08 8.13 -35.36
C GLU C 317 -38.63 7.32 -34.16
N ASP C 318 -38.19 7.96 -33.10
CA ASP C 318 -37.86 7.29 -31.86
C ASP C 318 -38.50 7.96 -30.66
N HIS C 319 -39.02 9.18 -30.81
CA HIS C 319 -39.74 9.84 -29.75
C HIS C 319 -40.88 10.64 -30.35
N TYR C 320 -41.84 10.95 -29.51
CA TYR C 320 -43.04 11.70 -29.87
C TYR C 320 -43.01 13.03 -29.15
N GLY C 321 -43.32 14.10 -29.88
CA GLY C 321 -43.28 15.42 -29.27
C GLY C 321 -41.87 15.84 -28.94
N LEU C 322 -41.70 16.40 -27.74
CA LEU C 322 -40.42 16.87 -27.20
C LEU C 322 -39.75 17.88 -28.13
N LYS C 323 -40.42 19.02 -28.30
CA LYS C 323 -40.01 19.98 -29.32
C LYS C 323 -38.68 20.62 -29.01
N ASP C 324 -38.45 20.96 -27.74
CA ASP C 324 -37.35 21.86 -27.38
C ASP C 324 -35.99 21.23 -27.62
N VAL C 325 -35.83 19.95 -27.25
CA VAL C 325 -34.55 19.28 -27.42
C VAL C 325 -34.26 19.04 -28.89
N LYS C 326 -35.28 18.64 -29.65
CA LYS C 326 -35.13 18.49 -31.09
C LYS C 326 -34.78 19.81 -31.75
N GLU C 327 -35.40 20.91 -31.31
CA GLU C 327 -35.07 22.22 -31.84
C GLU C 327 -33.63 22.60 -31.56
N ARG C 328 -33.12 22.26 -30.37
CA ARG C 328 -31.74 22.65 -30.14
C ARG C 328 -30.76 21.79 -30.94
N ILE C 329 -31.06 20.51 -31.15
CA ILE C 329 -30.16 19.71 -31.99
C ILE C 329 -30.17 20.21 -33.43
N LEU C 330 -31.34 20.66 -33.92
CA LEU C 330 -31.39 21.22 -35.25
C LEU C 330 -30.68 22.56 -35.35
N GLU C 331 -30.75 23.37 -34.29
CA GLU C 331 -30.01 24.64 -34.28
C GLU C 331 -28.51 24.42 -34.23
N TYR C 332 -28.07 23.41 -33.48
CA TYR C 332 -26.65 23.07 -33.43
C TYR C 332 -26.16 22.64 -34.80
N LEU C 333 -26.95 21.85 -35.52
CA LEU C 333 -26.51 21.45 -36.85
C LEU C 333 -26.58 22.59 -37.84
N ALA C 334 -27.49 23.54 -37.64
CA ALA C 334 -27.52 24.74 -38.47
C ALA C 334 -26.25 25.57 -38.28
N VAL C 335 -25.83 25.75 -37.03
CA VAL C 335 -24.61 26.48 -36.74
C VAL C 335 -23.39 25.75 -37.30
N ARG C 336 -23.35 24.43 -37.15
CA ARG C 336 -22.21 23.67 -37.66
C ARG C 336 -22.18 23.65 -39.18
N GLN C 337 -23.31 23.76 -39.84
CA GLN C 337 -23.29 23.89 -41.28
C GLN C 337 -22.85 25.27 -41.71
N LEU C 338 -23.19 26.28 -40.93
CA LEU C 338 -22.97 27.63 -41.38
C LEU C 338 -21.52 28.07 -41.15
N THR C 339 -20.88 27.58 -40.09
CA THR C 339 -19.48 27.86 -39.82
C THR C 339 -18.62 26.69 -40.27
N GLN C 340 -18.63 26.42 -41.55
CA GLN C 340 -18.01 25.18 -42.05
C GLN C 340 -16.55 25.40 -42.40
N GLY C 341 -16.28 26.31 -43.34
CA GLY C 341 -14.91 26.60 -43.70
C GLY C 341 -14.38 27.85 -43.02
N LEU C 342 -14.41 27.89 -41.69
CA LEU C 342 -14.04 29.08 -40.95
C LEU C 342 -13.24 28.68 -39.72
N ASP C 343 -12.61 29.67 -39.11
CA ASP C 343 -11.85 29.51 -37.86
C ASP C 343 -12.61 30.22 -36.76
N VAL C 344 -13.49 29.51 -36.07
CA VAL C 344 -14.48 30.18 -35.23
C VAL C 344 -14.60 29.61 -33.83
N ARG C 345 -13.67 28.73 -33.42
CA ARG C 345 -13.68 28.08 -32.11
C ARG C 345 -14.95 27.26 -31.90
N ASN C 346 -15.02 26.11 -32.57
CA ASN C 346 -16.05 25.11 -32.29
C ASN C 346 -16.06 24.72 -30.83
N LYS C 347 -17.14 25.04 -30.12
CA LYS C 347 -17.37 24.52 -28.78
C LYS C 347 -18.62 23.67 -28.79
N ALA C 348 -18.78 22.88 -27.75
CA ALA C 348 -19.90 21.97 -27.72
C ALA C 348 -20.89 22.35 -26.63
N PRO C 349 -22.17 22.06 -26.81
CA PRO C 349 -23.15 22.39 -25.77
C PRO C 349 -22.97 21.56 -24.52
N ILE C 350 -23.30 22.18 -23.39
CA ILE C 350 -23.36 21.50 -22.11
C ILE C 350 -24.79 21.68 -21.62
N LEU C 351 -25.59 20.65 -21.80
CA LEU C 351 -27.02 20.72 -21.54
C LEU C 351 -27.32 20.08 -20.21
N VAL C 352 -28.49 20.40 -19.67
CA VAL C 352 -29.07 19.62 -18.58
C VAL C 352 -30.55 19.48 -18.88
N LEU C 353 -31.07 18.27 -18.72
CA LEU C 353 -32.46 17.95 -19.04
C LEU C 353 -33.19 17.73 -17.72
N VAL C 354 -34.08 18.64 -17.37
CA VAL C 354 -34.80 18.56 -16.12
C VAL C 354 -36.22 18.09 -16.42
N GLY C 355 -36.71 17.16 -15.62
CA GLY C 355 -38.05 16.67 -15.79
C GLY C 355 -38.42 15.61 -14.78
N PRO C 356 -39.70 15.25 -14.73
CA PRO C 356 -40.15 14.19 -13.83
C PRO C 356 -39.67 12.84 -14.32
N PRO C 357 -39.63 11.82 -13.47
CA PRO C 357 -39.12 10.53 -13.91
C PRO C 357 -40.09 9.82 -14.83
N GLY C 358 -39.53 8.96 -15.68
CA GLY C 358 -40.32 8.23 -16.63
C GLY C 358 -40.50 8.90 -17.96
N VAL C 359 -40.16 10.17 -18.07
CA VAL C 359 -40.12 10.83 -19.36
C VAL C 359 -38.80 10.47 -20.03
N GLY C 360 -38.76 10.55 -21.35
CA GLY C 360 -37.64 10.01 -22.08
C GLY C 360 -36.40 10.86 -22.01
N LYS C 361 -35.67 10.82 -20.89
CA LYS C 361 -34.43 11.60 -20.82
C LYS C 361 -33.22 10.79 -21.28
N THR C 362 -33.09 9.54 -20.80
CA THR C 362 -31.93 8.73 -21.16
C THR C 362 -32.01 8.23 -22.60
N SER C 363 -33.18 7.74 -23.00
CA SER C 363 -33.39 7.24 -24.35
C SER C 363 -33.27 8.35 -25.37
N LEU C 364 -33.54 9.59 -24.97
CA LEU C 364 -33.31 10.72 -25.86
C LEU C 364 -31.83 10.94 -26.08
N GLY C 365 -31.01 10.63 -25.07
CA GLY C 365 -29.56 10.70 -25.25
C GLY C 365 -29.06 9.70 -26.27
N ARG C 366 -29.55 8.45 -26.17
CA ARG C 366 -29.19 7.45 -27.18
C ARG C 366 -29.69 7.83 -28.58
N SER C 367 -30.88 8.41 -28.67
CA SER C 367 -31.40 8.73 -29.99
C SER C 367 -30.71 9.94 -30.60
N ILE C 368 -30.25 10.89 -29.78
CA ILE C 368 -29.44 11.99 -30.29
C ILE C 368 -28.12 11.47 -30.83
N ALA C 369 -27.52 10.50 -30.12
CA ALA C 369 -26.29 9.88 -30.60
C ALA C 369 -26.49 9.17 -31.93
N ARG C 370 -27.58 8.42 -32.08
CA ARG C 370 -27.82 7.75 -33.36
C ARG C 370 -28.12 8.74 -34.48
N SER C 371 -28.84 9.82 -34.16
CA SER C 371 -29.23 10.77 -35.18
C SER C 371 -28.05 11.57 -35.69
N MET C 372 -27.09 11.87 -34.83
CA MET C 372 -25.94 12.67 -35.25
C MET C 372 -24.78 11.84 -35.77
N ASN C 373 -24.96 10.51 -35.88
CA ASN C 373 -23.92 9.56 -36.30
C ASN C 373 -22.67 9.64 -35.43
N ARG C 374 -22.87 9.67 -34.13
CA ARG C 374 -21.76 9.73 -33.20
C ARG C 374 -21.80 8.53 -32.27
N LYS C 375 -20.97 8.56 -31.23
CA LYS C 375 -20.82 7.44 -30.32
C LYS C 375 -21.26 7.82 -28.93
N PHE C 376 -21.98 6.91 -28.28
CA PHE C 376 -22.64 7.16 -27.02
C PHE C 376 -21.95 6.38 -25.91
N HIS C 377 -21.90 7.00 -24.73
CA HIS C 377 -21.43 6.33 -23.53
C HIS C 377 -21.95 7.09 -22.32
N ARG C 378 -22.70 6.41 -21.46
CA ARG C 378 -23.30 7.06 -20.31
C ARG C 378 -22.51 6.72 -19.05
N ILE C 379 -22.22 7.73 -18.27
CA ILE C 379 -21.62 7.58 -16.95
C ILE C 379 -22.72 7.81 -15.93
N SER C 380 -22.82 6.94 -14.96
CA SER C 380 -23.89 7.02 -13.97
C SER C 380 -23.33 7.66 -12.70
N LEU C 381 -23.78 8.87 -12.41
CA LEU C 381 -23.47 9.53 -11.16
C LEU C 381 -24.49 9.09 -10.12
N GLY C 382 -24.52 9.74 -8.99
CA GLY C 382 -25.47 9.34 -7.96
C GLY C 382 -24.90 8.35 -6.99
N GLY C 383 -24.32 7.28 -7.50
CA GLY C 383 -23.55 6.41 -6.65
C GLY C 383 -22.17 6.92 -6.28
N VAL C 384 -21.71 8.00 -6.91
CA VAL C 384 -20.37 8.51 -6.65
C VAL C 384 -20.36 9.24 -5.31
N ARG C 385 -19.25 9.11 -4.58
CA ARG C 385 -19.15 9.71 -3.27
C ARG C 385 -17.84 10.40 -2.99
N ASP C 386 -16.85 10.35 -3.87
CA ASP C 386 -15.57 10.99 -3.60
C ASP C 386 -14.98 11.55 -4.88
N GLU C 387 -13.95 12.36 -4.70
CA GLU C 387 -13.32 13.08 -5.80
C GLU C 387 -12.55 12.17 -6.73
N ALA C 388 -12.07 11.04 -6.22
CA ALA C 388 -11.14 10.20 -6.94
C ALA C 388 -11.81 9.27 -7.93
N GLU C 389 -13.10 9.42 -8.15
CA GLU C 389 -13.78 8.71 -9.22
C GLU C 389 -13.99 9.58 -10.44
N ILE C 390 -13.68 10.86 -10.34
CA ILE C 390 -13.76 11.79 -11.46
C ILE C 390 -12.37 12.14 -11.96
N ARG C 391 -11.51 12.59 -11.07
CA ARG C 391 -10.08 12.52 -11.29
C ARG C 391 -9.61 11.13 -10.91
N GLY C 392 -8.33 10.86 -11.03
CA GLY C 392 -7.84 9.54 -10.68
C GLY C 392 -7.16 9.52 -9.33
N HIS C 393 -6.20 8.63 -9.19
CA HIS C 393 -5.19 8.73 -8.15
C HIS C 393 -3.83 8.89 -8.81
N ARG C 394 -2.91 9.49 -8.07
CA ARG C 394 -1.51 9.53 -8.44
C ARG C 394 -0.95 8.12 -8.59
N ARG C 395 -0.04 7.94 -9.55
CA ARG C 395 0.57 6.65 -9.87
C ARG C 395 1.32 5.99 -8.72
N THR C 396 1.66 6.74 -7.68
CA THR C 396 2.45 6.19 -6.59
C THR C 396 1.69 5.12 -5.82
N TYR C 397 0.39 5.30 -5.66
CA TYR C 397 -0.40 4.35 -4.89
C TYR C 397 -0.63 3.08 -5.69
N ILE C 398 -0.95 2.01 -4.98
CA ILE C 398 -1.20 0.71 -5.61
C ILE C 398 -2.68 0.59 -5.91
N GLY C 399 -3.00 0.02 -7.06
CA GLY C 399 -4.37 0.03 -7.53
C GLY C 399 -4.83 1.39 -7.97
N ALA C 400 -3.95 2.16 -8.60
CA ALA C 400 -4.26 3.51 -9.06
C ALA C 400 -4.63 3.47 -10.53
N MET C 401 -5.74 4.10 -10.87
CA MET C 401 -6.25 4.14 -12.23
C MET C 401 -7.03 5.44 -12.39
N PRO C 402 -7.15 5.95 -13.61
CA PRO C 402 -7.85 7.23 -13.81
C PRO C 402 -9.34 7.12 -13.57
N GLY C 403 -9.99 8.27 -13.47
CA GLY C 403 -11.39 8.34 -13.13
C GLY C 403 -12.29 7.90 -14.26
N LYS C 404 -13.60 7.99 -14.00
CA LYS C 404 -14.65 7.48 -14.91
C LYS C 404 -14.57 8.10 -16.29
N LEU C 405 -14.07 9.32 -16.38
CA LEU C 405 -14.19 10.09 -17.60
C LEU C 405 -13.14 9.70 -18.64
N ILE C 406 -11.93 9.37 -18.20
CA ILE C 406 -10.93 8.87 -19.13
C ILE C 406 -11.22 7.42 -19.52
N HIS C 407 -11.81 6.63 -18.62
CA HIS C 407 -12.37 5.33 -19.02
C HIS C 407 -13.43 5.49 -20.10
N ALA C 408 -14.29 6.51 -19.98
CA ALA C 408 -15.31 6.75 -20.98
C ALA C 408 -14.70 7.16 -22.31
N MET C 409 -13.71 8.04 -22.27
CA MET C 409 -13.05 8.44 -23.51
C MET C 409 -12.21 7.33 -24.11
N LYS C 410 -11.84 6.32 -23.32
CA LYS C 410 -11.14 5.16 -23.87
C LYS C 410 -12.10 4.18 -24.53
N GLN C 411 -13.31 4.01 -23.96
CA GLN C 411 -14.29 3.07 -24.51
C GLN C 411 -14.73 3.47 -25.91
N VAL C 412 -15.14 4.72 -26.08
CA VAL C 412 -15.30 5.24 -27.42
C VAL C 412 -13.92 5.50 -28.02
N GLY C 413 -13.85 5.56 -29.34
CA GLY C 413 -12.58 5.71 -29.99
C GLY C 413 -12.28 7.08 -30.53
N VAL C 414 -13.18 8.04 -30.35
CA VAL C 414 -13.10 9.31 -31.06
C VAL C 414 -12.92 10.46 -30.08
N ILE C 415 -12.74 11.66 -30.62
CA ILE C 415 -12.48 12.84 -29.80
C ILE C 415 -13.76 13.61 -29.50
N ASN C 416 -14.86 13.32 -30.17
CA ASN C 416 -16.13 14.03 -29.96
C ASN C 416 -17.31 13.06 -29.83
N PRO C 417 -17.44 12.37 -28.71
CA PRO C 417 -18.63 11.54 -28.53
C PRO C 417 -19.73 12.35 -27.88
N VAL C 418 -20.87 11.74 -27.62
CA VAL C 418 -21.81 12.32 -26.68
C VAL C 418 -21.71 11.49 -25.41
N ILE C 419 -21.88 12.14 -24.27
CA ILE C 419 -21.66 11.51 -22.98
C ILE C 419 -22.78 11.95 -22.05
N LEU C 420 -23.52 10.99 -21.53
CA LEU C 420 -24.65 11.24 -20.66
C LEU C 420 -24.23 11.10 -19.21
N LEU C 421 -24.38 12.16 -18.44
CA LEU C 421 -24.03 12.18 -17.03
C LEU C 421 -25.35 12.26 -16.26
N ASP C 422 -25.98 11.11 -16.04
CA ASP C 422 -27.32 11.15 -15.50
C ASP C 422 -27.31 11.14 -13.98
N GLU C 423 -28.39 11.64 -13.39
CA GLU C 423 -28.55 11.90 -11.96
C GLU C 423 -27.39 12.74 -11.40
N ILE C 424 -27.25 13.96 -11.92
CA ILE C 424 -26.25 14.86 -11.36
C ILE C 424 -26.75 15.52 -10.08
N ASP C 425 -28.05 15.47 -9.82
CA ASP C 425 -28.58 16.00 -8.59
C ASP C 425 -28.50 15.01 -7.44
N LYS C 426 -28.01 13.81 -7.70
CA LYS C 426 -27.91 12.77 -6.71
C LYS C 426 -26.49 12.58 -6.18
N MET C 427 -25.55 13.44 -6.56
CA MET C 427 -24.24 13.38 -5.93
C MET C 427 -24.32 13.90 -4.51
N SER C 428 -23.54 13.29 -3.64
CA SER C 428 -23.57 13.60 -2.22
C SER C 428 -22.34 14.39 -1.82
N SER C 429 -22.50 15.23 -0.80
CA SER C 429 -21.40 16.04 -0.26
C SER C 429 -21.38 15.88 1.25
N ASP C 430 -20.47 15.05 1.74
CA ASP C 430 -20.42 14.75 3.16
C ASP C 430 -18.98 14.47 3.55
N TRP C 431 -18.80 13.80 4.69
CA TRP C 431 -17.46 13.47 5.20
C TRP C 431 -16.72 12.49 4.32
N ARG C 432 -17.42 11.72 3.49
CA ARG C 432 -16.74 10.77 2.61
C ARG C 432 -16.00 11.49 1.50
N GLY C 433 -16.56 12.57 0.96
CA GLY C 433 -15.89 13.30 -0.09
C GLY C 433 -16.79 14.39 -0.63
N ASP C 434 -16.34 14.99 -1.73
CA ASP C 434 -17.07 16.08 -2.37
C ASP C 434 -16.75 16.10 -3.85
N PRO C 435 -17.48 15.31 -4.65
CA PRO C 435 -17.13 15.19 -6.07
C PRO C 435 -17.59 16.35 -6.94
N ALA C 436 -18.47 17.22 -6.46
CA ALA C 436 -18.94 18.34 -7.28
C ALA C 436 -17.84 19.35 -7.53
N SER C 437 -16.96 19.55 -6.56
CA SER C 437 -15.85 20.47 -6.73
C SER C 437 -14.87 20.00 -7.77
N ALA C 438 -14.69 18.69 -7.89
CA ALA C 438 -13.88 18.14 -8.98
C ALA C 438 -14.63 18.12 -10.28
N MET C 439 -15.96 18.10 -10.23
CA MET C 439 -16.76 18.17 -11.45
C MET C 439 -16.74 19.57 -12.04
N LEU C 440 -16.45 20.59 -11.23
CA LEU C 440 -16.42 21.98 -11.70
C LEU C 440 -15.42 22.24 -12.83
N GLU C 441 -14.32 21.52 -12.92
CA GLU C 441 -13.38 21.76 -14.00
C GLU C 441 -13.64 20.89 -15.22
N VAL C 442 -14.56 19.95 -15.15
CA VAL C 442 -14.96 19.23 -16.35
C VAL C 442 -15.98 20.04 -17.13
N LEU C 443 -17.02 20.49 -16.46
CA LEU C 443 -18.12 21.18 -17.11
C LEU C 443 -17.90 22.69 -17.11
N ASP C 444 -16.73 23.13 -17.50
CA ASP C 444 -16.45 24.53 -17.61
C ASP C 444 -16.48 24.88 -19.08
N PRO C 445 -17.26 25.87 -19.53
CA PRO C 445 -17.29 26.15 -20.96
C PRO C 445 -16.00 26.71 -21.50
N GLU C 446 -15.21 27.37 -20.67
CA GLU C 446 -14.07 28.12 -21.16
C GLU C 446 -12.75 27.40 -21.00
N GLN C 447 -12.51 26.74 -19.87
CA GLN C 447 -11.18 26.18 -19.74
C GLN C 447 -11.11 24.84 -20.45
N ASN C 448 -11.52 23.75 -19.80
CA ASN C 448 -12.02 22.52 -20.40
C ASN C 448 -11.11 21.77 -21.39
N ASN C 449 -10.04 22.41 -21.87
CA ASN C 449 -9.13 21.82 -22.82
C ASN C 449 -7.76 21.63 -22.21
N THR C 450 -7.66 21.88 -20.92
CA THR C 450 -6.50 21.61 -20.09
C THR C 450 -6.93 20.80 -18.88
N PHE C 451 -7.90 19.91 -19.08
CA PHE C 451 -8.30 19.00 -18.03
C PHE C 451 -7.20 18.00 -17.74
N THR C 452 -6.88 17.82 -16.46
CA THR C 452 -5.79 16.96 -16.03
C THR C 452 -6.31 15.93 -15.06
N ASP C 453 -6.01 14.66 -15.30
CA ASP C 453 -6.13 13.66 -14.26
C ASP C 453 -5.08 13.85 -13.18
N HIS C 454 -5.24 13.07 -12.13
CA HIS C 454 -4.12 12.84 -11.26
C HIS C 454 -3.30 11.63 -11.69
N TYR C 455 -3.88 10.73 -12.48
CA TYR C 455 -3.11 9.61 -13.01
C TYR C 455 -2.29 10.04 -14.21
N LEU C 456 -2.96 10.48 -15.27
CA LEU C 456 -2.26 11.13 -16.36
C LEU C 456 -1.76 12.49 -15.90
N ASP C 457 -0.51 12.80 -16.20
CA ASP C 457 0.04 14.08 -15.79
C ASP C 457 -0.04 15.12 -16.89
N VAL C 458 -0.84 14.87 -17.93
CA VAL C 458 -0.87 15.74 -19.09
C VAL C 458 -2.23 16.44 -19.16
N PRO C 459 -2.31 17.62 -19.77
CA PRO C 459 -3.62 18.23 -20.03
C PRO C 459 -4.33 17.49 -21.14
N TYR C 460 -5.65 17.32 -20.97
CA TYR C 460 -6.43 16.58 -21.94
C TYR C 460 -7.65 17.39 -22.36
N ASP C 461 -8.03 17.26 -23.63
CA ASP C 461 -8.89 18.21 -24.32
C ASP C 461 -10.32 17.67 -24.35
N LEU C 462 -11.11 18.05 -23.34
CA LEU C 462 -12.53 17.69 -23.31
C LEU C 462 -13.39 18.83 -23.81
N SER C 463 -13.04 19.39 -24.96
CA SER C 463 -13.77 20.53 -25.45
C SER C 463 -14.64 20.23 -26.65
N LYS C 464 -14.51 19.06 -27.25
CA LYS C 464 -15.31 18.69 -28.39
C LYS C 464 -16.45 17.76 -28.02
N VAL C 465 -16.51 17.34 -26.79
CA VAL C 465 -17.43 16.30 -26.36
C VAL C 465 -18.76 16.92 -25.95
N PHE C 466 -19.84 16.33 -26.45
CA PHE C 466 -21.21 16.83 -26.33
C PHE C 466 -21.78 16.30 -25.03
N PHE C 467 -21.83 17.12 -23.99
CA PHE C 467 -22.30 16.66 -22.69
C PHE C 467 -23.81 16.79 -22.57
N ILE C 468 -24.48 15.70 -22.20
CA ILE C 468 -25.88 15.70 -21.82
C ILE C 468 -25.94 15.34 -20.35
N THR C 469 -26.82 16.01 -19.61
CA THR C 469 -26.99 15.77 -18.20
C THR C 469 -28.47 15.69 -17.91
N THR C 470 -28.87 14.82 -16.98
CA THR C 470 -30.26 14.76 -16.58
C THR C 470 -30.38 14.99 -15.09
N ALA C 471 -31.54 15.46 -14.66
CA ALA C 471 -31.85 15.66 -13.26
C ALA C 471 -33.36 15.67 -13.11
N ASN C 472 -33.81 15.63 -11.86
CA ASN C 472 -35.23 15.76 -11.58
C ASN C 472 -35.60 17.09 -10.96
N THR C 473 -34.67 17.74 -10.28
CA THR C 473 -34.92 19.05 -9.71
C THR C 473 -33.61 19.82 -9.66
N LEU C 474 -33.71 21.14 -9.66
CA LEU C 474 -32.55 21.99 -9.67
C LEU C 474 -32.10 22.41 -8.28
N GLN C 475 -32.82 22.01 -7.24
CA GLN C 475 -32.60 22.54 -5.91
C GLN C 475 -31.36 21.97 -5.24
N THR C 476 -30.85 20.84 -5.71
CA THR C 476 -29.75 20.17 -5.04
C THR C 476 -28.46 20.20 -5.84
N ILE C 477 -28.44 20.85 -6.99
CA ILE C 477 -27.21 21.05 -7.73
C ILE C 477 -26.53 22.25 -7.10
N PRO C 478 -25.22 22.22 -6.85
CA PRO C 478 -24.54 23.41 -6.35
C PRO C 478 -24.55 24.54 -7.37
N ARG C 479 -24.59 25.76 -6.84
CA ARG C 479 -24.72 26.96 -7.64
C ARG C 479 -23.60 27.20 -8.67
N PRO C 480 -22.29 27.06 -8.36
CA PRO C 480 -21.31 27.22 -9.43
C PRO C 480 -21.32 26.10 -10.45
N LEU C 481 -21.81 24.93 -10.07
CA LEU C 481 -22.00 23.89 -11.07
C LEU C 481 -23.29 24.11 -11.84
N LEU C 482 -24.27 24.76 -11.22
CA LEU C 482 -25.54 24.99 -11.89
C LEU C 482 -25.42 26.02 -13.01
N ASP C 483 -24.69 27.11 -12.78
CA ASP C 483 -24.72 28.14 -13.82
C ASP C 483 -23.79 27.89 -14.98
N ARG C 484 -23.15 26.73 -15.05
CA ARG C 484 -22.35 26.37 -16.21
C ARG C 484 -23.14 25.58 -17.24
N MET C 485 -24.39 25.26 -16.94
CA MET C 485 -25.19 24.37 -17.78
C MET C 485 -26.41 25.12 -18.29
N GLU C 486 -26.78 24.82 -19.52
CA GLU C 486 -28.01 25.31 -20.13
C GLU C 486 -29.17 24.37 -19.80
N VAL C 487 -30.28 24.94 -19.32
CA VAL C 487 -31.41 24.16 -18.82
C VAL C 487 -32.46 24.02 -19.91
N ILE C 488 -32.88 22.79 -20.16
CA ILE C 488 -34.04 22.50 -21.00
C ILE C 488 -35.09 21.84 -20.13
N GLU C 489 -36.34 22.31 -20.27
CA GLU C 489 -37.44 21.79 -19.49
C GLU C 489 -38.18 20.71 -20.26
N ILE C 490 -38.47 19.60 -19.58
CA ILE C 490 -39.21 18.49 -20.16
C ILE C 490 -40.51 18.35 -19.38
N PRO C 491 -41.66 18.69 -19.98
CA PRO C 491 -42.84 19.02 -19.17
C PRO C 491 -43.58 17.87 -18.49
N GLY C 492 -43.85 16.77 -19.20
CA GLY C 492 -44.79 15.79 -18.71
C GLY C 492 -45.97 15.69 -19.66
N TYR C 493 -46.70 14.58 -19.67
CA TYR C 493 -47.60 14.28 -20.76
C TYR C 493 -49.06 14.36 -20.36
N THR C 494 -49.88 14.85 -21.29
CA THR C 494 -51.32 14.79 -21.16
C THR C 494 -51.84 13.42 -21.60
N ASN C 495 -53.14 13.23 -21.56
CA ASN C 495 -53.67 11.91 -21.87
C ASN C 495 -53.74 11.63 -23.35
N MET C 496 -53.92 12.66 -24.19
CA MET C 496 -53.87 12.45 -25.63
C MET C 496 -52.48 12.04 -26.08
N GLU C 497 -51.47 12.66 -25.50
CA GLU C 497 -50.10 12.30 -25.84
C GLU C 497 -49.75 10.92 -25.34
N LYS C 498 -50.22 10.55 -24.14
CA LYS C 498 -50.01 9.20 -23.64
C LYS C 498 -50.69 8.17 -24.51
N GLN C 499 -51.88 8.48 -25.00
CA GLN C 499 -52.58 7.56 -25.87
C GLN C 499 -51.86 7.41 -27.21
N ALA C 500 -51.27 8.50 -27.72
CA ALA C 500 -50.55 8.40 -28.98
C ALA C 500 -49.21 7.70 -28.84
N ILE C 501 -48.49 7.91 -27.73
CA ILE C 501 -47.25 7.18 -27.47
C ILE C 501 -47.53 5.70 -27.31
N ALA C 502 -48.62 5.36 -26.62
CA ALA C 502 -48.97 3.96 -26.44
C ALA C 502 -49.40 3.32 -27.74
N ARG C 503 -50.02 4.08 -28.63
CA ARG C 503 -50.42 3.46 -29.89
C ARG C 503 -49.26 3.31 -30.86
N GLN C 504 -48.36 4.29 -30.94
CA GLN C 504 -47.38 4.28 -32.02
C GLN C 504 -46.00 3.78 -31.62
N TYR C 505 -45.64 3.85 -30.35
CA TYR C 505 -44.28 3.48 -29.98
C TYR C 505 -44.20 2.33 -29.00
N LEU C 506 -45.02 2.32 -27.95
CA LEU C 506 -44.82 1.36 -26.87
C LEU C 506 -45.36 -0.02 -27.23
N TRP C 507 -46.60 -0.09 -27.64
CA TRP C 507 -47.25 -1.37 -27.91
C TRP C 507 -46.68 -2.18 -29.06
N PRO C 508 -46.28 -1.60 -30.22
CA PRO C 508 -45.58 -2.43 -31.21
C PRO C 508 -44.25 -2.98 -30.73
N LYS C 509 -43.52 -2.21 -29.93
CA LYS C 509 -42.25 -2.69 -29.38
C LYS C 509 -42.48 -3.83 -28.40
N GLN C 510 -43.49 -3.70 -27.53
CA GLN C 510 -43.75 -4.77 -26.57
C GLN C 510 -44.33 -6.00 -27.25
N VAL C 511 -44.98 -5.84 -28.39
CA VAL C 511 -45.40 -7.00 -29.16
C VAL C 511 -44.20 -7.71 -29.76
N ARG C 512 -43.31 -6.96 -30.43
CA ARG C 512 -42.19 -7.58 -31.14
C ARG C 512 -41.18 -8.21 -30.20
N GLU C 513 -40.87 -7.55 -29.09
CA GLU C 513 -39.84 -8.10 -28.21
C GLU C 513 -40.32 -9.30 -27.42
N SER C 514 -41.62 -9.47 -27.26
CA SER C 514 -42.15 -10.62 -26.54
C SER C 514 -42.53 -11.76 -27.47
N GLY C 515 -42.10 -11.72 -28.73
CA GLY C 515 -42.29 -12.81 -29.64
C GLY C 515 -43.65 -12.91 -30.28
N MET C 516 -44.65 -12.23 -29.75
CA MET C 516 -45.96 -12.24 -30.37
C MET C 516 -45.94 -11.32 -31.58
N GLU C 517 -46.93 -11.51 -32.45
CA GLU C 517 -47.05 -10.79 -33.71
C GLU C 517 -48.52 -10.64 -34.01
N GLY C 518 -48.89 -10.52 -35.28
CA GLY C 518 -50.27 -10.19 -35.66
C GLY C 518 -51.29 -11.26 -35.33
N ARG C 519 -51.40 -11.56 -34.03
CA ARG C 519 -52.29 -12.54 -33.44
C ARG C 519 -52.83 -12.03 -32.12
N ILE C 520 -52.55 -10.77 -31.78
CA ILE C 520 -52.98 -10.17 -30.51
C ILE C 520 -52.99 -8.66 -30.72
N GLU C 521 -53.98 -8.00 -30.13
CA GLU C 521 -54.22 -6.59 -30.42
C GLU C 521 -55.06 -6.00 -29.30
N VAL C 522 -54.81 -4.72 -28.98
CA VAL C 522 -55.62 -4.00 -28.01
C VAL C 522 -56.39 -2.91 -28.75
N THR C 523 -57.36 -2.34 -28.06
CA THR C 523 -58.18 -1.26 -28.56
C THR C 523 -57.96 -0.01 -27.74
N ASP C 524 -58.59 1.09 -28.16
CA ASP C 524 -58.33 2.40 -27.57
C ASP C 524 -58.87 2.48 -26.15
N ALA C 525 -60.03 1.87 -25.91
CA ALA C 525 -60.61 1.85 -24.58
C ALA C 525 -59.73 1.08 -23.61
N ALA C 526 -59.04 0.06 -24.09
CA ALA C 526 -58.08 -0.65 -23.24
C ALA C 526 -56.90 0.23 -22.88
N ILE C 527 -56.47 1.09 -23.80
CA ILE C 527 -55.37 2.01 -23.51
C ILE C 527 -55.77 2.99 -22.42
N LEU C 528 -56.96 3.61 -22.57
CA LEU C 528 -57.46 4.53 -21.56
C LEU C 528 -57.67 3.84 -20.22
N ARG C 529 -58.12 2.59 -20.25
CA ARG C 529 -58.34 1.83 -19.02
C ARG C 529 -57.03 1.57 -18.29
N VAL C 530 -55.98 1.19 -19.02
CA VAL C 530 -54.71 0.91 -18.37
C VAL C 530 -54.09 2.18 -17.81
N ILE C 531 -54.20 3.29 -18.56
CA ILE C 531 -53.69 4.58 -18.11
C ILE C 531 -54.38 5.04 -16.84
N SER C 532 -55.71 4.97 -16.81
CA SER C 532 -56.45 5.48 -15.65
C SER C 532 -56.33 4.56 -14.45
N GLU C 533 -56.32 3.24 -14.65
CA GLU C 533 -56.47 2.33 -13.53
C GLU C 533 -55.16 1.81 -12.98
N TYR C 534 -54.15 1.54 -13.80
CA TYR C 534 -53.00 0.77 -13.34
C TYR C 534 -51.73 1.59 -13.22
N THR C 535 -51.78 2.90 -13.50
CA THR C 535 -50.61 3.75 -13.47
C THR C 535 -50.93 5.03 -12.71
N ARG C 536 -49.97 5.48 -11.89
CA ARG C 536 -50.05 6.81 -11.27
C ARG C 536 -48.69 7.47 -11.41
N GLU C 537 -48.55 8.29 -12.45
CA GLU C 537 -47.28 8.89 -12.82
C GLU C 537 -47.55 9.98 -13.85
N ALA C 538 -46.52 10.75 -14.15
CA ALA C 538 -46.54 11.67 -15.28
C ALA C 538 -45.67 11.18 -16.42
N GLY C 539 -44.82 10.19 -16.19
CA GLY C 539 -44.07 9.55 -17.25
C GLY C 539 -44.86 8.44 -17.89
N VAL C 540 -44.16 7.60 -18.63
CA VAL C 540 -44.80 6.47 -19.29
C VAL C 540 -44.05 5.16 -19.07
N ARG C 541 -43.26 5.04 -18.00
CA ARG C 541 -42.59 3.76 -17.81
C ARG C 541 -43.54 2.71 -17.22
N GLY C 542 -44.52 3.17 -16.43
CA GLY C 542 -45.51 2.24 -15.91
C GLY C 542 -46.41 1.70 -17.01
N LEU C 543 -46.84 2.58 -17.91
CA LEU C 543 -47.65 2.17 -19.05
C LEU C 543 -46.92 1.17 -19.91
N GLU C 544 -45.61 1.38 -20.06
CA GLU C 544 -44.76 0.44 -20.78
C GLU C 544 -44.75 -0.93 -20.13
N ARG C 545 -44.62 -0.96 -18.80
CA ARG C 545 -44.52 -2.24 -18.12
C ARG C 545 -45.84 -3.01 -18.13
N GLU C 546 -46.98 -2.32 -17.97
CA GLU C 546 -48.26 -3.02 -18.06
C GLU C 546 -48.55 -3.53 -19.46
N LEU C 547 -48.24 -2.76 -20.51
CA LEU C 547 -48.43 -3.28 -21.86
C LEU C 547 -47.52 -4.47 -22.14
N GLY C 548 -46.31 -4.43 -21.58
CA GLY C 548 -45.42 -5.58 -21.71
C GLY C 548 -45.94 -6.83 -21.05
N LYS C 549 -46.55 -6.71 -19.87
CA LYS C 549 -47.00 -7.93 -19.22
C LYS C 549 -48.30 -8.44 -19.83
N ILE C 550 -49.10 -7.57 -20.46
CA ILE C 550 -50.22 -8.05 -21.26
C ILE C 550 -49.70 -8.89 -22.42
N ALA C 551 -48.63 -8.43 -23.07
CA ALA C 551 -48.04 -9.18 -24.17
C ALA C 551 -47.49 -10.54 -23.72
N ARG C 552 -46.85 -10.58 -22.55
CA ARG C 552 -46.29 -11.83 -22.07
C ARG C 552 -47.37 -12.82 -21.63
N LYS C 553 -48.46 -12.33 -21.05
CA LYS C 553 -49.52 -13.24 -20.65
C LYS C 553 -50.27 -13.79 -21.87
N GLY C 554 -50.41 -12.97 -22.91
CA GLY C 554 -50.88 -13.49 -24.17
C GLY C 554 -49.93 -14.48 -24.80
N ALA C 555 -48.63 -14.33 -24.53
CA ALA C 555 -47.66 -15.30 -25.04
C ALA C 555 -47.85 -16.66 -24.37
N LYS C 556 -48.07 -16.69 -23.05
CA LYS C 556 -48.28 -18.01 -22.44
C LYS C 556 -49.64 -18.59 -22.82
N PHE C 557 -50.63 -17.74 -23.11
CA PHE C 557 -51.89 -18.30 -23.60
C PHE C 557 -51.76 -18.86 -25.00
N TRP C 558 -50.90 -18.26 -25.83
CA TRP C 558 -50.63 -18.86 -27.13
C TRP C 558 -49.85 -20.16 -26.98
N LEU C 559 -48.97 -20.23 -26.01
CA LEU C 559 -48.14 -21.42 -25.91
C LEU C 559 -48.88 -22.57 -25.25
N GLU C 560 -49.95 -22.29 -24.49
CA GLU C 560 -50.80 -23.37 -23.99
C GLU C 560 -51.78 -23.83 -25.06
N GLY C 561 -52.68 -22.95 -25.47
CA GLY C 561 -53.67 -23.29 -26.47
C GLY C 561 -53.25 -22.82 -27.85
N ALA C 562 -54.20 -22.32 -28.63
CA ALA C 562 -53.96 -21.71 -29.93
C ALA C 562 -55.24 -20.99 -30.34
N TRP C 563 -55.13 -20.12 -31.32
CA TRP C 563 -56.30 -19.51 -31.94
C TRP C 563 -55.94 -19.16 -33.38
N GLU C 564 -56.86 -18.46 -34.05
CA GLU C 564 -56.74 -18.16 -35.46
C GLU C 564 -56.95 -16.68 -35.67
N GLY C 565 -55.99 -16.04 -36.34
CA GLY C 565 -56.13 -14.63 -36.61
C GLY C 565 -55.87 -13.79 -35.36
N LEU C 566 -56.37 -12.56 -35.42
CA LEU C 566 -56.21 -11.66 -34.29
C LEU C 566 -57.11 -12.07 -33.14
N ARG C 567 -56.65 -11.74 -31.94
CA ARG C 567 -57.42 -11.88 -30.71
C ARG C 567 -57.42 -10.50 -30.08
N THR C 568 -58.48 -9.75 -30.29
CA THR C 568 -58.51 -8.38 -29.81
C THR C 568 -58.89 -8.34 -28.34
N ILE C 569 -58.52 -7.25 -27.69
CA ILE C 569 -58.71 -7.07 -26.26
C ILE C 569 -59.44 -5.75 -26.04
N ASP C 570 -60.55 -5.81 -25.32
CA ASP C 570 -61.34 -4.62 -25.01
C ASP C 570 -61.16 -4.26 -23.54
N ALA C 571 -61.89 -3.24 -23.10
CA ALA C 571 -61.78 -2.77 -21.72
C ALA C 571 -62.30 -3.78 -20.71
N SER C 572 -63.20 -4.66 -21.12
CA SER C 572 -63.69 -5.70 -20.23
C SER C 572 -62.65 -6.77 -19.99
N ASP C 573 -61.82 -7.04 -20.99
CA ASP C 573 -60.85 -8.14 -20.91
C ASP C 573 -59.62 -7.78 -20.10
N ILE C 574 -59.47 -6.51 -19.71
CA ILE C 574 -58.25 -6.06 -19.04
C ILE C 574 -57.98 -6.74 -17.70
N PRO C 575 -58.95 -6.87 -16.77
CA PRO C 575 -58.59 -7.49 -15.47
C PRO C 575 -58.26 -8.97 -15.55
N THR C 576 -58.62 -9.65 -16.63
CA THR C 576 -58.19 -11.02 -16.82
C THR C 576 -56.71 -11.12 -17.15
N TYR C 577 -56.09 -10.04 -17.61
CA TYR C 577 -54.68 -10.04 -17.95
C TYR C 577 -53.80 -9.33 -16.93
N LEU C 578 -54.30 -8.27 -16.31
CA LEU C 578 -53.46 -7.47 -15.41
C LEU C 578 -53.73 -7.74 -13.94
N GLY C 579 -54.96 -8.10 -13.57
CA GLY C 579 -55.33 -8.36 -12.20
C GLY C 579 -56.39 -7.39 -11.72
N ILE C 580 -56.46 -7.20 -10.41
CA ILE C 580 -57.40 -6.23 -9.86
C ILE C 580 -56.87 -4.81 -10.12
N PRO C 581 -57.74 -3.82 -10.31
CA PRO C 581 -57.26 -2.46 -10.58
C PRO C 581 -56.52 -1.86 -9.40
N ARG C 582 -55.22 -1.61 -9.59
CA ARG C 582 -54.35 -1.24 -8.48
C ARG C 582 -54.59 0.17 -7.99
N TYR C 583 -54.90 1.10 -8.88
CA TYR C 583 -55.13 2.47 -8.48
C TYR C 583 -56.55 2.88 -8.83
N ARG C 584 -56.99 3.95 -8.19
CA ARG C 584 -58.26 4.56 -8.51
C ARG C 584 -58.04 6.00 -8.91
N PRO C 585 -58.76 6.49 -9.91
CA PRO C 585 -58.50 7.84 -10.41
C PRO C 585 -59.02 8.90 -9.45
N ASP C 586 -58.52 10.13 -9.65
CA ASP C 586 -59.09 11.27 -8.93
C ASP C 586 -60.48 11.56 -9.45
N LYS C 587 -61.37 11.94 -8.53
CA LYS C 587 -62.73 12.28 -8.88
C LYS C 587 -63.04 13.67 -8.35
N ALA C 588 -63.55 14.52 -9.22
CA ALA C 588 -64.07 15.80 -8.78
C ALA C 588 -65.33 15.60 -7.97
N GLU C 589 -65.43 16.29 -6.85
CA GLU C 589 -66.67 16.21 -6.09
C GLU C 589 -67.73 17.08 -6.76
N THR C 590 -68.98 16.82 -6.40
CA THR C 590 -70.09 17.51 -7.03
C THR C 590 -70.94 18.32 -6.08
N GLU C 591 -70.81 18.14 -4.83
CA GLU C 591 -71.64 18.93 -3.96
C GLU C 591 -70.85 20.03 -3.30
N PRO C 592 -71.48 21.15 -2.99
CA PRO C 592 -70.83 22.14 -2.14
C PRO C 592 -70.75 21.65 -0.71
N GLN C 593 -69.54 21.57 -0.18
CA GLN C 593 -69.27 21.12 1.16
C GLN C 593 -68.95 22.31 2.05
N VAL C 594 -69.15 22.12 3.35
CA VAL C 594 -68.81 23.13 4.33
C VAL C 594 -67.42 22.86 4.86
N GLY C 595 -66.55 23.85 4.81
CA GLY C 595 -65.26 23.72 5.44
C GLY C 595 -64.22 23.00 4.65
N THR C 596 -64.50 22.61 3.42
CA THR C 596 -63.48 22.00 2.59
C THR C 596 -63.22 22.89 1.39
N ALA C 597 -62.07 22.68 0.78
CA ALA C 597 -61.74 23.39 -0.45
C ALA C 597 -60.78 22.55 -1.28
N GLN C 598 -60.72 22.87 -2.56
CA GLN C 598 -60.03 22.08 -3.56
C GLN C 598 -58.85 22.88 -4.07
N GLY C 599 -57.64 22.41 -3.83
CA GLY C 599 -56.44 23.06 -4.27
C GLY C 599 -55.59 22.16 -5.15
N LEU C 600 -54.54 22.73 -5.69
CA LEU C 600 -53.68 22.03 -6.65
C LEU C 600 -52.27 22.02 -6.12
N ALA C 601 -51.66 20.84 -6.07
CA ALA C 601 -50.28 20.71 -5.64
C ALA C 601 -49.44 20.11 -6.74
N TRP C 602 -48.13 20.23 -6.59
CA TRP C 602 -47.17 19.82 -7.61
C TRP C 602 -46.14 18.86 -7.01
N THR C 603 -46.48 17.58 -7.00
CA THR C 603 -45.64 16.49 -6.56
C THR C 603 -44.72 16.08 -7.69
N PRO C 604 -43.61 15.37 -7.41
CA PRO C 604 -42.77 14.90 -8.52
C PRO C 604 -43.36 13.76 -9.35
N VAL C 605 -44.55 13.28 -9.01
CA VAL C 605 -45.28 12.37 -9.90
C VAL C 605 -46.39 13.15 -10.60
N GLY C 606 -46.28 14.46 -10.62
CA GLY C 606 -47.19 15.32 -11.36
C GLY C 606 -48.02 16.19 -10.45
N GLY C 607 -49.02 16.82 -11.05
CA GLY C 607 -49.95 17.58 -10.27
C GLY C 607 -50.96 16.68 -9.58
N THR C 608 -51.35 17.08 -8.38
CA THR C 608 -52.38 16.37 -7.65
C THR C 608 -53.41 17.35 -7.14
N LEU C 609 -54.55 16.81 -6.77
CA LEU C 609 -55.62 17.55 -6.14
C LEU C 609 -55.47 17.42 -4.63
N LEU C 610 -55.17 18.53 -3.96
CA LEU C 610 -55.26 18.59 -2.52
C LEU C 610 -56.69 18.89 -2.14
N THR C 611 -57.19 18.20 -1.14
CA THR C 611 -58.38 18.63 -0.44
C THR C 611 -57.92 19.15 0.91
N ILE C 612 -58.43 20.30 1.30
CA ILE C 612 -58.14 20.86 2.61
C ILE C 612 -59.44 20.87 3.39
N GLU C 613 -59.42 20.29 4.58
CA GLU C 613 -60.58 20.22 5.45
C GLU C 613 -60.30 21.02 6.70
N VAL C 614 -61.30 21.73 7.19
CA VAL C 614 -61.16 22.58 8.37
C VAL C 614 -62.36 22.34 9.26
N ALA C 615 -62.12 22.03 10.52
CA ALA C 615 -63.18 21.94 11.51
C ALA C 615 -63.06 23.07 12.52
N ALA C 616 -64.20 23.60 12.92
CA ALA C 616 -64.27 24.69 13.88
C ALA C 616 -65.13 24.26 15.04
N VAL C 617 -64.51 23.98 16.18
CA VAL C 617 -65.20 23.44 17.34
C VAL C 617 -65.08 24.48 18.44
N PRO C 618 -65.92 24.41 19.49
CA PRO C 618 -65.73 25.35 20.61
C PRO C 618 -64.44 25.09 21.35
N GLY C 619 -63.91 26.16 21.95
CA GLY C 619 -62.68 26.04 22.70
C GLY C 619 -62.14 27.39 23.08
N SER C 620 -60.83 27.45 23.27
CA SER C 620 -60.10 28.70 23.40
C SER C 620 -59.61 29.08 22.01
N GLY C 621 -58.67 30.01 21.90
CA GLY C 621 -58.15 30.28 20.57
C GLY C 621 -56.96 29.40 20.25
N LYS C 622 -57.18 28.31 19.53
CA LYS C 622 -56.13 27.34 19.27
C LYS C 622 -56.07 27.11 17.76
N LEU C 623 -54.98 26.52 17.28
CA LEU C 623 -54.85 26.23 15.85
C LEU C 623 -53.97 25.01 15.68
N SER C 624 -54.56 23.88 15.34
CA SER C 624 -53.84 22.65 15.08
C SER C 624 -53.67 22.47 13.58
N LEU C 625 -52.56 21.89 13.18
CA LEU C 625 -52.19 21.82 11.76
C LEU C 625 -51.58 20.45 11.50
N THR C 626 -52.40 19.50 11.08
CA THR C 626 -51.97 18.12 10.95
C THR C 626 -51.99 17.66 9.50
N GLY C 627 -51.20 16.64 9.20
CA GLY C 627 -51.17 16.07 7.88
C GLY C 627 -49.82 16.19 7.21
N GLN C 628 -48.77 16.25 8.04
CA GLN C 628 -47.37 16.33 7.62
C GLN C 628 -47.11 17.57 6.76
N LEU C 629 -47.37 18.72 7.34
CA LEU C 629 -47.19 19.98 6.64
C LEU C 629 -45.79 20.54 6.89
N GLY C 630 -45.26 21.23 5.89
CA GLY C 630 -44.01 21.94 6.05
C GLY C 630 -44.20 23.24 6.81
N GLU C 631 -43.11 23.97 6.98
CA GLU C 631 -43.19 25.20 7.76
C GLU C 631 -43.81 26.34 6.98
N VAL C 632 -43.54 26.42 5.67
CA VAL C 632 -44.07 27.49 4.85
C VAL C 632 -45.58 27.36 4.71
N MET C 633 -46.08 26.14 4.70
CA MET C 633 -47.52 25.94 4.55
C MET C 633 -48.26 26.28 5.84
N LYS C 634 -47.63 26.03 6.98
CA LYS C 634 -48.19 26.48 8.26
C LYS C 634 -48.21 27.98 8.36
N GLU C 635 -47.15 28.64 7.87
CA GLU C 635 -47.14 30.10 7.88
C GLU C 635 -48.16 30.69 6.92
N SER C 636 -48.46 29.98 5.82
CA SER C 636 -49.54 30.39 4.93
C SER C 636 -50.88 30.33 5.64
N ALA C 637 -51.11 29.28 6.42
CA ALA C 637 -52.34 29.18 7.19
C ALA C 637 -52.47 30.29 8.21
N GLN C 638 -51.35 30.66 8.85
CA GLN C 638 -51.43 31.72 9.85
C GLN C 638 -51.64 33.09 9.22
N ALA C 639 -51.07 33.33 8.04
CA ALA C 639 -51.33 34.58 7.34
C ALA C 639 -52.77 34.69 6.90
N ALA C 640 -53.37 33.59 6.44
CA ALA C 640 -54.77 33.62 6.06
C ALA C 640 -55.67 33.84 7.27
N LEU C 641 -55.34 33.25 8.40
CA LEU C 641 -56.16 33.45 9.58
C LEU C 641 -56.04 34.87 10.13
N THR C 642 -54.84 35.46 10.07
CA THR C 642 -54.69 36.84 10.48
C THR C 642 -55.42 37.80 9.55
N TYR C 643 -55.50 37.47 8.26
CA TYR C 643 -56.34 38.27 7.37
C TYR C 643 -57.80 38.17 7.76
N LEU C 644 -58.26 36.97 8.10
CA LEU C 644 -59.68 36.82 8.42
C LEU C 644 -60.05 37.40 9.78
N ARG C 645 -59.10 37.50 10.71
CA ARG C 645 -59.38 38.12 12.00
C ARG C 645 -59.54 39.63 11.91
N ALA C 646 -59.13 40.24 10.81
CA ALA C 646 -59.20 41.68 10.66
C ALA C 646 -60.41 42.14 9.85
N HIS C 647 -61.20 41.22 9.31
CA HIS C 647 -62.28 41.56 8.40
C HIS C 647 -63.52 40.75 8.72
N THR C 648 -63.87 40.67 10.00
CA THR C 648 -65.02 39.87 10.40
C THR C 648 -66.34 40.49 9.99
N GLN C 649 -66.36 41.79 9.69
CA GLN C 649 -67.61 42.41 9.25
C GLN C 649 -67.94 42.01 7.83
N ASP C 650 -66.93 41.82 6.99
CA ASP C 650 -67.15 41.73 5.56
C ASP C 650 -67.74 40.39 5.15
N TYR C 651 -67.55 39.34 5.93
CA TYR C 651 -67.90 38.01 5.49
C TYR C 651 -68.89 37.31 6.41
N GLY C 652 -69.36 37.98 7.45
CA GLY C 652 -70.33 37.35 8.33
C GLY C 652 -69.74 36.39 9.32
N LEU C 653 -68.48 36.55 9.67
CA LEU C 653 -67.85 35.71 10.65
C LEU C 653 -68.32 36.13 12.04
N PRO C 654 -68.22 35.24 13.03
CA PRO C 654 -68.48 35.67 14.41
C PRO C 654 -67.44 36.67 14.86
N GLU C 655 -67.86 37.62 15.69
CA GLU C 655 -66.98 38.73 16.01
C GLU C 655 -65.95 38.41 17.07
N ASP C 656 -66.02 37.23 17.68
CA ASP C 656 -65.07 36.89 18.73
C ASP C 656 -64.60 35.46 18.58
N PHE C 657 -64.30 35.03 17.37
CA PHE C 657 -63.86 33.66 17.23
C PHE C 657 -62.42 33.45 17.64
N TYR C 658 -61.67 34.51 17.93
CA TYR C 658 -60.30 34.33 18.34
C TYR C 658 -60.18 33.86 19.78
N ASN C 659 -61.25 33.98 20.57
CA ASN C 659 -61.26 33.49 21.93
C ASN C 659 -62.08 32.23 22.10
N LYS C 660 -62.90 31.87 21.13
CA LYS C 660 -63.98 30.94 21.38
C LYS C 660 -63.93 29.67 20.55
N VAL C 661 -63.23 29.63 19.42
CA VAL C 661 -63.23 28.41 18.63
C VAL C 661 -61.82 27.90 18.44
N ASP C 662 -61.69 26.59 18.50
CA ASP C 662 -60.49 25.87 18.09
C ASP C 662 -60.65 25.52 16.62
N LEU C 663 -59.58 25.71 15.87
CA LEU C 663 -59.57 25.41 14.44
C LEU C 663 -58.59 24.28 14.18
N HIS C 664 -59.05 23.25 13.49
CA HIS C 664 -58.18 22.16 13.11
C HIS C 664 -58.16 22.09 11.59
N VAL C 665 -56.97 22.22 11.02
CA VAL C 665 -56.75 22.19 9.59
C VAL C 665 -56.10 20.87 9.24
N HIS C 666 -56.70 20.11 8.35
CA HIS C 666 -56.19 18.78 8.03
C HIS C 666 -56.12 18.62 6.53
N VAL C 667 -55.01 18.10 6.04
CA VAL C 667 -54.80 17.87 4.62
C VAL C 667 -54.56 16.38 4.42
N PRO C 668 -55.55 15.64 3.95
CA PRO C 668 -55.35 14.22 3.67
C PRO C 668 -54.47 14.04 2.45
N ASP C 669 -53.70 12.95 2.42
CA ASP C 669 -53.62 11.92 3.46
C ASP C 669 -52.46 12.17 4.41
N GLY C 670 -52.53 11.52 5.58
CA GLY C 670 -51.62 11.81 6.66
C GLY C 670 -50.22 11.27 6.51
N ALA C 671 -49.90 10.58 5.43
CA ALA C 671 -48.61 9.94 5.28
C ALA C 671 -47.76 10.55 4.17
N THR C 672 -48.12 11.73 3.68
CA THR C 672 -47.39 12.35 2.59
C THR C 672 -46.93 13.75 3.00
N PRO C 673 -45.64 14.06 2.92
CA PRO C 673 -45.17 15.40 3.27
C PRO C 673 -45.56 16.41 2.21
N LYS C 674 -45.91 17.62 2.68
CA LYS C 674 -46.54 18.66 1.87
C LYS C 674 -45.97 20.01 2.29
N ASP C 675 -45.52 20.80 1.32
CA ASP C 675 -44.93 22.10 1.65
C ASP C 675 -45.03 23.01 0.44
N GLY C 676 -45.00 24.31 0.69
CA GLY C 676 -45.08 25.31 -0.35
C GLY C 676 -46.00 26.46 0.03
N PRO C 677 -45.73 27.65 -0.49
CA PRO C 677 -46.57 28.80 -0.17
C PRO C 677 -47.81 28.94 -1.03
N SER C 678 -48.03 28.06 -1.99
CA SER C 678 -49.03 28.26 -3.03
C SER C 678 -50.37 27.68 -2.68
N ALA C 679 -50.70 27.58 -1.40
CA ALA C 679 -52.01 27.09 -1.01
C ALA C 679 -52.69 28.04 -0.05
N GLY C 680 -52.34 29.33 -0.11
CA GLY C 680 -52.92 30.27 0.81
C GLY C 680 -54.34 30.65 0.48
N ILE C 681 -54.69 30.63 -0.81
CA ILE C 681 -56.06 30.93 -1.21
C ILE C 681 -56.99 29.80 -0.79
N THR C 682 -56.49 28.56 -0.87
CA THR C 682 -57.29 27.40 -0.53
C THR C 682 -57.59 27.36 0.96
N MET C 683 -56.59 27.68 1.78
CA MET C 683 -56.79 27.68 3.22
C MET C 683 -57.67 28.84 3.65
N ALA C 684 -57.60 29.97 2.97
CA ALA C 684 -58.49 31.08 3.30
C ALA C 684 -59.93 30.74 2.98
N THR C 685 -60.16 30.05 1.85
CA THR C 685 -61.51 29.64 1.50
C THR C 685 -62.06 28.59 2.46
N ALA C 686 -61.22 27.63 2.84
CA ALA C 686 -61.67 26.58 3.75
C ALA C 686 -61.95 27.11 5.14
N ILE C 687 -61.10 28.00 5.65
CA ILE C 687 -61.32 28.55 6.99
C ILE C 687 -62.53 29.47 7.00
N ALA C 688 -62.73 30.26 5.94
CA ALA C 688 -63.90 31.14 5.92
C ALA C 688 -65.19 30.35 5.73
N SER C 689 -65.14 29.21 5.05
CA SER C 689 -66.32 28.38 4.95
C SER C 689 -66.64 27.73 6.28
N ALA C 690 -65.63 27.28 7.00
CA ALA C 690 -65.87 26.61 8.28
C ALA C 690 -66.33 27.60 9.33
N LEU C 691 -65.83 28.83 9.31
CA LEU C 691 -66.26 29.80 10.30
C LEU C 691 -67.59 30.42 9.96
N SER C 692 -67.86 30.70 8.69
CA SER C 692 -69.10 31.37 8.33
C SER C 692 -70.25 30.42 8.13
N ARG C 693 -70.01 29.11 8.16
CA ARG C 693 -71.00 28.05 7.96
C ARG C 693 -71.69 28.14 6.59
N ARG C 694 -70.96 28.62 5.59
CA ARG C 694 -71.46 28.67 4.23
C ARG C 694 -70.68 27.70 3.36
N PRO C 695 -71.35 26.91 2.54
CA PRO C 695 -70.65 25.85 1.80
C PRO C 695 -69.78 26.41 0.70
N ALA C 696 -68.79 25.63 0.30
CA ALA C 696 -67.82 26.04 -0.70
C ALA C 696 -67.97 25.19 -1.93
N ARG C 697 -67.94 25.81 -3.10
CA ARG C 697 -68.12 25.07 -4.35
C ARG C 697 -66.90 24.21 -4.64
N MET C 698 -67.12 22.92 -4.83
CA MET C 698 -66.04 21.96 -4.98
C MET C 698 -65.71 21.67 -6.43
N ASP C 699 -66.41 22.27 -7.37
CA ASP C 699 -66.12 22.09 -8.79
C ASP C 699 -65.13 23.10 -9.33
N ILE C 700 -64.50 23.87 -8.46
CA ILE C 700 -63.56 24.93 -8.84
C ILE C 700 -62.27 24.68 -8.10
N ALA C 701 -61.19 24.49 -8.82
CA ALA C 701 -59.88 24.40 -8.20
C ALA C 701 -59.26 25.80 -8.13
N MET C 702 -58.34 25.97 -7.19
CA MET C 702 -57.75 27.28 -7.01
C MET C 702 -56.33 27.11 -6.50
N THR C 703 -55.57 28.18 -6.62
CA THR C 703 -54.18 28.23 -6.19
C THR C 703 -53.74 29.69 -6.14
N GLY C 704 -52.68 29.95 -5.38
CA GLY C 704 -52.18 31.30 -5.23
C GLY C 704 -51.70 31.56 -3.82
N GLU C 705 -50.78 32.50 -3.69
CA GLU C 705 -50.22 32.86 -2.40
C GLU C 705 -50.92 34.09 -1.86
N VAL C 706 -51.31 34.04 -0.59
CA VAL C 706 -51.98 35.16 0.04
C VAL C 706 -50.93 35.94 0.84
N SER C 707 -51.17 37.24 0.99
CA SER C 707 -50.36 38.06 1.87
C SER C 707 -51.24 38.57 2.99
N LEU C 708 -50.72 39.47 3.78
CA LEU C 708 -51.40 39.86 5.01
C LEU C 708 -52.38 41.00 4.77
N ARG C 709 -52.23 41.75 3.69
CA ARG C 709 -53.21 42.73 3.26
C ARG C 709 -54.29 42.13 2.38
N GLY C 710 -54.22 40.84 2.09
CA GLY C 710 -55.20 40.22 1.24
C GLY C 710 -54.90 40.29 -0.23
N LYS C 711 -53.64 40.42 -0.62
CA LYS C 711 -53.28 40.37 -2.02
C LYS C 711 -52.95 38.95 -2.43
N VAL C 712 -53.26 38.62 -3.66
CA VAL C 712 -52.94 37.32 -4.23
C VAL C 712 -51.65 37.49 -5.02
N MET C 713 -50.69 36.62 -4.77
CA MET C 713 -49.38 36.77 -5.33
C MET C 713 -49.07 35.62 -6.27
N PRO C 714 -48.24 35.83 -7.30
CA PRO C 714 -47.99 34.78 -8.28
C PRO C 714 -47.19 33.62 -7.73
N ILE C 715 -47.32 32.48 -8.42
CA ILE C 715 -46.81 31.20 -7.98
C ILE C 715 -45.98 30.57 -9.08
N GLY C 716 -45.53 29.33 -8.85
CA GLY C 716 -44.81 28.59 -9.85
C GLY C 716 -45.46 27.25 -10.10
N GLY C 717 -45.10 26.66 -11.24
CA GLY C 717 -45.65 25.37 -11.62
C GLY C 717 -47.08 25.44 -12.08
N VAL C 718 -47.34 26.28 -13.08
CA VAL C 718 -48.71 26.50 -13.51
C VAL C 718 -49.21 25.36 -14.39
N LYS C 719 -48.36 24.90 -15.31
CA LYS C 719 -48.80 23.95 -16.33
C LYS C 719 -49.14 22.60 -15.74
N GLU C 720 -48.42 22.16 -14.71
CA GLU C 720 -48.67 20.84 -14.13
C GLU C 720 -49.98 20.84 -13.36
N LYS C 721 -50.23 21.91 -12.61
CA LYS C 721 -51.46 22.03 -11.84
C LYS C 721 -52.66 22.13 -12.75
N LEU C 722 -52.56 22.92 -13.82
CA LEU C 722 -53.71 23.03 -14.72
C LEU C 722 -53.92 21.75 -15.52
N LEU C 723 -52.84 21.05 -15.85
CA LEU C 723 -52.95 19.75 -16.51
C LEU C 723 -53.70 18.75 -15.65
N ALA C 724 -53.28 18.62 -14.39
CA ALA C 724 -53.93 17.68 -13.49
C ALA C 724 -55.35 18.12 -13.14
N ALA C 725 -55.64 19.41 -13.21
CA ALA C 725 -57.01 19.83 -12.99
C ALA C 725 -57.90 19.48 -14.17
N HIS C 726 -57.35 19.49 -15.38
CA HIS C 726 -58.19 19.11 -16.52
C HIS C 726 -58.38 17.61 -16.60
N GLN C 727 -57.35 16.83 -16.26
CA GLN C 727 -57.45 15.38 -16.32
C GLN C 727 -58.46 14.83 -15.32
N ALA C 728 -58.71 15.56 -14.23
CA ALA C 728 -59.56 15.04 -13.18
C ALA C 728 -61.00 15.52 -13.27
N GLY C 729 -61.35 16.32 -14.26
CA GLY C 729 -62.72 16.72 -14.44
C GLY C 729 -63.10 18.08 -13.91
N ILE C 730 -62.14 18.89 -13.50
CA ILE C 730 -62.38 20.26 -13.10
C ILE C 730 -62.35 21.13 -14.34
N HIS C 731 -63.34 22.01 -14.49
CA HIS C 731 -63.39 22.88 -15.65
C HIS C 731 -63.36 24.35 -15.29
N LYS C 732 -63.07 24.70 -14.04
CA LYS C 732 -63.03 26.09 -13.61
C LYS C 732 -61.82 26.26 -12.70
N ILE C 733 -60.99 27.25 -13.01
CA ILE C 733 -59.76 27.49 -12.29
C ILE C 733 -59.81 28.93 -11.75
N VAL C 734 -59.21 29.15 -10.59
CA VAL C 734 -58.96 30.48 -10.06
C VAL C 734 -57.45 30.64 -9.93
N LEU C 735 -56.90 31.68 -10.54
CA LEU C 735 -55.48 31.83 -10.72
C LEU C 735 -55.10 33.28 -10.47
N PRO C 736 -53.87 33.56 -10.03
CA PRO C 736 -53.45 34.95 -9.88
C PRO C 736 -53.31 35.64 -11.22
N LYS C 737 -53.45 36.96 -11.20
CA LYS C 737 -53.42 37.71 -12.44
C LYS C 737 -52.01 37.86 -12.98
N ASP C 738 -51.00 37.79 -12.13
CA ASP C 738 -49.63 37.90 -12.60
C ASP C 738 -49.16 36.64 -13.30
N ASN C 739 -49.86 35.52 -13.15
CA ASN C 739 -49.58 34.32 -13.91
C ASN C 739 -50.35 34.25 -15.21
N GLU C 740 -50.79 35.38 -15.74
CA GLU C 740 -51.51 35.36 -17.01
C GLU C 740 -50.57 35.04 -18.16
N ALA C 741 -49.33 35.51 -18.10
CA ALA C 741 -48.37 35.24 -19.15
C ALA C 741 -47.93 33.79 -19.20
N GLN C 742 -48.15 33.04 -18.12
CA GLN C 742 -47.80 31.63 -18.10
C GLN C 742 -48.78 30.78 -18.90
N LEU C 743 -49.90 31.33 -19.32
CA LEU C 743 -50.94 30.56 -20.01
C LEU C 743 -50.65 30.35 -21.48
N GLU C 744 -49.48 30.73 -21.98
CA GLU C 744 -49.09 30.38 -23.33
C GLU C 744 -48.41 29.03 -23.41
N GLU C 745 -47.98 28.49 -22.27
CA GLU C 745 -47.30 27.22 -22.21
C GLU C 745 -48.23 26.03 -22.42
N LEU C 746 -49.52 26.23 -22.34
CA LEU C 746 -50.41 25.09 -22.31
C LEU C 746 -50.67 24.55 -23.71
N PRO C 747 -50.88 23.24 -23.83
CA PRO C 747 -51.44 22.72 -25.07
C PRO C 747 -52.87 23.20 -25.27
N LYS C 748 -53.29 23.23 -26.52
CA LYS C 748 -54.52 23.93 -26.87
C LYS C 748 -55.76 23.18 -26.38
N GLU C 749 -55.69 21.85 -26.28
CA GLU C 749 -56.87 21.10 -25.86
C GLU C 749 -57.12 21.25 -24.36
N VAL C 750 -56.08 21.51 -23.57
CA VAL C 750 -56.29 21.85 -22.17
C VAL C 750 -56.90 23.23 -22.05
N LEU C 751 -56.31 24.20 -22.74
CA LEU C 751 -56.67 25.59 -22.59
C LEU C 751 -58.05 25.90 -23.15
N GLU C 752 -58.53 25.12 -24.11
CA GLU C 752 -59.85 25.38 -24.66
C GLU C 752 -60.96 24.81 -23.80
N GLY C 753 -60.64 24.02 -22.78
CA GLY C 753 -61.67 23.43 -21.97
C GLY C 753 -61.63 23.83 -20.51
N LEU C 754 -61.03 24.99 -20.22
CA LEU C 754 -60.96 25.53 -18.88
C LEU C 754 -61.44 26.96 -18.87
N GLU C 755 -62.24 27.31 -17.88
CA GLU C 755 -62.68 28.68 -17.66
C GLU C 755 -61.83 29.28 -16.56
N ILE C 756 -60.86 30.11 -16.92
CA ILE C 756 -59.87 30.61 -15.98
C ILE C 756 -60.32 31.98 -15.50
N LYS C 757 -60.38 32.14 -14.19
CA LYS C 757 -60.70 33.38 -13.51
C LYS C 757 -59.41 34.00 -12.99
N LEU C 758 -59.21 35.28 -13.23
CA LEU C 758 -57.99 35.97 -12.83
C LEU C 758 -58.31 36.98 -11.75
N VAL C 759 -57.65 36.84 -10.60
CA VAL C 759 -57.97 37.64 -9.42
C VAL C 759 -56.74 38.41 -8.96
N GLU C 760 -57.01 39.43 -8.15
CA GLU C 760 -55.95 40.26 -7.58
C GLU C 760 -55.97 40.21 -6.05
N ASP C 761 -57.15 40.04 -5.47
CA ASP C 761 -57.29 40.00 -4.02
C ASP C 761 -58.28 38.92 -3.62
N VAL C 762 -58.25 38.55 -2.34
CA VAL C 762 -59.03 37.40 -1.87
C VAL C 762 -60.51 37.69 -1.69
N GLY C 763 -60.92 38.96 -1.71
CA GLY C 763 -62.33 39.26 -1.65
C GLY C 763 -63.08 38.78 -2.86
N GLU C 764 -62.45 38.85 -4.03
CA GLU C 764 -63.05 38.33 -5.25
C GLU C 764 -63.20 36.82 -5.19
N VAL C 765 -62.19 36.14 -4.62
CA VAL C 765 -62.23 34.69 -4.51
C VAL C 765 -63.33 34.24 -3.55
N LEU C 766 -63.45 34.93 -2.41
CA LEU C 766 -64.50 34.53 -1.48
C LEU C 766 -65.89 34.92 -1.96
N GLU C 767 -66.02 35.95 -2.79
CA GLU C 767 -67.33 36.19 -3.40
C GLU C 767 -67.65 35.13 -4.44
N TYR C 768 -66.65 34.61 -5.13
CA TYR C 768 -66.94 33.67 -6.20
C TYR C 768 -67.12 32.24 -5.70
N LEU C 769 -66.49 31.87 -4.58
CA LEU C 769 -66.49 30.49 -4.12
C LEU C 769 -67.61 30.14 -3.16
N LEU C 770 -67.90 30.99 -2.19
CA LEU C 770 -68.86 30.63 -1.16
C LEU C 770 -70.28 30.83 -1.65
N LEU C 771 -71.15 29.89 -1.31
CA LEU C 771 -72.56 30.06 -1.60
C LEU C 771 -73.14 31.13 -0.67
N PRO C 772 -74.09 31.93 -1.16
CA PRO C 772 -74.52 33.11 -0.41
C PRO C 772 -75.43 32.85 0.78
N GLU C 773 -75.63 31.60 1.20
CA GLU C 773 -76.57 31.36 2.26
C GLU C 773 -76.07 30.28 3.20
N PRO C 774 -76.09 30.51 4.50
CA PRO C 774 -75.63 29.49 5.44
C PRO C 774 -76.63 28.35 5.58
N THR C 775 -76.10 27.16 5.86
CA THR C 775 -76.91 25.97 6.03
C THR C 775 -76.81 25.42 7.45
N MET C 776 -75.61 25.09 7.92
CA MET C 776 -75.42 24.52 9.24
C MET C 776 -75.63 25.58 10.32
N PRO C 777 -76.00 25.17 11.53
CA PRO C 777 -76.07 26.14 12.64
C PRO C 777 -74.67 26.56 13.06
N PRO C 778 -74.52 27.75 13.64
CA PRO C 778 -73.19 28.27 13.95
C PRO C 778 -72.52 27.55 15.12
N VAL C 779 -71.25 27.87 15.32
CA VAL C 779 -70.51 27.45 16.49
C VAL C 779 -70.33 28.67 17.41
N VAL C 780 -70.79 28.54 18.64
CA VAL C 780 -70.68 29.65 19.59
C VAL C 780 -69.77 29.25 20.75
N ARG D 2 -29.54 -39.21 -102.75
CA ARG D 2 -29.28 -38.01 -101.97
C ARG D 2 -28.71 -38.37 -100.60
N LEU D 3 -28.09 -39.54 -100.52
CA LEU D 3 -27.40 -40.08 -99.33
C LEU D 3 -28.34 -40.18 -98.13
N GLU D 4 -29.35 -41.03 -98.28
CA GLU D 4 -30.18 -41.40 -97.13
C GLU D 4 -29.38 -42.27 -96.18
N LEU D 5 -28.97 -41.69 -95.05
CA LEU D 5 -28.09 -42.37 -94.11
C LEU D 5 -28.71 -42.35 -92.72
N PRO D 6 -28.55 -43.42 -91.94
CA PRO D 6 -29.16 -43.46 -90.61
C PRO D 6 -28.43 -42.57 -89.63
N VAL D 7 -29.17 -42.13 -88.62
CA VAL D 7 -28.74 -41.12 -87.66
C VAL D 7 -28.59 -41.77 -86.29
N ILE D 8 -27.43 -41.61 -85.68
CA ILE D 8 -27.13 -42.10 -84.33
C ILE D 8 -26.86 -40.88 -83.44
N PRO D 9 -27.55 -40.73 -82.31
CA PRO D 9 -27.35 -39.53 -81.48
C PRO D 9 -26.07 -39.63 -80.66
N LEU D 10 -25.51 -38.47 -80.33
CA LEU D 10 -24.31 -38.41 -79.49
C LEU D 10 -24.71 -38.47 -78.01
N ARG D 11 -23.79 -38.98 -77.19
CA ARG D 11 -24.10 -39.25 -75.79
C ARG D 11 -23.05 -38.80 -74.78
N ASN D 12 -21.85 -38.42 -75.20
CA ASN D 12 -20.86 -37.95 -74.24
C ASN D 12 -20.27 -36.60 -74.60
N THR D 13 -20.11 -36.30 -75.88
CA THR D 13 -19.55 -35.05 -76.34
C THR D 13 -20.04 -34.77 -77.75
N VAL D 14 -19.51 -33.73 -78.37
CA VAL D 14 -19.84 -33.36 -79.75
C VAL D 14 -18.65 -33.73 -80.62
N ILE D 15 -18.88 -34.60 -81.59
CA ILE D 15 -17.81 -35.09 -82.47
C ILE D 15 -17.53 -34.03 -83.53
N LEU D 16 -16.23 -33.64 -83.66
CA LEU D 16 -15.72 -32.64 -84.59
C LEU D 16 -15.45 -33.24 -85.96
N PRO D 17 -15.61 -32.45 -87.02
CA PRO D 17 -15.16 -32.88 -88.34
C PRO D 17 -13.64 -32.94 -88.42
N HIS D 18 -13.16 -33.72 -89.40
CA HIS D 18 -11.74 -33.93 -89.69
C HIS D 18 -10.98 -34.49 -88.49
N THR D 19 -11.51 -35.56 -87.89
CA THR D 19 -10.92 -36.15 -86.69
C THR D 19 -11.12 -37.66 -86.72
N THR D 20 -10.09 -38.41 -86.36
CA THR D 20 -10.14 -39.86 -86.27
C THR D 20 -10.34 -40.26 -84.81
N THR D 21 -11.50 -40.86 -84.51
CA THR D 21 -11.91 -41.23 -83.17
C THR D 21 -12.30 -42.70 -83.09
N PRO D 22 -12.16 -43.34 -81.93
CA PRO D 22 -12.75 -44.65 -81.72
C PRO D 22 -14.23 -44.55 -81.37
N VAL D 23 -14.82 -45.70 -81.06
CA VAL D 23 -16.23 -45.80 -80.67
C VAL D 23 -16.31 -46.61 -79.39
N ASP D 24 -16.95 -46.02 -78.36
CA ASP D 24 -17.22 -46.72 -77.09
C ASP D 24 -18.72 -46.59 -76.84
N VAL D 25 -19.51 -47.51 -77.41
CA VAL D 25 -20.96 -47.52 -77.28
C VAL D 25 -21.36 -48.91 -76.81
N GLY D 26 -22.10 -48.97 -75.70
CA GLY D 26 -22.51 -50.24 -75.15
C GLY D 26 -23.97 -50.35 -74.78
N ARG D 27 -24.84 -49.62 -75.49
CA ARG D 27 -26.27 -49.68 -75.22
C ARG D 27 -26.89 -50.89 -75.91
N ALA D 28 -28.10 -51.24 -75.48
CA ALA D 28 -28.84 -52.36 -76.07
C ALA D 28 -29.75 -51.94 -77.20
N LYS D 29 -29.82 -50.65 -77.51
CA LYS D 29 -30.68 -50.13 -78.57
C LYS D 29 -29.86 -49.33 -79.58
N SER D 30 -28.64 -49.79 -79.87
CA SER D 30 -27.77 -49.07 -80.80
C SER D 30 -27.02 -50.00 -81.75
N LYS D 31 -27.19 -51.31 -81.62
CA LYS D 31 -26.47 -52.26 -82.48
C LYS D 31 -27.08 -52.32 -83.88
N ARG D 32 -28.42 -52.26 -83.95
CA ARG D 32 -29.11 -52.33 -85.24
C ARG D 32 -28.84 -51.09 -86.09
N ALA D 33 -28.62 -49.94 -85.44
CA ALA D 33 -28.27 -48.72 -86.17
C ALA D 33 -26.90 -48.85 -86.82
N VAL D 34 -25.94 -49.44 -86.10
CA VAL D 34 -24.61 -49.66 -86.66
C VAL D 34 -24.64 -50.70 -87.77
N GLU D 35 -25.49 -51.74 -87.62
CA GLU D 35 -25.60 -52.75 -88.66
C GLU D 35 -26.25 -52.19 -89.93
N GLU D 36 -27.32 -51.41 -89.79
CA GLU D 36 -27.93 -50.77 -90.95
C GLU D 36 -27.07 -49.64 -91.53
N ALA D 37 -26.18 -49.05 -90.74
CA ALA D 37 -25.24 -48.10 -91.29
C ALA D 37 -24.12 -48.78 -92.08
N MET D 38 -23.69 -49.97 -91.64
CA MET D 38 -22.78 -50.76 -92.44
C MET D 38 -23.46 -51.29 -93.70
N GLY D 39 -24.76 -51.56 -93.63
CA GLY D 39 -25.52 -51.96 -94.80
C GLY D 39 -25.99 -50.79 -95.65
N ALA D 40 -25.73 -49.57 -95.16
CA ALA D 40 -26.04 -48.35 -95.89
C ALA D 40 -24.77 -47.64 -96.34
N ASP D 41 -23.80 -48.41 -96.84
CA ASP D 41 -22.54 -47.93 -97.41
C ASP D 41 -21.69 -47.17 -96.39
N ARG D 42 -21.55 -47.78 -95.20
CA ARG D 42 -20.44 -47.55 -94.27
C ARG D 42 -20.40 -46.12 -93.72
N LEU D 43 -21.54 -45.47 -93.56
CA LEU D 43 -21.59 -44.08 -93.11
C LEU D 43 -22.60 -43.91 -91.99
N ILE D 44 -22.27 -43.02 -91.05
CA ILE D 44 -23.04 -42.80 -89.83
C ILE D 44 -23.25 -41.29 -89.67
N PHE D 45 -24.50 -40.88 -89.49
CA PHE D 45 -24.78 -39.52 -89.05
C PHE D 45 -24.77 -39.42 -87.54
N LEU D 46 -24.07 -38.41 -87.02
CA LEU D 46 -23.90 -38.20 -85.58
C LEU D 46 -24.38 -36.80 -85.25
N VAL D 47 -25.60 -36.70 -84.72
CA VAL D 47 -26.18 -35.42 -84.32
C VAL D 47 -26.06 -35.32 -82.80
N ALA D 48 -25.57 -34.18 -82.33
CA ALA D 48 -25.42 -33.94 -80.90
C ALA D 48 -26.76 -33.65 -80.25
N GLN D 49 -26.79 -33.72 -78.93
CA GLN D 49 -28.01 -33.55 -78.16
C GLN D 49 -28.00 -32.22 -77.41
N ARG D 50 -29.20 -31.76 -77.04
CA ARG D 50 -29.40 -30.46 -76.42
C ARG D 50 -29.11 -30.46 -74.92
N ASP D 51 -29.57 -29.40 -74.23
CA ASP D 51 -29.63 -29.18 -72.79
C ASP D 51 -30.20 -30.42 -72.08
N PRO D 52 -29.82 -30.68 -70.77
CA PRO D 52 -29.31 -32.01 -70.35
C PRO D 52 -29.87 -33.26 -71.03
N GLU D 53 -28.93 -34.13 -71.42
CA GLU D 53 -29.13 -35.16 -72.42
C GLU D 53 -30.11 -36.24 -71.96
N VAL D 54 -31.13 -36.48 -72.78
CA VAL D 54 -32.13 -37.52 -72.53
C VAL D 54 -31.72 -38.76 -73.30
N ASP D 55 -31.85 -39.93 -72.67
CA ASP D 55 -31.50 -41.21 -73.27
C ASP D 55 -32.64 -41.83 -74.08
N ASP D 56 -33.57 -41.02 -74.57
CA ASP D 56 -34.72 -41.46 -75.38
C ASP D 56 -34.90 -40.45 -76.49
N PRO D 57 -34.88 -40.87 -77.76
CA PRO D 57 -35.04 -39.91 -78.87
C PRO D 57 -36.43 -39.29 -78.91
N ALA D 58 -36.49 -38.00 -78.59
CA ALA D 58 -37.69 -37.18 -78.60
C ALA D 58 -37.62 -36.24 -79.79
N PRO D 59 -38.74 -35.78 -80.34
CA PRO D 59 -38.67 -34.92 -81.53
C PRO D 59 -38.29 -33.47 -81.23
N ASP D 60 -37.96 -33.12 -80.00
CA ASP D 60 -37.62 -31.75 -79.63
C ASP D 60 -36.12 -31.48 -79.64
N ASP D 61 -35.33 -32.30 -80.32
CA ASP D 61 -33.88 -32.14 -80.41
C ASP D 61 -33.44 -31.51 -81.72
N LEU D 62 -34.23 -30.58 -82.27
CA LEU D 62 -34.01 -30.12 -83.64
C LEU D 62 -32.92 -29.06 -83.69
N TYR D 63 -31.85 -29.37 -84.41
CA TYR D 63 -30.81 -28.43 -84.81
C TYR D 63 -30.51 -28.62 -86.29
N THR D 64 -29.63 -27.78 -86.82
CA THR D 64 -29.19 -27.88 -88.21
C THR D 64 -27.69 -28.19 -88.30
N TRP D 65 -27.17 -28.92 -87.31
CA TRP D 65 -25.74 -29.16 -87.22
C TRP D 65 -25.49 -30.63 -86.95
N GLY D 66 -24.29 -31.08 -87.33
CA GLY D 66 -23.94 -32.48 -87.15
C GLY D 66 -22.56 -32.76 -87.68
N VAL D 67 -22.26 -34.05 -87.84
CA VAL D 67 -20.97 -34.51 -88.33
C VAL D 67 -21.17 -35.89 -88.94
N GLN D 68 -20.30 -36.24 -89.89
CA GLN D 68 -20.33 -37.54 -90.53
C GLN D 68 -19.36 -38.50 -89.86
N ALA D 69 -19.52 -39.79 -90.16
CA ALA D 69 -18.57 -40.80 -89.74
C ALA D 69 -18.50 -41.88 -90.81
N VAL D 70 -17.28 -42.33 -91.11
CA VAL D 70 -17.05 -43.34 -92.12
C VAL D 70 -16.46 -44.57 -91.45
N VAL D 71 -16.88 -45.76 -91.91
CA VAL D 71 -16.40 -47.01 -91.35
C VAL D 71 -15.06 -47.36 -91.99
N LYS D 72 -14.00 -47.33 -91.18
CA LYS D 72 -12.65 -47.63 -91.66
C LYS D 72 -12.29 -49.10 -91.41
N GLN D 73 -12.29 -49.53 -90.15
CA GLN D 73 -11.97 -50.90 -89.81
C GLN D 73 -12.90 -51.37 -88.69
N ALA D 74 -13.14 -52.68 -88.66
CA ALA D 74 -14.05 -53.29 -87.69
C ALA D 74 -13.60 -54.72 -87.43
N MET D 75 -13.17 -54.99 -86.21
CA MET D 75 -12.82 -56.34 -85.78
C MET D 75 -13.88 -56.85 -84.81
N ARG D 76 -14.48 -57.98 -85.15
CA ARG D 76 -15.56 -58.55 -84.37
C ARG D 76 -15.01 -59.35 -83.19
N LEU D 77 -15.66 -59.22 -82.05
CA LEU D 77 -15.26 -59.91 -80.83
C LEU D 77 -16.44 -60.69 -80.27
N PRO D 78 -16.21 -61.93 -79.79
CA PRO D 78 -17.31 -62.74 -79.23
C PRO D 78 -17.64 -62.39 -77.78
N ASP D 79 -18.02 -61.14 -77.54
CA ASP D 79 -18.42 -60.72 -76.20
C ASP D 79 -19.62 -59.79 -76.19
N GLY D 80 -20.21 -59.49 -77.35
CA GLY D 80 -21.26 -58.50 -77.45
C GLY D 80 -20.76 -57.08 -77.70
N THR D 81 -19.47 -56.83 -77.53
CA THR D 81 -18.88 -55.51 -77.75
C THR D 81 -18.43 -55.42 -79.20
N LEU D 82 -19.16 -54.62 -79.99
CA LEU D 82 -18.86 -54.41 -81.40
C LEU D 82 -18.20 -53.04 -81.53
N GLN D 83 -16.87 -53.04 -81.55
CA GLN D 83 -16.09 -51.80 -81.64
C GLN D 83 -15.61 -51.60 -83.07
N VAL D 84 -16.03 -50.50 -83.68
CA VAL D 84 -15.64 -50.13 -85.03
C VAL D 84 -14.91 -48.80 -84.96
N MET D 85 -13.81 -48.67 -85.72
CA MET D 85 -13.10 -47.40 -85.76
C MET D 85 -13.71 -46.51 -86.83
N VAL D 86 -14.00 -45.26 -86.44
CA VAL D 86 -14.65 -44.31 -87.34
C VAL D 86 -13.73 -43.13 -87.58
N GLU D 87 -14.16 -42.24 -88.46
CA GLU D 87 -13.43 -41.04 -88.83
C GLU D 87 -14.41 -40.05 -89.43
N ALA D 88 -14.26 -38.78 -89.07
CA ALA D 88 -15.17 -37.74 -89.55
C ALA D 88 -14.64 -37.16 -90.84
N ARG D 89 -15.50 -37.12 -91.86
CA ARG D 89 -15.16 -36.58 -93.17
C ARG D 89 -15.80 -35.22 -93.42
N ALA D 90 -17.08 -35.08 -93.13
CA ALA D 90 -17.80 -33.83 -93.42
C ALA D 90 -18.89 -33.66 -92.37
N ARG D 91 -19.87 -32.80 -92.66
CA ARG D 91 -20.93 -32.42 -91.74
C ARG D 91 -22.28 -32.64 -92.40
N ALA D 92 -23.34 -32.43 -91.62
CA ALA D 92 -24.70 -32.64 -92.11
C ALA D 92 -25.65 -31.65 -91.43
N GLN D 93 -26.82 -31.49 -92.03
CA GLN D 93 -27.90 -30.66 -91.50
C GLN D 93 -29.13 -31.52 -91.34
N VAL D 94 -29.98 -31.19 -90.37
CA VAL D 94 -31.20 -31.94 -90.09
C VAL D 94 -32.39 -31.00 -90.19
N THR D 95 -33.26 -31.27 -91.16
CA THR D 95 -34.56 -30.62 -91.26
C THR D 95 -35.70 -31.60 -91.11
N ASP D 96 -35.71 -32.67 -91.91
CA ASP D 96 -36.66 -33.76 -91.70
C ASP D 96 -36.22 -34.58 -90.50
N TYR D 97 -37.19 -35.04 -89.72
CA TYR D 97 -36.90 -35.80 -88.51
C TYR D 97 -37.94 -36.89 -88.31
N ILE D 98 -37.48 -38.03 -87.83
CA ILE D 98 -38.36 -39.14 -87.46
C ILE D 98 -38.13 -39.46 -85.99
N PRO D 99 -39.14 -39.36 -85.13
CA PRO D 99 -38.97 -39.76 -83.73
C PRO D 99 -38.79 -41.26 -83.62
N GLY D 100 -37.57 -41.68 -83.29
CA GLY D 100 -37.17 -43.05 -83.53
C GLY D 100 -37.29 -43.96 -82.32
N PRO D 101 -36.77 -45.20 -82.45
CA PRO D 101 -36.11 -45.81 -83.62
C PRO D 101 -37.08 -46.25 -84.73
N TYR D 102 -36.72 -46.09 -86.01
CA TYR D 102 -35.41 -45.60 -86.45
C TYR D 102 -35.43 -44.12 -86.81
N LEU D 103 -34.29 -43.61 -87.28
CA LEU D 103 -34.15 -42.20 -87.62
C LEU D 103 -33.64 -42.06 -89.05
N ARG D 104 -34.08 -40.99 -89.70
CA ARG D 104 -33.66 -40.66 -91.07
C ARG D 104 -33.74 -39.15 -91.25
N ALA D 105 -32.64 -38.55 -91.74
CA ALA D 105 -32.56 -37.10 -91.89
C ALA D 105 -32.17 -36.71 -93.31
N ARG D 106 -31.97 -35.41 -93.55
CA ARG D 106 -31.59 -34.92 -94.86
C ARG D 106 -30.89 -33.58 -94.72
N GLY D 107 -29.69 -33.49 -95.31
CA GLY D 107 -28.97 -32.23 -95.32
C GLY D 107 -29.30 -31.41 -96.57
N GLU D 108 -29.51 -30.12 -96.36
CA GLU D 108 -29.92 -29.24 -97.46
C GLU D 108 -28.71 -28.77 -98.26
N VAL D 109 -27.81 -28.02 -97.63
CA VAL D 109 -26.65 -27.44 -98.31
C VAL D 109 -25.39 -27.69 -97.51
N PHE D 110 -24.25 -27.25 -98.04
CA PHE D 110 -22.95 -27.38 -97.40
C PHE D 110 -22.42 -25.99 -97.10
N SER D 111 -21.97 -25.78 -95.85
CA SER D 111 -21.50 -24.47 -95.41
C SER D 111 -20.11 -24.64 -94.79
N GLU D 112 -19.12 -23.96 -95.37
CA GLU D 112 -17.76 -23.98 -94.85
C GLU D 112 -17.04 -22.72 -95.33
N ILE D 113 -16.38 -22.03 -94.41
CA ILE D 113 -15.68 -20.79 -94.73
C ILE D 113 -14.19 -21.03 -94.58
N PHE D 114 -13.40 -20.29 -95.37
CA PHE D 114 -11.94 -20.40 -95.38
C PHE D 114 -11.30 -19.04 -95.10
N PRO D 115 -10.15 -19.01 -94.45
CA PRO D 115 -9.55 -17.73 -94.04
C PRO D 115 -9.04 -16.91 -95.22
N ILE D 116 -9.16 -15.60 -95.07
CA ILE D 116 -8.67 -14.62 -96.02
C ILE D 116 -7.59 -13.80 -95.31
N ASP D 117 -6.55 -13.43 -96.06
CA ASP D 117 -5.33 -12.77 -95.58
C ASP D 117 -4.65 -13.64 -94.51
N GLU D 118 -4.12 -14.77 -94.99
CA GLU D 118 -3.59 -15.84 -94.15
C GLU D 118 -2.29 -15.50 -93.45
N ALA D 119 -1.80 -14.27 -93.52
CA ALA D 119 -0.61 -13.90 -92.76
C ALA D 119 -0.88 -13.88 -91.26
N VAL D 120 -2.02 -13.29 -90.87
CA VAL D 120 -2.42 -13.28 -89.47
C VAL D 120 -2.78 -14.69 -89.01
N VAL D 121 -3.33 -15.50 -89.92
CA VAL D 121 -3.62 -16.90 -89.62
C VAL D 121 -2.31 -17.68 -89.41
N ARG D 122 -1.27 -17.33 -90.18
CA ARG D 122 0.02 -17.99 -90.04
C ARG D 122 0.72 -17.58 -88.74
N VAL D 123 0.58 -16.31 -88.36
CA VAL D 123 1.06 -15.84 -87.06
C VAL D 123 0.30 -16.54 -85.94
N LEU D 124 -0.99 -16.80 -86.13
CA LEU D 124 -1.77 -17.55 -85.14
C LEU D 124 -1.34 -19.02 -85.07
N VAL D 125 -0.99 -19.62 -86.20
CA VAL D 125 -0.49 -21.00 -86.18
C VAL D 125 0.85 -21.09 -85.47
N GLU D 126 1.72 -20.08 -85.67
CA GLU D 126 2.99 -20.05 -84.95
C GLU D 126 2.79 -19.81 -83.45
N GLU D 127 1.85 -18.93 -83.08
CA GLU D 127 1.54 -18.71 -81.67
C GLU D 127 0.88 -19.93 -81.03
N LEU D 128 0.08 -20.68 -81.81
CA LEU D 128 -0.55 -21.89 -81.30
C LEU D 128 0.47 -22.99 -81.11
N LYS D 129 1.47 -23.07 -81.99
CA LYS D 129 2.58 -24.00 -81.78
C LYS D 129 3.42 -23.62 -80.59
N GLU D 130 3.60 -22.31 -80.36
CA GLU D 130 4.32 -21.83 -79.17
C GLU D 130 3.55 -22.15 -77.88
N ALA D 131 2.23 -21.99 -77.90
CA ALA D 131 1.41 -22.31 -76.74
C ALA D 131 1.36 -23.82 -76.49
N PHE D 132 1.30 -24.61 -77.57
CA PHE D 132 1.37 -26.06 -77.43
C PHE D 132 2.73 -26.50 -76.92
N GLU D 133 3.80 -25.79 -77.28
CA GLU D 133 5.12 -26.10 -76.76
C GLU D 133 5.23 -25.76 -75.27
N LYS D 134 4.63 -24.64 -74.85
CA LYS D 134 4.54 -24.34 -73.42
C LYS D 134 3.66 -25.33 -72.67
N TYR D 135 2.67 -25.91 -73.35
CA TYR D 135 1.81 -26.91 -72.71
C TYR D 135 2.53 -28.25 -72.57
N VAL D 136 3.28 -28.66 -73.60
CA VAL D 136 4.10 -29.87 -73.54
C VAL D 136 5.21 -29.73 -72.52
N ALA D 137 5.75 -28.51 -72.36
CA ALA D 137 6.84 -28.28 -71.42
C ALA D 137 6.40 -28.42 -69.96
N ASN D 138 5.09 -28.42 -69.72
CA ASN D 138 4.55 -28.61 -68.38
C ASN D 138 4.02 -30.02 -68.14
N HIS D 139 4.54 -31.03 -68.83
CA HIS D 139 4.00 -32.38 -68.73
C HIS D 139 4.70 -33.24 -67.68
N LYS D 140 5.20 -32.63 -66.60
CA LYS D 140 5.76 -33.45 -65.52
C LYS D 140 4.69 -34.15 -64.71
N SER D 141 3.44 -33.70 -64.79
CA SER D 141 2.32 -34.34 -64.07
C SER D 141 1.14 -34.55 -65.01
N LEU D 142 1.40 -34.76 -66.30
CA LEU D 142 0.35 -34.94 -67.29
C LEU D 142 0.39 -36.32 -67.95
N ARG D 143 1.47 -37.09 -67.76
CA ARG D 143 1.61 -38.49 -68.19
C ARG D 143 1.43 -38.66 -69.70
N LEU D 144 2.38 -38.09 -70.46
CA LEU D 144 2.35 -38.15 -71.91
C LEU D 144 3.75 -38.22 -72.49
N ASP D 145 3.92 -39.02 -73.55
CA ASP D 145 5.20 -39.23 -74.20
C ASP D 145 5.64 -37.95 -74.93
N ARG D 146 6.94 -37.88 -75.23
CA ARG D 146 7.59 -36.68 -75.73
C ARG D 146 7.87 -36.74 -77.23
N TYR D 147 6.99 -37.35 -78.02
CA TYR D 147 7.25 -37.55 -79.44
C TYR D 147 6.02 -37.22 -80.30
N GLN D 148 5.14 -36.35 -79.81
CA GLN D 148 3.96 -35.92 -80.56
C GLN D 148 4.06 -34.47 -81.02
N LEU D 149 5.27 -33.94 -81.12
CA LEU D 149 5.47 -32.53 -81.42
C LEU D 149 5.78 -32.29 -82.89
N GLU D 150 6.81 -32.95 -83.41
CA GLU D 150 7.27 -32.72 -84.78
C GLU D 150 6.41 -33.40 -85.83
N ALA D 151 5.60 -34.39 -85.46
CA ALA D 151 4.76 -35.08 -86.42
C ALA D 151 3.54 -34.27 -86.85
N VAL D 152 3.20 -33.21 -86.11
CA VAL D 152 2.05 -32.37 -86.43
C VAL D 152 2.47 -30.98 -86.90
N LYS D 153 3.77 -30.70 -86.98
CA LYS D 153 4.24 -29.42 -87.47
C LYS D 153 4.50 -29.45 -88.98
N GLY D 154 5.05 -30.55 -89.50
CA GLY D 154 5.30 -30.65 -90.93
C GLY D 154 4.07 -30.92 -91.78
N THR D 155 2.99 -31.38 -91.18
CA THR D 155 1.74 -31.58 -91.92
C THR D 155 1.09 -30.24 -92.19
N SER D 156 0.78 -29.97 -93.46
CA SER D 156 0.24 -28.68 -93.87
C SER D 156 -1.29 -28.68 -93.81
N ASP D 157 -1.80 -28.65 -92.59
CA ASP D 157 -3.24 -28.54 -92.34
C ASP D 157 -3.45 -27.92 -90.97
N PRO D 158 -3.98 -26.70 -90.88
CA PRO D 158 -4.14 -26.08 -89.55
C PRO D 158 -5.31 -26.61 -88.75
N ALA D 159 -6.41 -26.98 -89.41
CA ALA D 159 -7.59 -27.47 -88.68
C ALA D 159 -7.35 -28.85 -88.10
N MET D 160 -6.68 -29.73 -88.86
CA MET D 160 -6.26 -31.02 -88.34
C MET D 160 -5.26 -30.86 -87.20
N LEU D 161 -4.40 -29.84 -87.28
CA LEU D 161 -3.47 -29.52 -86.20
C LEU D 161 -4.20 -29.11 -84.93
N ALA D 162 -5.21 -28.24 -85.06
CA ALA D 162 -5.98 -27.78 -83.90
C ALA D 162 -6.79 -28.92 -83.30
N ASP D 163 -7.37 -29.77 -84.14
CA ASP D 163 -8.11 -30.93 -83.64
C ASP D 163 -7.20 -31.93 -82.95
N THR D 164 -6.00 -32.15 -83.48
CA THR D 164 -5.07 -33.10 -82.88
C THR D 164 -4.54 -32.57 -81.54
N ILE D 165 -4.34 -31.25 -81.43
CA ILE D 165 -3.94 -30.67 -80.15
C ILE D 165 -5.08 -30.76 -79.14
N ALA D 166 -6.29 -30.41 -79.54
CA ALA D 166 -7.42 -30.38 -78.62
C ALA D 166 -7.98 -31.77 -78.31
N TYR D 167 -7.56 -32.81 -79.03
CA TYR D 167 -8.05 -34.17 -78.79
C TYR D 167 -7.57 -34.77 -77.47
N HIS D 168 -6.43 -34.31 -76.94
CA HIS D 168 -5.85 -34.90 -75.74
C HIS D 168 -6.23 -34.15 -74.47
N ALA D 169 -7.44 -33.59 -74.41
CA ALA D 169 -7.92 -32.95 -73.20
C ALA D 169 -9.43 -33.16 -73.12
N THR D 170 -9.98 -33.03 -71.91
CA THR D 170 -11.40 -33.16 -71.68
C THR D 170 -12.02 -31.76 -71.68
N TRP D 171 -13.03 -31.57 -72.53
CA TRP D 171 -13.61 -30.25 -72.73
C TRP D 171 -15.11 -30.28 -72.43
N THR D 172 -15.74 -29.13 -72.58
CA THR D 172 -17.14 -28.93 -72.22
C THR D 172 -18.04 -29.30 -73.41
N VAL D 173 -19.15 -29.99 -73.10
CA VAL D 173 -20.13 -30.30 -74.12
C VAL D 173 -20.81 -29.03 -74.63
N ALA D 174 -21.10 -28.09 -73.73
CA ALA D 174 -21.77 -26.86 -74.12
C ALA D 174 -20.86 -25.92 -74.90
N GLU D 175 -19.57 -25.88 -74.55
CA GLU D 175 -18.63 -25.05 -75.30
C GLU D 175 -18.41 -25.57 -76.71
N LYS D 176 -18.31 -26.90 -76.88
CA LYS D 176 -18.18 -27.45 -78.22
C LYS D 176 -19.51 -27.42 -78.97
N GLN D 177 -20.62 -27.35 -78.25
CA GLN D 177 -21.91 -27.04 -78.89
C GLN D 177 -21.91 -25.62 -79.43
N GLU D 178 -21.34 -24.67 -78.69
CA GLU D 178 -21.25 -23.30 -79.18
C GLU D 178 -20.26 -23.19 -80.34
N ILE D 179 -19.20 -23.99 -80.32
CA ILE D 179 -18.20 -23.94 -81.38
C ILE D 179 -18.73 -24.57 -82.66
N LEU D 180 -19.37 -25.74 -82.56
CA LEU D 180 -19.78 -26.51 -83.73
C LEU D 180 -20.91 -25.82 -84.49
N GLU D 181 -21.67 -24.95 -83.82
CA GLU D 181 -22.68 -24.14 -84.49
C GLU D 181 -22.11 -22.93 -85.21
N LEU D 182 -20.78 -22.76 -85.21
CA LEU D 182 -20.11 -21.77 -86.04
C LEU D 182 -19.27 -22.49 -87.09
N THR D 183 -19.25 -21.95 -88.30
CA THR D 183 -18.43 -22.46 -89.38
C THR D 183 -17.05 -21.82 -89.42
N ASP D 184 -16.81 -20.82 -88.58
CA ASP D 184 -15.55 -20.10 -88.58
C ASP D 184 -14.46 -20.97 -87.97
N LEU D 185 -13.24 -20.80 -88.47
CA LEU D 185 -12.07 -21.48 -87.95
C LEU D 185 -11.21 -20.57 -87.08
N GLU D 186 -11.19 -19.27 -87.40
CA GLU D 186 -10.37 -18.32 -86.66
C GLU D 186 -10.88 -18.08 -85.24
N ALA D 187 -12.20 -17.90 -85.11
CA ALA D 187 -12.79 -17.55 -83.81
C ALA D 187 -12.70 -18.71 -82.83
N ARG D 188 -12.87 -19.94 -83.32
CA ARG D 188 -12.73 -21.08 -82.43
C ARG D 188 -11.26 -21.33 -82.07
N LEU D 189 -10.32 -20.94 -82.93
CA LEU D 189 -8.91 -20.94 -82.55
C LEU D 189 -8.63 -19.92 -81.45
N LYS D 190 -9.27 -18.74 -81.54
CA LYS D 190 -9.18 -17.76 -80.47
C LYS D 190 -9.72 -18.30 -79.14
N LYS D 191 -10.86 -18.99 -79.20
CA LYS D 191 -11.48 -19.50 -77.97
C LYS D 191 -10.65 -20.65 -77.38
N VAL D 192 -10.10 -21.51 -78.23
CA VAL D 192 -9.24 -22.61 -77.74
C VAL D 192 -7.95 -22.06 -77.15
N LEU D 193 -7.38 -21.00 -77.73
CA LEU D 193 -6.18 -20.39 -77.16
C LEU D 193 -6.48 -19.70 -75.82
N GLY D 194 -7.66 -19.09 -75.71
CA GLY D 194 -8.07 -18.53 -74.41
C GLY D 194 -8.30 -19.60 -73.36
N LEU D 195 -8.86 -20.74 -73.76
CA LEU D 195 -9.03 -21.84 -72.82
C LEU D 195 -7.69 -22.45 -72.42
N LEU D 196 -6.72 -22.46 -73.34
CA LEU D 196 -5.37 -22.88 -72.97
C LEU D 196 -4.72 -21.92 -72.00
N SER D 197 -4.97 -20.61 -72.16
CA SER D 197 -4.47 -19.63 -71.20
C SER D 197 -5.11 -19.82 -69.82
N ARG D 198 -6.41 -20.14 -69.79
CA ARG D 198 -7.08 -20.41 -68.53
C ARG D 198 -6.58 -21.71 -67.89
N ASP D 199 -6.24 -22.71 -68.71
CA ASP D 199 -5.65 -23.94 -68.20
C ASP D 199 -4.28 -23.68 -67.60
N LEU D 200 -3.47 -22.83 -68.25
CA LEU D 200 -2.16 -22.47 -67.71
C LEU D 200 -2.29 -21.73 -66.38
N GLU D 201 -3.27 -20.82 -66.29
CA GLU D 201 -3.50 -20.10 -65.03
C GLU D 201 -4.01 -21.05 -63.95
N ARG D 202 -4.78 -22.08 -64.33
CA ARG D 202 -5.29 -23.02 -63.35
C ARG D 202 -4.18 -23.94 -62.82
N PHE D 203 -3.29 -24.41 -63.71
CA PHE D 203 -2.17 -25.21 -63.24
C PHE D 203 -1.19 -24.39 -62.42
N GLU D 204 -0.99 -23.11 -62.75
CA GLU D 204 -0.13 -22.27 -61.92
C GLU D 204 -0.76 -22.01 -60.55
N LEU D 205 -2.08 -21.84 -60.49
CA LEU D 205 -2.74 -21.63 -59.20
C LEU D 205 -2.69 -22.90 -58.34
N ASP D 206 -2.92 -24.07 -58.93
CA ASP D 206 -2.79 -25.32 -58.21
C ASP D 206 -1.35 -25.57 -57.76
N LYS D 207 -0.37 -25.13 -58.58
CA LYS D 207 1.02 -25.27 -58.21
C LYS D 207 1.39 -24.35 -57.05
N ARG D 208 0.80 -23.15 -56.99
CA ARG D 208 1.04 -22.28 -55.85
C ARG D 208 0.36 -22.79 -54.58
N VAL D 209 -0.81 -23.42 -54.71
CA VAL D 209 -1.46 -24.03 -53.55
C VAL D 209 -0.64 -25.21 -53.03
N ALA D 210 -0.10 -26.02 -53.95
CA ALA D 210 0.78 -27.11 -53.55
C ALA D 210 2.08 -26.60 -52.95
N GLN D 211 2.59 -25.47 -53.46
CA GLN D 211 3.76 -24.82 -52.89
C GLN D 211 3.48 -24.35 -51.47
N ARG D 212 2.28 -23.84 -51.22
CA ARG D 212 1.92 -23.38 -49.88
C ARG D 212 1.80 -24.53 -48.90
N VAL D 213 1.12 -25.62 -49.28
CA VAL D 213 0.98 -26.75 -48.36
C VAL D 213 2.32 -27.46 -48.18
N LYS D 214 3.18 -27.41 -49.22
CA LYS D 214 4.52 -27.96 -49.14
C LYS D 214 5.38 -27.19 -48.16
N GLU D 215 5.37 -25.86 -48.24
CA GLU D 215 6.18 -25.07 -47.31
C GLU D 215 5.58 -25.09 -45.91
N GLN D 216 4.26 -25.25 -45.79
CA GLN D 216 3.65 -25.43 -44.48
C GLN D 216 4.12 -26.71 -43.81
N MET D 217 4.07 -27.84 -44.52
CA MET D 217 4.48 -29.09 -43.88
C MET D 217 6.00 -29.18 -43.75
N ASP D 218 6.75 -28.49 -44.61
CA ASP D 218 8.21 -28.51 -44.48
C ASP D 218 8.68 -27.64 -43.32
N THR D 219 8.08 -26.47 -43.12
CA THR D 219 8.40 -25.66 -41.95
C THR D 219 7.91 -26.33 -40.68
N ASN D 220 6.76 -27.02 -40.74
CA ASN D 220 6.31 -27.78 -39.59
C ASN D 220 7.20 -28.99 -39.33
N GLN D 221 7.81 -29.54 -40.40
CA GLN D 221 8.74 -30.65 -40.24
C GLN D 221 10.07 -30.18 -39.66
N ARG D 222 10.49 -28.98 -40.05
CA ARG D 222 11.67 -28.37 -39.44
C ARG D 222 11.42 -28.08 -37.97
N GLU D 223 10.26 -27.48 -37.65
CA GLU D 223 9.76 -27.36 -36.28
C GLU D 223 9.76 -28.69 -35.54
N TYR D 224 9.32 -29.75 -36.22
CA TYR D 224 9.27 -31.09 -35.67
C TYR D 224 10.64 -31.58 -35.24
N TYR D 225 11.62 -31.58 -36.15
CA TYR D 225 12.94 -32.07 -35.80
C TYR D 225 13.64 -31.15 -34.80
N LEU D 226 13.38 -29.84 -34.87
CA LEU D 226 14.05 -28.92 -33.94
C LEU D 226 13.49 -29.05 -32.52
N ARG D 227 12.16 -29.17 -32.36
CA ARG D 227 11.65 -29.39 -31.02
C ARG D 227 11.97 -30.81 -30.54
N GLU D 228 12.20 -31.74 -31.47
CA GLU D 228 12.66 -33.07 -31.05
C GLU D 228 14.11 -33.05 -30.57
N GLN D 229 15.01 -32.32 -31.23
CA GLN D 229 16.37 -32.21 -30.68
C GLN D 229 16.38 -31.34 -29.42
N MET D 230 15.40 -30.45 -29.29
CA MET D 230 15.27 -29.69 -28.06
C MET D 230 14.82 -30.58 -26.91
N LYS D 231 13.96 -31.56 -27.18
CA LYS D 231 13.65 -32.54 -26.14
C LYS D 231 14.80 -33.50 -25.92
N ALA D 232 15.61 -33.72 -26.95
CA ALA D 232 16.81 -34.55 -26.81
C ALA D 232 17.81 -33.90 -25.87
N ILE D 233 18.06 -32.60 -26.03
CA ILE D 233 18.98 -31.92 -25.11
C ILE D 233 18.33 -31.74 -23.74
N GLN D 234 17.00 -31.71 -23.70
CA GLN D 234 16.28 -31.65 -22.43
C GLN D 234 16.50 -32.92 -21.60
N LYS D 235 16.35 -34.09 -22.22
CA LYS D 235 16.65 -35.33 -21.51
C LYS D 235 18.15 -35.53 -21.34
N GLU D 236 18.95 -34.91 -22.21
CA GLU D 236 20.40 -35.03 -22.11
C GLU D 236 20.95 -34.30 -20.90
N LEU D 237 20.39 -33.13 -20.58
CA LEU D 237 20.92 -32.40 -19.44
C LEU D 237 20.20 -32.77 -18.14
N GLY D 238 18.87 -32.71 -18.15
CA GLY D 238 18.09 -33.06 -16.99
C GLY D 238 18.08 -34.55 -16.70
N GLY D 239 17.83 -34.87 -15.42
CA GLY D 239 17.61 -36.25 -15.01
C GLY D 239 16.15 -36.63 -14.94
N GLU D 240 15.34 -35.85 -14.24
CA GLU D 240 13.92 -35.79 -14.49
C GLU D 240 13.71 -34.61 -15.44
N ASP D 241 12.54 -34.53 -16.07
CA ASP D 241 12.35 -33.60 -17.18
C ASP D 241 11.65 -32.31 -16.72
N GLY D 242 11.73 -32.07 -15.41
CA GLY D 242 11.42 -30.77 -14.81
C GLY D 242 10.04 -30.17 -15.06
N LEU D 243 8.98 -30.94 -14.77
CA LEU D 243 7.58 -30.54 -14.89
C LEU D 243 7.22 -30.13 -16.32
N SER D 244 7.24 -31.10 -17.22
CA SER D 244 6.57 -31.04 -18.53
C SER D 244 7.03 -29.87 -19.38
N ASP D 245 8.28 -29.89 -19.81
CA ASP D 245 8.84 -28.69 -20.42
C ASP D 245 8.34 -28.52 -21.86
N LEU D 246 7.34 -27.65 -22.01
CA LEU D 246 6.92 -27.05 -23.28
C LEU D 246 6.29 -28.06 -24.26
N GLU D 247 6.06 -29.31 -23.85
CA GLU D 247 5.79 -30.27 -24.91
C GLU D 247 4.35 -30.27 -25.40
N ALA D 248 3.35 -30.38 -24.52
CA ALA D 248 2.02 -30.87 -24.92
C ALA D 248 1.22 -29.89 -25.78
N LEU D 249 1.81 -28.75 -26.15
CA LEU D 249 1.04 -27.61 -26.59
C LEU D 249 0.55 -27.81 -28.00
N ARG D 250 1.08 -28.82 -28.64
CA ARG D 250 0.57 -29.31 -29.90
C ARG D 250 -0.87 -29.78 -29.77
N LYS D 251 -1.21 -30.58 -28.75
CA LYS D 251 -2.47 -31.34 -28.76
C LYS D 251 -3.41 -31.00 -27.62
N LYS D 252 -2.93 -30.45 -26.51
CA LYS D 252 -3.88 -30.03 -25.49
C LYS D 252 -4.61 -28.76 -25.87
N ILE D 253 -4.02 -27.92 -26.72
CA ILE D 253 -4.67 -26.70 -27.18
C ILE D 253 -5.56 -26.98 -28.38
N GLU D 254 -5.22 -27.98 -29.21
CA GLU D 254 -5.94 -28.21 -30.46
C GLU D 254 -7.34 -28.79 -30.23
N GLU D 255 -7.64 -29.23 -29.00
CA GLU D 255 -8.92 -29.87 -28.71
C GLU D 255 -9.83 -29.07 -27.79
N VAL D 256 -9.30 -28.20 -26.94
CA VAL D 256 -10.16 -27.31 -26.16
C VAL D 256 -10.52 -26.12 -27.05
N GLY D 257 -11.82 -26.01 -27.38
CA GLY D 257 -12.32 -24.94 -28.23
C GLY D 257 -11.70 -24.97 -29.62
N MET D 258 -11.15 -23.83 -30.06
CA MET D 258 -11.22 -22.52 -29.40
C MET D 258 -11.38 -21.49 -30.54
N PRO D 259 -11.67 -20.22 -30.22
CA PRO D 259 -11.56 -19.18 -31.26
C PRO D 259 -10.13 -19.06 -31.77
N GLU D 260 -10.01 -18.72 -33.06
CA GLU D 260 -8.70 -18.71 -33.71
C GLU D 260 -7.82 -17.57 -33.19
N ALA D 261 -8.43 -16.46 -32.77
CA ALA D 261 -7.65 -15.39 -32.13
C ALA D 261 -7.07 -15.86 -30.80
N VAL D 262 -7.85 -16.64 -30.05
CA VAL D 262 -7.38 -17.23 -28.81
C VAL D 262 -6.27 -18.23 -29.08
N LYS D 263 -6.37 -18.97 -30.20
CA LYS D 263 -5.33 -19.94 -30.57
C LYS D 263 -4.03 -19.24 -30.96
N THR D 264 -4.13 -18.13 -31.70
CA THR D 264 -2.94 -17.39 -32.10
C THR D 264 -2.27 -16.75 -30.90
N LYS D 265 -3.05 -16.15 -29.98
CA LYS D 265 -2.46 -15.59 -28.77
C LYS D 265 -1.91 -16.69 -27.87
N ALA D 266 -2.51 -17.88 -27.95
CA ALA D 266 -1.99 -19.04 -27.23
C ALA D 266 -0.62 -19.43 -27.74
N LEU D 267 -0.47 -19.67 -29.06
CA LEU D 267 0.83 -19.98 -29.65
C LEU D 267 1.86 -18.87 -29.43
N LYS D 268 1.44 -17.59 -29.46
CA LYS D 268 2.36 -16.50 -29.16
C LYS D 268 2.66 -16.41 -27.66
N GLU D 269 1.94 -17.17 -26.84
CA GLU D 269 2.41 -17.54 -25.52
C GLU D 269 3.03 -18.95 -25.50
N LEU D 270 2.68 -19.83 -26.45
CA LEU D 270 3.27 -21.18 -26.43
C LEU D 270 4.65 -21.17 -27.04
N ASP D 271 4.84 -20.44 -28.13
CA ASP D 271 6.04 -20.64 -28.92
C ASP D 271 7.23 -19.85 -28.39
N ARG D 272 7.14 -19.31 -27.17
CA ARG D 272 8.24 -18.52 -26.64
C ARG D 272 8.76 -19.05 -25.32
N LEU D 273 8.21 -20.16 -24.82
CA LEU D 273 8.62 -20.77 -23.56
C LEU D 273 9.89 -21.58 -23.65
N GLU D 274 10.71 -21.35 -24.68
CA GLU D 274 12.07 -21.86 -24.70
C GLU D 274 13.00 -21.06 -23.79
N ARG D 275 12.46 -20.11 -23.01
CA ARG D 275 13.22 -19.20 -22.16
C ARG D 275 14.00 -19.88 -21.05
N MET D 276 13.31 -20.42 -20.05
CA MET D 276 13.98 -21.04 -18.91
C MET D 276 13.15 -22.22 -18.44
N GLN D 277 13.80 -23.13 -17.72
CA GLN D 277 13.15 -24.28 -17.13
C GLN D 277 12.95 -24.15 -15.62
N GLN D 278 13.96 -23.69 -14.89
CA GLN D 278 14.00 -23.67 -13.44
C GLN D 278 13.21 -22.48 -12.88
N GLY D 279 13.11 -22.45 -11.55
CA GLY D 279 12.39 -21.38 -10.88
C GLY D 279 10.90 -21.52 -11.14
N SER D 280 10.24 -20.42 -11.51
CA SER D 280 10.78 -19.07 -11.59
C SER D 280 9.69 -18.10 -11.18
N PRO D 281 10.06 -16.86 -10.84
CA PRO D 281 9.06 -15.78 -10.77
C PRO D 281 8.62 -15.23 -12.12
N GLU D 282 8.96 -15.87 -13.24
CA GLU D 282 8.57 -15.40 -14.56
C GLU D 282 7.88 -16.47 -15.41
N ALA D 283 8.35 -17.71 -15.37
CA ALA D 283 7.81 -18.74 -16.25
C ALA D 283 6.68 -19.53 -15.61
N THR D 284 6.69 -19.68 -14.28
CA THR D 284 5.58 -20.34 -13.61
C THR D 284 4.30 -19.51 -13.65
N VAL D 285 4.43 -18.17 -13.67
CA VAL D 285 3.29 -17.30 -13.83
C VAL D 285 2.66 -17.50 -15.21
N ALA D 286 3.50 -17.60 -16.24
CA ALA D 286 3.01 -17.87 -17.59
C ALA D 286 2.45 -19.28 -17.72
N ARG D 287 2.98 -20.23 -16.94
CA ARG D 287 2.43 -21.58 -16.98
C ARG D 287 1.05 -21.64 -16.34
N THR D 288 0.87 -20.93 -15.22
CA THR D 288 -0.47 -20.80 -14.64
C THR D 288 -1.42 -20.06 -15.56
N TYR D 289 -0.90 -19.07 -16.30
CA TYR D 289 -1.68 -18.36 -17.31
C TYR D 289 -2.17 -19.30 -18.41
N LEU D 290 -1.27 -20.10 -18.98
CA LEU D 290 -1.67 -21.01 -20.05
C LEU D 290 -2.51 -22.16 -19.54
N ASP D 291 -2.34 -22.58 -18.28
CA ASP D 291 -3.26 -23.54 -17.68
C ASP D 291 -4.66 -22.96 -17.56
N TRP D 292 -4.76 -21.75 -16.99
CA TRP D 292 -6.04 -21.07 -16.82
C TRP D 292 -6.71 -20.78 -18.15
N LEU D 293 -5.93 -20.63 -19.22
CA LEU D 293 -6.53 -20.44 -20.54
C LEU D 293 -6.92 -21.76 -21.18
N THR D 294 -6.18 -22.84 -20.91
CA THR D 294 -6.53 -24.08 -21.59
C THR D 294 -7.62 -24.87 -20.87
N GLU D 295 -7.97 -24.51 -19.63
CA GLU D 295 -8.98 -25.33 -18.95
C GLU D 295 -10.30 -24.60 -18.75
N VAL D 296 -10.48 -23.42 -19.33
CA VAL D 296 -11.81 -22.78 -19.37
C VAL D 296 -12.54 -23.25 -20.61
N PRO D 297 -13.87 -23.44 -20.55
CA PRO D 297 -14.57 -24.13 -21.65
C PRO D 297 -14.95 -23.21 -22.81
N TRP D 298 -14.73 -23.76 -24.01
CA TRP D 298 -15.33 -23.26 -25.24
C TRP D 298 -15.99 -24.44 -25.94
N SER D 299 -17.19 -24.22 -26.46
CA SER D 299 -17.97 -25.18 -27.26
C SER D 299 -18.26 -26.48 -26.53
N LYS D 300 -18.24 -26.49 -25.20
CA LYS D 300 -18.68 -27.63 -24.40
C LYS D 300 -20.07 -27.31 -23.87
N ALA D 301 -21.09 -27.92 -24.47
CA ALA D 301 -22.47 -27.51 -24.24
C ALA D 301 -23.35 -28.74 -24.16
N ASP D 302 -23.92 -28.99 -22.98
CA ASP D 302 -24.90 -30.05 -22.83
C ASP D 302 -26.21 -29.66 -23.53
N PRO D 303 -27.02 -30.65 -23.90
CA PRO D 303 -28.34 -30.33 -24.48
C PRO D 303 -29.25 -29.66 -23.46
N GLU D 304 -30.11 -28.79 -23.97
CA GLU D 304 -31.00 -27.98 -23.16
C GLU D 304 -32.42 -28.10 -23.68
N VAL D 305 -33.38 -28.16 -22.75
CA VAL D 305 -34.78 -28.37 -23.09
C VAL D 305 -35.61 -27.29 -22.41
N LEU D 306 -36.28 -26.46 -23.20
CA LEU D 306 -37.28 -25.53 -22.68
C LEU D 306 -38.66 -26.08 -22.97
N ASP D 307 -39.45 -26.22 -21.91
CA ASP D 307 -40.82 -26.67 -22.05
C ASP D 307 -41.59 -26.16 -20.84
N ILE D 308 -42.76 -25.58 -21.09
CA ILE D 308 -43.58 -25.07 -20.01
C ILE D 308 -44.21 -26.23 -19.24
N ASN D 309 -44.56 -27.31 -19.93
CA ASN D 309 -45.28 -28.40 -19.29
C ASN D 309 -44.39 -29.18 -18.34
N HIS D 310 -43.18 -29.48 -18.80
CA HIS D 310 -42.23 -30.22 -17.97
C HIS D 310 -41.77 -29.38 -16.79
N THR D 311 -41.59 -28.08 -16.99
CA THR D 311 -41.21 -27.20 -15.89
C THR D 311 -42.34 -27.06 -14.88
N ARG D 312 -43.59 -27.03 -15.36
CA ARG D 312 -44.74 -26.96 -14.48
C ARG D 312 -44.84 -28.22 -13.62
N GLN D 313 -44.66 -29.39 -14.23
CA GLN D 313 -44.77 -30.59 -13.42
C GLN D 313 -43.53 -30.86 -12.58
N VAL D 314 -42.41 -30.17 -12.84
CA VAL D 314 -41.31 -30.21 -11.88
C VAL D 314 -41.59 -29.31 -10.70
N LEU D 315 -42.05 -28.09 -10.96
CA LEU D 315 -42.39 -27.13 -9.90
C LEU D 315 -43.55 -27.61 -9.04
N ASP D 316 -44.43 -28.45 -9.57
CA ASP D 316 -45.44 -29.07 -8.73
C ASP D 316 -44.80 -30.04 -7.74
N GLU D 317 -43.72 -30.69 -8.14
CA GLU D 317 -43.12 -31.71 -7.30
C GLU D 317 -42.22 -31.10 -6.23
N ASP D 318 -41.39 -30.13 -6.59
CA ASP D 318 -40.40 -29.65 -5.63
C ASP D 318 -40.93 -28.64 -4.64
N HIS D 319 -42.14 -28.13 -4.81
CA HIS D 319 -42.62 -27.03 -3.99
C HIS D 319 -44.11 -27.20 -3.71
N TYR D 320 -44.52 -26.68 -2.57
CA TYR D 320 -45.92 -26.65 -2.18
C TYR D 320 -46.44 -25.23 -2.34
N GLY D 321 -47.68 -25.10 -2.82
CA GLY D 321 -48.33 -23.81 -2.94
C GLY D 321 -47.73 -22.94 -4.01
N LEU D 322 -47.66 -21.63 -3.76
CA LEU D 322 -46.96 -20.64 -4.60
C LEU D 322 -47.53 -20.57 -6.01
N LYS D 323 -48.83 -20.26 -6.10
CA LYS D 323 -49.54 -20.33 -7.38
C LYS D 323 -49.06 -19.25 -8.34
N ASP D 324 -49.25 -17.97 -7.96
CA ASP D 324 -49.00 -16.87 -8.89
C ASP D 324 -47.53 -16.70 -9.20
N VAL D 325 -46.65 -17.08 -8.27
CA VAL D 325 -45.22 -16.99 -8.51
C VAL D 325 -44.79 -17.99 -9.58
N LYS D 326 -45.31 -19.22 -9.49
CA LYS D 326 -45.04 -20.21 -10.53
C LYS D 326 -45.65 -19.79 -11.85
N GLU D 327 -46.82 -19.14 -11.82
CA GLU D 327 -47.43 -18.67 -13.06
C GLU D 327 -46.58 -17.59 -13.73
N ARG D 328 -46.02 -16.67 -12.96
CA ARG D 328 -45.18 -15.63 -13.54
C ARG D 328 -43.84 -16.16 -14.04
N ILE D 329 -43.28 -17.16 -13.36
CA ILE D 329 -42.07 -17.82 -13.87
C ILE D 329 -42.37 -18.52 -15.19
N LEU D 330 -43.54 -19.15 -15.30
CA LEU D 330 -43.93 -19.76 -16.56
C LEU D 330 -44.16 -18.73 -17.66
N GLU D 331 -44.61 -17.52 -17.29
CA GLU D 331 -44.73 -16.44 -18.26
C GLU D 331 -43.36 -16.06 -18.83
N TYR D 332 -42.38 -15.91 -17.95
CA TYR D 332 -41.03 -15.54 -18.38
C TYR D 332 -40.41 -16.62 -19.25
N LEU D 333 -40.58 -17.88 -18.86
CA LEU D 333 -40.05 -18.97 -19.65
C LEU D 333 -40.79 -19.17 -20.96
N ALA D 334 -42.09 -18.84 -21.01
CA ALA D 334 -42.82 -18.90 -22.26
C ALA D 334 -42.31 -17.84 -23.23
N VAL D 335 -41.98 -16.67 -22.70
CA VAL D 335 -41.40 -15.62 -23.54
C VAL D 335 -40.06 -16.04 -24.11
N ARG D 336 -39.16 -16.54 -23.25
CA ARG D 336 -37.84 -16.88 -23.77
C ARG D 336 -37.85 -18.22 -24.51
N GLN D 337 -38.93 -18.99 -24.42
CA GLN D 337 -39.10 -20.13 -25.31
C GLN D 337 -39.59 -19.69 -26.68
N LEU D 338 -40.42 -18.64 -26.75
CA LEU D 338 -40.83 -18.16 -28.06
C LEU D 338 -39.72 -17.42 -28.78
N THR D 339 -38.84 -16.74 -28.04
CA THR D 339 -37.77 -15.96 -28.65
C THR D 339 -36.42 -16.64 -28.58
N GLN D 340 -36.40 -17.98 -28.62
CA GLN D 340 -35.12 -18.67 -28.54
C GLN D 340 -34.44 -18.59 -29.90
N GLY D 341 -33.13 -18.48 -29.90
CA GLY D 341 -32.43 -18.66 -31.15
C GLY D 341 -32.42 -17.42 -32.02
N LEU D 342 -33.38 -17.36 -32.94
CA LEU D 342 -33.48 -16.35 -33.97
C LEU D 342 -33.64 -14.93 -33.41
N ASP D 343 -32.65 -14.09 -33.74
CA ASP D 343 -32.63 -12.65 -33.46
C ASP D 343 -32.76 -12.37 -31.96
N VAL D 344 -31.73 -12.79 -31.23
CA VAL D 344 -31.66 -12.46 -29.81
C VAL D 344 -31.36 -10.98 -29.73
N ARG D 345 -32.41 -10.19 -29.51
CA ARG D 345 -32.31 -8.75 -29.52
C ARG D 345 -32.01 -8.26 -28.09
N ASN D 346 -32.17 -6.97 -27.83
CA ASN D 346 -32.24 -6.46 -26.46
C ASN D 346 -33.57 -6.88 -25.83
N LYS D 347 -33.68 -8.16 -25.50
CA LYS D 347 -34.94 -8.82 -25.22
C LYS D 347 -35.24 -8.71 -23.73
N ALA D 348 -36.17 -9.56 -23.23
CA ALA D 348 -36.63 -9.70 -21.85
C ALA D 348 -35.49 -9.65 -20.85
N PRO D 349 -35.64 -8.88 -19.79
CA PRO D 349 -34.49 -8.58 -18.94
C PRO D 349 -34.13 -9.67 -17.95
N ILE D 350 -33.20 -9.35 -17.06
CA ILE D 350 -32.76 -10.29 -16.05
C ILE D 350 -33.83 -10.43 -14.98
N LEU D 351 -34.24 -11.67 -14.72
CA LEU D 351 -35.20 -11.95 -13.68
C LEU D 351 -34.57 -11.75 -12.31
N VAL D 352 -35.35 -11.26 -11.36
CA VAL D 352 -34.89 -11.13 -9.98
C VAL D 352 -35.96 -11.69 -9.06
N LEU D 353 -35.54 -12.41 -8.02
CA LEU D 353 -36.43 -13.05 -7.06
C LEU D 353 -36.38 -12.27 -5.76
N VAL D 354 -37.49 -11.66 -5.39
CA VAL D 354 -37.52 -10.71 -4.29
C VAL D 354 -38.44 -11.25 -3.19
N GLY D 355 -37.91 -11.34 -1.98
CA GLY D 355 -38.69 -11.73 -0.84
C GLY D 355 -37.86 -11.86 0.40
N PRO D 356 -38.49 -12.28 1.50
CA PRO D 356 -37.77 -12.48 2.75
C PRO D 356 -36.86 -13.70 2.67
N PRO D 357 -35.85 -13.80 3.53
CA PRO D 357 -35.05 -15.02 3.59
C PRO D 357 -35.79 -16.13 4.31
N GLY D 358 -35.57 -17.35 3.84
CA GLY D 358 -36.28 -18.51 4.32
C GLY D 358 -37.39 -18.96 3.40
N VAL D 359 -37.95 -18.05 2.62
CA VAL D 359 -38.73 -18.43 1.46
C VAL D 359 -37.81 -19.16 0.50
N GLY D 360 -38.32 -20.17 -0.19
CA GLY D 360 -37.44 -20.89 -1.07
C GLY D 360 -37.11 -20.10 -2.31
N LYS D 361 -35.92 -19.53 -2.34
CA LYS D 361 -35.41 -18.81 -3.51
C LYS D 361 -34.27 -19.54 -4.19
N THR D 362 -33.45 -20.25 -3.43
CA THR D 362 -32.44 -21.11 -4.04
C THR D 362 -33.09 -22.37 -4.60
N SER D 363 -34.07 -22.90 -3.87
CA SER D 363 -34.73 -24.13 -4.28
C SER D 363 -35.58 -23.94 -5.54
N LEU D 364 -36.17 -22.76 -5.70
CA LEU D 364 -36.83 -22.46 -6.96
C LEU D 364 -35.83 -22.37 -8.10
N GLY D 365 -34.63 -21.84 -7.85
CA GLY D 365 -33.61 -21.79 -8.88
C GLY D 365 -33.14 -23.17 -9.28
N ARG D 366 -32.99 -24.08 -8.31
CA ARG D 366 -32.64 -25.45 -8.63
C ARG D 366 -33.76 -26.16 -9.38
N SER D 367 -35.02 -25.83 -9.05
CA SER D 367 -36.14 -26.44 -9.75
C SER D 367 -36.19 -25.99 -11.19
N ILE D 368 -35.92 -24.72 -11.44
CA ILE D 368 -35.87 -24.19 -12.80
C ILE D 368 -34.69 -24.82 -13.55
N ALA D 369 -33.55 -25.00 -12.88
CA ALA D 369 -32.38 -25.58 -13.54
C ALA D 369 -32.60 -27.04 -13.90
N ARG D 370 -33.15 -27.81 -12.97
CA ARG D 370 -33.40 -29.23 -13.22
C ARG D 370 -34.52 -29.44 -14.22
N SER D 371 -35.41 -28.46 -14.34
CA SER D 371 -36.43 -28.53 -15.39
C SER D 371 -35.86 -28.38 -16.79
N MET D 372 -34.67 -27.80 -16.94
CA MET D 372 -34.09 -27.55 -18.25
C MET D 372 -32.69 -28.13 -18.42
N ASN D 373 -32.27 -29.05 -17.53
CA ASN D 373 -31.05 -29.85 -17.67
C ASN D 373 -29.78 -29.02 -17.67
N ARG D 374 -29.78 -27.91 -16.97
CA ARG D 374 -28.58 -27.12 -16.78
C ARG D 374 -27.87 -27.59 -15.51
N LYS D 375 -26.91 -26.81 -15.04
CA LYS D 375 -26.27 -27.02 -13.75
C LYS D 375 -26.59 -25.80 -12.88
N PHE D 376 -25.96 -25.73 -11.71
CA PHE D 376 -26.37 -24.72 -10.75
C PHE D 376 -25.16 -24.26 -9.95
N HIS D 377 -25.14 -22.96 -9.60
CA HIS D 377 -24.11 -22.39 -8.75
C HIS D 377 -24.71 -21.29 -7.88
N ARG D 378 -23.93 -20.85 -6.90
CA ARG D 378 -24.23 -19.66 -6.13
C ARG D 378 -22.94 -18.86 -5.97
N ILE D 379 -23.05 -17.54 -6.17
CA ILE D 379 -21.87 -16.69 -6.31
C ILE D 379 -21.85 -15.60 -5.24
N SER D 380 -23.02 -15.30 -4.63
CA SER D 380 -23.16 -14.80 -3.22
C SER D 380 -22.40 -13.48 -2.96
N LEU D 381 -22.85 -12.45 -3.67
CA LEU D 381 -22.09 -11.21 -3.78
C LEU D 381 -22.25 -10.36 -2.52
N GLY D 382 -21.35 -9.39 -2.38
CA GLY D 382 -21.37 -8.43 -1.28
C GLY D 382 -20.25 -8.61 -0.28
N GLY D 383 -19.60 -9.78 -0.26
CA GLY D 383 -18.65 -10.15 0.77
C GLY D 383 -17.35 -9.36 0.76
N VAL D 384 -17.00 -8.75 -0.37
CA VAL D 384 -15.84 -7.87 -0.45
C VAL D 384 -16.39 -6.47 -0.70
N ARG D 385 -15.50 -5.49 -0.85
CA ARG D 385 -15.91 -4.10 -1.07
C ARG D 385 -15.14 -3.49 -2.24
N ASP D 386 -14.95 -4.26 -3.31
CA ASP D 386 -14.23 -3.76 -4.47
C ASP D 386 -14.79 -4.38 -5.74
N GLU D 387 -14.18 -4.03 -6.87
CA GLU D 387 -14.53 -4.60 -8.17
C GLU D 387 -13.44 -5.48 -8.73
N ALA D 388 -12.54 -5.97 -7.88
CA ALA D 388 -11.40 -6.75 -8.32
C ALA D 388 -11.69 -8.24 -8.41
N GLU D 389 -12.79 -8.72 -7.83
CA GLU D 389 -13.14 -10.13 -7.90
C GLU D 389 -13.85 -10.47 -9.20
N ILE D 390 -14.50 -9.50 -9.84
CA ILE D 390 -15.23 -9.70 -11.08
C ILE D 390 -14.29 -9.66 -12.27
N ARG D 391 -13.62 -8.53 -12.47
CA ARG D 391 -12.47 -8.45 -13.34
C ARG D 391 -11.23 -8.38 -12.47
N GLY D 392 -10.29 -9.29 -12.71
CA GLY D 392 -9.15 -9.46 -11.84
C GLY D 392 -8.09 -8.40 -12.01
N HIS D 393 -6.89 -8.76 -11.60
CA HIS D 393 -5.70 -7.92 -11.78
C HIS D 393 -4.70 -8.65 -12.65
N ARG D 394 -3.80 -7.89 -13.29
CA ARG D 394 -2.91 -8.45 -14.29
C ARG D 394 -1.84 -9.30 -13.59
N ARG D 395 -1.15 -10.13 -14.38
CA ARG D 395 -0.06 -10.97 -13.90
C ARG D 395 1.10 -10.19 -13.29
N THR D 396 1.27 -8.92 -13.67
CA THR D 396 2.29 -8.07 -13.04
C THR D 396 1.96 -7.70 -11.60
N TYR D 397 0.67 -7.68 -11.24
CA TYR D 397 0.27 -7.25 -9.91
C TYR D 397 0.59 -8.35 -8.90
N ILE D 398 0.66 -7.97 -7.62
CA ILE D 398 1.03 -8.91 -6.58
C ILE D 398 -0.09 -9.92 -6.32
N GLY D 399 -1.26 -9.43 -5.93
CA GLY D 399 -2.40 -10.31 -5.77
C GLY D 399 -3.11 -10.55 -7.09
N ALA D 400 -3.08 -11.81 -7.52
CA ALA D 400 -3.39 -12.15 -8.91
C ALA D 400 -4.69 -12.93 -8.98
N MET D 401 -5.69 -12.45 -8.25
CA MET D 401 -7.01 -13.08 -8.17
C MET D 401 -7.71 -13.00 -9.52
N PRO D 402 -8.07 -14.15 -10.13
CA PRO D 402 -8.82 -14.09 -11.39
C PRO D 402 -10.30 -13.82 -11.17
N GLY D 403 -11.09 -13.94 -12.23
CA GLY D 403 -12.50 -13.57 -12.19
C GLY D 403 -13.36 -14.56 -11.43
N LYS D 404 -14.19 -14.02 -10.54
CA LYS D 404 -15.14 -14.84 -9.79
C LYS D 404 -16.29 -15.34 -10.64
N LEU D 405 -16.56 -14.68 -11.80
CA LEU D 405 -17.27 -15.36 -12.93
C LEU D 405 -16.41 -16.42 -13.60
N ILE D 406 -15.13 -16.14 -13.78
CA ILE D 406 -14.30 -17.09 -14.54
C ILE D 406 -13.99 -18.32 -13.69
N HIS D 407 -13.88 -18.16 -12.37
CA HIS D 407 -13.78 -19.32 -11.50
C HIS D 407 -15.11 -20.05 -11.41
N ALA D 408 -16.22 -19.35 -11.60
CA ALA D 408 -17.51 -20.02 -11.72
C ALA D 408 -17.59 -20.80 -13.03
N MET D 409 -16.97 -20.28 -14.09
CA MET D 409 -16.86 -21.04 -15.33
C MET D 409 -15.79 -22.12 -15.24
N LYS D 410 -14.98 -22.10 -14.19
CA LYS D 410 -14.10 -23.22 -13.86
C LYS D 410 -14.83 -24.32 -13.12
N GLN D 411 -15.69 -23.95 -12.15
CA GLN D 411 -16.41 -24.94 -11.36
C GLN D 411 -17.40 -25.73 -12.20
N VAL D 412 -17.96 -25.10 -13.20
CA VAL D 412 -18.71 -25.81 -14.23
C VAL D 412 -17.75 -26.13 -15.36
N GLY D 413 -18.07 -27.16 -16.14
CA GLY D 413 -17.38 -27.44 -17.37
C GLY D 413 -18.14 -27.05 -18.61
N VAL D 414 -19.31 -26.46 -18.48
CA VAL D 414 -20.21 -26.19 -19.58
C VAL D 414 -20.39 -24.68 -19.70
N ILE D 415 -20.53 -24.19 -20.93
CA ILE D 415 -20.80 -22.78 -21.18
C ILE D 415 -22.26 -22.38 -20.92
N ASN D 416 -23.16 -23.34 -20.73
CA ASN D 416 -24.59 -23.10 -20.52
C ASN D 416 -25.12 -22.59 -19.19
N PRO D 417 -24.52 -22.89 -18.01
CA PRO D 417 -25.34 -23.15 -16.82
C PRO D 417 -26.02 -21.91 -16.26
N VAL D 418 -27.10 -22.13 -15.54
CA VAL D 418 -27.76 -21.01 -14.87
C VAL D 418 -26.98 -20.70 -13.60
N ILE D 419 -26.96 -19.42 -13.24
CA ILE D 419 -26.12 -18.90 -12.18
C ILE D 419 -27.02 -18.06 -11.29
N LEU D 420 -27.22 -18.49 -10.05
CA LEU D 420 -27.96 -17.67 -9.12
C LEU D 420 -27.01 -16.69 -8.46
N LEU D 421 -27.49 -15.48 -8.21
CA LEU D 421 -26.67 -14.40 -7.64
C LEU D 421 -27.32 -13.92 -6.35
N ASP D 422 -26.81 -14.37 -5.22
CA ASP D 422 -27.36 -13.99 -3.93
C ASP D 422 -26.88 -12.60 -3.53
N GLU D 423 -27.79 -11.86 -2.89
CA GLU D 423 -27.50 -10.60 -2.18
C GLU D 423 -26.91 -9.56 -3.15
N ILE D 424 -27.77 -9.11 -4.07
CA ILE D 424 -27.36 -8.09 -5.02
C ILE D 424 -27.75 -6.68 -4.56
N ASP D 425 -28.63 -6.56 -3.57
CA ASP D 425 -28.95 -5.24 -3.04
C ASP D 425 -27.79 -4.66 -2.25
N LYS D 426 -27.15 -5.46 -1.40
CA LYS D 426 -25.87 -5.08 -0.86
C LYS D 426 -24.77 -5.63 -1.76
N MET D 427 -23.91 -4.75 -2.26
CA MET D 427 -22.94 -5.15 -3.28
C MET D 427 -21.54 -4.85 -2.75
N SER D 428 -20.55 -5.10 -3.60
CA SER D 428 -19.14 -5.01 -3.24
C SER D 428 -18.56 -3.62 -3.51
N SER D 429 -19.15 -2.61 -2.89
CA SER D 429 -18.97 -1.23 -3.29
C SER D 429 -18.00 -0.48 -2.36
N ASP D 430 -17.75 0.78 -2.73
CA ASP D 430 -17.27 1.85 -1.84
C ASP D 430 -15.80 1.72 -1.42
N TRP D 431 -14.97 1.02 -2.18
CA TRP D 431 -13.54 1.33 -2.02
C TRP D 431 -12.83 1.58 -3.34
N ARG D 432 -13.13 0.79 -4.36
CA ARG D 432 -12.80 1.06 -5.74
C ARG D 432 -13.98 1.78 -6.38
N GLY D 433 -14.00 1.82 -7.71
CA GLY D 433 -15.24 2.08 -8.41
C GLY D 433 -16.27 1.02 -8.08
N ASP D 434 -17.54 1.40 -7.96
CA ASP D 434 -18.55 0.45 -7.54
C ASP D 434 -18.84 -0.53 -8.67
N PRO D 435 -18.99 -1.82 -8.38
CA PRO D 435 -19.14 -2.83 -9.45
C PRO D 435 -20.54 -2.92 -10.05
N ALA D 436 -21.15 -1.77 -10.30
CA ALA D 436 -22.42 -1.72 -10.99
C ALA D 436 -22.26 -2.04 -12.47
N SER D 437 -21.41 -1.29 -13.18
CA SER D 437 -21.18 -1.56 -14.59
C SER D 437 -20.45 -2.88 -14.81
N ALA D 438 -19.73 -3.37 -13.80
CA ALA D 438 -19.21 -4.72 -13.83
C ALA D 438 -20.34 -5.74 -13.91
N MET D 439 -21.39 -5.54 -13.11
CA MET D 439 -22.58 -6.37 -13.21
C MET D 439 -23.34 -6.11 -14.50
N LEU D 440 -23.34 -4.86 -14.98
CA LEU D 440 -24.04 -4.54 -16.22
C LEU D 440 -23.41 -5.21 -17.42
N GLU D 441 -22.09 -5.33 -17.46
CA GLU D 441 -21.47 -5.89 -18.66
C GLU D 441 -21.52 -7.40 -18.71
N VAL D 442 -22.11 -8.07 -17.71
CA VAL D 442 -22.34 -9.51 -17.80
C VAL D 442 -23.84 -9.78 -17.83
N LEU D 443 -24.63 -8.88 -17.24
CA LEU D 443 -26.08 -9.11 -17.23
C LEU D 443 -26.73 -8.70 -18.53
N ASP D 444 -26.20 -7.68 -19.20
CA ASP D 444 -26.79 -7.22 -20.44
C ASP D 444 -26.48 -8.21 -21.55
N PRO D 445 -27.46 -8.64 -22.34
CA PRO D 445 -27.25 -9.74 -23.31
C PRO D 445 -26.45 -9.35 -24.54
N GLU D 446 -26.07 -8.09 -24.69
CA GLU D 446 -25.18 -7.67 -25.78
C GLU D 446 -23.87 -7.10 -25.28
N GLN D 447 -23.77 -6.80 -23.98
CA GLN D 447 -22.51 -6.40 -23.37
C GLN D 447 -21.72 -7.57 -22.81
N ASN D 448 -22.31 -8.75 -22.69
CA ASN D 448 -21.59 -9.93 -22.24
C ASN D 448 -21.03 -10.77 -23.39
N ASN D 449 -21.11 -10.27 -24.62
CA ASN D 449 -20.60 -11.04 -25.75
C ASN D 449 -19.08 -11.03 -25.78
N THR D 450 -18.46 -9.94 -25.35
CA THR D 450 -17.02 -9.78 -25.37
C THR D 450 -16.51 -9.44 -23.98
N PHE D 451 -17.00 -10.19 -22.99
CA PHE D 451 -16.53 -10.00 -21.62
C PHE D 451 -15.12 -10.53 -21.47
N THR D 452 -14.19 -9.63 -21.17
CA THR D 452 -12.79 -9.96 -21.00
C THR D 452 -12.42 -9.82 -19.53
N ASP D 453 -11.94 -10.91 -18.94
CA ASP D 453 -11.42 -10.84 -17.58
C ASP D 453 -10.14 -10.03 -17.56
N HIS D 454 -9.91 -9.33 -16.45
CA HIS D 454 -8.70 -8.53 -16.33
C HIS D 454 -7.58 -9.29 -15.62
N TYR D 455 -7.64 -10.61 -15.72
CA TYR D 455 -6.49 -11.48 -15.45
C TYR D 455 -6.10 -12.31 -16.66
N LEU D 456 -7.02 -12.58 -17.59
CA LEU D 456 -6.76 -13.37 -18.78
C LEU D 456 -6.66 -12.53 -20.04
N ASP D 457 -7.50 -11.48 -20.15
CA ASP D 457 -7.43 -10.45 -21.20
C ASP D 457 -7.59 -11.05 -22.60
N VAL D 458 -8.76 -11.63 -22.83
CA VAL D 458 -9.11 -12.25 -24.11
C VAL D 458 -10.63 -12.25 -24.17
N PRO D 459 -11.26 -12.12 -25.34
CA PRO D 459 -12.73 -12.18 -25.39
C PRO D 459 -13.27 -13.58 -25.10
N TYR D 460 -14.37 -13.63 -24.35
CA TYR D 460 -14.98 -14.86 -23.86
C TYR D 460 -16.48 -14.65 -23.81
N ASP D 461 -17.23 -15.47 -24.55
CA ASP D 461 -18.63 -15.19 -24.88
C ASP D 461 -19.56 -15.70 -23.78
N LEU D 462 -20.21 -14.77 -23.08
CA LEU D 462 -21.25 -15.11 -22.11
C LEU D 462 -22.64 -15.01 -22.72
N SER D 463 -22.88 -15.66 -23.85
CA SER D 463 -24.19 -15.62 -24.50
C SER D 463 -24.89 -16.98 -24.40
N LYS D 464 -24.50 -17.80 -23.44
CA LYS D 464 -25.17 -19.05 -23.18
C LYS D 464 -25.59 -19.23 -21.73
N VAL D 465 -25.01 -18.50 -20.79
CA VAL D 465 -25.51 -18.52 -19.43
C VAL D 465 -26.76 -17.66 -19.34
N PHE D 466 -27.60 -17.96 -18.35
CA PHE D 466 -28.86 -17.23 -18.15
C PHE D 466 -29.01 -17.02 -16.65
N PHE D 467 -28.71 -15.80 -16.22
CA PHE D 467 -28.64 -15.47 -14.82
C PHE D 467 -30.03 -15.36 -14.22
N ILE D 468 -30.13 -15.68 -12.94
CA ILE D 468 -31.33 -15.46 -12.14
C ILE D 468 -30.83 -14.82 -10.85
N THR D 469 -31.57 -13.82 -10.36
CA THR D 469 -31.09 -13.01 -9.26
C THR D 469 -32.01 -13.15 -8.05
N THR D 470 -31.43 -13.20 -6.85
CA THR D 470 -32.21 -13.09 -5.63
C THR D 470 -31.83 -11.81 -4.91
N ALA D 471 -32.79 -11.29 -4.16
CA ALA D 471 -32.58 -10.10 -3.35
C ALA D 471 -33.62 -10.09 -2.24
N ASN D 472 -33.44 -9.17 -1.31
CA ASN D 472 -34.39 -8.97 -0.24
C ASN D 472 -35.05 -7.60 -0.30
N THR D 473 -34.31 -6.59 -0.71
CA THR D 473 -34.81 -5.23 -0.81
C THR D 473 -34.58 -4.71 -2.22
N LEU D 474 -35.50 -3.85 -2.69
CA LEU D 474 -35.36 -3.24 -4.00
C LEU D 474 -34.62 -1.90 -3.95
N GLN D 475 -34.49 -1.31 -2.76
CA GLN D 475 -34.03 0.08 -2.66
C GLN D 475 -32.55 0.20 -2.97
N THR D 476 -31.73 -0.63 -2.33
CA THR D 476 -30.28 -0.47 -2.36
C THR D 476 -29.67 -0.90 -3.68
N ILE D 477 -30.45 -1.48 -4.59
CA ILE D 477 -29.98 -1.86 -5.92
C ILE D 477 -29.65 -0.59 -6.71
N PRO D 478 -28.52 -0.55 -7.42
CA PRO D 478 -28.26 0.59 -8.31
C PRO D 478 -29.28 0.68 -9.43
N ARG D 479 -29.65 1.91 -9.77
CA ARG D 479 -30.69 2.20 -10.74
C ARG D 479 -30.42 1.79 -12.19
N PRO D 480 -29.18 1.76 -12.70
CA PRO D 480 -28.97 1.09 -14.00
C PRO D 480 -29.28 -0.41 -13.99
N LEU D 481 -29.28 -1.06 -12.82
CA LEU D 481 -29.78 -2.42 -12.73
C LEU D 481 -31.30 -2.45 -12.66
N LEU D 482 -31.90 -1.61 -11.82
CA LEU D 482 -33.35 -1.57 -11.66
C LEU D 482 -34.09 -1.11 -12.92
N ASP D 483 -33.41 -0.40 -13.83
CA ASP D 483 -34.05 -0.07 -15.09
C ASP D 483 -34.20 -1.29 -15.98
N ARG D 484 -33.33 -2.29 -15.79
CA ARG D 484 -33.49 -3.52 -16.55
C ARG D 484 -34.50 -4.46 -15.91
N MET D 485 -34.21 -4.90 -14.67
CA MET D 485 -34.64 -6.20 -14.18
C MET D 485 -36.15 -6.36 -14.05
N GLU D 486 -36.64 -7.51 -14.51
CA GLU D 486 -38.01 -7.91 -14.30
C GLU D 486 -38.16 -8.54 -12.92
N VAL D 487 -39.19 -8.11 -12.18
CA VAL D 487 -39.25 -8.32 -10.74
C VAL D 487 -40.31 -9.36 -10.43
N ILE D 488 -39.95 -10.33 -9.59
CA ILE D 488 -40.89 -11.31 -9.04
C ILE D 488 -40.87 -11.15 -7.53
N GLU D 489 -42.05 -10.97 -6.93
CA GLU D 489 -42.19 -10.75 -5.51
C GLU D 489 -42.84 -11.97 -4.88
N ILE D 490 -42.30 -12.44 -3.77
CA ILE D 490 -42.83 -13.62 -3.10
C ILE D 490 -43.28 -13.22 -1.70
N PRO D 491 -44.55 -13.45 -1.33
CA PRO D 491 -45.07 -12.93 -0.06
C PRO D 491 -44.51 -13.53 1.23
N GLY D 492 -44.69 -14.83 1.39
CA GLY D 492 -44.64 -15.46 2.70
C GLY D 492 -45.80 -16.41 2.91
N TYR D 493 -45.72 -17.15 4.00
CA TYR D 493 -46.56 -18.33 4.18
C TYR D 493 -47.58 -18.12 5.29
N THR D 494 -48.57 -19.01 5.33
CA THR D 494 -49.57 -19.09 6.38
C THR D 494 -49.26 -20.29 7.27
N ASN D 495 -50.14 -20.56 8.23
CA ASN D 495 -49.87 -21.68 9.13
C ASN D 495 -50.34 -23.02 8.57
N MET D 496 -51.39 -23.03 7.75
CA MET D 496 -51.73 -24.28 7.07
C MET D 496 -50.71 -24.59 5.98
N GLU D 497 -50.17 -23.56 5.34
CA GLU D 497 -49.10 -23.77 4.37
C GLU D 497 -47.84 -24.29 5.03
N LYS D 498 -47.44 -23.70 6.16
CA LYS D 498 -46.28 -24.21 6.87
C LYS D 498 -46.53 -25.60 7.46
N GLN D 499 -47.78 -25.89 7.83
CA GLN D 499 -48.11 -27.24 8.28
C GLN D 499 -47.96 -28.26 7.16
N ALA D 500 -48.39 -27.90 5.95
CA ALA D 500 -48.28 -28.84 4.83
C ALA D 500 -46.85 -28.95 4.34
N ILE D 501 -46.08 -27.86 4.38
CA ILE D 501 -44.68 -27.91 3.96
C ILE D 501 -43.87 -28.74 4.94
N ALA D 502 -44.12 -28.59 6.25
CA ALA D 502 -43.43 -29.42 7.22
C ALA D 502 -43.89 -30.87 7.19
N ARG D 503 -45.12 -31.13 6.74
CA ARG D 503 -45.53 -32.52 6.56
C ARG D 503 -44.85 -33.15 5.36
N GLN D 504 -44.91 -32.50 4.21
CA GLN D 504 -44.50 -33.14 2.97
C GLN D 504 -43.00 -33.14 2.79
N TYR D 505 -42.34 -32.02 3.10
CA TYR D 505 -40.96 -31.82 2.65
C TYR D 505 -39.93 -31.72 3.75
N LEU D 506 -40.27 -31.21 4.93
CA LEU D 506 -39.23 -30.87 5.91
C LEU D 506 -38.99 -31.96 6.95
N TRP D 507 -40.06 -32.45 7.58
CA TRP D 507 -39.90 -33.50 8.58
C TRP D 507 -39.39 -34.84 8.05
N PRO D 508 -39.82 -35.36 6.88
CA PRO D 508 -39.13 -36.54 6.35
C PRO D 508 -37.67 -36.30 6.02
N LYS D 509 -37.33 -35.10 5.57
CA LYS D 509 -35.93 -34.73 5.32
C LYS D 509 -35.09 -34.83 6.58
N GLN D 510 -35.56 -34.25 7.68
CA GLN D 510 -34.79 -34.28 8.91
C GLN D 510 -34.74 -35.68 9.53
N VAL D 511 -35.79 -36.47 9.36
CA VAL D 511 -35.76 -37.84 9.89
C VAL D 511 -34.77 -38.69 9.11
N ARG D 512 -34.83 -38.64 7.77
CA ARG D 512 -33.84 -39.32 6.93
C ARG D 512 -32.43 -38.87 7.27
N GLU D 513 -32.26 -37.59 7.57
CA GLU D 513 -30.93 -37.06 7.76
C GLU D 513 -30.38 -37.33 9.15
N SER D 514 -31.24 -37.58 10.13
CA SER D 514 -30.78 -37.75 11.51
C SER D 514 -30.87 -39.21 11.97
N GLY D 515 -30.69 -40.16 11.06
CA GLY D 515 -30.53 -41.55 11.47
C GLY D 515 -31.79 -42.31 11.79
N MET D 516 -32.81 -41.65 12.35
CA MET D 516 -34.05 -42.31 12.70
C MET D 516 -34.80 -42.70 11.43
N GLU D 517 -35.63 -43.72 11.54
CA GLU D 517 -36.17 -44.29 10.30
C GLU D 517 -37.63 -44.68 10.36
N GLY D 518 -38.37 -44.35 11.40
CA GLY D 518 -39.67 -44.94 11.57
C GLY D 518 -39.76 -45.53 12.95
N ARG D 519 -38.89 -45.05 13.82
CA ARG D 519 -39.01 -45.27 15.25
C ARG D 519 -39.62 -44.08 15.96
N ILE D 520 -39.75 -42.95 15.26
CA ILE D 520 -40.26 -41.71 15.82
C ILE D 520 -41.16 -41.04 14.78
N GLU D 521 -42.23 -40.38 15.25
CA GLU D 521 -43.21 -39.79 14.35
C GLU D 521 -43.92 -38.65 15.05
N VAL D 522 -44.04 -37.52 14.37
CA VAL D 522 -44.79 -36.41 14.93
C VAL D 522 -46.23 -36.45 14.42
N THR D 523 -47.10 -35.79 15.16
CA THR D 523 -48.47 -35.54 14.71
C THR D 523 -48.59 -34.09 14.26
N ASP D 524 -49.68 -33.79 13.55
CA ASP D 524 -49.87 -32.48 12.96
C ASP D 524 -50.10 -31.40 14.01
N ALA D 525 -50.73 -31.77 15.13
CA ALA D 525 -50.96 -30.83 16.21
C ALA D 525 -49.64 -30.37 16.81
N ALA D 526 -48.68 -31.27 16.92
CA ALA D 526 -47.34 -30.92 17.36
C ALA D 526 -46.65 -29.98 16.38
N ILE D 527 -46.88 -30.18 15.09
CA ILE D 527 -46.30 -29.31 14.07
C ILE D 527 -46.83 -27.89 14.22
N LEU D 528 -48.15 -27.77 14.37
CA LEU D 528 -48.76 -26.46 14.53
C LEU D 528 -48.34 -25.79 15.83
N ARG D 529 -48.14 -26.58 16.89
CA ARG D 529 -47.64 -26.02 18.14
C ARG D 529 -46.24 -25.47 18.00
N VAL D 530 -45.36 -26.22 17.31
CA VAL D 530 -43.97 -25.76 17.13
C VAL D 530 -43.92 -24.50 16.29
N ILE D 531 -44.76 -24.42 15.24
CA ILE D 531 -44.81 -23.22 14.41
C ILE D 531 -45.32 -22.02 15.21
N SER D 532 -46.38 -22.21 15.99
CA SER D 532 -46.96 -21.08 16.68
C SER D 532 -46.15 -20.63 17.89
N GLU D 533 -45.39 -21.53 18.51
CA GLU D 533 -44.78 -21.22 19.80
C GLU D 533 -43.26 -21.23 19.81
N TYR D 534 -42.59 -21.56 18.71
CA TYR D 534 -41.14 -21.58 18.70
C TYR D 534 -40.56 -20.88 17.48
N THR D 535 -41.40 -20.25 16.68
CA THR D 535 -41.03 -19.84 15.33
C THR D 535 -41.74 -18.54 15.00
N ARG D 536 -40.98 -17.46 14.82
CA ARG D 536 -41.55 -16.19 14.36
C ARG D 536 -40.66 -15.62 13.25
N GLU D 537 -40.95 -16.00 12.02
CA GLU D 537 -40.33 -15.36 10.86
C GLU D 537 -41.27 -15.48 9.68
N ALA D 538 -40.89 -14.83 8.58
CA ALA D 538 -41.65 -14.97 7.34
C ALA D 538 -41.33 -16.28 6.65
N GLY D 539 -40.05 -16.67 6.65
CA GLY D 539 -39.61 -17.86 5.95
C GLY D 539 -39.91 -19.16 6.67
N VAL D 540 -39.04 -20.15 6.53
CA VAL D 540 -39.33 -21.47 7.08
C VAL D 540 -38.10 -22.04 7.80
N ARG D 541 -37.05 -21.23 7.93
CA ARG D 541 -35.76 -21.71 8.47
C ARG D 541 -35.85 -22.14 9.94
N GLY D 542 -36.57 -21.38 10.76
CA GLY D 542 -36.66 -21.71 12.18
C GLY D 542 -37.39 -23.00 12.43
N LEU D 543 -38.44 -23.28 11.65
CA LEU D 543 -39.16 -24.54 11.76
C LEU D 543 -38.28 -25.72 11.39
N GLU D 544 -37.40 -25.53 10.41
CA GLU D 544 -36.45 -26.55 10.02
C GLU D 544 -35.47 -26.85 11.16
N ARG D 545 -34.98 -25.80 11.84
CA ARG D 545 -34.08 -26.02 12.96
C ARG D 545 -34.79 -26.71 14.13
N GLU D 546 -36.06 -26.37 14.38
CA GLU D 546 -36.77 -26.98 15.50
C GLU D 546 -37.08 -28.45 15.24
N LEU D 547 -37.45 -28.80 14.01
CA LEU D 547 -37.65 -30.21 13.67
C LEU D 547 -36.36 -30.99 13.75
N GLY D 548 -35.23 -30.36 13.38
CA GLY D 548 -33.94 -30.99 13.58
C GLY D 548 -33.63 -31.26 15.03
N LYS D 549 -33.99 -30.32 15.91
CA LYS D 549 -33.75 -30.52 17.35
C LYS D 549 -34.59 -31.66 17.90
N ILE D 550 -35.84 -31.77 17.45
CA ILE D 550 -36.71 -32.85 17.93
C ILE D 550 -36.18 -34.20 17.48
N ALA D 551 -35.71 -34.30 16.24
CA ALA D 551 -35.15 -35.56 15.75
C ALA D 551 -33.86 -35.93 16.46
N ARG D 552 -33.02 -34.94 16.78
CA ARG D 552 -31.76 -35.25 17.46
C ARG D 552 -31.97 -35.66 18.92
N LYS D 553 -32.94 -35.04 19.60
CA LYS D 553 -33.25 -35.50 20.96
C LYS D 553 -33.88 -36.89 20.92
N GLY D 554 -34.65 -37.19 19.88
CA GLY D 554 -35.14 -38.54 19.70
C GLY D 554 -34.02 -39.54 19.51
N ALA D 555 -32.94 -39.15 18.83
CA ALA D 555 -31.81 -40.05 18.67
C ALA D 555 -31.09 -40.30 19.99
N LYS D 556 -30.96 -39.25 20.82
CA LYS D 556 -30.37 -39.46 22.14
C LYS D 556 -31.23 -40.36 23.02
N PHE D 557 -32.55 -40.20 22.95
CA PHE D 557 -33.44 -41.10 23.69
C PHE D 557 -33.39 -42.52 23.15
N TRP D 558 -33.12 -42.69 21.85
CA TRP D 558 -32.90 -44.03 21.33
C TRP D 558 -31.63 -44.64 21.89
N LEU D 559 -30.57 -43.84 22.01
CA LEU D 559 -29.34 -44.38 22.55
C LEU D 559 -29.36 -44.55 24.06
N GLU D 560 -30.33 -43.95 24.77
CA GLU D 560 -30.47 -44.28 26.18
C GLU D 560 -31.26 -45.57 26.36
N GLY D 561 -32.52 -45.57 25.93
CA GLY D 561 -33.33 -46.77 26.01
C GLY D 561 -34.06 -47.04 24.72
N ALA D 562 -33.72 -48.15 24.07
CA ALA D 562 -34.31 -48.48 22.78
C ALA D 562 -35.71 -49.06 22.96
N TRP D 563 -36.70 -48.40 22.40
CA TRP D 563 -38.07 -48.88 22.46
C TRP D 563 -38.36 -49.74 21.23
N GLU D 564 -39.61 -50.12 21.06
CA GLU D 564 -40.00 -51.04 20.01
C GLU D 564 -41.01 -50.38 19.07
N GLY D 565 -40.79 -50.59 17.78
CA GLY D 565 -41.72 -50.12 16.77
C GLY D 565 -41.63 -48.63 16.49
N LEU D 566 -42.76 -47.94 16.63
CA LEU D 566 -42.87 -46.53 16.32
C LEU D 566 -43.36 -45.76 17.54
N ARG D 567 -42.80 -44.58 17.76
CA ARG D 567 -43.21 -43.69 18.84
C ARG D 567 -43.82 -42.43 18.25
N THR D 568 -45.03 -42.11 18.67
CA THR D 568 -45.80 -40.99 18.14
C THR D 568 -45.78 -39.85 19.15
N ILE D 569 -45.03 -38.80 18.83
CA ILE D 569 -44.96 -37.63 19.69
C ILE D 569 -46.26 -36.85 19.56
N ASP D 570 -46.96 -36.67 20.68
CA ASP D 570 -48.19 -35.90 20.69
C ASP D 570 -47.85 -34.42 20.82
N ALA D 571 -48.87 -33.59 21.02
CA ALA D 571 -48.63 -32.17 21.22
C ALA D 571 -48.27 -31.82 22.66
N SER D 572 -48.37 -32.77 23.59
CA SER D 572 -48.06 -32.48 24.98
C SER D 572 -46.57 -32.53 25.25
N ASP D 573 -45.83 -33.38 24.54
CA ASP D 573 -44.43 -33.62 24.82
C ASP D 573 -43.50 -32.60 24.19
N ILE D 574 -44.04 -31.55 23.56
CA ILE D 574 -43.18 -30.57 22.88
C ILE D 574 -42.29 -29.78 23.84
N PRO D 575 -42.69 -29.39 25.06
CA PRO D 575 -41.68 -28.88 25.99
C PRO D 575 -40.68 -29.93 26.43
N THR D 576 -41.04 -31.22 26.41
CA THR D 576 -40.06 -32.23 26.80
C THR D 576 -39.00 -32.43 25.73
N TYR D 577 -39.26 -32.00 24.50
CA TYR D 577 -38.29 -32.14 23.41
C TYR D 577 -37.63 -30.82 23.02
N LEU D 578 -38.29 -29.69 23.22
CA LEU D 578 -37.70 -28.41 22.82
C LEU D 578 -37.42 -27.47 23.99
N GLY D 579 -38.16 -27.58 25.09
CA GLY D 579 -37.90 -26.74 26.22
C GLY D 579 -39.00 -25.73 26.49
N ILE D 580 -38.64 -24.60 27.07
CA ILE D 580 -39.62 -23.57 27.42
C ILE D 580 -40.10 -22.91 26.14
N PRO D 581 -41.42 -22.72 25.97
CA PRO D 581 -41.94 -21.99 24.80
C PRO D 581 -41.41 -20.56 24.75
N ARG D 582 -40.99 -20.15 23.57
CA ARG D 582 -40.24 -18.91 23.39
C ARG D 582 -41.14 -17.75 23.02
N TYR D 583 -42.26 -18.00 22.36
CA TYR D 583 -43.16 -16.93 21.93
C TYR D 583 -44.56 -17.25 22.41
N ARG D 584 -45.39 -16.22 22.48
CA ARG D 584 -46.75 -16.39 22.92
C ARG D 584 -47.72 -16.04 21.82
N PRO D 585 -48.72 -16.86 21.58
CA PRO D 585 -49.70 -16.56 20.52
C PRO D 585 -50.64 -15.43 20.93
N ASP D 586 -51.18 -14.76 19.92
CA ASP D 586 -52.21 -13.76 20.15
C ASP D 586 -53.52 -14.42 20.54
N LYS D 587 -54.31 -13.71 21.34
CA LYS D 587 -55.58 -14.22 21.80
C LYS D 587 -56.64 -13.14 21.63
N ALA D 588 -57.80 -13.55 21.15
CA ALA D 588 -58.92 -12.64 21.03
C ALA D 588 -59.69 -12.60 22.34
N GLU D 589 -60.14 -11.41 22.71
CA GLU D 589 -60.97 -11.26 23.89
C GLU D 589 -62.41 -11.63 23.54
N THR D 590 -63.24 -11.70 24.55
CA THR D 590 -64.59 -12.18 24.26
C THR D 590 -65.69 -11.28 24.78
N GLU D 591 -65.50 -10.67 25.85
CA GLU D 591 -66.56 -9.94 26.53
C GLU D 591 -66.45 -8.46 26.17
N PRO D 592 -67.58 -7.75 26.08
CA PRO D 592 -67.52 -6.32 25.76
C PRO D 592 -66.84 -5.50 26.84
N GLN D 593 -65.84 -4.74 26.45
CA GLN D 593 -65.02 -3.94 27.33
C GLN D 593 -65.25 -2.48 27.05
N VAL D 594 -65.62 -1.71 28.07
CA VAL D 594 -65.80 -0.28 27.91
C VAL D 594 -64.43 0.39 27.86
N GLY D 595 -64.10 0.97 26.72
CA GLY D 595 -62.90 1.76 26.61
C GLY D 595 -61.82 1.19 25.72
N THR D 596 -61.97 0.00 25.19
CA THR D 596 -60.90 -0.54 24.37
C THR D 596 -61.49 -1.05 23.06
N ALA D 597 -60.60 -1.26 22.09
CA ALA D 597 -61.06 -1.67 20.78
C ALA D 597 -59.96 -2.45 20.08
N GLN D 598 -60.38 -3.36 19.22
CA GLN D 598 -59.52 -4.35 18.62
C GLN D 598 -59.13 -3.94 17.21
N GLY D 599 -57.86 -3.63 16.99
CA GLY D 599 -57.38 -3.26 15.68
C GLY D 599 -56.37 -4.26 15.15
N LEU D 600 -55.93 -4.01 13.93
CA LEU D 600 -55.06 -4.93 13.21
C LEU D 600 -53.82 -4.16 12.78
N ALA D 601 -52.68 -4.81 12.76
CA ALA D 601 -51.45 -4.14 12.37
C ALA D 601 -50.64 -5.00 11.41
N TRP D 602 -49.85 -4.33 10.59
CA TRP D 602 -49.00 -4.98 9.61
C TRP D 602 -47.55 -4.72 9.96
N THR D 603 -46.79 -5.78 10.16
CA THR D 603 -45.37 -5.76 10.36
C THR D 603 -44.72 -6.54 9.22
N PRO D 604 -43.43 -6.32 8.93
CA PRO D 604 -42.80 -7.10 7.84
C PRO D 604 -42.55 -8.57 8.16
N VAL D 605 -42.96 -9.02 9.33
CA VAL D 605 -42.98 -10.43 9.70
C VAL D 605 -44.38 -11.01 9.65
N GLY D 606 -45.40 -10.17 9.48
CA GLY D 606 -46.76 -10.66 9.44
C GLY D 606 -47.76 -9.72 10.07
N GLY D 607 -49.00 -10.16 10.21
CA GLY D 607 -50.02 -9.34 10.82
C GLY D 607 -50.21 -9.65 12.28
N THR D 608 -50.55 -8.62 13.05
CA THR D 608 -50.79 -8.79 14.48
C THR D 608 -52.08 -8.10 14.90
N LEU D 609 -52.45 -8.27 16.17
CA LEU D 609 -53.59 -7.59 16.76
C LEU D 609 -53.08 -6.44 17.62
N LEU D 610 -53.52 -5.23 17.32
CA LEU D 610 -53.36 -4.14 18.27
C LEU D 610 -54.58 -4.04 19.15
N THR D 611 -54.39 -3.50 20.33
CA THR D 611 -55.52 -3.26 21.22
C THR D 611 -55.38 -1.81 21.68
N ILE D 612 -56.20 -0.95 21.16
CA ILE D 612 -56.18 0.43 21.62
C ILE D 612 -56.97 0.49 22.92
N GLU D 613 -56.43 1.15 23.93
CA GLU D 613 -57.24 1.35 25.13
C GLU D 613 -57.14 2.78 25.59
N VAL D 614 -58.25 3.30 26.08
CA VAL D 614 -58.43 4.72 26.33
C VAL D 614 -59.05 4.88 27.71
N ALA D 615 -58.49 5.77 28.51
CA ALA D 615 -59.09 6.15 29.77
C ALA D 615 -59.54 7.59 29.71
N ALA D 616 -60.68 7.87 30.31
CA ALA D 616 -61.22 9.21 30.36
C ALA D 616 -61.45 9.57 31.82
N VAL D 617 -60.61 10.43 32.35
CA VAL D 617 -60.61 10.75 33.77
C VAL D 617 -60.96 12.23 33.90
N PRO D 618 -61.48 12.67 35.05
CA PRO D 618 -61.77 14.10 35.20
C PRO D 618 -60.50 14.93 35.23
N GLY D 619 -60.52 16.03 34.49
CA GLY D 619 -59.33 16.82 34.29
C GLY D 619 -59.62 18.16 33.63
N SER D 620 -58.77 18.58 32.71
CA SER D 620 -58.96 19.90 32.11
C SER D 620 -58.65 19.92 30.62
N GLY D 621 -58.88 18.81 29.92
CA GLY D 621 -58.77 18.85 28.48
C GLY D 621 -57.40 18.52 27.93
N LYS D 622 -56.67 17.66 28.62
CA LYS D 622 -55.35 17.24 28.20
C LYS D 622 -55.50 15.97 27.38
N LEU D 623 -54.49 15.65 26.58
CA LEU D 623 -54.51 14.45 25.74
C LEU D 623 -53.14 13.80 25.79
N SER D 624 -53.04 12.64 26.42
CA SER D 624 -51.79 11.90 26.51
C SER D 624 -51.82 10.72 25.57
N LEU D 625 -50.70 10.46 24.91
CA LEU D 625 -50.61 9.45 23.86
C LEU D 625 -49.38 8.58 24.12
N THR D 626 -49.57 7.43 24.74
CA THR D 626 -48.44 6.61 25.16
C THR D 626 -48.42 5.24 24.49
N GLY D 627 -47.21 4.71 24.34
CA GLY D 627 -47.00 3.41 23.74
C GLY D 627 -45.98 3.42 22.63
N GLN D 628 -45.13 4.45 22.61
CA GLN D 628 -44.12 4.70 21.57
C GLN D 628 -44.76 4.83 20.20
N LEU D 629 -45.60 5.85 20.06
CA LEU D 629 -46.34 6.08 18.84
C LEU D 629 -45.60 7.06 17.94
N GLY D 630 -45.74 6.87 16.64
CA GLY D 630 -45.18 7.78 15.67
C GLY D 630 -46.03 9.03 15.53
N GLU D 631 -45.59 9.91 14.63
CA GLU D 631 -46.28 11.19 14.49
C GLU D 631 -47.60 11.04 13.74
N VAL D 632 -47.63 10.17 12.73
CA VAL D 632 -48.83 10.00 11.92
C VAL D 632 -49.95 9.38 12.76
N MET D 633 -49.61 8.51 13.70
CA MET D 633 -50.63 7.88 14.52
C MET D 633 -51.17 8.84 15.57
N LYS D 634 -50.33 9.74 16.07
CA LYS D 634 -50.81 10.79 16.96
C LYS D 634 -51.72 11.76 16.22
N GLU D 635 -51.39 12.10 14.98
CA GLU D 635 -52.27 12.97 14.20
C GLU D 635 -53.56 12.27 13.85
N SER D 636 -53.54 10.95 13.71
CA SER D 636 -54.77 10.20 13.52
C SER D 636 -55.67 10.26 14.74
N ALA D 637 -55.07 10.16 15.93
CA ALA D 637 -55.86 10.31 17.16
C ALA D 637 -56.46 11.70 17.28
N GLN D 638 -55.70 12.72 16.87
CA GLN D 638 -56.21 14.09 16.95
C GLN D 638 -57.34 14.32 15.95
N ALA D 639 -57.26 13.72 14.76
CA ALA D 639 -58.33 13.83 13.79
C ALA D 639 -59.60 13.16 14.28
N ALA D 640 -59.47 11.98 14.88
CA ALA D 640 -60.65 11.29 15.43
C ALA D 640 -61.27 12.08 16.56
N LEU D 641 -60.45 12.67 17.42
CA LEU D 641 -61.00 13.43 18.54
C LEU D 641 -61.67 14.71 18.07
N THR D 642 -61.16 15.34 17.01
CA THR D 642 -61.81 16.55 16.49
C THR D 642 -63.15 16.22 15.85
N TYR D 643 -63.22 15.10 15.12
CA TYR D 643 -64.50 14.66 14.59
C TYR D 643 -65.50 14.39 15.69
N LEU D 644 -65.07 13.80 16.80
CA LEU D 644 -66.01 13.55 17.89
C LEU D 644 -66.40 14.83 18.61
N ARG D 645 -65.52 15.82 18.66
CA ARG D 645 -65.90 17.10 19.25
C ARG D 645 -66.92 17.82 18.40
N ALA D 646 -66.90 17.59 17.09
CA ALA D 646 -67.87 18.25 16.22
C ALA D 646 -69.27 17.67 16.31
N HIS D 647 -69.45 16.46 16.83
CA HIS D 647 -70.73 15.75 16.75
C HIS D 647 -71.13 15.16 18.09
N THR D 648 -71.12 15.97 19.15
CA THR D 648 -71.43 15.46 20.48
C THR D 648 -72.88 15.04 20.64
N GLN D 649 -73.80 15.64 19.90
CA GLN D 649 -75.21 15.32 20.10
C GLN D 649 -75.62 14.03 19.45
N ASP D 650 -74.86 13.54 18.47
CA ASP D 650 -75.27 12.35 17.73
C ASP D 650 -75.07 11.08 18.52
N TYR D 651 -74.13 11.06 19.45
CA TYR D 651 -73.71 9.82 20.09
C TYR D 651 -73.93 9.80 21.59
N GLY D 652 -74.43 10.89 22.17
CA GLY D 652 -74.64 10.91 23.60
C GLY D 652 -73.39 11.18 24.40
N LEU D 653 -72.40 11.83 23.79
CA LEU D 653 -71.23 12.27 24.52
C LEU D 653 -71.62 13.43 25.42
N PRO D 654 -70.84 13.68 26.49
CA PRO D 654 -71.09 14.87 27.30
C PRO D 654 -70.85 16.14 26.51
N GLU D 655 -71.53 17.21 26.93
CA GLU D 655 -71.56 18.41 26.12
C GLU D 655 -70.24 19.16 26.16
N ASP D 656 -69.54 19.11 27.27
CA ASP D 656 -68.25 19.78 27.40
C ASP D 656 -67.21 18.80 27.95
N PHE D 657 -66.65 17.99 27.07
CA PHE D 657 -65.52 17.20 27.47
C PHE D 657 -64.22 17.77 26.96
N TYR D 658 -64.26 18.92 26.32
CA TYR D 658 -63.03 19.51 25.80
C TYR D 658 -62.30 20.30 26.87
N ASN D 659 -62.97 20.69 27.95
CA ASN D 659 -62.28 21.34 29.05
C ASN D 659 -62.67 20.76 30.40
N LYS D 660 -63.11 19.51 30.44
CA LYS D 660 -63.43 18.84 31.68
C LYS D 660 -62.80 17.47 31.83
N VAL D 661 -62.31 16.86 30.77
CA VAL D 661 -61.93 15.46 30.75
C VAL D 661 -60.52 15.36 30.18
N ASP D 662 -59.64 14.65 30.88
CA ASP D 662 -58.35 14.26 30.34
C ASP D 662 -58.45 12.88 29.74
N LEU D 663 -57.99 12.74 28.50
CA LEU D 663 -57.96 11.48 27.81
C LEU D 663 -56.55 10.94 27.76
N HIS D 664 -56.43 9.63 27.96
CA HIS D 664 -55.15 8.95 27.85
C HIS D 664 -55.34 7.78 26.91
N VAL D 665 -54.54 7.73 25.85
CA VAL D 665 -54.62 6.68 24.85
C VAL D 665 -53.36 5.87 24.94
N HIS D 666 -53.47 4.62 25.37
CA HIS D 666 -52.34 3.74 25.49
C HIS D 666 -52.46 2.61 24.49
N VAL D 667 -51.36 2.29 23.84
CA VAL D 667 -51.29 1.18 22.91
C VAL D 667 -50.26 0.18 23.41
N PRO D 668 -50.69 -0.91 24.02
CA PRO D 668 -49.74 -1.94 24.46
C PRO D 668 -49.16 -2.69 23.28
N ASP D 669 -47.90 -3.14 23.41
CA ASP D 669 -47.06 -2.99 24.59
C ASP D 669 -46.20 -1.74 24.53
N GLY D 670 -45.61 -1.38 25.66
CA GLY D 670 -44.90 -0.14 25.77
C GLY D 670 -43.55 -0.12 25.09
N ALA D 671 -42.95 -1.27 24.85
CA ALA D 671 -41.59 -1.31 24.33
C ALA D 671 -41.52 -1.23 22.82
N THR D 672 -42.55 -1.65 22.11
CA THR D 672 -42.42 -1.73 20.66
C THR D 672 -42.92 -0.45 20.01
N PRO D 673 -42.15 0.13 19.08
CA PRO D 673 -42.62 1.33 18.39
C PRO D 673 -43.68 0.99 17.36
N LYS D 674 -44.55 1.97 17.09
CA LYS D 674 -45.72 1.80 16.25
C LYS D 674 -45.97 3.08 15.47
N ASP D 675 -46.49 2.94 14.25
CA ASP D 675 -46.67 4.07 13.35
C ASP D 675 -47.73 3.69 12.32
N GLY D 676 -48.06 4.61 11.43
CA GLY D 676 -49.02 4.38 10.38
C GLY D 676 -50.36 5.01 10.65
N PRO D 677 -51.08 5.40 9.60
CA PRO D 677 -52.39 6.02 9.77
C PRO D 677 -53.57 5.06 9.84
N SER D 678 -53.32 3.76 9.85
CA SER D 678 -54.40 2.80 9.62
C SER D 678 -55.33 2.62 10.81
N ALA D 679 -54.92 2.99 12.01
CA ALA D 679 -55.77 2.79 13.17
C ALA D 679 -56.62 4.01 13.49
N GLY D 680 -57.30 4.56 12.49
CA GLY D 680 -58.10 5.73 12.72
C GLY D 680 -59.49 5.38 13.21
N ILE D 681 -60.05 4.31 12.67
CA ILE D 681 -61.38 3.85 13.06
C ILE D 681 -61.35 3.26 14.46
N THR D 682 -60.26 2.57 14.79
CA THR D 682 -60.12 1.93 16.08
C THR D 682 -60.05 2.96 17.19
N MET D 683 -59.30 4.03 16.97
CA MET D 683 -59.19 5.09 17.94
C MET D 683 -60.50 5.84 18.12
N ALA D 684 -61.28 6.00 17.05
CA ALA D 684 -62.57 6.65 17.18
C ALA D 684 -63.53 5.81 18.00
N THR D 685 -63.53 4.49 17.77
CA THR D 685 -64.39 3.60 18.55
C THR D 685 -63.98 3.58 20.02
N ALA D 686 -62.68 3.55 20.28
CA ALA D 686 -62.20 3.50 21.65
C ALA D 686 -62.52 4.79 22.40
N ILE D 687 -62.30 5.95 21.77
CA ILE D 687 -62.57 7.22 22.43
C ILE D 687 -64.06 7.43 22.63
N ALA D 688 -64.90 6.96 21.68
CA ALA D 688 -66.33 7.13 21.86
C ALA D 688 -66.89 6.21 22.93
N SER D 689 -66.34 5.00 23.05
CA SER D 689 -66.78 4.11 24.14
C SER D 689 -66.30 4.62 25.48
N ALA D 690 -65.11 5.22 25.53
CA ALA D 690 -64.60 5.73 26.79
C ALA D 690 -65.34 6.96 27.26
N LEU D 691 -65.74 7.83 26.34
CA LEU D 691 -66.48 9.01 26.75
C LEU D 691 -67.94 8.74 27.02
N SER D 692 -68.59 7.91 26.20
CA SER D 692 -70.01 7.72 26.34
C SER D 692 -70.39 6.63 27.33
N ARG D 693 -69.39 5.96 27.93
CA ARG D 693 -69.58 4.99 29.01
C ARG D 693 -70.41 3.78 28.58
N ARG D 694 -70.27 3.37 27.33
CA ARG D 694 -70.94 2.18 26.85
C ARG D 694 -69.93 1.23 26.21
N PRO D 695 -70.10 -0.08 26.38
CA PRO D 695 -69.04 -1.02 26.00
C PRO D 695 -68.91 -1.15 24.49
N ALA D 696 -67.77 -1.66 24.08
CA ALA D 696 -67.50 -1.94 22.68
C ALA D 696 -67.26 -3.43 22.49
N ARG D 697 -67.76 -3.96 21.39
CA ARG D 697 -67.70 -5.39 21.16
C ARG D 697 -66.29 -5.79 20.73
N MET D 698 -65.71 -6.74 21.45
CA MET D 698 -64.37 -7.21 21.16
C MET D 698 -64.37 -8.36 20.16
N ASP D 699 -65.54 -8.77 19.70
CA ASP D 699 -65.66 -9.83 18.69
C ASP D 699 -65.11 -9.40 17.35
N ILE D 700 -65.03 -8.11 17.08
CA ILE D 700 -64.95 -7.57 15.73
C ILE D 700 -63.65 -6.81 15.58
N ALA D 701 -62.79 -7.27 14.66
CA ALA D 701 -61.61 -6.49 14.36
C ALA D 701 -61.96 -5.43 13.31
N MET D 702 -61.11 -4.42 13.17
CA MET D 702 -61.42 -3.31 12.28
C MET D 702 -60.14 -2.60 11.89
N THR D 703 -60.24 -1.79 10.85
CA THR D 703 -59.13 -1.00 10.34
C THR D 703 -59.70 0.10 9.43
N GLY D 704 -58.84 1.04 9.09
CA GLY D 704 -59.22 2.12 8.19
C GLY D 704 -58.86 3.50 8.72
N GLU D 705 -58.58 4.42 7.80
CA GLU D 705 -58.27 5.79 8.19
C GLU D 705 -59.56 6.55 8.48
N VAL D 706 -59.40 7.80 8.90
CA VAL D 706 -60.54 8.65 9.17
C VAL D 706 -60.15 10.08 8.79
N SER D 707 -61.09 10.78 8.17
CA SER D 707 -60.87 12.16 7.77
C SER D 707 -61.42 13.06 8.85
N LEU D 708 -61.25 14.36 8.66
CA LEU D 708 -61.70 15.31 9.65
C LEU D 708 -63.21 15.51 9.59
N ARG D 709 -63.84 15.19 8.47
CA ARG D 709 -65.29 15.27 8.33
C ARG D 709 -65.95 13.90 8.38
N GLY D 710 -65.24 12.88 8.85
CA GLY D 710 -65.83 11.59 9.09
C GLY D 710 -66.03 10.75 7.86
N LYS D 711 -64.97 10.54 7.08
CA LYS D 711 -65.01 9.68 5.92
C LYS D 711 -63.94 8.61 6.08
N VAL D 712 -64.33 7.35 5.92
CA VAL D 712 -63.40 6.26 6.04
C VAL D 712 -62.64 6.13 4.72
N MET D 713 -61.33 6.05 4.80
CA MET D 713 -60.48 6.08 3.64
C MET D 713 -59.70 4.78 3.54
N PRO D 714 -59.34 4.33 2.33
CA PRO D 714 -58.79 2.98 2.17
C PRO D 714 -57.36 2.84 2.67
N ILE D 715 -57.06 1.64 3.14
CA ILE D 715 -55.76 1.33 3.73
C ILE D 715 -55.04 0.27 2.93
N GLY D 716 -53.84 -0.10 3.38
CA GLY D 716 -53.04 -1.05 2.63
C GLY D 716 -52.74 -2.33 3.37
N GLY D 717 -52.54 -3.41 2.63
CA GLY D 717 -52.14 -4.68 3.19
C GLY D 717 -53.28 -5.40 3.90
N VAL D 718 -54.37 -5.67 3.20
CA VAL D 718 -55.52 -6.26 3.86
C VAL D 718 -55.38 -7.76 4.09
N LYS D 719 -54.55 -8.44 3.30
CA LYS D 719 -54.50 -9.90 3.40
C LYS D 719 -53.82 -10.36 4.67
N GLU D 720 -52.74 -9.68 5.10
CA GLU D 720 -52.04 -10.04 6.32
C GLU D 720 -52.92 -9.79 7.54
N LYS D 721 -53.66 -8.69 7.51
CA LYS D 721 -54.55 -8.36 8.61
C LYS D 721 -55.70 -9.35 8.71
N LEU D 722 -56.26 -9.77 7.57
CA LEU D 722 -57.35 -10.72 7.66
C LEU D 722 -56.87 -12.12 8.01
N LEU D 723 -55.66 -12.49 7.61
CA LEU D 723 -55.07 -13.74 8.09
C LEU D 723 -54.90 -13.72 9.59
N ALA D 724 -54.33 -12.63 10.12
CA ALA D 724 -54.10 -12.54 11.55
C ALA D 724 -55.41 -12.47 12.33
N ALA D 725 -56.45 -11.89 11.77
CA ALA D 725 -57.74 -11.93 12.44
C ALA D 725 -58.38 -13.29 12.35
N HIS D 726 -58.07 -14.08 11.33
CA HIS D 726 -58.64 -15.42 11.25
C HIS D 726 -57.87 -16.41 12.10
N GLN D 727 -56.57 -16.23 12.25
CA GLN D 727 -55.78 -17.12 13.09
C GLN D 727 -56.00 -16.89 14.57
N ALA D 728 -56.66 -15.82 14.96
CA ALA D 728 -56.91 -15.53 16.37
C ALA D 728 -58.32 -15.84 16.80
N GLY D 729 -59.18 -16.25 15.88
CA GLY D 729 -60.53 -16.61 16.24
C GLY D 729 -61.52 -15.46 16.17
N ILE D 730 -61.29 -14.51 15.28
CA ILE D 730 -62.19 -13.38 15.07
C ILE D 730 -62.87 -13.58 13.73
N HIS D 731 -64.19 -13.54 13.72
CA HIS D 731 -64.96 -13.90 12.52
C HIS D 731 -65.81 -12.74 12.01
N LYS D 732 -65.50 -11.52 12.42
CA LYS D 732 -66.25 -10.35 11.96
C LYS D 732 -65.26 -9.22 11.71
N ILE D 733 -65.31 -8.64 10.52
CA ILE D 733 -64.39 -7.59 10.13
C ILE D 733 -65.20 -6.35 9.77
N VAL D 734 -64.65 -5.18 10.07
CA VAL D 734 -65.12 -3.91 9.55
C VAL D 734 -64.01 -3.32 8.70
N LEU D 735 -64.33 -3.00 7.45
CA LEU D 735 -63.34 -2.64 6.45
C LEU D 735 -63.91 -1.50 5.62
N PRO D 736 -63.07 -0.67 5.01
CA PRO D 736 -63.59 0.42 4.17
C PRO D 736 -64.28 -0.09 2.92
N LYS D 737 -65.08 0.77 2.33
CA LYS D 737 -65.86 0.38 1.15
C LYS D 737 -65.00 0.16 -0.07
N ASP D 738 -63.97 0.98 -0.26
CA ASP D 738 -63.13 0.85 -1.43
C ASP D 738 -61.89 0.01 -1.20
N ASN D 739 -61.96 -0.97 -0.32
CA ASN D 739 -61.00 -2.06 -0.30
C ASN D 739 -61.62 -3.38 -0.73
N GLU D 740 -62.89 -3.37 -1.14
CA GLU D 740 -63.57 -4.60 -1.54
C GLU D 740 -63.03 -5.18 -2.83
N ALA D 741 -62.26 -4.40 -3.60
CA ALA D 741 -61.54 -4.96 -4.74
C ALA D 741 -60.49 -5.95 -4.28
N GLN D 742 -59.88 -5.71 -3.13
CA GLN D 742 -58.75 -6.50 -2.67
C GLN D 742 -59.16 -7.71 -1.85
N LEU D 743 -60.46 -7.96 -1.70
CA LEU D 743 -60.89 -9.14 -0.99
C LEU D 743 -60.75 -10.40 -1.81
N GLU D 744 -60.70 -10.28 -3.13
CA GLU D 744 -60.69 -11.45 -4.01
C GLU D 744 -59.37 -12.20 -3.98
N GLU D 745 -58.35 -11.65 -3.36
CA GLU D 745 -57.04 -12.27 -3.26
C GLU D 745 -57.00 -13.34 -2.15
N LEU D 746 -57.96 -13.36 -1.30
CA LEU D 746 -57.95 -14.23 -0.13
C LEU D 746 -58.26 -15.67 -0.51
N PRO D 747 -57.77 -16.64 0.28
CA PRO D 747 -58.22 -18.02 0.13
C PRO D 747 -59.70 -18.16 0.43
N LYS D 748 -60.29 -19.22 -0.11
CA LYS D 748 -61.74 -19.33 -0.13
C LYS D 748 -62.32 -19.69 1.22
N GLU D 749 -61.62 -20.53 1.98
CA GLU D 749 -62.14 -20.93 3.29
C GLU D 749 -62.00 -19.79 4.30
N VAL D 750 -60.97 -18.95 4.15
CA VAL D 750 -60.85 -17.77 4.98
C VAL D 750 -61.96 -16.79 4.63
N LEU D 751 -62.26 -16.65 3.35
CA LEU D 751 -63.30 -15.73 2.93
C LEU D 751 -64.70 -16.22 3.29
N GLU D 752 -64.88 -17.54 3.45
CA GLU D 752 -66.15 -18.03 3.93
C GLU D 752 -66.23 -18.09 5.44
N GLY D 753 -65.10 -18.05 6.14
CA GLY D 753 -65.15 -17.95 7.58
C GLY D 753 -65.45 -16.55 8.07
N LEU D 754 -65.01 -15.54 7.33
CA LEU D 754 -65.11 -14.16 7.76
C LEU D 754 -66.41 -13.53 7.26
N GLU D 755 -67.02 -12.71 8.12
CA GLU D 755 -68.23 -11.98 7.79
C GLU D 755 -67.88 -10.50 7.75
N ILE D 756 -67.81 -9.93 6.56
CA ILE D 756 -67.21 -8.62 6.34
C ILE D 756 -68.30 -7.59 6.13
N LYS D 757 -68.23 -6.50 6.89
CA LYS D 757 -69.10 -5.35 6.72
C LYS D 757 -68.28 -4.20 6.15
N LEU D 758 -68.85 -3.48 5.19
CA LEU D 758 -68.15 -2.42 4.49
C LEU D 758 -68.81 -1.08 4.79
N VAL D 759 -67.99 -0.07 5.09
CA VAL D 759 -68.48 1.20 5.57
C VAL D 759 -67.87 2.34 4.76
N GLU D 760 -68.50 3.48 4.87
CA GLU D 760 -68.03 4.77 4.36
C GLU D 760 -67.97 5.84 5.43
N ASP D 761 -68.95 5.88 6.32
CA ASP D 761 -69.04 6.87 7.37
C ASP D 761 -68.68 6.24 8.71
N VAL D 762 -68.13 7.06 9.61
CA VAL D 762 -67.76 6.58 10.93
C VAL D 762 -69.00 6.28 11.76
N GLY D 763 -70.11 6.96 11.49
CA GLY D 763 -71.33 6.73 12.24
C GLY D 763 -71.91 5.34 12.07
N GLU D 764 -71.69 4.73 10.92
CA GLU D 764 -72.06 3.33 10.70
C GLU D 764 -71.26 2.42 11.61
N VAL D 765 -69.96 2.65 11.71
CA VAL D 765 -69.08 1.86 12.56
C VAL D 765 -69.48 2.01 14.02
N LEU D 766 -69.76 3.24 14.44
CA LEU D 766 -70.09 3.50 15.83
C LEU D 766 -71.47 2.99 16.20
N GLU D 767 -72.40 2.85 15.26
CA GLU D 767 -73.65 2.22 15.62
C GLU D 767 -73.56 0.71 15.52
N TYR D 768 -72.56 0.21 14.79
CA TYR D 768 -72.42 -1.24 14.68
C TYR D 768 -71.65 -1.83 15.85
N LEU D 769 -70.76 -1.07 16.49
CA LEU D 769 -69.90 -1.62 17.53
C LEU D 769 -70.38 -1.37 18.95
N LEU D 770 -70.85 -0.18 19.25
CA LEU D 770 -71.20 0.17 20.62
C LEU D 770 -72.49 -0.51 21.05
N LEU D 771 -72.52 -0.96 22.27
CA LEU D 771 -73.76 -1.54 22.78
C LEU D 771 -74.71 -0.41 23.20
N PRO D 772 -76.01 -0.55 22.93
CA PRO D 772 -76.90 0.61 22.94
C PRO D 772 -77.30 1.14 24.30
N GLU D 773 -76.65 0.75 25.40
CA GLU D 773 -76.99 1.33 26.68
C GLU D 773 -75.72 1.48 27.49
N PRO D 774 -75.63 2.47 28.37
CA PRO D 774 -74.44 2.62 29.20
C PRO D 774 -74.48 1.73 30.43
N THR D 775 -73.29 1.45 30.95
CA THR D 775 -73.12 0.64 32.15
C THR D 775 -72.51 1.43 33.30
N MET D 776 -71.32 2.01 33.10
CA MET D 776 -70.66 2.75 34.15
C MET D 776 -71.32 4.11 34.36
N PRO D 777 -71.11 4.73 35.52
CA PRO D 777 -71.51 6.13 35.69
C PRO D 777 -70.65 7.05 34.85
N PRO D 778 -71.15 8.23 34.50
CA PRO D 778 -70.39 9.14 33.62
C PRO D 778 -69.25 9.81 34.37
N VAL D 779 -68.45 10.55 33.60
CA VAL D 779 -67.21 11.11 34.12
C VAL D 779 -67.49 12.36 34.94
N VAL D 780 -68.04 13.38 34.31
CA VAL D 780 -68.31 14.65 34.99
C VAL D 780 -69.67 14.61 35.65
N ARG E 2 51.82 35.07 -55.04
CA ARG E 2 52.58 34.65 -56.20
C ARG E 2 52.22 33.23 -56.64
N LEU E 3 52.26 33.03 -57.96
CA LEU E 3 52.08 31.72 -58.62
C LEU E 3 50.72 31.13 -58.26
N GLU E 4 49.69 31.80 -58.76
CA GLU E 4 48.29 31.40 -58.54
C GLU E 4 48.03 30.08 -59.24
N LEU E 5 47.78 29.02 -58.47
CA LEU E 5 47.61 27.68 -58.99
C LEU E 5 46.55 26.91 -58.24
N PRO E 6 45.90 25.93 -58.88
CA PRO E 6 45.03 25.01 -58.17
C PRO E 6 45.76 24.13 -57.18
N VAL E 7 44.99 23.36 -56.43
CA VAL E 7 45.51 22.57 -55.32
C VAL E 7 45.24 21.10 -55.62
N ILE E 8 46.14 20.24 -55.15
CA ILE E 8 45.94 18.78 -55.28
C ILE E 8 45.39 18.25 -53.96
N PRO E 9 44.08 17.94 -53.88
CA PRO E 9 43.48 17.61 -52.59
C PRO E 9 43.85 16.25 -52.04
N LEU E 10 44.52 16.25 -50.89
CA LEU E 10 44.92 15.03 -50.21
C LEU E 10 44.11 14.85 -48.93
N ARG E 11 43.47 13.69 -48.80
CA ARG E 11 42.48 13.50 -47.75
C ARG E 11 43.12 13.01 -46.46
N ASN E 12 43.75 11.82 -46.51
CA ASN E 12 44.41 11.25 -45.35
C ASN E 12 45.83 10.78 -45.66
N THR E 13 46.51 11.47 -46.57
CA THR E 13 47.87 11.14 -46.97
C THR E 13 48.70 12.42 -46.97
N VAL E 14 49.81 12.39 -46.23
CA VAL E 14 50.72 13.54 -46.10
C VAL E 14 52.15 13.04 -46.33
N ILE E 15 52.91 13.78 -47.13
CA ILE E 15 54.32 13.51 -47.33
C ILE E 15 55.14 14.71 -46.88
N LEU E 16 56.45 14.62 -47.05
CA LEU E 16 57.40 15.65 -46.67
C LEU E 16 58.04 16.28 -47.90
N PRO E 17 58.81 17.36 -47.72
CA PRO E 17 59.80 17.73 -48.75
C PRO E 17 60.89 16.68 -48.88
N HIS E 18 61.54 16.67 -50.05
CA HIS E 18 62.68 15.81 -50.39
C HIS E 18 62.26 14.33 -50.33
N THR E 19 61.01 14.05 -50.70
CA THR E 19 60.40 12.74 -50.50
C THR E 19 59.94 12.16 -51.82
N THR E 20 60.67 11.17 -52.32
CA THR E 20 60.29 10.45 -53.53
C THR E 20 59.17 9.45 -53.20
N THR E 21 57.97 9.71 -53.69
CA THR E 21 56.85 8.84 -53.31
C THR E 21 55.84 8.68 -54.43
N PRO E 22 55.15 7.54 -54.52
CA PRO E 22 54.05 7.44 -55.49
C PRO E 22 52.75 8.07 -55.00
N VAL E 23 52.40 9.23 -55.53
CA VAL E 23 51.08 9.81 -55.35
C VAL E 23 50.10 8.96 -56.14
N ASP E 24 49.16 8.34 -55.45
CA ASP E 24 48.28 7.31 -56.02
C ASP E 24 46.85 7.67 -55.68
N VAL E 25 46.23 8.53 -56.50
CA VAL E 25 44.89 9.04 -56.22
C VAL E 25 44.09 9.03 -57.51
N GLY E 26 42.84 8.56 -57.45
CA GLY E 26 42.07 8.39 -58.66
C GLY E 26 40.95 9.39 -58.90
N ARG E 27 41.10 10.62 -58.44
CA ARG E 27 40.05 11.60 -58.64
C ARG E 27 40.12 12.20 -60.03
N ALA E 28 38.94 12.42 -60.64
CA ALA E 28 38.88 13.13 -61.90
C ALA E 28 39.06 14.63 -61.69
N LYS E 29 38.68 15.13 -60.52
CA LYS E 29 38.84 16.53 -60.18
C LYS E 29 40.22 16.83 -59.61
N SER E 30 41.06 15.80 -59.45
CA SER E 30 42.48 15.99 -59.23
C SER E 30 43.30 15.84 -60.49
N LYS E 31 42.85 15.02 -61.45
CA LYS E 31 43.53 14.92 -62.75
C LYS E 31 43.44 16.23 -63.51
N ARG E 32 42.25 16.86 -63.52
CA ARG E 32 42.11 18.15 -64.16
C ARG E 32 42.83 19.25 -63.37
N ALA E 33 43.00 19.05 -62.06
CA ALA E 33 43.81 19.97 -61.26
C ALA E 33 45.28 19.88 -61.64
N VAL E 34 45.76 18.66 -61.91
CA VAL E 34 47.11 18.48 -62.44
C VAL E 34 47.24 19.13 -63.82
N GLU E 35 46.19 19.01 -64.64
CA GLU E 35 46.22 19.62 -65.97
C GLU E 35 46.25 21.15 -65.89
N GLU E 36 45.55 21.72 -64.91
CA GLU E 36 45.60 23.16 -64.70
C GLU E 36 46.90 23.60 -64.02
N ALA E 37 47.55 22.71 -63.28
CA ALA E 37 48.66 23.12 -62.44
C ALA E 37 50.03 22.89 -63.08
N MET E 38 50.13 21.95 -64.03
CA MET E 38 51.44 21.66 -64.61
C MET E 38 51.88 22.73 -65.60
N GLY E 39 50.96 23.56 -66.06
CA GLY E 39 51.30 24.63 -67.00
C GLY E 39 52.05 25.80 -66.43
N ALA E 40 52.26 25.83 -65.11
CA ALA E 40 53.15 26.79 -64.46
C ALA E 40 54.54 26.21 -64.26
N ASP E 41 55.22 25.90 -65.38
CA ASP E 41 56.62 25.46 -65.55
C ASP E 41 57.15 24.54 -64.43
N ARG E 42 56.57 23.33 -64.36
CA ARG E 42 57.06 22.18 -63.61
C ARG E 42 57.01 22.39 -62.10
N LEU E 43 56.11 23.24 -61.62
CA LEU E 43 55.98 23.53 -60.19
C LEU E 43 54.52 23.30 -59.81
N ILE E 44 54.26 22.47 -58.81
CA ILE E 44 52.90 22.15 -58.39
C ILE E 44 52.80 22.34 -56.88
N PHE E 45 51.88 23.19 -56.46
CA PHE E 45 51.51 23.29 -55.05
C PHE E 45 50.73 22.04 -54.67
N LEU E 46 51.15 21.39 -53.58
CA LEU E 46 50.41 20.32 -52.94
C LEU E 46 49.78 20.88 -51.67
N VAL E 47 48.45 20.81 -51.56
CA VAL E 47 47.73 21.25 -50.38
C VAL E 47 46.75 20.17 -49.97
N ALA E 48 46.89 19.66 -48.75
CA ALA E 48 46.03 18.59 -48.28
C ALA E 48 44.70 19.14 -47.76
N GLN E 49 43.72 18.25 -47.69
CA GLN E 49 42.39 18.58 -47.23
C GLN E 49 42.01 17.73 -46.02
N ARG E 50 41.76 18.41 -44.90
CA ARG E 50 41.26 17.74 -43.71
C ARG E 50 39.75 17.94 -43.65
N ASP E 51 39.16 17.67 -42.48
CA ASP E 51 37.97 16.85 -42.21
C ASP E 51 36.98 16.68 -43.37
N PRO E 52 36.51 15.42 -43.60
CA PRO E 52 36.30 14.88 -44.96
C PRO E 52 35.55 15.70 -45.98
N GLU E 53 35.96 15.59 -47.24
CA GLU E 53 35.23 16.20 -48.34
C GLU E 53 34.51 15.09 -49.11
N VAL E 54 33.69 15.50 -50.07
CA VAL E 54 32.88 14.62 -50.90
C VAL E 54 33.12 14.96 -52.37
N ASP E 55 32.28 14.38 -53.24
CA ASP E 55 32.45 14.49 -54.69
C ASP E 55 32.39 15.93 -55.21
N ASP E 56 31.39 16.72 -54.80
CA ASP E 56 31.51 18.03 -55.41
C ASP E 56 31.80 19.10 -54.35
N PRO E 57 32.87 19.87 -54.54
CA PRO E 57 33.48 20.59 -53.42
C PRO E 57 32.75 21.84 -52.97
N ALA E 58 32.73 22.05 -51.68
CA ALA E 58 32.63 23.42 -51.19
C ALA E 58 34.01 24.06 -51.23
N PRO E 59 34.11 25.37 -51.47
CA PRO E 59 35.42 25.99 -51.66
C PRO E 59 36.20 26.28 -50.38
N ASP E 60 35.88 25.65 -49.25
CA ASP E 60 36.53 25.98 -47.97
C ASP E 60 36.92 24.75 -47.18
N ASP E 61 37.65 23.81 -47.78
CA ASP E 61 37.92 22.56 -47.09
C ASP E 61 39.39 22.21 -46.87
N LEU E 62 40.35 22.99 -47.38
CA LEU E 62 41.76 22.60 -47.37
C LEU E 62 42.40 22.83 -45.99
N TYR E 63 43.73 22.76 -45.92
CA TYR E 63 44.41 23.21 -44.71
C TYR E 63 45.01 24.59 -44.95
N THR E 64 45.69 25.12 -43.94
CA THR E 64 46.19 26.49 -43.95
C THR E 64 47.17 26.79 -45.07
N TRP E 65 48.35 26.18 -45.06
CA TRP E 65 49.42 26.55 -45.99
C TRP E 65 49.51 25.49 -47.07
N GLY E 66 50.59 25.53 -47.82
CA GLY E 66 50.83 24.50 -48.81
C GLY E 66 52.26 24.03 -48.75
N VAL E 67 52.61 23.12 -49.67
CA VAL E 67 54.00 22.78 -49.93
C VAL E 67 54.21 22.79 -51.44
N GLN E 68 55.46 22.89 -51.86
CA GLN E 68 55.74 22.94 -53.28
C GLN E 68 56.48 21.67 -53.72
N ALA E 69 56.14 21.19 -54.92
CA ALA E 69 56.74 19.97 -55.45
C ALA E 69 57.13 20.23 -56.91
N VAL E 70 58.39 19.96 -57.24
CA VAL E 70 58.86 19.97 -58.62
C VAL E 70 58.89 18.53 -59.13
N VAL E 71 58.27 18.31 -60.28
CA VAL E 71 57.97 16.95 -60.75
C VAL E 71 59.22 16.37 -61.39
N LYS E 72 59.60 15.16 -60.96
CA LYS E 72 60.74 14.45 -61.54
C LYS E 72 60.34 13.29 -62.43
N GLN E 73 59.12 12.76 -62.29
CA GLN E 73 58.69 11.59 -63.05
C GLN E 73 57.37 11.88 -63.72
N ALA E 74 57.30 11.59 -65.02
CA ALA E 74 56.17 11.95 -65.86
C ALA E 74 55.35 10.71 -66.20
N MET E 75 54.20 10.58 -65.55
CA MET E 75 53.22 9.53 -65.86
C MET E 75 51.82 10.05 -65.56
N ARG E 76 51.04 10.31 -66.60
CA ARG E 76 49.71 10.93 -66.48
C ARG E 76 48.73 10.18 -67.38
N LEU E 77 47.73 9.57 -66.76
CA LEU E 77 46.92 8.57 -67.46
C LEU E 77 45.68 9.20 -68.09
N PRO E 78 45.26 8.67 -69.25
CA PRO E 78 43.95 9.05 -69.83
C PRO E 78 42.83 8.12 -69.38
N ASP E 79 42.73 7.94 -68.06
CA ASP E 79 41.73 7.03 -67.48
C ASP E 79 41.04 7.65 -66.27
N GLY E 80 41.43 8.83 -65.83
CA GLY E 80 40.94 9.44 -64.60
C GLY E 80 41.83 9.17 -63.42
N THR E 81 42.44 7.99 -63.37
CA THR E 81 43.25 7.58 -62.24
C THR E 81 44.67 8.12 -62.39
N LEU E 82 45.16 8.76 -61.33
CA LEU E 82 46.45 9.45 -61.37
C LEU E 82 47.43 8.73 -60.44
N GLN E 83 48.64 8.51 -60.93
CA GLN E 83 49.76 8.08 -60.09
C GLN E 83 51.04 8.71 -60.67
N VAL E 84 51.75 9.44 -59.81
CA VAL E 84 52.97 10.15 -60.19
C VAL E 84 53.99 9.96 -59.08
N MET E 85 55.20 9.54 -59.44
CA MET E 85 56.33 9.55 -58.52
C MET E 85 56.84 10.97 -58.36
N VAL E 86 56.68 11.54 -57.17
CA VAL E 86 56.97 12.95 -56.95
C VAL E 86 58.12 13.09 -55.96
N GLU E 87 58.61 14.32 -55.87
CA GLU E 87 59.49 14.79 -54.81
C GLU E 87 59.18 16.26 -54.59
N ALA E 88 59.12 16.67 -53.32
CA ALA E 88 58.78 18.04 -52.96
C ALA E 88 60.03 18.81 -52.57
N ARG E 89 60.10 20.07 -53.01
CA ARG E 89 61.27 20.90 -52.72
C ARG E 89 61.30 21.35 -51.27
N ALA E 90 60.30 22.11 -50.85
CA ALA E 90 60.25 22.67 -49.49
C ALA E 90 58.79 22.93 -49.14
N ARG E 91 58.57 23.53 -47.98
CA ARG E 91 57.23 23.90 -47.56
C ARG E 91 56.91 25.33 -47.96
N ALA E 92 55.61 25.64 -47.99
CA ALA E 92 55.14 26.86 -48.63
C ALA E 92 54.05 27.51 -47.78
N GLN E 93 53.56 28.65 -48.26
CA GLN E 93 52.55 29.44 -47.57
C GLN E 93 51.49 29.89 -48.56
N VAL E 94 50.23 29.78 -48.17
CA VAL E 94 49.09 30.20 -48.99
C VAL E 94 48.57 31.53 -48.45
N THR E 95 48.35 32.49 -49.34
CA THR E 95 47.89 33.82 -48.96
C THR E 95 46.39 34.01 -49.19
N ASP E 96 45.92 33.85 -50.42
CA ASP E 96 44.53 34.07 -50.76
C ASP E 96 43.94 32.81 -51.39
N TYR E 97 42.68 32.94 -51.81
CA TYR E 97 41.98 31.94 -52.60
C TYR E 97 40.76 32.60 -53.22
N ILE E 98 40.59 32.41 -54.53
CA ILE E 98 39.37 32.79 -55.24
C ILE E 98 38.34 31.70 -54.99
N PRO E 99 37.09 32.04 -54.55
CA PRO E 99 36.09 31.00 -54.23
C PRO E 99 35.70 30.14 -55.42
N GLY E 100 36.05 28.87 -55.33
CA GLY E 100 35.93 27.96 -56.44
C GLY E 100 35.37 26.61 -56.04
N PRO E 101 36.07 25.50 -56.36
CA PRO E 101 37.37 25.21 -57.00
C PRO E 101 37.52 25.76 -58.43
N TYR E 102 38.71 26.16 -58.86
CA TYR E 102 39.98 25.92 -58.17
C TYR E 102 40.45 27.09 -57.31
N LEU E 103 40.84 26.80 -56.06
CA LEU E 103 41.30 27.80 -55.10
C LEU E 103 42.74 28.16 -55.46
N ARG E 104 42.90 29.26 -56.21
CA ARG E 104 44.21 29.64 -56.74
C ARG E 104 45.08 30.15 -55.60
N ALA E 105 46.05 29.34 -55.20
CA ALA E 105 46.87 29.58 -54.02
C ALA E 105 47.90 30.65 -54.33
N ARG E 106 47.92 31.71 -53.52
CA ARG E 106 48.91 32.76 -53.67
C ARG E 106 50.11 32.45 -52.77
N GLY E 107 51.32 32.61 -53.32
CA GLY E 107 52.53 32.41 -52.57
C GLY E 107 53.29 33.71 -52.34
N GLU E 108 54.35 33.59 -51.54
CA GLU E 108 55.26 34.68 -51.21
C GLU E 108 56.67 34.08 -51.14
N VAL E 109 57.59 34.83 -50.56
CA VAL E 109 58.89 34.26 -50.20
C VAL E 109 58.69 33.18 -49.14
N PHE E 110 59.29 32.02 -49.38
CA PHE E 110 58.94 30.84 -48.59
C PHE E 110 59.97 30.62 -47.49
N SER E 111 59.48 30.20 -46.33
CA SER E 111 60.33 30.03 -45.16
C SER E 111 60.90 28.60 -45.15
N GLU E 112 62.22 28.49 -44.95
CA GLU E 112 62.95 27.24 -45.14
C GLU E 112 63.90 26.94 -43.99
N ILE E 113 64.75 25.92 -44.16
CA ILE E 113 65.73 25.51 -43.16
C ILE E 113 67.08 25.26 -43.83
N PHE E 114 68.18 25.76 -43.16
CA PHE E 114 69.55 25.53 -43.58
C PHE E 114 70.38 24.98 -42.43
N PRO E 115 71.35 24.10 -42.70
CA PRO E 115 72.24 23.63 -41.63
C PRO E 115 73.38 24.62 -41.38
N ILE E 116 73.69 24.83 -40.10
CA ILE E 116 74.77 25.71 -39.68
C ILE E 116 75.79 24.99 -38.82
N ASP E 117 75.35 24.44 -37.69
CA ASP E 117 76.27 23.87 -36.70
C ASP E 117 76.76 22.50 -37.15
N GLU E 118 77.97 22.15 -36.72
CA GLU E 118 78.64 20.91 -37.07
C GLU E 118 78.89 19.99 -35.89
N ALA E 119 78.84 20.51 -34.66
CA ALA E 119 79.14 19.68 -33.50
C ALA E 119 77.86 19.16 -32.83
N VAL E 120 77.00 20.08 -32.39
CA VAL E 120 75.80 19.71 -31.63
C VAL E 120 74.80 18.99 -32.53
N VAL E 121 74.69 19.43 -33.78
CA VAL E 121 73.84 18.76 -34.77
C VAL E 121 74.32 17.32 -34.98
N ARG E 122 75.64 17.13 -35.06
CA ARG E 122 76.20 15.80 -35.26
C ARG E 122 76.00 14.90 -34.04
N VAL E 123 76.09 15.46 -32.82
CA VAL E 123 75.84 14.67 -31.62
C VAL E 123 74.36 14.27 -31.53
N LEU E 124 73.47 15.20 -31.87
CA LEU E 124 72.04 14.89 -31.95
C LEU E 124 71.74 13.82 -32.99
N VAL E 125 72.36 13.89 -34.17
CA VAL E 125 72.03 12.95 -35.23
C VAL E 125 72.68 11.59 -35.00
N GLU E 126 73.85 11.55 -34.33
CA GLU E 126 74.38 10.22 -33.98
C GLU E 126 73.58 9.60 -32.84
N GLU E 127 73.02 10.44 -31.95
CA GLU E 127 72.08 9.95 -30.95
C GLU E 127 70.86 9.32 -31.62
N LEU E 128 70.28 10.01 -32.61
CA LEU E 128 69.14 9.43 -33.33
C LEU E 128 69.54 8.24 -34.19
N LYS E 129 70.81 8.18 -34.60
CA LYS E 129 71.28 7.06 -35.39
C LYS E 129 71.31 5.80 -34.55
N GLU E 130 71.96 5.87 -33.37
CA GLU E 130 71.95 4.75 -32.43
C GLU E 130 70.53 4.43 -31.98
N ALA E 131 69.70 5.46 -31.81
CA ALA E 131 68.30 5.29 -31.45
C ALA E 131 67.55 4.46 -32.51
N PHE E 132 67.40 5.01 -33.71
CA PHE E 132 66.52 4.37 -34.70
C PHE E 132 67.09 3.05 -35.19
N GLU E 133 68.42 2.92 -35.24
CA GLU E 133 69.00 1.64 -35.59
C GLU E 133 69.16 0.71 -34.38
N LYS E 134 68.64 1.07 -33.20
CA LYS E 134 68.30 0.02 -32.25
C LYS E 134 66.78 -0.17 -32.09
N TYR E 135 65.97 0.75 -32.62
CA TYR E 135 64.52 0.54 -32.54
C TYR E 135 63.96 -0.09 -33.82
N VAL E 136 64.81 -0.33 -34.82
CA VAL E 136 64.37 -0.93 -36.08
C VAL E 136 63.79 -2.34 -35.92
N ALA E 137 64.06 -3.01 -34.80
CA ALA E 137 63.42 -4.30 -34.55
C ALA E 137 61.95 -4.16 -34.20
N ASN E 138 61.59 -3.22 -33.31
CA ASN E 138 60.23 -3.07 -32.80
C ASN E 138 59.27 -2.40 -33.77
N HIS E 139 59.71 -2.03 -34.96
CA HIS E 139 58.91 -1.29 -35.91
C HIS E 139 58.16 -2.18 -36.88
N LYS E 140 58.53 -3.46 -36.98
CA LYS E 140 57.76 -4.40 -37.78
C LYS E 140 56.41 -4.69 -37.15
N SER E 141 56.32 -4.58 -35.82
CA SER E 141 55.07 -4.75 -35.09
C SER E 141 54.06 -3.66 -35.40
N LEU E 142 54.49 -2.54 -35.97
CA LEU E 142 53.58 -1.52 -36.49
C LEU E 142 53.58 -1.51 -38.02
N ARG E 143 53.98 -2.63 -38.63
CA ARG E 143 53.73 -2.98 -40.03
C ARG E 143 54.43 -2.00 -40.98
N LEU E 144 55.73 -1.90 -40.77
CA LEU E 144 56.56 -0.91 -41.47
C LEU E 144 57.76 -1.62 -42.06
N ASP E 145 57.98 -1.41 -43.36
CA ASP E 145 59.04 -2.09 -44.08
C ASP E 145 60.41 -1.53 -43.69
N ARG E 146 61.46 -2.25 -44.07
CA ARG E 146 62.83 -1.87 -43.78
C ARG E 146 63.66 -1.63 -45.04
N TYR E 147 63.09 -1.83 -46.23
CA TYR E 147 63.80 -1.62 -47.48
C TYR E 147 64.15 -0.15 -47.70
N GLN E 148 63.41 0.76 -47.09
CA GLN E 148 63.55 2.19 -47.37
C GLN E 148 64.44 2.91 -46.36
N LEU E 149 65.01 2.18 -45.40
CA LEU E 149 65.97 2.76 -44.47
C LEU E 149 67.42 2.43 -44.82
N GLU E 150 67.67 1.21 -45.29
CA GLU E 150 69.04 0.76 -45.55
C GLU E 150 69.54 1.14 -46.95
N ALA E 151 68.97 2.15 -47.57
CA ALA E 151 69.37 2.58 -48.91
C ALA E 151 70.07 3.94 -48.91
N VAL E 152 69.85 4.78 -47.90
CA VAL E 152 70.39 6.13 -47.86
C VAL E 152 71.49 6.28 -46.81
N LYS E 153 72.18 5.20 -46.47
CA LYS E 153 73.15 5.24 -45.37
C LYS E 153 74.42 5.98 -45.72
N GLY E 154 74.61 6.39 -46.97
CA GLY E 154 75.78 7.17 -47.33
C GLY E 154 75.65 8.65 -47.07
N THR E 155 74.51 9.11 -46.55
CA THR E 155 74.24 10.53 -46.39
C THR E 155 74.38 10.91 -44.93
N SER E 156 74.99 12.07 -44.66
CA SER E 156 75.10 12.63 -43.33
C SER E 156 74.13 13.80 -43.10
N ASP E 157 73.12 13.94 -43.94
CA ASP E 157 72.14 15.01 -43.78
C ASP E 157 71.19 14.68 -42.65
N PRO E 158 71.00 15.57 -41.66
CA PRO E 158 69.89 15.36 -40.71
C PRO E 158 68.52 15.41 -41.34
N ALA E 159 68.36 16.19 -42.41
CA ALA E 159 67.05 16.38 -43.03
C ALA E 159 66.58 15.10 -43.70
N MET E 160 67.50 14.32 -44.29
CA MET E 160 67.08 13.10 -44.95
C MET E 160 66.70 12.02 -43.94
N LEU E 161 67.38 11.95 -42.79
CA LEU E 161 67.04 10.94 -41.80
C LEU E 161 65.74 11.29 -41.10
N ALA E 162 65.54 12.57 -40.78
CA ALA E 162 64.26 13.04 -40.28
C ALA E 162 63.14 12.81 -41.30
N ASP E 163 63.45 12.95 -42.59
CA ASP E 163 62.48 12.65 -43.63
C ASP E 163 62.11 11.17 -43.65
N THR E 164 63.12 10.29 -43.68
CA THR E 164 62.87 8.86 -43.81
C THR E 164 62.16 8.29 -42.59
N ILE E 165 62.37 8.89 -41.42
CA ILE E 165 61.59 8.44 -40.26
C ILE E 165 60.21 9.11 -40.25
N ALA E 166 60.08 10.27 -40.89
CA ALA E 166 58.84 11.01 -40.78
C ALA E 166 57.79 10.63 -41.82
N TYR E 167 58.18 10.20 -43.02
CA TYR E 167 57.15 9.62 -43.89
C TYR E 167 56.93 8.15 -43.59
N HIS E 168 57.62 7.61 -42.59
CA HIS E 168 57.19 6.40 -41.90
C HIS E 168 56.16 6.71 -40.83
N ALA E 169 55.03 7.30 -41.21
CA ALA E 169 54.09 7.89 -40.27
C ALA E 169 53.24 6.81 -39.62
N THR E 170 53.69 6.31 -38.48
CA THR E 170 52.86 5.49 -37.61
C THR E 170 52.25 6.35 -36.50
N TRP E 171 51.64 7.47 -36.92
CA TRP E 171 51.03 8.43 -36.00
C TRP E 171 49.99 9.25 -36.76
N THR E 172 49.43 10.28 -36.12
CA THR E 172 48.26 10.95 -36.66
C THR E 172 48.69 12.29 -37.30
N VAL E 173 47.71 13.05 -37.82
CA VAL E 173 47.97 14.00 -38.89
C VAL E 173 48.31 15.41 -38.39
N ALA E 174 47.96 15.77 -37.16
CA ALA E 174 48.28 17.10 -36.66
C ALA E 174 49.77 17.28 -36.43
N GLU E 175 50.39 16.33 -35.72
CA GLU E 175 51.84 16.35 -35.61
C GLU E 175 52.53 16.09 -36.95
N LYS E 176 51.83 15.41 -37.88
CA LYS E 176 52.31 15.39 -39.27
C LYS E 176 52.30 16.78 -39.88
N GLN E 177 51.36 17.65 -39.50
CA GLN E 177 51.36 19.00 -40.04
C GLN E 177 52.47 19.84 -39.44
N GLU E 178 52.72 19.71 -38.15
CA GLU E 178 53.82 20.48 -37.57
C GLU E 178 55.19 19.95 -37.99
N ILE E 179 55.31 18.63 -38.22
CA ILE E 179 56.49 18.11 -38.89
C ILE E 179 56.57 18.64 -40.33
N LEU E 180 55.40 18.78 -40.97
CA LEU E 180 55.37 19.40 -42.29
C LEU E 180 55.68 20.89 -42.21
N GLU E 181 55.21 21.57 -41.16
CA GLU E 181 55.26 23.02 -41.17
C GLU E 181 55.91 23.60 -39.91
N LEU E 182 57.11 23.15 -39.57
CA LEU E 182 58.08 23.99 -38.89
C LEU E 182 59.27 24.13 -39.82
N THR E 183 59.87 25.32 -39.83
CA THR E 183 61.02 25.59 -40.67
C THR E 183 62.33 25.52 -39.91
N ASP E 184 62.33 24.82 -38.78
CA ASP E 184 63.52 24.59 -37.99
C ASP E 184 63.59 23.10 -37.66
N LEU E 185 64.78 22.54 -37.76
CA LEU E 185 64.90 21.08 -37.71
C LEU E 185 64.86 20.51 -36.31
N GLU E 186 65.57 21.11 -35.35
CA GLU E 186 66.02 20.39 -34.15
C GLU E 186 64.87 19.95 -33.26
N ALA E 187 63.93 20.85 -32.96
CA ALA E 187 62.84 20.53 -32.02
C ALA E 187 61.88 19.51 -32.60
N ARG E 188 61.83 19.39 -33.93
CA ARG E 188 60.99 18.38 -34.55
C ARG E 188 61.52 16.97 -34.29
N LEU E 189 62.82 16.75 -34.49
CA LEU E 189 63.36 15.44 -34.14
C LEU E 189 63.47 15.27 -32.63
N LYS E 190 63.48 16.38 -31.87
CA LYS E 190 63.34 16.28 -30.42
C LYS E 190 61.99 15.71 -30.00
N LYS E 191 60.89 16.21 -30.56
CA LYS E 191 59.58 15.68 -30.19
C LYS E 191 59.35 14.31 -30.82
N VAL E 192 60.04 14.00 -31.92
CA VAL E 192 60.02 12.63 -32.44
C VAL E 192 60.75 11.68 -31.50
N LEU E 193 61.87 12.12 -30.92
CA LEU E 193 62.54 11.38 -29.85
C LEU E 193 61.62 11.17 -28.65
N GLY E 194 60.85 12.21 -28.31
CA GLY E 194 59.85 12.05 -27.26
C GLY E 194 58.78 11.04 -27.64
N LEU E 195 58.45 10.97 -28.93
CA LEU E 195 57.40 10.07 -29.39
C LEU E 195 57.88 8.62 -29.39
N LEU E 196 59.14 8.39 -29.75
CA LEU E 196 59.64 7.02 -29.70
C LEU E 196 60.09 6.62 -28.30
N SER E 197 60.41 7.57 -27.43
CA SER E 197 60.59 7.20 -26.02
C SER E 197 59.25 6.88 -25.38
N ARG E 198 58.19 7.58 -25.84
CA ARG E 198 56.83 7.20 -25.51
C ARG E 198 56.54 5.80 -26.01
N ASP E 199 57.05 5.45 -27.19
CA ASP E 199 56.90 4.08 -27.71
C ASP E 199 57.64 3.08 -26.84
N LEU E 200 58.80 3.47 -26.30
CA LEU E 200 59.55 2.62 -25.39
C LEU E 200 58.76 2.30 -24.13
N GLU E 201 58.28 3.34 -23.44
CA GLU E 201 57.54 3.12 -22.21
C GLU E 201 56.19 2.46 -22.48
N ARG E 202 55.61 2.73 -23.66
CA ARG E 202 54.44 2.04 -24.18
C ARG E 202 54.64 0.55 -24.31
N PHE E 203 55.74 0.14 -24.94
CA PHE E 203 56.00 -1.28 -25.14
C PHE E 203 56.35 -1.97 -23.83
N GLU E 204 57.15 -1.33 -22.98
CA GLU E 204 57.49 -1.97 -21.71
C GLU E 204 56.27 -2.10 -20.81
N LEU E 205 55.38 -1.10 -20.81
CA LEU E 205 54.20 -1.17 -19.95
C LEU E 205 53.16 -2.14 -20.50
N ASP E 206 52.93 -2.20 -21.81
CA ASP E 206 51.93 -3.17 -22.24
C ASP E 206 52.50 -4.58 -22.25
N LYS E 207 53.83 -4.71 -22.24
CA LYS E 207 54.40 -6.03 -22.00
C LYS E 207 54.29 -6.44 -20.53
N ARG E 208 54.37 -5.49 -19.59
CA ARG E 208 54.11 -5.89 -18.21
C ARG E 208 52.62 -6.18 -18.01
N VAL E 209 51.77 -5.48 -18.75
CA VAL E 209 50.35 -5.82 -18.85
C VAL E 209 50.17 -7.25 -19.38
N ALA E 210 50.93 -7.62 -20.42
CA ALA E 210 50.74 -8.92 -21.05
C ALA E 210 51.23 -10.05 -20.15
N GLN E 211 52.37 -9.86 -19.49
CA GLN E 211 52.82 -10.86 -18.54
C GLN E 211 51.91 -10.88 -17.31
N ARG E 212 51.30 -9.75 -16.98
CA ARG E 212 50.34 -9.73 -15.89
C ARG E 212 49.10 -10.53 -16.27
N VAL E 213 48.63 -10.41 -17.50
CA VAL E 213 47.37 -11.06 -17.81
C VAL E 213 47.60 -12.54 -18.09
N LYS E 214 48.81 -12.93 -18.47
CA LYS E 214 49.06 -14.37 -18.52
C LYS E 214 49.25 -14.93 -17.11
N GLU E 215 49.71 -14.09 -16.18
CA GLU E 215 49.62 -14.47 -14.77
C GLU E 215 48.18 -14.52 -14.31
N GLN E 216 47.32 -13.72 -14.92
CA GLN E 216 45.90 -13.74 -14.55
C GLN E 216 45.23 -15.01 -15.06
N MET E 217 45.60 -15.44 -16.28
CA MET E 217 45.33 -16.78 -16.76
C MET E 217 45.76 -17.84 -15.75
N ASP E 218 47.03 -17.77 -15.34
CA ASP E 218 47.61 -18.69 -14.37
C ASP E 218 46.77 -18.78 -13.10
N THR E 219 46.55 -17.64 -12.45
CA THR E 219 45.85 -17.60 -11.17
C THR E 219 44.39 -18.04 -11.31
N ASN E 220 43.66 -17.52 -12.31
CA ASN E 220 42.24 -17.80 -12.39
C ASN E 220 41.97 -19.25 -12.78
N GLN E 221 42.62 -19.75 -13.82
CA GLN E 221 42.35 -21.12 -14.21
C GLN E 221 42.94 -22.11 -13.23
N ARG E 222 44.03 -21.72 -12.55
CA ARG E 222 44.56 -22.52 -11.46
C ARG E 222 43.55 -22.65 -10.33
N GLU E 223 42.99 -21.53 -9.87
CA GLU E 223 42.08 -21.59 -8.74
C GLU E 223 40.75 -22.21 -9.14
N TYR E 224 40.37 -22.10 -10.41
CA TYR E 224 39.20 -22.81 -10.91
C TYR E 224 39.40 -24.31 -10.84
N TYR E 225 40.55 -24.78 -11.32
CA TYR E 225 40.94 -26.18 -11.19
C TYR E 225 40.94 -26.64 -9.74
N LEU E 226 41.45 -25.77 -8.85
CA LEU E 226 41.53 -26.13 -7.44
C LEU E 226 40.16 -26.20 -6.79
N ARG E 227 39.26 -25.26 -7.13
CA ARG E 227 37.90 -25.32 -6.60
C ARG E 227 37.17 -26.55 -7.09
N GLU E 228 37.41 -26.92 -8.35
CA GLU E 228 36.65 -28.06 -8.87
C GLU E 228 37.20 -29.39 -8.33
N GLN E 229 38.52 -29.51 -8.12
CA GLN E 229 39.01 -30.73 -7.50
C GLN E 229 38.59 -30.83 -6.05
N MET E 230 38.55 -29.70 -5.33
CA MET E 230 38.12 -29.79 -3.93
C MET E 230 36.62 -30.02 -3.84
N LYS E 231 35.85 -29.57 -4.83
CA LYS E 231 34.43 -29.88 -4.80
C LYS E 231 34.18 -31.34 -5.15
N ALA E 232 35.04 -31.92 -6.01
CA ALA E 232 35.04 -33.36 -6.24
C ALA E 232 35.30 -34.15 -4.96
N ILE E 233 36.33 -33.76 -4.22
CA ILE E 233 36.63 -34.41 -2.93
C ILE E 233 35.49 -34.20 -1.94
N GLN E 234 34.86 -33.03 -1.97
CA GLN E 234 33.79 -32.73 -1.02
C GLN E 234 32.54 -33.55 -1.27
N LYS E 235 32.18 -33.81 -2.53
CA LYS E 235 31.00 -34.65 -2.73
C LYS E 235 31.36 -36.12 -2.73
N GLU E 236 32.66 -36.46 -2.67
CA GLU E 236 32.97 -37.85 -2.40
C GLU E 236 33.19 -38.09 -0.90
N LEU E 237 33.20 -37.01 -0.10
CA LEU E 237 33.07 -37.17 1.35
C LEU E 237 31.64 -37.00 1.82
N GLY E 238 30.69 -36.89 0.90
CA GLY E 238 29.28 -36.75 1.26
C GLY E 238 28.52 -38.05 1.20
N GLY E 239 29.14 -39.14 1.64
CA GLY E 239 28.44 -40.41 1.73
C GLY E 239 27.79 -40.58 3.09
N GLU E 240 26.45 -40.77 3.06
CA GLU E 240 25.50 -40.86 4.17
C GLU E 240 25.30 -39.47 4.80
N ASP E 241 25.98 -38.47 4.26
CA ASP E 241 25.75 -37.07 4.62
C ASP E 241 24.89 -36.38 3.57
N GLY E 242 25.33 -36.38 2.32
CA GLY E 242 24.57 -35.84 1.21
C GLY E 242 23.96 -36.95 0.42
N LEU E 243 24.68 -38.07 0.36
CA LEU E 243 24.06 -39.34 0.05
C LEU E 243 23.18 -39.73 1.24
N SER E 244 22.21 -40.61 0.99
CA SER E 244 21.15 -40.95 1.94
C SER E 244 20.40 -39.71 2.43
N ASP E 245 19.72 -39.04 1.46
CA ASP E 245 18.63 -38.06 1.60
C ASP E 245 17.29 -38.63 1.10
N LEU E 246 17.08 -39.93 1.24
CA LEU E 246 15.99 -40.64 0.61
C LEU E 246 15.39 -41.64 1.54
N GLU E 247 16.13 -42.03 2.53
CA GLU E 247 15.77 -43.27 3.11
C GLU E 247 14.81 -43.04 4.24
N ALA E 248 14.64 -41.80 4.65
CA ALA E 248 13.48 -41.47 5.47
C ALA E 248 12.19 -41.62 4.67
N LEU E 249 12.24 -41.26 3.39
CA LEU E 249 11.13 -41.47 2.45
C LEU E 249 10.81 -42.93 2.24
N ARG E 250 11.82 -43.81 2.10
CA ARG E 250 11.49 -45.24 2.08
C ARG E 250 10.97 -45.75 3.41
N LYS E 251 11.39 -45.14 4.53
CA LYS E 251 10.84 -45.52 5.82
C LYS E 251 9.36 -45.17 5.92
N LYS E 252 8.97 -43.99 5.41
CA LYS E 252 7.67 -43.46 5.78
C LYS E 252 6.68 -43.36 4.61
N ILE E 253 7.08 -43.72 3.38
CA ILE E 253 6.10 -43.63 2.29
C ILE E 253 5.65 -45.02 1.86
N GLU E 254 6.43 -46.06 2.13
CA GLU E 254 6.00 -47.44 1.94
C GLU E 254 5.47 -48.06 3.23
N GLU E 255 4.92 -47.23 4.11
CA GLU E 255 4.23 -47.73 5.30
C GLU E 255 2.77 -47.97 4.95
N VAL E 256 1.96 -48.26 5.97
CA VAL E 256 0.52 -48.39 5.77
C VAL E 256 -0.08 -47.02 5.48
N GLY E 257 -0.94 -46.97 4.46
CA GLY E 257 -1.42 -45.69 3.99
C GLY E 257 -1.32 -45.44 2.50
N MET E 258 -0.37 -44.56 2.13
CA MET E 258 -0.25 -43.75 0.91
C MET E 258 -0.69 -44.42 -0.39
N PRO E 259 -1.57 -43.77 -1.16
CA PRO E 259 -1.97 -44.32 -2.47
C PRO E 259 -0.85 -44.25 -3.49
N GLU E 260 -1.12 -44.79 -4.69
CA GLU E 260 -0.11 -44.89 -5.73
C GLU E 260 0.20 -43.55 -6.37
N ALA E 261 -0.76 -42.63 -6.43
CA ALA E 261 -0.48 -41.27 -6.89
C ALA E 261 0.46 -40.56 -5.92
N VAL E 262 0.32 -40.86 -4.63
CA VAL E 262 1.25 -40.33 -3.64
C VAL E 262 2.61 -41.01 -3.78
N LYS E 263 2.62 -42.27 -4.23
CA LYS E 263 3.90 -42.91 -4.55
C LYS E 263 4.58 -42.23 -5.73
N THR E 264 3.79 -41.77 -6.72
CA THR E 264 4.38 -41.08 -7.86
C THR E 264 4.89 -39.70 -7.47
N LYS E 265 4.08 -38.94 -6.72
CA LYS E 265 4.46 -37.57 -6.40
C LYS E 265 5.48 -37.53 -5.26
N ALA E 266 5.59 -38.62 -4.51
CA ALA E 266 6.52 -38.68 -3.38
C ALA E 266 7.90 -39.15 -3.77
N LEU E 267 8.02 -40.02 -4.78
CA LEU E 267 9.32 -40.47 -5.29
C LEU E 267 9.82 -39.58 -6.42
N LYS E 268 9.40 -38.32 -6.41
CA LYS E 268 9.72 -37.33 -7.43
C LYS E 268 11.13 -36.79 -7.24
N GLU E 269 11.74 -37.07 -6.09
CA GLU E 269 12.97 -36.37 -5.74
C GLU E 269 14.23 -37.29 -5.75
N LEU E 270 14.09 -38.59 -6.02
CA LEU E 270 15.28 -39.44 -6.01
C LEU E 270 16.17 -39.18 -7.22
N ASP E 271 15.61 -39.18 -8.43
CA ASP E 271 16.43 -38.96 -9.60
C ASP E 271 16.46 -37.51 -10.04
N ARG E 272 16.11 -36.57 -9.16
CA ARG E 272 16.48 -35.17 -9.30
C ARG E 272 17.76 -34.88 -8.53
N LEU E 273 18.61 -35.90 -8.47
CA LEU E 273 19.67 -36.07 -7.49
C LEU E 273 20.74 -35.00 -7.52
N GLU E 274 21.42 -34.84 -8.64
CA GLU E 274 22.72 -34.17 -8.70
C GLU E 274 22.56 -32.66 -8.73
N ARG E 275 21.76 -32.12 -7.81
CA ARG E 275 21.59 -30.67 -7.75
C ARG E 275 21.59 -30.09 -6.34
N MET E 276 21.74 -30.89 -5.28
CA MET E 276 21.83 -30.33 -3.93
C MET E 276 23.26 -30.14 -3.47
N GLN E 277 24.22 -30.90 -4.01
CA GLN E 277 25.62 -30.65 -3.70
C GLN E 277 26.21 -29.66 -4.70
N GLN E 278 25.39 -29.19 -5.63
CA GLN E 278 25.81 -28.37 -6.75
C GLN E 278 25.05 -27.05 -6.67
N GLY E 279 25.65 -26.05 -6.01
CA GLY E 279 24.85 -24.95 -5.55
C GLY E 279 24.44 -25.19 -4.11
N SER E 280 23.16 -24.99 -3.79
CA SER E 280 22.11 -24.54 -4.69
C SER E 280 21.18 -23.58 -3.95
N PRO E 281 20.42 -22.75 -4.68
CA PRO E 281 19.33 -22.01 -4.03
C PRO E 281 18.15 -22.90 -3.66
N GLU E 282 18.05 -24.10 -4.22
CA GLU E 282 16.97 -25.04 -3.97
C GLU E 282 17.52 -26.40 -3.53
N ALA E 283 18.52 -26.37 -2.67
CA ALA E 283 19.20 -27.59 -2.22
C ALA E 283 18.46 -28.26 -1.07
N THR E 284 18.30 -27.56 0.05
CA THR E 284 17.75 -28.14 1.26
C THR E 284 16.23 -28.15 1.31
N VAL E 285 15.56 -27.82 0.19
CA VAL E 285 14.10 -27.83 0.16
C VAL E 285 13.57 -29.26 0.06
N ALA E 286 14.46 -30.23 -0.19
CA ALA E 286 14.06 -31.62 -0.30
C ALA E 286 13.69 -32.23 1.04
N ARG E 287 14.51 -32.02 2.07
CA ARG E 287 14.17 -32.49 3.41
C ARG E 287 12.93 -31.79 3.94
N THR E 288 12.76 -30.51 3.58
CA THR E 288 11.55 -29.78 3.96
C THR E 288 10.31 -30.38 3.32
N TYR E 289 10.38 -30.63 2.01
CA TYR E 289 9.26 -31.20 1.25
C TYR E 289 8.91 -32.60 1.75
N LEU E 290 9.93 -33.40 2.06
CA LEU E 290 9.68 -34.76 2.54
C LEU E 290 9.19 -34.77 3.98
N ASP E 291 9.77 -33.94 4.86
CA ASP E 291 9.34 -33.92 6.25
C ASP E 291 7.97 -33.27 6.40
N TRP E 292 7.50 -32.53 5.39
CA TRP E 292 6.14 -32.04 5.44
C TRP E 292 5.19 -32.97 4.70
N LEU E 293 5.71 -33.81 3.79
CA LEU E 293 4.81 -34.62 2.99
C LEU E 293 4.48 -35.96 3.64
N THR E 294 5.47 -36.70 4.13
CA THR E 294 5.21 -38.09 4.50
C THR E 294 4.94 -38.28 6.00
N GLU E 295 4.70 -37.20 6.74
CA GLU E 295 4.39 -37.29 8.16
C GLU E 295 2.94 -36.98 8.48
N VAL E 296 2.14 -36.57 7.51
CA VAL E 296 0.70 -36.52 7.75
C VAL E 296 0.17 -37.95 7.91
N PRO E 297 -0.53 -38.24 9.01
CA PRO E 297 -0.88 -39.64 9.27
C PRO E 297 -2.01 -40.14 8.39
N TRP E 298 -1.74 -41.25 7.70
CA TRP E 298 -2.69 -41.89 6.81
C TRP E 298 -2.76 -43.37 7.18
N SER E 299 -3.99 -43.87 7.35
CA SER E 299 -4.29 -45.26 7.72
C SER E 299 -3.69 -45.65 9.07
N LYS E 300 -3.77 -44.73 10.04
CA LYS E 300 -3.55 -45.09 11.44
C LYS E 300 -4.47 -44.20 12.29
N ALA E 301 -5.46 -44.81 12.91
CA ALA E 301 -6.47 -44.08 13.64
C ALA E 301 -6.66 -44.65 15.04
N ASP E 302 -7.25 -43.85 15.87
CA ASP E 302 -7.63 -44.15 17.25
C ASP E 302 -8.92 -44.95 17.24
N PRO E 303 -8.98 -46.07 17.96
CA PRO E 303 -10.29 -46.67 18.26
C PRO E 303 -11.14 -45.71 19.07
N GLU E 304 -12.43 -45.67 18.74
CA GLU E 304 -13.32 -44.61 19.18
C GLU E 304 -14.50 -45.18 19.95
N VAL E 305 -14.55 -44.92 21.25
CA VAL E 305 -15.80 -45.08 21.97
C VAL E 305 -16.65 -43.84 21.76
N LEU E 306 -17.93 -44.06 21.44
CA LEU E 306 -18.87 -42.97 21.26
C LEU E 306 -20.11 -43.11 22.14
N ASP E 307 -20.06 -44.01 23.13
CA ASP E 307 -21.19 -44.20 24.03
C ASP E 307 -21.34 -42.98 24.92
N ILE E 308 -22.59 -42.63 25.22
CA ILE E 308 -22.83 -41.38 25.92
C ILE E 308 -22.54 -41.51 27.42
N ASN E 309 -22.49 -42.72 27.96
CA ASN E 309 -22.25 -42.86 29.39
C ASN E 309 -20.81 -42.52 29.76
N HIS E 310 -19.84 -42.96 28.96
CA HIS E 310 -18.45 -42.59 29.22
C HIS E 310 -18.23 -41.12 28.98
N THR E 311 -18.96 -40.53 28.04
CA THR E 311 -18.85 -39.09 27.82
C THR E 311 -19.45 -38.29 28.97
N ARG E 312 -20.55 -38.76 29.56
CA ARG E 312 -21.05 -38.11 30.76
C ARG E 312 -20.11 -38.29 31.94
N GLN E 313 -19.48 -39.45 32.06
CA GLN E 313 -18.54 -39.65 33.16
C GLN E 313 -17.27 -38.83 32.97
N VAL E 314 -16.95 -38.44 31.73
CA VAL E 314 -15.87 -37.51 31.52
C VAL E 314 -16.31 -36.08 31.85
N LEU E 315 -17.44 -35.66 31.31
CA LEU E 315 -17.84 -34.26 31.40
C LEU E 315 -18.33 -33.87 32.78
N ASP E 316 -18.81 -34.82 33.57
CA ASP E 316 -19.37 -34.48 34.87
C ASP E 316 -18.31 -34.41 35.96
N GLU E 317 -17.04 -34.62 35.63
CA GLU E 317 -15.96 -34.43 36.59
C GLU E 317 -14.86 -33.53 36.06
N ASP E 318 -15.03 -32.99 34.86
CA ASP E 318 -14.10 -32.01 34.35
C ASP E 318 -14.70 -30.61 34.31
N HIS E 319 -16.01 -30.48 34.57
CA HIS E 319 -16.68 -29.21 34.68
C HIS E 319 -17.80 -29.32 35.69
N TYR E 320 -18.03 -28.24 36.42
CA TYR E 320 -19.17 -28.11 37.30
C TYR E 320 -20.25 -27.33 36.59
N GLY E 321 -21.51 -27.68 36.86
CA GLY E 321 -22.61 -26.99 36.23
C GLY E 321 -22.72 -27.32 34.75
N LEU E 322 -23.14 -26.31 33.98
CA LEU E 322 -23.19 -26.35 32.51
C LEU E 322 -24.06 -27.47 31.97
N LYS E 323 -25.11 -27.83 32.72
CA LYS E 323 -25.81 -29.10 32.53
C LYS E 323 -26.55 -29.15 31.20
N ASP E 324 -27.23 -28.07 30.84
CA ASP E 324 -27.98 -28.02 29.59
C ASP E 324 -27.04 -28.06 28.40
N VAL E 325 -25.90 -27.37 28.50
CA VAL E 325 -24.90 -27.38 27.43
C VAL E 325 -24.34 -28.79 27.26
N LYS E 326 -24.12 -29.48 28.39
CA LYS E 326 -23.67 -30.87 28.34
C LYS E 326 -24.68 -31.76 27.64
N GLU E 327 -25.97 -31.57 27.93
CA GLU E 327 -27.01 -32.38 27.31
C GLU E 327 -27.07 -32.13 25.80
N ARG E 328 -26.91 -30.89 25.37
CA ARG E 328 -26.94 -30.60 23.94
C ARG E 328 -25.71 -31.17 23.23
N ILE E 329 -24.55 -31.16 23.89
CA ILE E 329 -23.36 -31.78 23.32
C ILE E 329 -23.55 -33.30 23.20
N LEU E 330 -24.21 -33.89 24.19
CA LEU E 330 -24.53 -35.32 24.14
C LEU E 330 -25.46 -35.64 22.98
N GLU E 331 -26.45 -34.78 22.75
CA GLU E 331 -27.36 -34.96 21.61
C GLU E 331 -26.60 -34.93 20.29
N TYR E 332 -25.70 -33.96 20.14
CA TYR E 332 -24.90 -33.86 18.92
C TYR E 332 -24.02 -35.10 18.71
N LEU E 333 -23.38 -35.58 19.78
CA LEU E 333 -22.51 -36.75 19.64
C LEU E 333 -23.30 -38.03 19.42
N ALA E 334 -24.51 -38.11 19.99
CA ALA E 334 -25.36 -39.28 19.79
C ALA E 334 -25.79 -39.38 18.34
N VAL E 335 -26.15 -38.24 17.74
CA VAL E 335 -26.48 -38.25 16.32
C VAL E 335 -25.26 -38.52 15.48
N ARG E 336 -24.07 -38.11 15.94
CA ARG E 336 -22.85 -38.41 15.20
C ARG E 336 -22.55 -39.90 15.16
N GLN E 337 -22.75 -40.60 16.27
CA GLN E 337 -22.51 -42.04 16.22
C GLN E 337 -23.67 -42.82 15.62
N LEU E 338 -24.89 -42.27 15.64
CA LEU E 338 -26.02 -43.04 15.14
C LEU E 338 -26.05 -43.05 13.62
N THR E 339 -25.77 -41.91 13.00
CA THR E 339 -25.69 -41.84 11.55
C THR E 339 -24.32 -42.33 11.11
N GLN E 340 -24.27 -43.51 10.50
CA GLN E 340 -23.03 -44.05 9.97
C GLN E 340 -23.22 -44.44 8.51
N GLY E 341 -22.17 -44.31 7.73
CA GLY E 341 -22.24 -44.59 6.31
C GLY E 341 -22.75 -43.41 5.54
N LEU E 342 -24.03 -43.44 5.19
CA LEU E 342 -24.67 -42.38 4.44
C LEU E 342 -25.48 -41.49 5.39
N ASP E 343 -25.79 -40.28 4.92
CA ASP E 343 -26.48 -39.18 5.63
C ASP E 343 -25.61 -38.57 6.73
N VAL E 344 -24.30 -38.82 6.69
CA VAL E 344 -23.36 -38.08 7.51
C VAL E 344 -22.53 -37.12 6.67
N ARG E 345 -22.33 -37.40 5.38
CA ARG E 345 -21.60 -36.52 4.48
C ARG E 345 -22.49 -35.45 3.86
N ASN E 346 -23.80 -35.55 4.01
CA ASN E 346 -24.69 -34.54 3.44
C ASN E 346 -24.67 -33.26 4.25
N LYS E 347 -24.64 -33.38 5.58
CA LYS E 347 -24.61 -32.21 6.44
C LYS E 347 -23.82 -32.52 7.69
N ALA E 348 -23.40 -31.47 8.40
CA ALA E 348 -22.85 -31.59 9.74
C ALA E 348 -23.06 -30.25 10.42
N PRO E 349 -23.96 -30.20 11.40
CA PRO E 349 -24.20 -28.95 12.11
C PRO E 349 -23.06 -28.67 13.07
N ILE E 350 -21.96 -28.15 12.56
CA ILE E 350 -20.70 -28.07 13.30
C ILE E 350 -20.85 -27.13 14.48
N LEU E 351 -20.45 -27.61 15.67
CA LEU E 351 -20.78 -26.95 16.92
C LEU E 351 -20.11 -25.60 17.04
N VAL E 352 -20.90 -24.61 17.48
CA VAL E 352 -20.41 -23.29 17.81
C VAL E 352 -20.70 -23.06 19.28
N LEU E 353 -19.65 -22.82 20.04
CA LEU E 353 -19.78 -22.51 21.45
C LEU E 353 -19.81 -21.00 21.58
N VAL E 354 -21.00 -20.44 21.76
CA VAL E 354 -21.21 -19.00 21.87
C VAL E 354 -21.16 -18.62 23.34
N GLY E 355 -20.37 -17.63 23.67
CA GLY E 355 -20.38 -17.15 25.03
C GLY E 355 -19.48 -15.96 25.28
N PRO E 356 -19.66 -15.31 26.43
CA PRO E 356 -18.79 -14.22 26.82
C PRO E 356 -17.41 -14.76 27.17
N PRO E 357 -16.36 -13.94 27.08
CA PRO E 357 -15.04 -14.41 27.48
C PRO E 357 -14.95 -14.59 28.98
N GLY E 358 -14.35 -15.71 29.38
CA GLY E 358 -14.22 -16.05 30.78
C GLY E 358 -14.99 -17.27 31.19
N VAL E 359 -15.91 -17.76 30.36
CA VAL E 359 -16.57 -19.03 30.63
C VAL E 359 -15.66 -20.11 30.07
N GLY E 360 -15.89 -21.36 30.41
CA GLY E 360 -15.01 -22.39 29.94
C GLY E 360 -15.40 -22.96 28.59
N LYS E 361 -14.80 -22.45 27.52
CA LYS E 361 -15.04 -23.00 26.18
C LYS E 361 -13.95 -23.98 25.77
N THR E 362 -12.69 -23.53 25.82
CA THR E 362 -11.56 -24.35 25.42
C THR E 362 -11.40 -25.54 26.35
N SER E 363 -11.74 -25.37 27.62
CA SER E 363 -11.72 -26.48 28.57
C SER E 363 -12.75 -27.54 28.19
N LEU E 364 -13.91 -27.12 27.67
CA LEU E 364 -14.86 -28.08 27.13
C LEU E 364 -14.33 -28.77 25.88
N GLY E 365 -13.53 -28.08 25.07
CA GLY E 365 -12.94 -28.72 23.91
C GLY E 365 -11.94 -29.79 24.28
N ARG E 366 -11.08 -29.49 25.26
CA ARG E 366 -10.16 -30.52 25.75
C ARG E 366 -10.89 -31.65 26.44
N SER E 367 -12.00 -31.37 27.12
CA SER E 367 -12.71 -32.45 27.80
C SER E 367 -13.45 -33.34 26.81
N ILE E 368 -13.97 -32.76 25.73
CA ILE E 368 -14.59 -33.57 24.68
C ILE E 368 -13.55 -34.40 23.95
N ALA E 369 -12.39 -33.80 23.65
CA ALA E 369 -11.34 -34.55 22.96
C ALA E 369 -10.77 -35.65 23.82
N ARG E 370 -10.68 -35.43 25.13
CA ARG E 370 -10.25 -36.50 26.02
C ARG E 370 -11.36 -37.51 26.24
N SER E 371 -12.61 -37.12 26.03
CA SER E 371 -13.74 -38.03 26.22
C SER E 371 -13.83 -39.10 25.15
N MET E 372 -13.52 -38.75 23.91
CA MET E 372 -13.50 -39.70 22.81
C MET E 372 -12.14 -40.33 22.62
N ASN E 373 -11.24 -40.17 23.60
CA ASN E 373 -9.87 -40.69 23.64
C ASN E 373 -8.95 -40.11 22.57
N ARG E 374 -9.44 -39.20 21.73
CA ARG E 374 -8.69 -38.73 20.59
C ARG E 374 -7.85 -37.52 20.98
N LYS E 375 -7.26 -36.87 20.00
CA LYS E 375 -6.18 -35.90 20.22
C LYS E 375 -6.71 -34.49 20.04
N PHE E 376 -6.55 -33.67 21.07
CA PHE E 376 -6.94 -32.27 20.99
C PHE E 376 -5.90 -31.47 20.25
N HIS E 377 -6.37 -30.50 19.46
CA HIS E 377 -5.50 -29.43 18.99
C HIS E 377 -6.33 -28.19 18.77
N ARG E 378 -5.84 -27.06 19.26
CA ARG E 378 -6.54 -25.79 19.13
C ARG E 378 -5.82 -24.91 18.12
N ILE E 379 -6.55 -24.43 17.14
CA ILE E 379 -6.05 -23.47 16.16
C ILE E 379 -6.80 -22.16 16.39
N SER E 380 -6.07 -21.11 16.75
CA SER E 380 -6.68 -19.82 17.01
C SER E 380 -6.71 -19.02 15.71
N LEU E 381 -7.90 -18.54 15.35
CA LEU E 381 -8.10 -17.80 14.12
C LEU E 381 -8.43 -16.34 14.39
N GLY E 382 -7.78 -15.76 15.39
CA GLY E 382 -7.97 -14.36 15.69
C GLY E 382 -7.38 -13.46 14.64
N GLY E 383 -6.06 -13.47 14.51
CA GLY E 383 -5.40 -12.61 13.56
C GLY E 383 -5.19 -13.25 12.20
N VAL E 384 -6.29 -13.62 11.54
CA VAL E 384 -6.25 -14.26 10.23
C VAL E 384 -7.01 -13.38 9.24
N ARG E 385 -6.36 -13.03 8.14
CA ARG E 385 -7.00 -12.17 7.15
C ARG E 385 -6.67 -12.59 5.71
N ASP E 386 -5.90 -13.66 5.51
CA ASP E 386 -5.56 -14.12 4.17
C ASP E 386 -5.64 -15.63 4.12
N GLU E 387 -6.01 -16.16 2.95
CA GLU E 387 -6.23 -17.59 2.78
C GLU E 387 -4.95 -18.40 2.83
N ALA E 388 -3.79 -17.78 2.59
CA ALA E 388 -2.53 -18.50 2.61
C ALA E 388 -2.07 -18.84 4.03
N GLU E 389 -2.77 -18.36 5.05
CA GLU E 389 -2.59 -18.91 6.38
C GLU E 389 -3.39 -20.19 6.55
N ILE E 390 -4.49 -20.33 5.82
CA ILE E 390 -5.29 -21.55 5.84
C ILE E 390 -4.86 -22.52 4.76
N ARG E 391 -4.66 -22.01 3.54
CA ARG E 391 -4.00 -22.76 2.48
C ARG E 391 -2.49 -22.66 2.68
N GLY E 392 -1.72 -23.12 1.71
CA GLY E 392 -0.28 -23.03 1.78
C GLY E 392 0.29 -22.00 0.82
N HIS E 393 1.61 -22.01 0.72
CA HIS E 393 2.35 -21.20 -0.23
C HIS E 393 2.95 -22.12 -1.29
N ARG E 394 2.86 -21.69 -2.55
CA ARG E 394 3.44 -22.45 -3.65
C ARG E 394 4.97 -22.43 -3.51
N ARG E 395 5.57 -23.60 -3.69
CA ARG E 395 6.99 -23.80 -3.39
C ARG E 395 7.91 -23.39 -4.53
N THR E 396 7.39 -22.76 -5.59
CA THR E 396 8.24 -22.15 -6.60
C THR E 396 8.76 -20.79 -6.16
N TYR E 397 8.25 -20.24 -5.07
CA TYR E 397 8.76 -19.03 -4.45
C TYR E 397 9.54 -19.37 -3.19
N ILE E 398 10.23 -18.37 -2.65
CA ILE E 398 11.09 -18.56 -1.49
C ILE E 398 10.27 -18.82 -0.22
N GLY E 399 9.24 -18.03 0.02
CA GLY E 399 8.38 -18.25 1.17
C GLY E 399 7.41 -19.39 0.91
N ALA E 400 7.65 -20.53 1.55
CA ALA E 400 6.87 -21.75 1.29
C ALA E 400 6.51 -22.38 2.63
N MET E 401 5.23 -22.40 2.95
CA MET E 401 4.75 -22.89 4.23
C MET E 401 3.30 -23.31 4.08
N PRO E 402 2.91 -24.48 4.59
CA PRO E 402 1.52 -24.93 4.44
C PRO E 402 0.60 -24.24 5.42
N GLY E 403 -0.65 -24.71 5.41
CA GLY E 403 -1.66 -24.14 6.28
C GLY E 403 -1.52 -24.62 7.71
N LYS E 404 -2.42 -24.10 8.55
CA LYS E 404 -2.42 -24.47 9.96
C LYS E 404 -2.86 -25.91 10.17
N LEU E 405 -3.63 -26.46 9.24
CA LEU E 405 -4.18 -27.80 9.43
C LEU E 405 -3.18 -28.88 9.08
N ILE E 406 -2.29 -28.63 8.12
CA ILE E 406 -1.21 -29.57 7.85
C ILE E 406 -0.24 -29.61 9.01
N HIS E 407 0.01 -28.45 9.64
CA HIS E 407 0.78 -28.41 10.88
C HIS E 407 0.08 -29.18 11.98
N ALA E 408 -1.23 -29.01 12.11
CA ALA E 408 -2.00 -29.69 13.15
C ALA E 408 -2.03 -31.20 12.94
N MET E 409 -2.00 -31.64 11.68
CA MET E 409 -1.87 -33.07 11.42
C MET E 409 -0.45 -33.56 11.67
N LYS E 410 0.54 -32.68 11.51
CA LYS E 410 1.89 -33.04 11.93
C LYS E 410 2.07 -33.03 13.44
N GLN E 411 1.14 -32.42 14.18
CA GLN E 411 1.24 -32.45 15.64
C GLN E 411 0.89 -33.82 16.20
N VAL E 412 -0.22 -34.41 15.76
CA VAL E 412 -0.68 -35.69 16.30
C VAL E 412 -0.85 -36.68 15.17
N GLY E 413 -0.38 -37.91 15.39
CA GLY E 413 -0.33 -38.94 14.39
C GLY E 413 -1.60 -39.76 14.19
N VAL E 414 -2.77 -39.16 14.38
CA VAL E 414 -4.01 -39.88 14.18
C VAL E 414 -4.73 -39.31 12.96
N ILE E 415 -5.48 -40.16 12.26
CA ILE E 415 -6.32 -39.70 11.14
C ILE E 415 -7.33 -38.67 11.61
N ASN E 416 -7.96 -38.93 12.75
CA ASN E 416 -9.08 -38.12 13.24
C ASN E 416 -8.78 -37.51 14.60
N PRO E 417 -8.18 -36.32 14.63
CA PRO E 417 -8.10 -35.58 15.90
C PRO E 417 -9.38 -34.84 16.20
N VAL E 418 -9.36 -34.03 17.25
CA VAL E 418 -10.42 -33.06 17.51
C VAL E 418 -9.81 -31.69 17.41
N ILE E 419 -10.26 -30.92 16.43
CA ILE E 419 -9.68 -29.61 16.14
C ILE E 419 -10.66 -28.56 16.63
N LEU E 420 -10.18 -27.64 17.45
CA LEU E 420 -10.99 -26.53 17.91
C LEU E 420 -10.55 -25.27 17.18
N LEU E 421 -11.44 -24.72 16.38
CA LEU E 421 -11.22 -23.48 15.67
C LEU E 421 -11.72 -22.36 16.57
N ASP E 422 -10.80 -21.53 17.04
CA ASP E 422 -11.09 -20.59 18.10
C ASP E 422 -11.28 -19.20 17.53
N GLU E 423 -12.43 -18.60 17.85
CA GLU E 423 -12.76 -17.20 17.58
C GLU E 423 -12.75 -16.88 16.09
N ILE E 424 -13.72 -17.48 15.39
CA ILE E 424 -14.05 -17.08 14.02
C ILE E 424 -14.58 -15.64 13.95
N ASP E 425 -15.09 -15.11 15.08
CA ASP E 425 -15.60 -13.74 15.13
C ASP E 425 -14.53 -12.72 14.78
N LYS E 426 -13.28 -13.02 15.09
CA LYS E 426 -12.19 -12.08 14.89
C LYS E 426 -11.53 -12.21 13.52
N MET E 427 -12.03 -13.13 12.68
CA MET E 427 -11.60 -13.16 11.30
C MET E 427 -12.15 -11.94 10.57
N SER E 428 -11.28 -11.28 9.79
CA SER E 428 -11.60 -10.00 9.18
C SER E 428 -11.42 -10.10 7.67
N SER E 429 -12.17 -9.29 6.94
CA SER E 429 -12.16 -9.31 5.48
C SER E 429 -11.59 -8.03 4.92
N ASP E 430 -10.64 -8.16 4.01
CA ASP E 430 -10.12 -7.05 3.23
C ASP E 430 -9.96 -7.50 1.76
N TRP E 431 -9.24 -6.69 0.99
CA TRP E 431 -8.85 -7.11 -0.35
C TRP E 431 -7.70 -8.11 -0.26
N ARG E 432 -7.33 -8.68 -1.43
CA ARG E 432 -6.55 -9.91 -1.56
C ARG E 432 -7.22 -11.08 -0.82
N GLY E 433 -8.55 -11.09 -0.88
CA GLY E 433 -9.33 -12.24 -0.45
C GLY E 433 -9.83 -12.21 0.98
N ASP E 434 -10.95 -12.91 1.23
CA ASP E 434 -11.48 -13.08 2.56
C ASP E 434 -11.38 -14.54 2.99
N PRO E 435 -10.92 -14.82 4.21
CA PRO E 435 -10.65 -16.21 4.62
C PRO E 435 -11.88 -17.04 4.98
N ALA E 436 -13.09 -16.53 4.75
CA ALA E 436 -14.28 -17.33 5.03
C ALA E 436 -14.46 -18.43 4.00
N SER E 437 -14.03 -18.18 2.75
CA SER E 437 -14.26 -19.15 1.68
C SER E 437 -13.37 -20.38 1.82
N ALA E 438 -12.13 -20.18 2.27
CA ALA E 438 -11.25 -21.31 2.55
C ALA E 438 -11.76 -22.12 3.72
N MET E 439 -12.33 -21.46 4.73
CA MET E 439 -12.97 -22.15 5.85
C MET E 439 -14.17 -22.96 5.38
N LEU E 440 -14.95 -22.42 4.45
CA LEU E 440 -16.11 -23.16 3.97
C LEU E 440 -15.69 -24.34 3.10
N GLU E 441 -14.58 -24.19 2.37
CA GLU E 441 -14.06 -25.30 1.57
C GLU E 441 -13.52 -26.42 2.46
N VAL E 442 -12.75 -26.05 3.49
CA VAL E 442 -12.15 -27.05 4.36
C VAL E 442 -13.12 -27.56 5.40
N LEU E 443 -14.30 -26.96 5.50
CA LEU E 443 -15.22 -27.21 6.59
C LEU E 443 -16.39 -28.10 6.20
N ASP E 444 -16.69 -28.21 4.90
CA ASP E 444 -17.82 -29.00 4.44
C ASP E 444 -17.36 -30.43 4.16
N PRO E 445 -17.97 -31.45 4.79
CA PRO E 445 -17.61 -32.85 4.52
C PRO E 445 -18.18 -33.44 3.23
N GLU E 446 -18.04 -32.70 2.13
CA GLU E 446 -18.26 -33.29 0.82
C GLU E 446 -17.24 -32.85 -0.23
N GLN E 447 -16.44 -31.83 0.02
CA GLN E 447 -15.31 -31.51 -0.85
C GLN E 447 -13.98 -31.50 -0.09
N ASN E 448 -14.00 -31.72 1.22
CA ASN E 448 -12.75 -31.82 1.96
C ASN E 448 -12.03 -33.14 1.73
N ASN E 449 -12.71 -34.14 1.16
CA ASN E 449 -12.04 -35.37 0.77
C ASN E 449 -11.06 -35.12 -0.37
N THR E 450 -11.37 -34.17 -1.25
CA THR E 450 -10.48 -33.79 -2.33
C THR E 450 -9.78 -32.47 -2.03
N PHE E 451 -9.64 -32.12 -0.76
CA PHE E 451 -9.00 -30.86 -0.40
C PHE E 451 -7.50 -30.94 -0.62
N THR E 452 -6.99 -30.00 -1.40
CA THR E 452 -5.57 -29.97 -1.73
C THR E 452 -5.03 -28.59 -1.37
N ASP E 453 -3.71 -28.48 -1.36
CA ASP E 453 -3.05 -27.29 -0.88
C ASP E 453 -2.37 -26.58 -2.04
N HIS E 454 -1.88 -25.36 -1.81
CA HIS E 454 -1.00 -24.69 -2.74
C HIS E 454 0.44 -25.12 -2.58
N TYR E 455 0.80 -25.70 -1.44
CA TYR E 455 2.15 -26.17 -1.20
C TYR E 455 2.35 -27.61 -1.69
N LEU E 456 1.60 -28.55 -1.11
CA LEU E 456 1.58 -29.91 -1.60
C LEU E 456 0.51 -30.03 -2.67
N ASP E 457 0.34 -31.23 -3.21
CA ASP E 457 -0.57 -31.41 -4.34
C ASP E 457 -1.64 -32.48 -4.11
N VAL E 458 -1.39 -33.47 -3.27
CA VAL E 458 -2.28 -34.60 -3.12
C VAL E 458 -3.48 -34.21 -2.28
N PRO E 459 -4.64 -34.86 -2.43
CA PRO E 459 -5.77 -34.62 -1.52
C PRO E 459 -5.56 -35.27 -0.17
N TYR E 460 -6.51 -35.09 0.76
CA TYR E 460 -6.31 -35.53 2.13
C TYR E 460 -7.56 -36.21 2.65
N ASP E 461 -7.57 -36.47 3.94
CA ASP E 461 -8.60 -37.23 4.63
C ASP E 461 -9.25 -36.39 5.73
N LEU E 462 -9.57 -35.14 5.42
CA LEU E 462 -10.16 -34.23 6.39
C LEU E 462 -11.66 -34.40 6.53
N SER E 463 -12.10 -35.65 6.71
CA SER E 463 -13.52 -36.00 6.76
C SER E 463 -13.90 -36.54 8.13
N LYS E 464 -13.06 -37.39 8.71
CA LYS E 464 -13.28 -37.90 10.06
C LYS E 464 -12.80 -36.94 11.12
N VAL E 465 -12.20 -35.82 10.73
CA VAL E 465 -11.57 -34.89 11.65
C VAL E 465 -12.70 -34.09 12.31
N PHE E 466 -12.90 -34.32 13.60
CA PHE E 466 -14.03 -33.73 14.31
C PHE E 466 -13.74 -32.28 14.69
N PHE E 467 -14.56 -31.38 14.20
CA PHE E 467 -14.38 -29.94 14.38
C PHE E 467 -15.32 -29.39 15.44
N ILE E 468 -14.80 -28.49 16.26
CA ILE E 468 -15.60 -27.69 17.18
C ILE E 468 -15.11 -26.26 17.06
N THR E 469 -16.02 -25.29 16.98
CA THR E 469 -15.64 -23.89 16.86
C THR E 469 -16.18 -23.09 18.04
N THR E 470 -15.49 -22.01 18.38
CA THR E 470 -15.93 -21.16 19.47
C THR E 470 -16.12 -19.73 18.98
N ALA E 471 -16.95 -18.98 19.70
CA ALA E 471 -17.31 -17.63 19.29
C ALA E 471 -17.85 -16.84 20.47
N ASN E 472 -17.70 -15.52 20.38
CA ASN E 472 -18.21 -14.60 21.39
C ASN E 472 -19.56 -14.01 21.03
N THR E 473 -19.82 -13.76 19.75
CA THR E 473 -21.11 -13.25 19.32
C THR E 473 -21.39 -13.78 17.92
N LEU E 474 -22.65 -13.63 17.50
CA LEU E 474 -23.08 -14.21 16.24
C LEU E 474 -23.01 -13.24 15.07
N GLN E 475 -23.12 -11.94 15.34
CA GLN E 475 -23.41 -10.94 14.32
C GLN E 475 -22.24 -10.62 13.40
N THR E 476 -21.09 -11.26 13.57
CA THR E 476 -19.95 -11.03 12.69
C THR E 476 -19.46 -12.31 12.03
N ILE E 477 -20.21 -13.40 12.14
CA ILE E 477 -19.90 -14.65 11.47
C ILE E 477 -20.35 -14.50 10.03
N PRO E 478 -19.57 -14.96 9.04
CA PRO E 478 -20.02 -14.87 7.65
C PRO E 478 -21.25 -15.73 7.38
N ARG E 479 -22.09 -15.23 6.48
CA ARG E 479 -23.42 -15.82 6.28
C ARG E 479 -23.43 -17.21 5.63
N PRO E 480 -22.57 -17.57 4.65
CA PRO E 480 -22.54 -18.98 4.22
C PRO E 480 -22.03 -19.94 5.28
N LEU E 481 -21.34 -19.46 6.30
CA LEU E 481 -20.91 -20.33 7.38
C LEU E 481 -21.92 -20.44 8.50
N LEU E 482 -22.76 -19.42 8.70
CA LEU E 482 -23.60 -19.39 9.89
C LEU E 482 -24.75 -20.39 9.81
N ASP E 483 -25.31 -20.58 8.62
CA ASP E 483 -26.41 -21.53 8.47
C ASP E 483 -25.93 -22.96 8.53
N ARG E 484 -24.66 -23.20 8.18
CA ARG E 484 -24.06 -24.53 8.26
C ARG E 484 -23.94 -25.03 9.69
N MET E 485 -23.91 -24.13 10.66
CA MET E 485 -23.50 -24.42 12.02
C MET E 485 -24.68 -24.55 12.97
N GLU E 486 -24.46 -25.27 14.06
CA GLU E 486 -25.38 -25.34 15.18
C GLU E 486 -24.84 -24.49 16.31
N VAL E 487 -25.69 -23.68 16.90
CA VAL E 487 -25.28 -22.84 18.02
C VAL E 487 -25.63 -23.51 19.34
N ILE E 488 -24.70 -23.44 20.28
CA ILE E 488 -24.93 -23.77 21.68
C ILE E 488 -24.37 -22.62 22.49
N GLU E 489 -25.23 -21.86 23.14
CA GLU E 489 -24.81 -20.66 23.86
C GLU E 489 -24.55 -21.00 25.32
N ILE E 490 -23.56 -20.34 25.90
CA ILE E 490 -23.20 -20.52 27.31
C ILE E 490 -23.43 -19.21 28.02
N PRO E 491 -24.36 -19.14 28.96
CA PRO E 491 -24.76 -17.85 29.53
C PRO E 491 -23.75 -17.14 30.44
N GLY E 492 -23.25 -17.83 31.46
CA GLY E 492 -22.59 -17.18 32.58
C GLY E 492 -23.00 -17.89 33.84
N TYR E 493 -22.41 -17.56 34.98
CA TYR E 493 -22.49 -18.44 36.13
C TYR E 493 -23.26 -17.82 37.30
N THR E 494 -23.85 -18.69 38.10
CA THR E 494 -24.48 -18.34 39.35
C THR E 494 -23.40 -18.05 40.39
N ASN E 495 -23.79 -17.43 41.50
CA ASN E 495 -22.83 -17.14 42.56
C ASN E 495 -22.33 -18.42 43.21
N MET E 496 -23.20 -19.41 43.40
CA MET E 496 -22.75 -20.65 44.00
C MET E 496 -21.94 -21.49 43.02
N GLU E 497 -22.24 -21.36 41.73
CA GLU E 497 -21.40 -21.99 40.71
C GLU E 497 -20.01 -21.40 40.71
N LYS E 498 -19.91 -20.08 40.83
CA LYS E 498 -18.62 -19.42 40.94
C LYS E 498 -17.87 -19.87 42.18
N GLN E 499 -18.59 -20.04 43.30
CA GLN E 499 -17.90 -20.49 44.51
C GLN E 499 -17.43 -21.93 44.41
N ALA E 500 -18.23 -22.79 43.78
CA ALA E 500 -17.86 -24.20 43.67
C ALA E 500 -16.68 -24.40 42.73
N ILE E 501 -16.73 -23.77 41.55
CA ILE E 501 -15.59 -23.92 40.66
C ILE E 501 -14.39 -23.17 41.19
N ALA E 502 -14.61 -22.12 42.00
CA ALA E 502 -13.53 -21.40 42.64
C ALA E 502 -12.75 -22.31 43.55
N ARG E 503 -13.44 -23.03 44.45
CA ARG E 503 -12.82 -24.04 45.31
C ARG E 503 -12.08 -25.08 44.48
N GLN E 504 -12.89 -25.90 43.79
CA GLN E 504 -12.42 -27.18 43.27
C GLN E 504 -11.38 -27.02 42.18
N TYR E 505 -11.44 -25.93 41.42
CA TYR E 505 -10.51 -25.79 40.32
C TYR E 505 -9.57 -24.61 40.47
N LEU E 506 -10.01 -23.48 41.01
CA LEU E 506 -9.18 -22.30 40.99
C LEU E 506 -8.35 -22.11 42.24
N TRP E 507 -8.73 -22.68 43.39
CA TRP E 507 -7.81 -22.37 44.49
C TRP E 507 -6.55 -23.25 44.53
N PRO E 508 -6.58 -24.59 44.30
CA PRO E 508 -5.31 -25.34 44.33
C PRO E 508 -4.34 -24.98 43.24
N LYS E 509 -4.80 -24.48 42.08
CA LYS E 509 -3.87 -24.04 41.05
C LYS E 509 -3.04 -22.86 41.51
N GLN E 510 -3.70 -21.83 42.05
CA GLN E 510 -3.00 -20.65 42.53
C GLN E 510 -2.19 -20.95 43.76
N VAL E 511 -2.55 -21.96 44.54
CA VAL E 511 -1.72 -22.36 45.66
C VAL E 511 -0.46 -23.07 45.18
N ARG E 512 -0.60 -24.02 44.23
CA ARG E 512 0.56 -24.77 43.76
C ARG E 512 1.52 -23.89 42.99
N GLU E 513 1.02 -22.95 42.20
CA GLU E 513 1.91 -22.14 41.38
C GLU E 513 2.55 -21.00 42.14
N SER E 514 2.51 -21.04 43.46
CA SER E 514 3.11 -20.00 44.28
C SER E 514 3.96 -20.58 45.40
N GLY E 515 4.07 -21.89 45.51
CA GLY E 515 4.93 -22.49 46.51
C GLY E 515 4.40 -22.50 47.91
N MET E 516 3.22 -21.94 48.16
CA MET E 516 2.64 -21.89 49.49
C MET E 516 1.63 -23.03 49.61
N GLU E 517 2.12 -24.26 49.41
CA GLU E 517 1.28 -25.45 49.43
C GLU E 517 1.26 -25.98 50.85
N GLY E 518 0.05 -26.17 51.39
CA GLY E 518 -0.08 -26.61 52.76
C GLY E 518 0.33 -25.60 53.81
N ARG E 519 0.41 -24.33 53.45
CA ARG E 519 0.77 -23.28 54.38
C ARG E 519 -0.30 -22.20 54.52
N ILE E 520 -1.35 -22.25 53.70
CA ILE E 520 -2.32 -21.18 53.67
C ILE E 520 -3.64 -21.77 53.17
N GLU E 521 -4.75 -21.22 53.64
CA GLU E 521 -6.05 -21.77 53.32
C GLU E 521 -7.09 -20.67 53.40
N VAL E 522 -8.07 -20.72 52.50
CA VAL E 522 -9.14 -19.75 52.42
C VAL E 522 -10.43 -20.47 52.81
N THR E 523 -11.44 -19.71 53.23
CA THR E 523 -12.70 -20.29 53.67
C THR E 523 -13.82 -20.00 52.68
N ASP E 524 -14.97 -20.62 52.93
CA ASP E 524 -16.12 -20.42 52.06
C ASP E 524 -16.75 -19.04 52.24
N ALA E 525 -16.56 -18.41 53.39
CA ALA E 525 -17.03 -17.05 53.56
C ALA E 525 -16.17 -16.09 52.76
N ALA E 526 -14.88 -16.34 52.73
CA ALA E 526 -13.94 -15.41 52.10
C ALA E 526 -14.08 -15.41 50.59
N ILE E 527 -14.46 -16.53 50.00
CA ILE E 527 -14.66 -16.54 48.56
C ILE E 527 -15.95 -15.82 48.20
N LEU E 528 -16.94 -15.84 49.09
CA LEU E 528 -18.13 -15.02 48.90
C LEU E 528 -17.79 -13.54 49.01
N ARG E 529 -16.94 -13.17 49.97
CA ARG E 529 -16.41 -11.81 50.06
C ARG E 529 -15.74 -11.38 48.76
N VAL E 530 -14.87 -12.22 48.21
CA VAL E 530 -14.13 -11.84 47.02
C VAL E 530 -15.06 -11.68 45.82
N ILE E 531 -15.99 -12.62 45.65
CA ILE E 531 -16.89 -12.58 44.49
C ILE E 531 -17.85 -11.40 44.60
N SER E 532 -18.40 -11.14 45.79
CA SER E 532 -19.38 -10.08 45.92
C SER E 532 -18.73 -8.70 45.90
N GLU E 533 -17.65 -8.50 46.65
CA GLU E 533 -17.12 -7.17 46.89
C GLU E 533 -15.89 -6.84 46.07
N TYR E 534 -15.38 -7.72 45.22
CA TYR E 534 -14.16 -7.39 44.50
C TYR E 534 -14.21 -7.68 43.01
N THR E 535 -15.36 -8.08 42.47
CA THR E 535 -15.45 -8.32 41.04
C THR E 535 -16.89 -8.20 40.57
N ARG E 536 -17.06 -7.81 39.32
CA ARG E 536 -18.34 -7.84 38.62
C ARG E 536 -18.10 -8.35 37.21
N GLU E 537 -18.42 -9.61 36.96
CA GLU E 537 -18.15 -10.19 35.65
C GLU E 537 -19.05 -11.39 35.46
N ALA E 538 -19.17 -11.80 34.20
CA ALA E 538 -19.90 -13.03 33.89
C ALA E 538 -19.00 -14.25 34.09
N GLY E 539 -17.76 -14.18 33.61
CA GLY E 539 -16.83 -15.29 33.69
C GLY E 539 -16.15 -15.40 35.03
N VAL E 540 -15.02 -16.10 35.04
CA VAL E 540 -14.23 -16.30 36.27
C VAL E 540 -12.77 -15.96 36.05
N ARG E 541 -12.49 -15.05 35.13
CA ARG E 541 -11.10 -14.64 34.91
C ARG E 541 -10.62 -13.69 36.00
N GLY E 542 -11.46 -12.72 36.36
CA GLY E 542 -11.10 -11.78 37.41
C GLY E 542 -11.00 -12.43 38.77
N LEU E 543 -11.82 -13.46 39.01
CA LEU E 543 -11.71 -14.22 40.26
C LEU E 543 -10.39 -14.95 40.35
N GLU E 544 -9.88 -15.43 39.21
CA GLU E 544 -8.58 -16.07 39.18
C GLU E 544 -7.47 -15.06 39.48
N ARG E 545 -7.59 -13.84 38.95
CA ARG E 545 -6.63 -12.79 39.29
C ARG E 545 -6.64 -12.47 40.78
N GLU E 546 -7.84 -12.32 41.36
CA GLU E 546 -7.94 -11.97 42.77
C GLU E 546 -7.49 -13.10 43.69
N LEU E 547 -7.57 -14.35 43.25
CA LEU E 547 -7.03 -15.42 44.08
C LEU E 547 -5.51 -15.49 43.98
N GLY E 548 -4.96 -15.22 42.80
CA GLY E 548 -3.51 -15.18 42.65
C GLY E 548 -2.88 -14.07 43.46
N LYS E 549 -3.57 -12.95 43.62
CA LYS E 549 -3.04 -11.86 44.43
C LYS E 549 -2.93 -12.26 45.90
N ILE E 550 -3.93 -12.99 46.41
CA ILE E 550 -3.89 -13.46 47.79
C ILE E 550 -2.75 -14.46 47.98
N ALA E 551 -2.57 -15.36 47.01
CA ALA E 551 -1.51 -16.36 47.12
C ALA E 551 -0.13 -15.74 47.15
N ARG E 552 0.13 -14.76 46.28
CA ARG E 552 1.49 -14.22 46.23
C ARG E 552 1.74 -13.24 47.36
N LYS E 553 0.70 -12.58 47.89
CA LYS E 553 0.94 -11.80 49.11
C LYS E 553 1.19 -12.69 50.31
N GLY E 554 0.56 -13.87 50.34
CA GLY E 554 0.92 -14.83 51.38
C GLY E 554 2.34 -15.30 51.25
N ALA E 555 2.82 -15.47 50.00
CA ALA E 555 4.20 -15.86 49.77
C ALA E 555 5.17 -14.78 50.23
N LYS E 556 4.82 -13.52 50.05
CA LYS E 556 5.67 -12.45 50.56
C LYS E 556 5.67 -12.42 52.08
N PHE E 557 4.52 -12.65 52.70
CA PHE E 557 4.44 -12.66 54.16
C PHE E 557 5.18 -13.84 54.78
N TRP E 558 5.36 -14.93 54.03
CA TRP E 558 6.10 -16.08 54.59
C TRP E 558 7.57 -15.75 54.81
N LEU E 559 8.19 -15.02 53.89
CA LEU E 559 9.61 -14.74 53.98
C LEU E 559 9.96 -13.59 54.90
N GLU E 560 8.99 -12.99 55.57
CA GLU E 560 9.24 -11.96 56.55
C GLU E 560 9.13 -12.46 57.97
N GLY E 561 8.35 -13.50 58.20
CA GLY E 561 8.36 -14.25 59.43
C GLY E 561 7.51 -15.47 59.22
N ALA E 562 8.06 -16.65 59.47
CA ALA E 562 7.37 -17.88 59.11
C ALA E 562 6.52 -18.37 60.27
N TRP E 563 5.25 -18.61 59.99
CA TRP E 563 4.36 -19.18 60.98
C TRP E 563 4.54 -20.70 61.02
N GLU E 564 3.64 -21.39 61.71
CA GLU E 564 3.72 -22.83 61.83
C GLU E 564 2.33 -23.41 61.63
N GLY E 565 2.27 -24.57 61.00
CA GLY E 565 1.00 -25.16 60.64
C GLY E 565 0.50 -24.53 59.36
N LEU E 566 -0.78 -24.20 59.30
CA LEU E 566 -1.30 -23.43 58.18
C LEU E 566 -2.28 -22.40 58.72
N ARG E 567 -2.01 -21.13 58.42
CA ARG E 567 -2.95 -20.09 58.80
C ARG E 567 -4.09 -20.04 57.82
N THR E 568 -5.24 -19.58 58.30
CA THR E 568 -6.47 -19.63 57.54
C THR E 568 -6.99 -18.22 57.36
N ILE E 569 -7.39 -17.90 56.13
CA ILE E 569 -7.88 -16.57 55.80
C ILE E 569 -9.39 -16.63 55.82
N ASP E 570 -10.00 -15.97 56.79
CA ASP E 570 -11.43 -15.95 56.90
C ASP E 570 -11.95 -14.67 56.24
N ALA E 571 -13.22 -14.35 56.42
CA ALA E 571 -13.82 -13.22 55.73
C ALA E 571 -13.40 -11.86 56.30
N SER E 572 -12.85 -11.82 57.51
CA SER E 572 -12.42 -10.57 58.11
C SER E 572 -10.95 -10.29 57.89
N ASP E 573 -10.29 -11.04 57.02
CA ASP E 573 -8.89 -10.84 56.72
C ASP E 573 -8.67 -10.49 55.25
N ILE E 574 -9.73 -10.43 54.46
CA ILE E 574 -9.57 -10.10 53.03
C ILE E 574 -8.98 -8.71 52.77
N PRO E 575 -9.38 -7.63 53.45
CA PRO E 575 -8.75 -6.33 53.15
C PRO E 575 -7.29 -6.22 53.54
N THR E 576 -6.74 -7.14 54.33
CA THR E 576 -5.30 -7.19 54.50
C THR E 576 -4.61 -7.55 53.19
N TYR E 577 -5.22 -8.40 52.40
CA TYR E 577 -4.63 -8.91 51.18
C TYR E 577 -5.09 -8.17 49.93
N LEU E 578 -6.35 -7.76 49.85
CA LEU E 578 -6.80 -7.17 48.61
C LEU E 578 -7.04 -5.67 48.67
N GLY E 579 -7.17 -5.10 49.85
CA GLY E 579 -7.32 -3.66 49.96
C GLY E 579 -8.73 -3.21 50.27
N ILE E 580 -9.13 -2.08 49.70
CA ILE E 580 -10.44 -1.48 49.96
C ILE E 580 -11.44 -2.17 49.05
N PRO E 581 -12.64 -2.52 49.54
CA PRO E 581 -13.63 -3.16 48.66
C PRO E 581 -14.11 -2.22 47.57
N ARG E 582 -14.17 -2.75 46.35
CA ARG E 582 -14.48 -1.93 45.20
C ARG E 582 -15.95 -1.85 44.86
N TYR E 583 -16.81 -2.65 45.49
CA TYR E 583 -18.22 -2.63 45.15
C TYR E 583 -19.04 -2.79 46.42
N ARG E 584 -20.21 -2.19 46.44
CA ARG E 584 -21.11 -2.33 47.56
C ARG E 584 -22.18 -3.36 47.24
N PRO E 585 -22.44 -4.30 48.13
CA PRO E 585 -23.47 -5.32 47.85
C PRO E 585 -24.86 -4.77 48.04
N ASP E 586 -25.79 -5.21 47.20
CA ASP E 586 -27.19 -4.89 47.39
C ASP E 586 -27.73 -5.58 48.63
N LYS E 587 -28.63 -4.91 49.32
CA LYS E 587 -29.18 -5.47 50.54
C LYS E 587 -30.65 -5.12 50.65
N ALA E 588 -31.40 -6.01 51.29
CA ALA E 588 -32.83 -5.85 51.45
C ALA E 588 -33.13 -4.92 52.61
N GLU E 589 -34.40 -4.71 52.89
CA GLU E 589 -34.83 -3.91 54.02
C GLU E 589 -35.86 -4.67 54.81
N THR E 590 -36.12 -4.17 56.01
CA THR E 590 -37.25 -4.52 56.83
C THR E 590 -38.05 -3.25 57.05
N GLU E 591 -39.02 -3.31 57.97
CA GLU E 591 -39.73 -2.16 58.52
C GLU E 591 -40.48 -1.39 57.43
N PRO E 592 -41.68 -1.87 57.03
CA PRO E 592 -42.46 -1.27 55.94
C PRO E 592 -42.60 0.25 55.94
N GLN E 593 -42.58 0.86 54.75
CA GLN E 593 -42.40 2.29 54.62
C GLN E 593 -43.43 2.88 53.68
N VAL E 594 -43.76 4.14 53.94
CA VAL E 594 -44.77 4.85 53.15
C VAL E 594 -44.11 5.32 51.86
N GLY E 595 -44.56 4.78 50.74
CA GLY E 595 -44.18 5.29 49.45
C GLY E 595 -42.92 4.72 48.86
N THR E 596 -42.65 3.45 49.05
CA THR E 596 -41.39 2.89 48.63
C THR E 596 -41.64 1.45 48.21
N ALA E 597 -41.05 1.02 47.11
CA ALA E 597 -41.27 -0.34 46.69
C ALA E 597 -40.00 -0.93 46.12
N GLN E 598 -39.87 -2.24 46.30
CA GLN E 598 -38.67 -2.98 45.95
C GLN E 598 -38.90 -3.69 44.63
N GLY E 599 -38.24 -3.20 43.57
CA GLY E 599 -38.30 -3.82 42.27
C GLY E 599 -36.98 -4.44 41.91
N LEU E 600 -36.95 -5.05 40.73
CA LEU E 600 -35.80 -5.81 40.27
C LEU E 600 -35.41 -5.28 38.91
N ALA E 601 -34.13 -5.38 38.58
CA ALA E 601 -33.63 -4.88 37.33
C ALA E 601 -32.65 -5.88 36.74
N TRP E 602 -32.56 -5.86 35.42
CA TRP E 602 -31.69 -6.74 34.67
C TRP E 602 -30.57 -5.94 34.04
N THR E 603 -29.33 -6.39 34.21
CA THR E 603 -28.16 -5.76 33.63
C THR E 603 -27.47 -6.81 32.77
N PRO E 604 -26.47 -6.46 31.95
CA PRO E 604 -25.72 -7.51 31.26
C PRO E 604 -24.90 -8.42 32.16
N VAL E 605 -24.57 -7.99 33.37
CA VAL E 605 -23.75 -8.81 34.27
C VAL E 605 -24.58 -9.44 35.38
N GLY E 606 -25.89 -9.25 35.37
CA GLY E 606 -26.72 -9.88 36.37
C GLY E 606 -27.88 -9.05 36.85
N GLY E 607 -28.60 -9.54 37.84
CA GLY E 607 -29.70 -8.81 38.40
C GLY E 607 -29.24 -7.77 39.39
N THR E 608 -30.16 -6.89 39.74
CA THR E 608 -29.88 -5.78 40.63
C THR E 608 -31.19 -5.42 41.32
N LEU E 609 -31.12 -4.98 42.57
CA LEU E 609 -32.31 -4.43 43.17
C LEU E 609 -32.50 -2.99 42.72
N LEU E 610 -33.75 -2.59 42.51
CA LEU E 610 -34.13 -1.19 42.35
C LEU E 610 -35.06 -0.81 43.47
N THR E 611 -34.92 0.39 43.96
CA THR E 611 -35.89 0.94 44.88
C THR E 611 -36.58 2.10 44.19
N ILE E 612 -37.90 2.07 44.15
CA ILE E 612 -38.66 3.15 43.58
C ILE E 612 -39.30 3.90 44.71
N GLU E 613 -39.15 5.22 44.70
CA GLU E 613 -39.42 6.06 45.84
C GLU E 613 -40.28 7.22 45.35
N VAL E 614 -41.34 7.54 46.06
CA VAL E 614 -42.24 8.59 45.60
C VAL E 614 -42.59 9.52 46.76
N ALA E 615 -42.91 10.75 46.39
CA ALA E 615 -43.38 11.71 47.36
C ALA E 615 -44.60 12.42 46.81
N ALA E 616 -45.57 12.64 47.66
CA ALA E 616 -46.81 13.33 47.33
C ALA E 616 -46.92 14.55 48.23
N VAL E 617 -46.67 15.73 47.67
CA VAL E 617 -46.64 16.95 48.46
C VAL E 617 -47.82 17.80 47.99
N PRO E 618 -48.31 18.75 48.79
CA PRO E 618 -49.39 19.61 48.30
C PRO E 618 -48.90 20.53 47.20
N GLY E 619 -49.73 20.68 46.18
CA GLY E 619 -49.35 21.38 44.98
C GLY E 619 -50.50 21.57 44.03
N SER E 620 -50.28 21.38 42.73
CA SER E 620 -51.33 21.68 41.76
C SER E 620 -51.47 20.64 40.66
N GLY E 621 -50.89 19.46 40.81
CA GLY E 621 -51.15 18.40 39.86
C GLY E 621 -50.06 18.18 38.83
N LYS E 622 -48.81 18.30 39.25
CA LYS E 622 -47.68 18.09 38.36
C LYS E 622 -47.00 16.77 38.67
N LEU E 623 -46.26 16.25 37.70
CA LEU E 623 -45.58 14.98 37.84
C LEU E 623 -44.12 15.16 37.44
N SER E 624 -43.22 14.95 38.37
CA SER E 624 -41.79 15.02 38.12
C SER E 624 -41.21 13.62 38.19
N LEU E 625 -40.26 13.33 37.31
CA LEU E 625 -39.75 11.96 37.13
C LEU E 625 -38.23 12.04 37.05
N THR E 626 -37.55 11.94 38.18
CA THR E 626 -36.11 12.12 38.19
C THR E 626 -35.39 10.83 38.50
N GLY E 627 -34.13 10.78 38.11
CA GLY E 627 -33.31 9.60 38.34
C GLY E 627 -32.73 9.02 37.09
N GLN E 628 -32.56 9.86 36.06
CA GLN E 628 -32.04 9.48 34.74
C GLN E 628 -32.88 8.40 34.07
N LEU E 629 -34.20 8.56 34.13
CA LEU E 629 -35.10 7.57 33.57
C LEU E 629 -35.13 7.69 32.05
N GLY E 630 -35.53 6.60 31.40
CA GLY E 630 -35.75 6.59 29.97
C GLY E 630 -37.19 6.92 29.64
N GLU E 631 -37.49 6.92 28.34
CA GLU E 631 -38.82 7.32 27.90
C GLU E 631 -39.87 6.25 28.17
N VAL E 632 -39.49 4.98 28.04
CA VAL E 632 -40.44 3.90 28.24
C VAL E 632 -40.84 3.80 29.69
N MET E 633 -39.91 4.11 30.60
CA MET E 633 -40.21 4.03 32.02
C MET E 633 -41.07 5.19 32.47
N LYS E 634 -40.89 6.37 31.88
CA LYS E 634 -41.78 7.49 32.14
C LYS E 634 -43.19 7.22 31.64
N GLU E 635 -43.31 6.59 30.46
CA GLU E 635 -44.63 6.25 29.97
C GLU E 635 -45.31 5.19 30.83
N SER E 636 -44.55 4.27 31.40
CA SER E 636 -45.14 3.30 32.30
C SER E 636 -45.59 3.93 33.62
N ALA E 637 -44.86 4.95 34.08
CA ALA E 637 -45.32 5.69 35.26
C ALA E 637 -46.62 6.43 34.99
N GLN E 638 -46.75 7.00 33.79
CA GLN E 638 -48.00 7.70 33.47
C GLN E 638 -49.16 6.75 33.31
N ALA E 639 -48.90 5.54 32.79
CA ALA E 639 -49.96 4.53 32.71
C ALA E 639 -50.42 4.09 34.09
N ALA E 640 -49.49 3.93 35.03
CA ALA E 640 -49.87 3.55 36.38
C ALA E 640 -50.64 4.65 37.07
N LEU E 641 -50.26 5.90 36.84
CA LEU E 641 -50.96 7.02 37.46
C LEU E 641 -52.37 7.19 36.90
N THR E 642 -52.55 6.94 35.60
CA THR E 642 -53.89 7.01 35.01
C THR E 642 -54.79 5.91 35.54
N TYR E 643 -54.26 4.69 35.67
CA TYR E 643 -55.03 3.60 36.27
C TYR E 643 -55.45 3.93 37.69
N LEU E 644 -54.56 4.53 38.47
CA LEU E 644 -54.96 4.88 39.82
C LEU E 644 -55.92 6.06 39.84
N ARG E 645 -55.86 6.93 38.84
CA ARG E 645 -56.74 8.09 38.84
C ARG E 645 -58.16 7.69 38.48
N ALA E 646 -58.32 6.63 37.68
CA ALA E 646 -59.66 6.17 37.35
C ALA E 646 -60.33 5.46 38.52
N HIS E 647 -59.61 4.59 39.21
CA HIS E 647 -60.19 3.76 40.26
C HIS E 647 -59.94 4.36 41.65
N THR E 648 -60.39 5.58 41.83
CA THR E 648 -60.05 6.33 43.04
C THR E 648 -60.84 5.92 44.26
N GLN E 649 -61.85 5.06 44.12
CA GLN E 649 -62.65 4.65 45.26
C GLN E 649 -62.31 3.26 45.75
N ASP E 650 -61.60 2.47 44.94
CA ASP E 650 -61.27 1.12 45.35
C ASP E 650 -60.22 1.11 46.44
N TYR E 651 -59.33 2.09 46.45
CA TYR E 651 -58.14 2.02 47.29
C TYR E 651 -58.08 3.12 48.33
N GLY E 652 -59.13 3.92 48.47
CA GLY E 652 -59.14 4.94 49.49
C GLY E 652 -58.23 6.10 49.23
N LEU E 653 -58.02 6.44 47.97
CA LEU E 653 -57.22 7.60 47.63
C LEU E 653 -58.04 8.86 47.88
N PRO E 654 -57.38 10.01 48.02
CA PRO E 654 -58.13 11.26 48.04
C PRO E 654 -58.82 11.50 46.72
N GLU E 655 -59.98 12.15 46.77
CA GLU E 655 -60.87 12.15 45.62
C GLU E 655 -60.35 13.03 44.50
N ASP E 656 -59.76 14.18 44.81
CA ASP E 656 -59.16 15.01 43.79
C ASP E 656 -57.68 15.22 44.10
N PHE E 657 -56.87 14.24 43.72
CA PHE E 657 -55.43 14.44 43.78
C PHE E 657 -54.89 14.82 42.43
N TYR E 658 -55.72 14.86 41.39
CA TYR E 658 -55.22 15.23 40.08
C TYR E 658 -54.92 16.71 39.98
N ASN E 659 -55.48 17.53 40.86
CA ASN E 659 -55.13 18.94 40.85
C ASN E 659 -54.92 19.51 42.25
N LYS E 660 -54.56 18.70 43.22
CA LYS E 660 -54.21 19.19 44.54
C LYS E 660 -52.87 18.69 45.04
N VAL E 661 -52.24 17.77 44.33
CA VAL E 661 -51.08 17.05 44.81
C VAL E 661 -50.03 17.04 43.70
N ASP E 662 -48.80 17.40 44.04
CA ASP E 662 -47.66 17.20 43.14
C ASP E 662 -46.98 15.89 43.51
N LEU E 663 -46.61 15.12 42.50
CA LEU E 663 -45.97 13.83 42.68
C LEU E 663 -44.57 13.87 42.13
N HIS E 664 -43.62 13.39 42.92
CA HIS E 664 -42.23 13.28 42.51
C HIS E 664 -41.87 11.82 42.58
N VAL E 665 -41.40 11.26 41.47
CA VAL E 665 -41.00 9.87 41.39
C VAL E 665 -39.50 9.84 41.21
N HIS E 666 -38.80 9.21 42.14
CA HIS E 666 -37.35 9.20 42.17
C HIS E 666 -36.88 7.77 42.25
N VAL E 667 -35.92 7.41 41.41
CA VAL E 667 -35.32 6.09 41.43
C VAL E 667 -33.84 6.26 41.72
N PRO E 668 -33.40 5.97 42.94
CA PRO E 668 -31.98 6.08 43.25
C PRO E 668 -31.18 4.99 42.57
N ASP E 669 -30.00 5.33 42.07
CA ASP E 669 -29.38 6.63 42.25
C ASP E 669 -29.22 7.38 40.94
N GLY E 670 -28.90 8.67 41.03
CA GLY E 670 -28.53 9.42 39.86
C GLY E 670 -27.21 8.97 39.28
N ALA E 671 -26.94 9.44 38.07
CA ALA E 671 -25.82 9.00 37.22
C ALA E 671 -25.84 7.49 37.02
N THR E 672 -27.03 6.94 36.81
CA THR E 672 -27.21 5.56 36.39
C THR E 672 -28.44 5.53 35.52
N PRO E 673 -28.28 5.47 34.20
CA PRO E 673 -29.44 5.51 33.31
C PRO E 673 -30.24 4.22 33.35
N LYS E 674 -31.56 4.37 33.33
CA LYS E 674 -32.51 3.30 33.59
C LYS E 674 -33.60 3.35 32.53
N ASP E 675 -34.10 2.19 32.12
CA ASP E 675 -35.11 2.15 31.07
C ASP E 675 -35.85 0.81 31.16
N GLY E 676 -36.92 0.70 30.39
CA GLY E 676 -37.65 -0.55 30.28
C GLY E 676 -39.03 -0.47 30.89
N PRO E 677 -39.97 -1.24 30.34
CA PRO E 677 -41.34 -1.24 30.86
C PRO E 677 -41.54 -2.16 32.05
N SER E 678 -40.53 -2.86 32.48
CA SER E 678 -40.70 -3.96 33.43
C SER E 678 -40.85 -3.51 34.87
N ALA E 679 -40.83 -2.22 35.14
CA ALA E 679 -40.99 -1.69 36.48
C ALA E 679 -42.37 -1.10 36.67
N GLY E 680 -43.35 -1.70 36.01
CA GLY E 680 -44.68 -1.13 35.97
C GLY E 680 -45.47 -1.23 37.26
N ILE E 681 -45.58 -2.42 37.85
CA ILE E 681 -46.38 -2.55 39.06
C ILE E 681 -45.63 -2.08 40.29
N THR E 682 -44.31 -1.92 40.19
CA THR E 682 -43.54 -1.33 41.27
C THR E 682 -43.94 0.12 41.47
N MET E 683 -44.02 0.86 40.37
CA MET E 683 -44.44 2.25 40.45
C MET E 683 -45.90 2.37 40.83
N ALA E 684 -46.74 1.41 40.45
CA ALA E 684 -48.13 1.44 40.88
C ALA E 684 -48.26 1.27 42.38
N THR E 685 -47.50 0.33 42.95
CA THR E 685 -47.54 0.11 44.39
C THR E 685 -46.98 1.32 45.15
N ALA E 686 -45.90 1.91 44.63
CA ALA E 686 -45.29 3.06 45.28
C ALA E 686 -46.23 4.26 45.27
N ILE E 687 -46.81 4.59 44.12
CA ILE E 687 -47.70 5.74 44.00
C ILE E 687 -48.95 5.54 44.84
N ALA E 688 -49.49 4.32 44.87
CA ALA E 688 -50.67 4.08 45.68
C ALA E 688 -50.37 4.15 47.16
N SER E 689 -49.16 3.75 47.56
CA SER E 689 -48.78 3.84 48.96
C SER E 689 -48.60 5.28 49.41
N ALA E 690 -47.99 6.10 48.54
CA ALA E 690 -47.80 7.50 48.91
C ALA E 690 -49.09 8.27 48.90
N LEU E 691 -50.03 7.93 48.03
CA LEU E 691 -51.28 8.68 48.05
C LEU E 691 -52.18 8.23 49.19
N SER E 692 -52.24 6.94 49.49
CA SER E 692 -53.19 6.46 50.47
C SER E 692 -52.63 6.42 51.88
N ARG E 693 -51.36 6.79 52.06
CA ARG E 693 -50.69 6.86 53.38
C ARG E 693 -50.69 5.52 54.10
N ARG E 694 -50.29 4.47 53.37
CA ARG E 694 -50.29 3.10 53.87
C ARG E 694 -48.94 2.47 53.53
N PRO E 695 -48.24 1.92 54.50
CA PRO E 695 -46.88 1.43 54.24
C PRO E 695 -46.86 0.18 53.38
N ALA E 696 -45.82 0.07 52.58
CA ALA E 696 -45.66 -1.06 51.69
C ALA E 696 -44.62 -2.02 52.26
N ARG E 697 -44.90 -3.30 52.16
CA ARG E 697 -43.99 -4.31 52.68
C ARG E 697 -42.74 -4.38 51.81
N MET E 698 -41.59 -4.14 52.41
CA MET E 698 -40.34 -4.11 51.68
C MET E 698 -39.65 -5.46 51.62
N ASP E 699 -40.21 -6.49 52.25
CA ASP E 699 -39.64 -7.82 52.20
C ASP E 699 -40.24 -8.67 51.08
N ILE E 700 -40.86 -8.04 50.10
CA ILE E 700 -41.42 -8.73 48.95
C ILE E 700 -40.93 -7.99 47.71
N ALA E 701 -40.19 -8.67 46.85
CA ALA E 701 -39.80 -8.03 45.61
C ALA E 701 -40.85 -8.29 44.56
N MET E 702 -40.87 -7.45 43.53
CA MET E 702 -41.91 -7.53 42.53
C MET E 702 -41.39 -7.01 41.21
N THR E 703 -42.12 -7.33 40.15
CA THR E 703 -41.84 -6.95 38.78
C THR E 703 -43.05 -7.29 37.94
N GLY E 704 -43.17 -6.59 36.81
CA GLY E 704 -44.30 -6.79 35.92
C GLY E 704 -44.76 -5.50 35.26
N GLU E 705 -45.26 -5.62 34.04
CA GLU E 705 -45.71 -4.49 33.23
C GLU E 705 -47.21 -4.28 33.41
N VAL E 706 -47.64 -3.02 33.43
CA VAL E 706 -49.01 -2.66 33.70
C VAL E 706 -49.60 -2.01 32.44
N SER E 707 -50.93 -2.04 32.34
CA SER E 707 -51.64 -1.34 31.27
C SER E 707 -52.69 -0.42 31.87
N LEU E 708 -53.58 0.16 31.05
CA LEU E 708 -54.57 1.07 31.62
C LEU E 708 -55.77 0.34 32.22
N ARG E 709 -56.01 -0.90 31.85
CA ARG E 709 -57.12 -1.62 32.46
C ARG E 709 -56.73 -2.33 33.73
N GLY E 710 -55.46 -2.27 34.12
CA GLY E 710 -55.01 -3.00 35.27
C GLY E 710 -54.55 -4.41 34.99
N LYS E 711 -54.28 -4.75 33.74
CA LYS E 711 -53.81 -6.07 33.40
C LYS E 711 -52.30 -6.12 33.55
N VAL E 712 -51.79 -7.22 34.07
CA VAL E 712 -50.37 -7.39 34.30
C VAL E 712 -49.79 -8.19 33.14
N MET E 713 -48.87 -7.61 32.43
CA MET E 713 -48.30 -8.16 31.22
C MET E 713 -47.00 -8.87 31.53
N PRO E 714 -46.54 -9.79 30.69
CA PRO E 714 -45.28 -10.50 30.94
C PRO E 714 -44.06 -9.61 30.74
N ILE E 715 -42.93 -10.10 31.24
CA ILE E 715 -41.66 -9.40 31.20
C ILE E 715 -40.58 -10.35 30.67
N GLY E 716 -39.34 -9.86 30.63
CA GLY E 716 -38.22 -10.64 30.18
C GLY E 716 -37.10 -10.69 31.20
N GLY E 717 -36.24 -11.70 31.05
CA GLY E 717 -35.06 -11.86 31.88
C GLY E 717 -35.36 -12.22 33.32
N VAL E 718 -36.18 -13.23 33.57
CA VAL E 718 -36.69 -13.43 34.91
C VAL E 718 -35.70 -14.15 35.82
N LYS E 719 -34.75 -14.91 35.26
CA LYS E 719 -33.92 -15.72 36.13
C LYS E 719 -32.82 -14.93 36.80
N GLU E 720 -32.25 -13.93 36.13
CA GLU E 720 -31.28 -13.04 36.75
C GLU E 720 -31.93 -12.26 37.88
N LYS E 721 -33.15 -11.80 37.65
CA LYS E 721 -33.88 -11.06 38.66
C LYS E 721 -34.18 -11.92 39.87
N LEU E 722 -34.55 -13.18 39.66
CA LEU E 722 -34.83 -14.03 40.82
C LEU E 722 -33.57 -14.47 41.54
N LEU E 723 -32.45 -14.67 40.83
CA LEU E 723 -31.19 -14.97 41.50
C LEU E 723 -30.73 -13.81 42.36
N ALA E 724 -30.83 -12.59 41.82
CA ALA E 724 -30.41 -11.43 42.60
C ALA E 724 -31.37 -11.16 43.75
N ALA E 725 -32.63 -11.52 43.62
CA ALA E 725 -33.52 -11.38 44.75
C ALA E 725 -33.24 -12.41 45.82
N HIS E 726 -32.78 -13.60 45.44
CA HIS E 726 -32.54 -14.62 46.45
C HIS E 726 -31.24 -14.40 47.19
N GLN E 727 -30.20 -13.94 46.51
CA GLN E 727 -28.91 -13.78 47.16
C GLN E 727 -28.78 -12.46 47.88
N ALA E 728 -29.84 -11.68 47.95
CA ALA E 728 -29.88 -10.50 48.80
C ALA E 728 -30.81 -10.68 49.99
N GLY E 729 -31.41 -11.85 50.14
CA GLY E 729 -32.19 -12.14 51.33
C GLY E 729 -33.67 -11.85 51.24
N ILE E 730 -34.24 -11.91 50.05
CA ILE E 730 -35.68 -11.75 49.86
C ILE E 730 -36.24 -13.09 49.44
N HIS E 731 -37.28 -13.54 50.14
CA HIS E 731 -37.82 -14.87 49.90
C HIS E 731 -39.29 -14.82 49.48
N LYS E 732 -39.75 -13.71 48.95
CA LYS E 732 -41.13 -13.57 48.49
C LYS E 732 -41.13 -12.77 47.20
N ILE E 733 -41.75 -13.31 46.15
CA ILE E 733 -41.79 -12.67 44.85
C ILE E 733 -43.24 -12.55 44.42
N VAL E 734 -43.56 -11.43 43.75
CA VAL E 734 -44.81 -11.27 43.01
C VAL E 734 -44.45 -11.20 41.53
N LEU E 735 -45.11 -12.01 40.72
CA LEU E 735 -44.70 -12.18 39.34
C LEU E 735 -45.95 -12.39 38.49
N PRO E 736 -45.93 -12.01 37.20
CA PRO E 736 -47.10 -12.26 36.36
C PRO E 736 -47.34 -13.74 36.14
N LYS E 737 -48.61 -14.09 35.92
CA LYS E 737 -48.96 -15.49 35.73
C LYS E 737 -48.40 -16.03 34.43
N ASP E 738 -48.36 -15.21 33.39
CA ASP E 738 -47.89 -15.67 32.09
C ASP E 738 -46.37 -15.84 32.03
N ASN E 739 -45.65 -15.53 33.09
CA ASN E 739 -44.25 -15.85 33.21
C ASN E 739 -43.99 -17.17 33.94
N GLU E 740 -45.05 -17.89 34.34
CA GLU E 740 -44.81 -19.13 35.08
C GLU E 740 -44.19 -20.24 34.25
N ALA E 741 -44.11 -20.07 32.93
CA ALA E 741 -43.35 -21.00 32.12
C ALA E 741 -41.87 -20.87 32.38
N GLN E 742 -41.39 -19.66 32.67
CA GLN E 742 -39.97 -19.44 32.81
C GLN E 742 -39.44 -19.70 34.22
N LEU E 743 -40.20 -20.38 35.07
CA LEU E 743 -39.65 -20.77 36.37
C LEU E 743 -38.87 -22.07 36.31
N GLU E 744 -38.53 -22.56 35.12
CA GLU E 744 -37.93 -23.88 35.02
C GLU E 744 -36.47 -23.85 34.62
N GLU E 745 -35.96 -22.71 34.16
CA GLU E 745 -34.52 -22.57 33.96
C GLU E 745 -33.82 -22.02 35.20
N LEU E 746 -34.46 -22.14 36.34
CA LEU E 746 -34.01 -21.69 37.62
C LEU E 746 -33.47 -22.88 38.42
N PRO E 747 -32.36 -22.71 39.14
CA PRO E 747 -31.79 -23.81 39.91
C PRO E 747 -32.73 -24.28 41.01
N LYS E 748 -32.61 -25.55 41.35
CA LYS E 748 -33.66 -26.22 42.10
C LYS E 748 -33.69 -25.77 43.56
N GLU E 749 -32.53 -25.65 44.20
CA GLU E 749 -32.48 -25.27 45.59
C GLU E 749 -32.83 -23.81 45.82
N VAL E 750 -32.75 -22.99 44.78
CA VAL E 750 -33.28 -21.63 44.83
C VAL E 750 -34.80 -21.68 44.91
N LEU E 751 -35.41 -22.57 44.14
CA LEU E 751 -36.84 -22.54 43.90
C LEU E 751 -37.65 -23.00 45.10
N GLU E 752 -37.09 -23.81 46.00
CA GLU E 752 -37.81 -24.04 47.24
C GLU E 752 -37.47 -23.01 48.31
N GLY E 753 -36.53 -22.12 48.03
CA GLY E 753 -36.29 -21.02 48.94
C GLY E 753 -37.32 -19.93 48.73
N LEU E 754 -37.51 -19.56 47.48
CA LEU E 754 -38.47 -18.53 47.10
C LEU E 754 -39.89 -19.04 47.22
N GLU E 755 -40.84 -18.11 47.29
CA GLU E 755 -42.26 -18.43 47.13
C GLU E 755 -42.88 -17.40 46.20
N ILE E 756 -43.39 -17.89 45.07
CA ILE E 756 -43.87 -17.02 44.02
C ILE E 756 -45.37 -16.83 44.20
N LYS E 757 -45.84 -15.60 44.05
CA LYS E 757 -47.26 -15.33 43.93
C LYS E 757 -47.51 -14.85 42.51
N LEU E 758 -48.32 -15.59 41.77
CA LEU E 758 -48.59 -15.32 40.36
C LEU E 758 -49.87 -14.51 40.26
N VAL E 759 -49.79 -13.38 39.57
CA VAL E 759 -50.89 -12.44 39.50
C VAL E 759 -51.23 -12.14 38.05
N GLU E 760 -52.40 -11.55 37.86
CA GLU E 760 -52.84 -11.08 36.56
C GLU E 760 -53.60 -9.77 36.62
N ASP E 761 -53.70 -9.15 37.78
CA ASP E 761 -54.45 -7.93 37.99
C ASP E 761 -53.73 -7.09 39.02
N VAL E 762 -53.93 -5.78 38.98
CA VAL E 762 -53.19 -4.92 39.89
C VAL E 762 -53.83 -4.92 41.27
N GLY E 763 -55.13 -5.18 41.34
CA GLY E 763 -55.83 -5.10 42.60
C GLY E 763 -55.41 -6.15 43.61
N GLU E 764 -55.07 -7.34 43.13
CA GLU E 764 -54.57 -8.37 44.02
C GLU E 764 -53.15 -8.08 44.49
N VAL E 765 -52.36 -7.41 43.66
CA VAL E 765 -51.03 -6.98 44.08
C VAL E 765 -51.13 -5.92 45.17
N LEU E 766 -51.97 -4.91 44.97
CA LEU E 766 -52.14 -3.87 45.97
C LEU E 766 -52.82 -4.38 47.23
N GLU E 767 -53.60 -5.45 47.12
CA GLU E 767 -54.12 -6.10 48.31
C GLU E 767 -53.01 -6.82 49.06
N TYR E 768 -52.10 -7.46 48.33
CA TYR E 768 -51.08 -8.27 48.97
C TYR E 768 -49.99 -7.43 49.60
N LEU E 769 -49.69 -6.25 49.06
CA LEU E 769 -48.50 -5.51 49.47
C LEU E 769 -48.73 -4.37 50.44
N LEU E 770 -49.91 -3.79 50.50
CA LEU E 770 -50.13 -2.65 51.37
C LEU E 770 -50.68 -3.10 52.72
N LEU E 771 -50.15 -2.53 53.78
CA LEU E 771 -50.70 -2.77 55.11
C LEU E 771 -52.08 -2.14 55.22
N PRO E 772 -53.02 -2.77 55.92
CA PRO E 772 -54.41 -2.31 55.88
C PRO E 772 -54.71 -1.08 56.71
N GLU E 773 -53.73 -0.44 57.33
CA GLU E 773 -54.07 0.67 58.21
C GLU E 773 -53.27 1.90 57.85
N PRO E 774 -53.92 3.06 57.72
CA PRO E 774 -53.18 4.30 57.53
C PRO E 774 -52.51 4.76 58.80
N THR E 775 -51.30 5.28 58.67
CA THR E 775 -50.55 5.79 59.81
C THR E 775 -50.27 7.28 59.70
N MET E 776 -49.64 7.71 58.60
CA MET E 776 -49.34 9.12 58.43
C MET E 776 -50.60 9.90 58.05
N PRO E 777 -50.70 11.17 58.42
CA PRO E 777 -51.86 11.98 58.02
C PRO E 777 -51.84 12.26 56.53
N PRO E 778 -53.00 12.49 55.91
CA PRO E 778 -53.04 12.64 54.45
C PRO E 778 -52.46 13.97 53.98
N VAL E 779 -52.09 13.98 52.70
CA VAL E 779 -51.52 15.16 52.07
C VAL E 779 -52.58 16.25 51.87
N VAL E 780 -53.85 15.85 51.72
CA VAL E 780 -55.01 16.69 51.43
C VAL E 780 -54.87 17.50 50.13
N ARG F 2 62.88 -99.52 47.11
CA ARG F 2 62.70 -98.07 47.20
C ARG F 2 63.96 -97.34 46.74
N LEU F 3 63.79 -96.08 46.35
CA LEU F 3 64.90 -95.28 45.85
C LEU F 3 64.60 -93.81 46.11
N GLU F 4 65.52 -93.12 46.79
CA GLU F 4 65.39 -91.71 47.12
C GLU F 4 66.16 -90.89 46.11
N LEU F 5 65.51 -89.87 45.55
CA LEU F 5 66.09 -89.02 44.52
C LEU F 5 65.75 -87.57 44.84
N PRO F 6 66.62 -86.62 44.48
CA PRO F 6 66.34 -85.22 44.76
C PRO F 6 65.29 -84.64 43.83
N VAL F 7 64.66 -83.56 44.30
CA VAL F 7 63.58 -82.88 43.60
C VAL F 7 63.97 -81.43 43.40
N ILE F 8 63.88 -80.95 42.16
CA ILE F 8 64.14 -79.55 41.82
C ILE F 8 62.80 -78.84 41.70
N PRO F 9 62.52 -77.83 42.52
CA PRO F 9 61.25 -77.09 42.39
C PRO F 9 61.25 -76.21 41.14
N LEU F 10 60.19 -76.33 40.35
CA LEU F 10 60.06 -75.55 39.13
C LEU F 10 59.66 -74.12 39.46
N ARG F 11 59.88 -73.21 38.50
CA ARG F 11 59.65 -71.79 38.74
C ARG F 11 58.24 -71.37 38.35
N ASN F 12 57.92 -71.44 37.05
CA ASN F 12 56.56 -71.17 36.61
C ASN F 12 56.10 -72.05 35.45
N THR F 13 56.92 -73.00 35.00
CA THR F 13 56.63 -73.82 33.83
C THR F 13 56.70 -75.28 34.25
N VAL F 14 55.59 -75.99 34.13
CA VAL F 14 55.53 -77.40 34.51
C VAL F 14 56.05 -78.23 33.34
N ILE F 15 57.16 -78.93 33.56
CA ILE F 15 57.75 -79.75 32.52
C ILE F 15 56.94 -81.04 32.39
N LEU F 16 56.36 -81.24 31.21
CA LEU F 16 55.49 -82.37 30.90
C LEU F 16 56.30 -83.66 30.80
N PRO F 17 55.64 -84.82 30.93
CA PRO F 17 56.33 -86.08 30.60
C PRO F 17 56.62 -86.17 29.11
N HIS F 18 57.78 -86.77 28.80
CA HIS F 18 58.34 -86.87 27.44
C HIS F 18 58.47 -85.50 26.79
N THR F 19 59.15 -84.60 27.51
CA THR F 19 59.34 -83.23 27.05
C THR F 19 60.73 -82.75 27.41
N THR F 20 61.50 -82.35 26.40
CA THR F 20 62.86 -81.86 26.56
C THR F 20 62.84 -80.33 26.46
N THR F 21 63.35 -79.68 27.50
CA THR F 21 63.41 -78.22 27.56
C THR F 21 64.66 -77.84 28.35
N PRO F 22 65.50 -76.95 27.82
CA PRO F 22 66.69 -76.50 28.57
C PRO F 22 66.28 -75.65 29.77
N VAL F 23 66.78 -76.02 30.95
CA VAL F 23 66.37 -75.39 32.20
C VAL F 23 67.58 -74.68 32.80
N ASP F 24 67.43 -73.40 33.13
CA ASP F 24 68.48 -72.62 33.75
C ASP F 24 68.21 -72.49 35.24
N VAL F 25 69.24 -72.71 36.05
CA VAL F 25 69.17 -72.59 37.50
C VAL F 25 69.99 -71.36 37.87
N GLY F 26 69.34 -70.39 38.51
CA GLY F 26 69.99 -69.15 38.91
C GLY F 26 70.28 -69.06 40.39
N ARG F 27 69.73 -69.98 41.16
CA ARG F 27 69.95 -69.97 42.61
C ARG F 27 71.30 -70.59 42.94
N ALA F 28 71.79 -70.29 44.15
CA ALA F 28 73.06 -70.80 44.65
C ALA F 28 72.87 -71.80 45.78
N LYS F 29 71.64 -72.31 45.95
CA LYS F 29 71.36 -73.32 46.97
C LYS F 29 70.73 -74.57 46.37
N SER F 30 70.58 -74.63 45.05
CA SER F 30 70.02 -75.81 44.38
C SER F 30 71.01 -76.50 43.45
N LYS F 31 72.24 -75.98 43.32
CA LYS F 31 73.23 -76.65 42.49
C LYS F 31 73.82 -77.87 43.19
N ARG F 32 73.68 -77.96 44.52
CA ARG F 32 74.16 -79.13 45.24
C ARG F 32 73.32 -80.36 44.93
N ALA F 33 72.03 -80.19 44.65
CA ALA F 33 71.21 -81.31 44.21
C ALA F 33 71.64 -81.80 42.84
N VAL F 34 72.08 -80.89 41.98
CA VAL F 34 72.59 -81.28 40.66
C VAL F 34 73.92 -81.99 40.80
N GLU F 35 74.77 -81.55 41.75
CA GLU F 35 76.05 -82.20 41.97
C GLU F 35 75.88 -83.57 42.61
N GLU F 36 74.90 -83.74 43.50
CA GLU F 36 74.64 -85.04 44.10
C GLU F 36 73.81 -85.95 43.20
N ALA F 37 73.18 -85.40 42.17
CA ALA F 37 72.44 -86.22 41.22
C ALA F 37 73.34 -86.97 40.24
N MET F 38 74.63 -86.63 40.19
CA MET F 38 75.55 -87.34 39.31
C MET F 38 75.84 -88.75 39.80
N GLY F 39 75.73 -88.99 41.11
CA GLY F 39 75.93 -90.30 41.67
C GLY F 39 74.69 -91.14 41.84
N ALA F 40 73.53 -90.62 41.44
CA ALA F 40 72.27 -91.34 41.52
C ALA F 40 71.73 -91.69 40.14
N ASP F 41 72.65 -92.00 39.22
CA ASP F 41 72.39 -92.46 37.85
C ASP F 41 71.63 -91.40 37.03
N ARG F 42 71.81 -90.13 37.41
CA ARG F 42 71.25 -88.95 36.72
C ARG F 42 69.72 -89.03 36.59
N LEU F 43 69.05 -89.09 37.74
CA LEU F 43 67.60 -89.28 37.78
C LEU F 43 67.01 -88.27 38.76
N ILE F 44 66.10 -87.43 38.27
CA ILE F 44 65.54 -86.33 39.04
C ILE F 44 64.01 -86.40 38.96
N PHE F 45 63.34 -86.32 40.11
CA PHE F 45 61.90 -86.12 40.11
C PHE F 45 61.57 -84.66 39.85
N LEU F 46 60.62 -84.41 38.95
CA LEU F 46 60.10 -83.08 38.70
C LEU F 46 58.63 -83.08 39.09
N VAL F 47 58.26 -82.18 40.00
CA VAL F 47 56.94 -82.14 40.62
C VAL F 47 56.35 -80.75 40.43
N ALA F 48 55.11 -80.69 39.95
CA ALA F 48 54.39 -79.44 39.81
C ALA F 48 53.95 -78.91 41.17
N GLN F 49 54.08 -77.60 41.37
CA GLN F 49 53.71 -76.97 42.61
C GLN F 49 52.54 -76.00 42.42
N ARG F 50 52.15 -75.33 43.50
CA ARG F 50 51.00 -74.44 43.48
C ARG F 50 51.40 -73.01 43.07
N ASP F 51 50.50 -72.04 43.33
CA ASP F 51 50.54 -70.61 43.05
C ASP F 51 51.91 -69.97 43.32
N PRO F 52 52.30 -68.89 42.55
CA PRO F 52 53.71 -68.46 42.49
C PRO F 52 54.38 -68.03 43.79
N GLU F 53 55.70 -67.76 43.67
CA GLU F 53 56.63 -67.86 44.78
C GLU F 53 56.37 -66.85 45.89
N VAL F 54 56.23 -67.36 47.11
CA VAL F 54 56.13 -66.57 48.33
C VAL F 54 57.35 -66.92 49.17
N ASP F 55 57.90 -65.93 49.89
CA ASP F 55 59.22 -66.05 50.48
C ASP F 55 59.27 -66.83 51.80
N ASP F 56 58.28 -67.68 52.08
CA ASP F 56 58.37 -68.64 53.17
C ASP F 56 58.43 -70.02 52.54
N PRO F 57 59.62 -70.61 52.36
CA PRO F 57 59.72 -71.89 51.64
C PRO F 57 59.21 -73.04 52.49
N ALA F 58 58.46 -73.94 51.86
CA ALA F 58 57.89 -75.09 52.54
C ALA F 58 57.72 -76.21 51.54
N PRO F 59 57.87 -77.47 51.96
CA PRO F 59 57.62 -78.61 51.06
C PRO F 59 56.15 -78.85 50.75
N ASP F 60 55.22 -78.11 51.37
CA ASP F 60 53.80 -78.35 51.18
C ASP F 60 53.29 -77.88 49.82
N ASP F 61 54.10 -77.13 49.08
CA ASP F 61 53.68 -76.63 47.78
C ASP F 61 53.65 -77.74 46.72
N LEU F 62 54.51 -78.74 46.86
CA LEU F 62 54.65 -79.81 45.88
C LEU F 62 53.52 -80.82 46.04
N TYR F 63 53.08 -81.38 44.91
CA TYR F 63 51.96 -82.30 44.90
C TYR F 63 52.43 -83.73 45.16
N THR F 64 51.50 -84.68 45.00
CA THR F 64 51.77 -86.10 45.19
C THR F 64 52.04 -86.84 43.89
N TRP F 65 52.42 -86.12 42.84
CA TRP F 65 52.67 -86.69 41.52
C TRP F 65 53.97 -86.09 40.98
N GLY F 66 54.56 -86.75 39.99
CA GLY F 66 55.74 -86.20 39.37
C GLY F 66 56.15 -86.97 38.15
N VAL F 67 57.29 -86.59 37.59
CA VAL F 67 57.84 -87.25 36.42
C VAL F 67 59.32 -87.52 36.68
N GLN F 68 59.81 -88.64 36.17
CA GLN F 68 61.22 -88.99 36.26
C GLN F 68 61.96 -88.45 35.04
N ALA F 69 63.08 -87.78 35.28
CA ALA F 69 63.84 -87.15 34.20
C ALA F 69 65.29 -87.60 34.26
N VAL F 70 65.84 -87.90 33.10
CA VAL F 70 67.25 -88.25 32.94
C VAL F 70 67.99 -87.01 32.44
N VAL F 71 69.25 -86.87 32.85
CA VAL F 71 70.06 -85.70 32.54
C VAL F 71 71.00 -86.04 31.40
N LYS F 72 70.88 -85.31 30.28
CA LYS F 72 71.84 -85.46 29.19
C LYS F 72 73.15 -84.75 29.51
N GLN F 73 73.09 -83.46 29.79
CA GLN F 73 74.29 -82.68 30.09
C GLN F 73 73.92 -81.49 30.95
N ALA F 74 74.93 -80.96 31.63
CA ALA F 74 74.78 -79.80 32.49
C ALA F 74 76.02 -78.92 32.33
N MET F 75 75.81 -77.68 31.89
CA MET F 75 76.88 -76.73 31.64
C MET F 75 76.92 -75.69 32.75
N ARG F 76 78.12 -75.46 33.28
CA ARG F 76 78.36 -74.48 34.32
C ARG F 76 78.87 -73.18 33.71
N LEU F 77 78.45 -72.07 34.32
CA LEU F 77 78.85 -70.73 33.92
C LEU F 77 79.20 -69.91 35.15
N PRO F 78 80.21 -69.04 35.06
CA PRO F 78 80.69 -68.33 36.26
C PRO F 78 79.78 -67.19 36.72
N ASP F 79 78.66 -66.93 36.05
CA ASP F 79 77.76 -65.84 36.45
C ASP F 79 76.61 -66.31 37.33
N GLY F 80 76.59 -67.57 37.73
CA GLY F 80 75.56 -68.09 38.59
C GLY F 80 74.46 -68.89 37.92
N THR F 81 74.44 -68.94 36.59
CA THR F 81 73.41 -69.65 35.85
C THR F 81 73.97 -70.99 35.37
N LEU F 82 73.36 -72.09 35.82
CA LEU F 82 73.75 -73.43 35.40
C LEU F 82 72.67 -73.97 34.47
N GLN F 83 73.06 -74.33 33.26
CA GLN F 83 72.10 -74.85 32.28
C GLN F 83 72.08 -76.37 32.35
N VAL F 84 70.90 -76.96 32.19
CA VAL F 84 70.76 -78.41 32.17
C VAL F 84 69.82 -78.79 31.04
N MET F 85 70.11 -79.93 30.39
CA MET F 85 69.30 -80.48 29.31
C MET F 85 68.76 -81.82 29.78
N VAL F 86 67.47 -81.88 30.07
CA VAL F 86 66.85 -83.05 30.68
C VAL F 86 65.88 -83.69 29.69
N GLU F 87 65.64 -84.99 29.90
CA GLU F 87 64.64 -85.75 29.15
C GLU F 87 63.77 -86.51 30.14
N ALA F 88 62.47 -86.23 30.13
CA ALA F 88 61.54 -86.90 31.02
C ALA F 88 61.27 -88.31 30.54
N ARG F 89 61.25 -89.26 31.48
CA ARG F 89 61.13 -90.68 31.14
C ARG F 89 59.70 -91.20 31.31
N ALA F 90 59.14 -91.10 32.51
CA ALA F 90 57.82 -91.63 32.80
C ALA F 90 57.24 -90.95 34.02
N ARG F 91 55.92 -90.89 34.08
CA ARG F 91 55.25 -90.33 35.25
C ARG F 91 55.31 -91.31 36.41
N ALA F 92 55.18 -90.77 37.62
CA ALA F 92 55.29 -91.57 38.83
C ALA F 92 54.59 -90.85 39.98
N GLN F 93 54.34 -91.61 41.04
CA GLN F 93 53.78 -91.07 42.28
C GLN F 93 54.90 -90.67 43.22
N VAL F 94 54.57 -89.79 44.17
CA VAL F 94 55.49 -89.36 45.21
C VAL F 94 54.92 -89.81 46.54
N THR F 95 55.67 -90.67 47.23
CA THR F 95 55.20 -91.20 48.52
C THR F 95 55.35 -90.18 49.63
N ASP F 96 56.56 -89.70 49.88
CA ASP F 96 56.81 -88.76 50.95
C ASP F 96 58.09 -87.98 50.63
N TYR F 97 58.15 -86.76 51.16
CA TYR F 97 59.33 -85.91 51.06
C TYR F 97 60.07 -85.92 52.39
N ILE F 98 61.38 -85.69 52.33
CA ILE F 98 62.13 -85.46 53.56
C ILE F 98 62.42 -83.96 53.65
N PRO F 99 62.32 -83.36 54.84
CA PRO F 99 62.67 -81.93 54.95
C PRO F 99 64.18 -81.73 54.83
N GLY F 100 64.57 -80.88 53.89
CA GLY F 100 65.96 -80.59 53.64
C GLY F 100 66.41 -79.32 54.34
N PRO F 101 67.23 -78.50 53.66
CA PRO F 101 67.78 -78.69 52.32
C PRO F 101 69.00 -79.60 52.28
N TYR F 102 69.17 -80.42 51.23
CA TYR F 102 68.25 -80.49 50.10
C TYR F 102 67.23 -81.62 50.28
N LEU F 103 66.18 -81.60 49.47
CA LEU F 103 65.03 -82.49 49.63
C LEU F 103 65.22 -83.76 48.83
N ARG F 104 64.70 -84.86 49.37
CA ARG F 104 64.69 -86.16 48.70
C ARG F 104 63.28 -86.74 48.77
N ALA F 105 62.93 -87.49 47.73
CA ALA F 105 61.61 -88.09 47.63
C ALA F 105 61.75 -89.49 47.03
N ARG F 106 60.76 -90.34 47.32
CA ARG F 106 60.77 -91.73 46.88
C ARG F 106 59.40 -92.11 46.35
N GLY F 107 59.35 -93.19 45.58
CA GLY F 107 58.12 -93.66 44.99
C GLY F 107 58.01 -95.17 45.12
N GLU F 108 56.76 -95.64 45.09
CA GLU F 108 56.50 -97.06 45.26
C GLU F 108 56.75 -97.84 43.97
N VAL F 109 55.99 -97.54 42.92
CA VAL F 109 56.08 -98.25 41.66
C VAL F 109 56.26 -97.24 40.53
N PHE F 110 56.69 -97.75 39.37
CA PHE F 110 56.84 -96.94 38.17
C PHE F 110 55.60 -97.11 37.30
N SER F 111 54.87 -96.01 37.08
CA SER F 111 53.62 -96.05 36.34
C SER F 111 53.91 -96.17 34.84
N GLU F 112 53.45 -97.26 34.24
CA GLU F 112 53.56 -97.50 32.80
C GLU F 112 52.21 -97.94 32.26
N ILE F 113 51.89 -97.50 31.05
CA ILE F 113 50.62 -97.80 30.41
C ILE F 113 50.89 -98.39 29.04
N PHE F 114 50.06 -99.35 28.62
CA PHE F 114 50.19 -100.02 27.34
C PHE F 114 49.00 -99.70 26.45
N PRO F 115 49.23 -99.38 25.17
CA PRO F 115 48.09 -99.09 24.27
C PRO F 115 47.32 -100.36 23.94
N ILE F 116 45.99 -100.29 24.12
CA ILE F 116 45.07 -101.37 23.81
C ILE F 116 44.01 -100.82 22.87
N ASP F 117 43.63 -101.61 21.85
CA ASP F 117 42.59 -101.30 20.87
C ASP F 117 42.91 -100.01 20.11
N GLU F 118 43.98 -100.11 19.30
CA GLU F 118 44.60 -98.96 18.64
C GLU F 118 43.80 -98.41 17.46
N ALA F 119 42.55 -98.84 17.22
CA ALA F 119 41.78 -98.29 16.10
C ALA F 119 41.33 -96.86 16.37
N VAL F 120 40.56 -96.67 17.45
CA VAL F 120 40.12 -95.34 17.84
C VAL F 120 41.31 -94.50 18.30
N VAL F 121 42.33 -95.15 18.89
CA VAL F 121 43.56 -94.46 19.27
C VAL F 121 44.28 -93.91 18.04
N ARG F 122 44.32 -94.69 16.95
CA ARG F 122 44.93 -94.24 15.71
C ARG F 122 44.11 -93.14 15.05
N VAL F 123 42.77 -93.22 15.13
CA VAL F 123 41.92 -92.15 14.62
C VAL F 123 42.16 -90.84 15.37
N LEU F 124 42.32 -90.92 16.69
CA LEU F 124 42.61 -89.73 17.49
C LEU F 124 44.03 -89.20 17.23
N VAL F 125 44.99 -90.08 16.94
CA VAL F 125 46.32 -89.64 16.54
C VAL F 125 46.27 -88.91 15.20
N GLU F 126 45.46 -89.41 14.26
CA GLU F 126 45.27 -88.73 12.99
C GLU F 126 44.59 -87.38 13.16
N GLU F 127 43.61 -87.29 14.07
CA GLU F 127 42.95 -86.01 14.32
C GLU F 127 43.89 -85.01 15.00
N LEU F 128 44.75 -85.49 15.91
CA LEU F 128 45.74 -84.61 16.51
C LEU F 128 46.78 -84.16 15.48
N LYS F 129 47.11 -85.03 14.51
CA LYS F 129 47.99 -84.66 13.42
C LYS F 129 47.37 -83.57 12.54
N GLU F 130 46.07 -83.72 12.22
CA GLU F 130 45.37 -82.71 11.44
C GLU F 130 45.30 -81.38 12.19
N ALA F 131 45.03 -81.43 13.49
CA ALA F 131 44.97 -80.21 14.30
C ALA F 131 46.32 -79.50 14.39
N PHE F 132 47.40 -80.28 14.55
CA PHE F 132 48.73 -79.65 14.62
C PHE F 132 49.18 -79.12 13.27
N GLU F 133 48.80 -79.79 12.18
CA GLU F 133 49.12 -79.29 10.85
C GLU F 133 48.37 -78.00 10.54
N LYS F 134 47.10 -77.91 10.97
CA LYS F 134 46.36 -76.68 10.76
C LYS F 134 46.72 -75.60 11.77
N TYR F 135 47.41 -75.96 12.85
CA TYR F 135 47.83 -74.98 13.86
C TYR F 135 49.24 -74.45 13.63
N VAL F 136 50.11 -75.19 12.95
CA VAL F 136 51.53 -74.85 12.89
C VAL F 136 51.82 -73.60 12.06
N ALA F 137 50.95 -73.24 11.11
CA ALA F 137 51.22 -72.14 10.17
C ALA F 137 50.41 -70.90 10.46
N ASN F 138 50.20 -70.56 11.73
CA ASN F 138 49.43 -69.37 12.10
C ASN F 138 50.27 -68.26 12.71
N HIS F 139 51.07 -68.56 13.73
CA HIS F 139 51.82 -67.54 14.46
C HIS F 139 53.00 -67.06 13.63
N LYS F 140 52.70 -66.13 12.73
CA LYS F 140 53.72 -65.56 11.85
C LYS F 140 54.66 -64.63 12.59
N SER F 141 54.14 -63.84 13.54
CA SER F 141 54.94 -62.88 14.29
C SER F 141 54.98 -63.19 15.78
N LEU F 142 54.29 -64.24 16.23
CA LEU F 142 54.29 -64.63 17.64
C LEU F 142 55.38 -65.67 17.94
N ARG F 143 56.40 -65.76 17.09
CA ARG F 143 57.64 -66.52 17.31
C ARG F 143 57.37 -68.02 17.48
N LEU F 144 56.85 -68.63 16.41
CA LEU F 144 56.60 -70.07 16.37
C LEU F 144 57.18 -70.65 15.09
N ASP F 145 58.04 -71.65 15.24
CA ASP F 145 58.74 -72.23 14.11
C ASP F 145 57.80 -73.09 13.26
N ARG F 146 58.20 -73.31 12.00
CA ARG F 146 57.38 -74.08 11.07
C ARG F 146 57.66 -75.56 11.15
N TYR F 147 58.92 -75.95 11.31
CA TYR F 147 59.37 -77.32 11.10
C TYR F 147 59.30 -78.16 12.37
N GLN F 148 58.40 -77.84 13.29
CA GLN F 148 58.18 -78.62 14.50
C GLN F 148 57.40 -79.91 14.25
N LEU F 149 56.79 -80.05 13.08
CA LEU F 149 56.10 -81.29 12.72
C LEU F 149 57.02 -82.28 12.01
N GLU F 150 58.01 -81.79 11.28
CA GLU F 150 58.88 -82.62 10.46
C GLU F 150 60.10 -83.13 11.21
N ALA F 151 60.13 -82.98 12.54
CA ALA F 151 61.22 -83.51 13.34
C ALA F 151 60.85 -84.78 14.08
N VAL F 152 59.56 -84.98 14.35
CA VAL F 152 59.09 -86.14 15.10
C VAL F 152 58.17 -87.00 14.25
N LYS F 153 58.36 -86.95 12.93
CA LYS F 153 57.57 -87.81 12.04
C LYS F 153 58.04 -89.26 12.12
N GLY F 154 59.35 -89.48 12.26
CA GLY F 154 59.87 -90.82 12.36
C GLY F 154 59.95 -91.36 13.78
N THR F 155 58.96 -91.00 14.60
CA THR F 155 58.91 -91.45 15.99
C THR F 155 58.09 -92.74 16.06
N SER F 156 58.66 -93.78 16.68
CA SER F 156 57.99 -95.06 16.86
C SER F 156 57.25 -95.13 18.19
N ASP F 157 56.81 -94.00 18.72
CA ASP F 157 56.07 -93.95 19.97
C ASP F 157 54.95 -92.92 19.85
N PRO F 158 53.69 -93.32 19.97
CA PRO F 158 52.59 -92.35 19.88
C PRO F 158 52.50 -91.42 21.07
N ALA F 159 52.95 -91.86 22.25
CA ALA F 159 52.84 -91.03 23.45
C ALA F 159 53.80 -89.84 23.40
N MET F 160 55.03 -90.08 22.93
CA MET F 160 55.99 -88.99 22.78
C MET F 160 55.56 -88.04 21.66
N LEU F 161 54.92 -88.58 20.62
CA LEU F 161 54.37 -87.75 19.54
C LEU F 161 53.24 -86.86 20.04
N ALA F 162 52.34 -87.41 20.87
CA ALA F 162 51.25 -86.63 21.43
C ALA F 162 51.77 -85.59 22.43
N ASP F 163 52.81 -85.93 23.20
CA ASP F 163 53.39 -84.96 24.12
C ASP F 163 54.14 -83.85 23.38
N THR F 164 54.77 -84.18 22.26
CA THR F 164 55.43 -83.18 21.43
C THR F 164 54.41 -82.23 20.81
N ILE F 165 53.25 -82.75 20.40
CA ILE F 165 52.21 -81.87 19.87
C ILE F 165 51.59 -81.03 20.97
N ALA F 166 51.30 -81.63 22.13
CA ALA F 166 50.63 -80.91 23.20
C ALA F 166 51.54 -79.96 23.96
N TYR F 167 52.86 -80.03 23.77
CA TYR F 167 53.75 -79.05 24.39
C TYR F 167 53.78 -77.73 23.65
N HIS F 168 53.68 -77.75 22.31
CA HIS F 168 53.72 -76.53 21.52
C HIS F 168 52.38 -75.81 21.46
N ALA F 169 51.38 -76.29 22.19
CA ALA F 169 50.12 -75.57 22.39
C ALA F 169 50.10 -75.02 23.81
N THR F 170 49.66 -73.78 23.96
CA THR F 170 49.78 -73.06 25.22
C THR F 170 48.42 -72.92 25.89
N TRP F 171 48.19 -73.71 26.95
CA TRP F 171 47.16 -73.38 27.92
C TRP F 171 47.74 -73.51 29.32
N THR F 172 46.91 -73.35 30.35
CA THR F 172 47.42 -73.12 31.69
C THR F 172 47.83 -74.43 32.38
N VAL F 173 48.14 -74.32 33.67
CA VAL F 173 48.74 -75.41 34.43
C VAL F 173 47.69 -76.38 34.99
N ALA F 174 46.54 -75.86 35.42
CA ALA F 174 45.53 -76.68 36.10
C ALA F 174 44.92 -77.72 35.18
N GLU F 175 44.74 -77.37 33.89
CA GLU F 175 44.26 -78.35 32.93
C GLU F 175 45.31 -79.41 32.65
N LYS F 176 46.60 -79.05 32.67
CA LYS F 176 47.66 -80.05 32.57
C LYS F 176 47.65 -81.00 33.77
N GLN F 177 47.36 -80.47 34.96
CA GLN F 177 47.28 -81.32 36.14
C GLN F 177 46.06 -82.25 36.09
N GLU F 178 44.94 -81.73 35.59
CA GLU F 178 43.74 -82.56 35.43
C GLU F 178 43.94 -83.64 34.37
N ILE F 179 44.70 -83.35 33.32
CA ILE F 179 45.09 -84.38 32.36
C ILE F 179 46.04 -85.39 33.00
N LEU F 180 46.94 -84.92 33.86
CA LEU F 180 47.92 -85.82 34.48
C LEU F 180 47.29 -86.74 35.51
N GLU F 181 46.19 -86.32 36.14
CA GLU F 181 45.57 -87.15 37.17
C GLU F 181 44.72 -88.28 36.56
N LEU F 182 44.15 -88.05 35.38
CA LEU F 182 43.37 -89.09 34.71
C LEU F 182 44.28 -90.02 33.92
N THR F 183 43.91 -91.30 33.85
CA THR F 183 44.78 -92.33 33.30
C THR F 183 44.34 -92.87 31.94
N ASP F 184 43.05 -92.82 31.61
CA ASP F 184 42.60 -93.37 30.34
C ASP F 184 42.99 -92.44 29.20
N LEU F 185 43.56 -93.02 28.14
CA LEU F 185 44.25 -92.26 27.11
C LEU F 185 43.28 -91.43 26.27
N GLU F 186 42.20 -92.06 25.79
CA GLU F 186 41.25 -91.40 24.90
C GLU F 186 40.52 -90.24 25.56
N ALA F 187 40.35 -90.28 26.87
CA ALA F 187 39.68 -89.20 27.60
C ALA F 187 40.49 -87.91 27.51
N ARG F 188 41.77 -87.95 27.87
CA ARG F 188 42.57 -86.74 27.78
C ARG F 188 42.93 -86.38 26.34
N LEU F 189 42.97 -87.35 25.42
CA LEU F 189 43.19 -86.97 24.02
C LEU F 189 42.00 -86.22 23.44
N LYS F 190 40.76 -86.67 23.74
CA LYS F 190 39.59 -85.94 23.29
C LYS F 190 39.44 -84.60 24.01
N LYS F 191 39.89 -84.53 25.26
CA LYS F 191 39.90 -83.25 25.98
C LYS F 191 40.86 -82.26 25.32
N VAL F 192 42.07 -82.72 24.95
CA VAL F 192 43.03 -81.87 24.25
C VAL F 192 42.51 -81.46 22.87
N LEU F 193 41.83 -82.36 22.16
CA LEU F 193 41.28 -82.00 20.85
C LEU F 193 40.16 -80.98 20.97
N GLY F 194 39.34 -81.08 22.02
CA GLY F 194 38.33 -80.05 22.26
C GLY F 194 38.94 -78.70 22.61
N LEU F 195 40.00 -78.71 23.42
CA LEU F 195 40.70 -77.47 23.76
C LEU F 195 41.36 -76.86 22.52
N LEU F 196 41.86 -77.68 21.61
CA LEU F 196 42.48 -77.17 20.40
C LEU F 196 41.44 -76.61 19.42
N SER F 197 40.24 -77.21 19.37
CA SER F 197 39.17 -76.62 18.57
C SER F 197 38.73 -75.28 19.16
N ARG F 198 38.68 -75.19 20.49
CA ARG F 198 38.43 -73.91 21.16
C ARG F 198 39.52 -72.90 20.82
N ASP F 199 40.77 -73.34 20.74
CA ASP F 199 41.88 -72.44 20.40
C ASP F 199 41.79 -71.95 18.97
N LEU F 200 41.40 -72.82 18.03
CA LEU F 200 41.21 -72.41 16.64
C LEU F 200 40.10 -71.38 16.50
N GLU F 201 38.97 -71.60 17.18
CA GLU F 201 37.86 -70.66 17.12
C GLU F 201 38.21 -69.32 17.79
N ARG F 202 38.95 -69.37 18.91
CA ARG F 202 39.34 -68.16 19.60
C ARG F 202 40.35 -67.35 18.79
N PHE F 203 41.26 -68.05 18.09
CA PHE F 203 42.24 -67.34 17.27
C PHE F 203 41.59 -66.75 16.01
N GLU F 204 40.58 -67.41 15.45
CA GLU F 204 39.80 -66.79 14.37
C GLU F 204 39.04 -65.56 14.86
N LEU F 205 38.50 -65.62 16.08
CA LEU F 205 37.85 -64.45 16.66
C LEU F 205 38.83 -63.30 16.88
N ASP F 206 40.07 -63.63 17.30
CA ASP F 206 41.11 -62.61 17.48
C ASP F 206 41.48 -61.96 16.15
N LYS F 207 41.56 -62.76 15.08
CA LYS F 207 41.84 -62.21 13.75
C LYS F 207 40.70 -61.31 13.28
N ARG F 208 39.45 -61.67 13.59
CA ARG F 208 38.31 -60.84 13.23
C ARG F 208 38.31 -59.51 13.98
N VAL F 209 38.63 -59.54 15.28
CA VAL F 209 38.71 -58.31 16.08
C VAL F 209 39.84 -57.41 15.57
N ALA F 210 40.99 -58.01 15.23
CA ALA F 210 42.11 -57.24 14.69
C ALA F 210 41.77 -56.61 13.34
N GLN F 211 41.09 -57.35 12.46
CA GLN F 211 40.69 -56.80 11.18
C GLN F 211 39.68 -55.67 11.34
N ARG F 212 38.71 -55.80 12.25
CA ARG F 212 37.72 -54.76 12.44
C ARG F 212 38.32 -53.48 13.05
N VAL F 213 39.16 -53.62 14.08
CA VAL F 213 39.77 -52.45 14.71
C VAL F 213 40.75 -51.76 13.75
N LYS F 214 41.52 -52.53 12.97
CA LYS F 214 42.42 -51.86 12.04
C LYS F 214 41.67 -51.34 10.82
N GLU F 215 40.48 -51.87 10.52
CA GLU F 215 39.68 -51.29 9.45
C GLU F 215 39.04 -49.97 9.88
N GLN F 216 38.60 -49.86 11.14
CA GLN F 216 38.08 -48.58 11.62
C GLN F 216 39.20 -47.55 11.72
N MET F 217 40.42 -47.99 12.10
CA MET F 217 41.56 -47.07 12.10
C MET F 217 41.97 -46.69 10.69
N ASP F 218 41.79 -47.62 9.73
CA ASP F 218 42.08 -47.33 8.33
C ASP F 218 41.15 -46.26 7.78
N THR F 219 39.85 -46.41 8.02
CA THR F 219 38.89 -45.40 7.55
C THR F 219 39.10 -44.06 8.26
N ASN F 220 39.53 -44.10 9.53
CA ASN F 220 39.94 -42.88 10.22
C ASN F 220 41.11 -42.20 9.51
N GLN F 221 42.11 -43.00 9.11
CA GLN F 221 43.24 -42.48 8.35
C GLN F 221 42.80 -41.93 6.99
N ARG F 222 41.77 -42.52 6.40
CA ARG F 222 41.38 -42.07 5.05
C ARG F 222 40.65 -40.74 5.10
N GLU F 223 39.68 -40.60 6.01
CA GLU F 223 39.03 -39.31 6.16
C GLU F 223 40.03 -38.25 6.65
N TYR F 224 40.99 -38.66 7.47
CA TYR F 224 41.97 -37.71 7.97
C TYR F 224 42.96 -37.28 6.89
N TYR F 225 43.36 -38.19 6.00
CA TYR F 225 44.29 -37.82 4.94
C TYR F 225 43.60 -36.97 3.88
N LEU F 226 42.34 -37.27 3.57
CA LEU F 226 41.59 -36.41 2.66
C LEU F 226 41.37 -35.03 3.26
N ARG F 227 41.17 -34.95 4.58
CA ARG F 227 41.01 -33.64 5.21
C ARG F 227 42.36 -32.93 5.32
N GLU F 228 43.45 -33.69 5.39
CA GLU F 228 44.78 -33.09 5.24
C GLU F 228 44.98 -32.49 3.87
N GLN F 229 44.45 -33.14 2.84
CA GLN F 229 44.58 -32.60 1.49
C GLN F 229 43.72 -31.36 1.31
N MET F 230 42.53 -31.37 1.90
CA MET F 230 41.72 -30.15 1.98
C MET F 230 42.45 -29.03 2.69
N LYS F 231 43.13 -29.34 3.80
CA LYS F 231 43.86 -28.34 4.55
C LYS F 231 45.02 -27.78 3.74
N ALA F 232 45.67 -28.64 2.96
CA ALA F 232 46.79 -28.19 2.12
C ALA F 232 46.31 -27.30 0.98
N ILE F 233 45.23 -27.69 0.29
CA ILE F 233 44.78 -26.89 -0.85
C ILE F 233 44.20 -25.56 -0.36
N GLN F 234 43.56 -25.58 0.80
CA GLN F 234 43.05 -24.34 1.34
C GLN F 234 44.18 -23.47 1.87
N LYS F 235 45.26 -24.10 2.34
CA LYS F 235 46.46 -23.39 2.74
C LYS F 235 47.08 -22.61 1.58
N GLU F 236 47.21 -23.22 0.40
CA GLU F 236 47.69 -22.38 -0.71
C GLU F 236 46.60 -21.43 -1.19
N LEU F 237 45.34 -21.76 -0.92
CA LEU F 237 44.28 -20.84 -1.30
C LEU F 237 44.11 -19.70 -0.29
N GLY F 238 44.21 -20.01 1.00
CA GLY F 238 44.01 -19.01 2.01
C GLY F 238 45.25 -18.17 2.29
N GLY F 239 45.01 -17.00 2.87
CA GLY F 239 46.04 -16.02 3.13
C GLY F 239 46.09 -15.61 4.59
N GLU F 240 46.04 -16.62 5.47
CA GLU F 240 45.73 -16.66 6.92
C GLU F 240 44.22 -16.56 7.13
N ASP F 241 43.48 -16.24 6.10
CA ASP F 241 42.03 -16.28 6.21
C ASP F 241 41.43 -16.92 4.97
N GLY F 242 40.36 -17.64 5.20
CA GLY F 242 40.18 -18.91 4.54
C GLY F 242 40.81 -20.04 5.31
N LEU F 243 41.70 -19.73 6.26
CA LEU F 243 42.36 -20.67 7.15
C LEU F 243 41.96 -20.46 8.60
N SER F 244 42.09 -19.25 9.13
CA SER F 244 41.73 -18.98 10.51
C SER F 244 40.25 -18.61 10.61
N ASP F 245 39.53 -18.71 9.50
CA ASP F 245 38.09 -18.54 9.46
C ASP F 245 37.33 -19.51 10.37
N LEU F 246 37.64 -20.80 10.36
CA LEU F 246 36.80 -21.65 11.17
C LEU F 246 37.19 -21.54 12.62
N GLU F 247 38.46 -21.50 12.97
CA GLU F 247 38.78 -21.42 14.39
C GLU F 247 38.35 -20.14 14.98
N ALA F 248 38.14 -19.15 14.15
CA ALA F 248 37.19 -18.15 14.52
C ALA F 248 35.82 -18.74 14.83
N LEU F 249 35.10 -19.28 13.83
CA LEU F 249 33.64 -19.51 14.03
C LEU F 249 33.32 -20.74 14.91
N ARG F 250 34.25 -21.67 15.09
CA ARG F 250 34.00 -22.81 15.96
C ARG F 250 34.49 -22.58 17.37
N LYS F 251 35.40 -21.62 17.62
CA LYS F 251 35.45 -21.20 19.02
C LYS F 251 34.20 -20.39 19.34
N LYS F 252 33.67 -19.67 18.34
CA LYS F 252 32.38 -19.01 18.51
C LYS F 252 31.24 -20.01 18.77
N ILE F 253 31.22 -21.14 18.06
CA ILE F 253 30.15 -22.12 18.22
C ILE F 253 30.36 -22.93 19.49
N GLU F 254 31.54 -23.52 19.68
CA GLU F 254 31.72 -24.45 20.79
C GLU F 254 31.83 -23.76 22.15
N GLU F 255 32.16 -22.47 22.19
CA GLU F 255 32.15 -21.77 23.47
C GLU F 255 30.74 -21.45 23.97
N VAL F 256 29.86 -20.95 23.11
CA VAL F 256 28.54 -20.54 23.58
C VAL F 256 27.56 -21.70 23.41
N GLY F 257 26.58 -21.77 24.32
CA GLY F 257 25.38 -22.60 24.16
C GLY F 257 25.68 -24.07 24.07
N MET F 258 25.04 -24.76 23.11
CA MET F 258 23.87 -24.33 22.33
C MET F 258 22.86 -25.48 22.39
N PRO F 259 21.60 -25.24 22.01
CA PRO F 259 20.71 -26.38 21.75
C PRO F 259 21.20 -27.22 20.58
N GLU F 260 20.85 -28.50 20.61
CA GLU F 260 21.49 -29.49 19.74
C GLU F 260 21.04 -29.37 18.30
N ALA F 261 19.75 -29.11 18.06
CA ALA F 261 19.26 -28.98 16.70
C ALA F 261 19.82 -27.73 16.04
N VAL F 262 19.93 -26.65 16.82
CA VAL F 262 20.52 -25.40 16.32
C VAL F 262 21.99 -25.61 16.00
N LYS F 263 22.71 -26.35 16.84
CA LYS F 263 24.12 -26.61 16.60
C LYS F 263 24.31 -27.50 15.38
N THR F 264 23.46 -28.52 15.22
CA THR F 264 23.59 -29.42 14.08
C THR F 264 23.22 -28.71 12.78
N LYS F 265 22.24 -27.80 12.85
CA LYS F 265 21.90 -27.00 11.68
C LYS F 265 23.02 -26.02 11.33
N ALA F 266 23.66 -25.44 12.33
CA ALA F 266 24.78 -24.53 12.08
C ALA F 266 26.00 -25.28 11.56
N LEU F 267 26.18 -26.54 11.96
CA LEU F 267 27.34 -27.29 11.47
C LEU F 267 27.08 -27.87 10.08
N LYS F 268 25.84 -28.29 9.79
CA LYS F 268 25.45 -28.64 8.42
C LYS F 268 25.37 -27.43 7.51
N GLU F 269 25.37 -26.23 8.07
CA GLU F 269 25.55 -25.01 7.29
C GLU F 269 27.01 -24.67 7.07
N LEU F 270 27.82 -24.66 8.14
CA LEU F 270 29.17 -24.09 8.16
C LEU F 270 30.12 -24.76 7.17
N ASP F 271 29.89 -26.03 6.87
CA ASP F 271 30.65 -26.70 5.85
C ASP F 271 30.43 -26.07 4.50
N ARG F 272 29.21 -25.63 4.26
CA ARG F 272 28.85 -25.23 2.92
C ARG F 272 29.24 -23.81 2.57
N LEU F 273 30.11 -23.14 3.32
CA LEU F 273 30.75 -21.91 2.81
C LEU F 273 32.22 -22.18 2.43
N GLU F 274 32.40 -23.05 1.45
CA GLU F 274 33.67 -23.20 0.75
C GLU F 274 33.61 -22.47 -0.59
N ARG F 275 33.26 -21.17 -0.53
CA ARG F 275 32.79 -20.49 -1.73
C ARG F 275 33.38 -19.11 -2.01
N MET F 276 34.29 -18.59 -1.17
CA MET F 276 34.85 -17.26 -1.35
C MET F 276 36.07 -17.38 -2.26
N GLN F 277 36.91 -16.34 -2.37
CA GLN F 277 38.16 -16.37 -3.15
C GLN F 277 37.90 -16.64 -4.63
N GLN F 278 37.53 -15.60 -5.38
CA GLN F 278 36.64 -15.56 -6.53
C GLN F 278 35.23 -15.83 -6.03
N GLY F 279 34.75 -14.89 -5.22
CA GLY F 279 33.40 -14.86 -4.71
C GLY F 279 33.35 -14.38 -3.27
N SER F 280 32.18 -14.34 -2.65
CA SER F 280 30.87 -14.51 -3.29
C SER F 280 29.89 -13.60 -2.59
N PRO F 281 28.72 -13.39 -3.20
CA PRO F 281 27.56 -12.95 -2.40
C PRO F 281 26.94 -14.08 -1.61
N GLU F 282 27.31 -15.33 -1.88
CA GLU F 282 26.86 -16.46 -1.07
C GLU F 282 27.59 -16.55 0.26
N ALA F 283 28.87 -16.21 0.30
CA ALA F 283 29.62 -16.32 1.54
C ALA F 283 29.35 -15.16 2.48
N THR F 284 29.16 -13.96 1.94
CA THR F 284 28.88 -12.78 2.75
C THR F 284 27.47 -12.80 3.34
N VAL F 285 26.61 -13.71 2.93
CA VAL F 285 25.36 -13.93 3.62
C VAL F 285 25.52 -14.97 4.72
N ALA F 286 26.20 -16.08 4.40
CA ALA F 286 26.30 -17.20 5.32
C ALA F 286 27.18 -16.89 6.51
N ARG F 287 28.31 -16.22 6.30
CA ARG F 287 29.21 -15.93 7.41
C ARG F 287 28.60 -14.91 8.36
N THR F 288 27.82 -13.97 7.85
CA THR F 288 27.15 -13.03 8.75
C THR F 288 25.95 -13.65 9.43
N TYR F 289 25.30 -14.63 8.80
CA TYR F 289 24.28 -15.38 9.51
C TYR F 289 24.88 -16.18 10.67
N LEU F 290 26.06 -16.77 10.44
CA LEU F 290 26.78 -17.42 11.52
C LEU F 290 27.30 -16.44 12.56
N ASP F 291 27.62 -15.21 12.16
CA ASP F 291 28.02 -14.20 13.13
C ASP F 291 26.86 -13.82 14.03
N TRP F 292 25.67 -13.63 13.46
CA TRP F 292 24.49 -13.41 14.27
C TRP F 292 24.08 -14.63 15.08
N LEU F 293 24.46 -15.82 14.66
CA LEU F 293 24.01 -17.03 15.32
C LEU F 293 24.88 -17.39 16.53
N THR F 294 26.08 -16.85 16.62
CA THR F 294 27.01 -17.21 17.67
C THR F 294 27.33 -16.07 18.63
N GLU F 295 26.53 -15.00 18.62
CA GLU F 295 26.72 -13.92 19.58
C GLU F 295 25.45 -13.54 20.32
N VAL F 296 24.30 -14.05 19.90
CA VAL F 296 23.10 -13.99 20.73
C VAL F 296 23.24 -15.00 21.86
N PRO F 297 22.95 -14.63 23.12
CA PRO F 297 23.24 -15.51 24.26
C PRO F 297 22.32 -16.72 24.30
N TRP F 298 22.93 -17.90 24.34
CA TRP F 298 22.22 -19.17 24.51
C TRP F 298 22.57 -19.69 25.91
N SER F 299 21.62 -19.58 26.83
CA SER F 299 21.69 -20.12 28.20
C SER F 299 22.89 -19.55 28.96
N LYS F 300 22.83 -18.26 29.21
CA LYS F 300 23.85 -17.57 30.01
C LYS F 300 23.17 -16.44 30.76
N ALA F 301 23.06 -16.58 32.07
CA ALA F 301 22.28 -15.66 32.88
C ALA F 301 23.16 -15.01 33.95
N ASP F 302 22.52 -14.17 34.76
CA ASP F 302 23.10 -13.49 35.91
C ASP F 302 22.57 -14.10 37.20
N PRO F 303 23.27 -13.99 38.33
CA PRO F 303 22.79 -14.64 39.55
C PRO F 303 21.57 -13.94 40.12
N GLU F 304 20.65 -14.75 40.61
CA GLU F 304 19.41 -14.26 41.19
C GLU F 304 19.67 -13.61 42.54
N VAL F 305 18.70 -12.86 43.00
CA VAL F 305 18.85 -12.08 44.21
C VAL F 305 18.61 -12.98 45.41
N LEU F 306 19.18 -12.61 46.56
CA LEU F 306 19.04 -13.38 47.78
C LEU F 306 18.40 -12.59 48.92
N ASP F 307 18.38 -11.27 48.86
CA ASP F 307 17.65 -10.46 49.83
C ASP F 307 16.54 -9.70 49.13
N ILE F 308 15.34 -9.79 49.69
CA ILE F 308 14.29 -8.86 49.33
C ILE F 308 14.28 -7.67 50.26
N ASN F 309 15.25 -7.58 51.16
CA ASN F 309 15.46 -6.39 51.95
C ASN F 309 16.42 -5.42 51.29
N HIS F 310 17.25 -5.90 50.38
CA HIS F 310 18.14 -5.03 49.64
C HIS F 310 17.48 -4.44 48.41
N THR F 311 16.58 -5.21 47.78
CA THR F 311 15.80 -4.69 46.66
C THR F 311 14.91 -3.54 47.10
N ARG F 312 14.35 -3.63 48.31
CA ARG F 312 13.54 -2.55 48.84
C ARG F 312 14.36 -1.31 49.12
N GLN F 313 15.59 -1.48 49.60
CA GLN F 313 16.45 -0.34 49.84
C GLN F 313 16.87 0.34 48.54
N VAL F 314 17.10 -0.44 47.49
CA VAL F 314 17.49 0.19 46.24
C VAL F 314 16.29 0.85 45.56
N LEU F 315 15.10 0.28 45.73
CA LEU F 315 13.91 0.90 45.14
C LEU F 315 13.52 2.18 45.88
N ASP F 316 13.84 2.29 47.17
CA ASP F 316 13.51 3.52 47.86
C ASP F 316 14.52 4.64 47.65
N GLU F 317 15.66 4.37 47.02
CA GLU F 317 16.62 5.42 46.77
C GLU F 317 16.29 6.25 45.55
N ASP F 318 15.47 5.74 44.63
CA ASP F 318 15.29 6.38 43.35
C ASP F 318 13.97 7.10 43.20
N HIS F 319 12.92 6.68 43.90
CA HIS F 319 11.60 7.25 43.73
C HIS F 319 10.92 7.38 45.08
N TYR F 320 10.02 8.33 45.18
CA TYR F 320 9.21 8.52 46.38
C TYR F 320 7.85 7.92 46.14
N GLY F 321 7.28 7.32 47.18
CA GLY F 321 5.93 6.80 47.06
C GLY F 321 5.89 5.55 46.19
N LEU F 322 4.81 5.44 45.41
CA LEU F 322 4.60 4.38 44.42
C LEU F 322 4.62 2.99 45.06
N LYS F 323 3.80 2.82 46.10
CA LYS F 323 3.86 1.60 46.89
C LYS F 323 3.34 0.39 46.13
N ASP F 324 2.43 0.59 45.18
CA ASP F 324 1.82 -0.55 44.52
C ASP F 324 2.79 -1.26 43.59
N VAL F 325 3.56 -0.49 42.82
CA VAL F 325 4.52 -1.09 41.88
C VAL F 325 5.66 -1.74 42.65
N LYS F 326 6.13 -1.08 43.70
CA LYS F 326 7.24 -1.62 44.49
C LYS F 326 6.86 -2.90 45.20
N GLU F 327 5.67 -2.93 45.82
CA GLU F 327 5.22 -4.15 46.44
C GLU F 327 4.94 -5.25 45.44
N ARG F 328 4.49 -4.91 44.23
CA ARG F 328 4.23 -5.96 43.25
C ARG F 328 5.52 -6.59 42.77
N ILE F 329 6.58 -5.79 42.66
CA ILE F 329 7.89 -6.31 42.34
C ILE F 329 8.41 -7.22 43.45
N LEU F 330 8.24 -6.82 44.71
CA LEU F 330 8.71 -7.64 45.81
C LEU F 330 7.93 -8.95 45.93
N GLU F 331 6.63 -8.93 45.61
CA GLU F 331 5.83 -10.16 45.62
C GLU F 331 6.30 -11.12 44.53
N TYR F 332 6.42 -10.63 43.31
CA TYR F 332 6.86 -11.54 42.25
C TYR F 332 8.32 -11.88 42.34
N LEU F 333 9.09 -11.22 43.20
CA LEU F 333 10.45 -11.63 43.49
C LEU F 333 10.53 -12.62 44.64
N ALA F 334 9.57 -12.61 45.55
CA ALA F 334 9.54 -13.58 46.65
C ALA F 334 8.85 -14.87 46.25
N VAL F 335 8.01 -14.86 45.23
CA VAL F 335 7.46 -16.11 44.71
C VAL F 335 8.58 -16.94 44.09
N ARG F 336 9.52 -16.30 43.41
CA ARG F 336 10.55 -17.00 42.66
C ARG F 336 11.55 -17.74 43.55
N GLN F 337 11.62 -17.43 44.85
CA GLN F 337 12.43 -18.26 45.73
C GLN F 337 11.75 -19.57 46.08
N LEU F 338 10.48 -19.50 46.49
CA LEU F 338 9.85 -20.61 47.17
C LEU F 338 9.48 -21.75 46.24
N THR F 339 9.64 -21.59 44.94
CA THR F 339 9.17 -22.58 43.99
C THR F 339 10.35 -23.37 43.46
N GLN F 340 10.50 -24.60 43.96
CA GLN F 340 11.35 -25.60 43.33
C GLN F 340 10.49 -26.79 42.92
N GLY F 341 10.54 -27.12 41.63
CA GLY F 341 9.50 -27.83 40.93
C GLY F 341 8.83 -26.72 40.14
N LEU F 342 9.29 -26.52 38.91
CA LEU F 342 9.28 -25.17 38.35
C LEU F 342 8.11 -24.99 37.38
N ASP F 343 7.22 -24.09 37.77
CA ASP F 343 6.16 -23.59 36.92
C ASP F 343 6.20 -22.07 36.79
N VAL F 344 7.10 -21.40 37.52
CA VAL F 344 7.02 -19.98 37.78
C VAL F 344 7.97 -19.19 36.88
N ARG F 345 9.20 -19.68 36.70
CA ARG F 345 10.18 -19.02 35.84
C ARG F 345 9.74 -19.01 34.37
N ASN F 346 8.83 -19.89 33.99
CA ASN F 346 8.10 -19.80 32.73
C ASN F 346 7.14 -18.62 32.69
N LYS F 347 6.73 -18.08 33.84
CA LYS F 347 5.74 -17.00 33.89
C LYS F 347 6.26 -15.84 34.74
N ALA F 348 6.93 -14.91 34.08
CA ALA F 348 7.17 -13.59 34.63
C ALA F 348 6.04 -12.69 34.17
N PRO F 349 5.64 -11.70 34.98
CA PRO F 349 4.47 -10.90 34.65
C PRO F 349 4.68 -9.97 33.47
N ILE F 350 3.77 -10.04 32.52
CA ILE F 350 3.71 -9.02 31.49
C ILE F 350 2.98 -7.82 32.06
N LEU F 351 3.74 -6.85 32.51
CA LEU F 351 3.25 -5.82 33.40
C LEU F 351 3.04 -4.54 32.61
N VAL F 352 1.91 -3.87 32.81
CA VAL F 352 1.62 -2.65 32.08
C VAL F 352 1.27 -1.55 33.07
N LEU F 353 1.88 -0.38 32.90
CA LEU F 353 1.76 0.73 33.83
C LEU F 353 1.02 1.86 33.14
N VAL F 354 -0.12 2.25 33.69
CA VAL F 354 -1.03 3.17 33.03
C VAL F 354 -1.12 4.44 33.86
N GLY F 355 -1.02 5.59 33.22
CA GLY F 355 -1.19 6.82 33.96
C GLY F 355 -1.07 8.13 33.23
N PRO F 356 -1.37 9.22 33.93
CA PRO F 356 -1.24 10.57 33.37
C PRO F 356 0.20 10.94 33.09
N PRO F 357 0.47 11.98 32.28
CA PRO F 357 1.81 12.10 31.68
C PRO F 357 2.96 12.43 32.61
N GLY F 358 2.77 13.15 33.69
CA GLY F 358 3.99 13.52 34.36
C GLY F 358 4.53 12.53 35.37
N VAL F 359 3.83 11.44 35.61
CA VAL F 359 4.18 10.52 36.67
C VAL F 359 5.33 9.63 36.19
N GLY F 360 6.14 9.13 37.11
CA GLY F 360 7.34 8.42 36.71
C GLY F 360 7.18 7.00 36.21
N LYS F 361 6.56 6.81 35.04
CA LYS F 361 6.42 5.46 34.49
C LYS F 361 7.65 5.01 33.75
N THR F 362 8.24 5.87 32.92
CA THR F 362 9.39 5.47 32.13
C THR F 362 10.66 5.41 32.97
N SER F 363 10.83 6.35 33.90
CA SER F 363 12.03 6.34 34.73
C SER F 363 12.01 5.28 35.81
N LEU F 364 10.93 4.52 35.92
CA LEU F 364 10.82 3.47 36.90
C LEU F 364 11.34 2.14 36.37
N GLY F 365 11.58 2.05 35.07
CA GLY F 365 12.10 0.81 34.52
C GLY F 365 13.55 0.58 34.88
N ARG F 366 14.37 1.61 34.79
CA ARG F 366 15.79 1.47 35.08
C ARG F 366 16.03 1.20 36.56
N SER F 367 15.18 1.72 37.44
CA SER F 367 15.34 1.47 38.85
C SER F 367 14.97 0.04 39.22
N ILE F 368 13.94 -0.49 38.58
CA ILE F 368 13.56 -1.89 38.77
C ILE F 368 14.67 -2.81 38.26
N ALA F 369 15.32 -2.42 37.17
CA ALA F 369 16.43 -3.22 36.68
C ALA F 369 17.64 -3.15 37.61
N ARG F 370 17.88 -1.99 38.22
CA ARG F 370 19.04 -1.86 39.08
C ARG F 370 18.84 -2.55 40.41
N SER F 371 17.61 -2.60 40.90
CA SER F 371 17.36 -3.22 42.20
C SER F 371 17.46 -4.73 42.17
N MET F 372 17.20 -5.36 41.03
CA MET F 372 17.32 -6.79 40.91
C MET F 372 18.66 -7.22 40.35
N ASN F 373 19.58 -6.29 40.10
CA ASN F 373 20.89 -6.53 39.49
C ASN F 373 20.79 -7.21 38.13
N ARG F 374 19.93 -6.68 37.27
CA ARG F 374 19.72 -7.24 35.95
C ARG F 374 19.94 -6.16 34.90
N LYS F 375 20.16 -6.59 33.66
CA LYS F 375 20.49 -5.66 32.59
C LYS F 375 19.23 -5.02 32.02
N PHE F 376 19.39 -3.83 31.48
CA PHE F 376 18.25 -3.01 31.07
C PHE F 376 18.40 -2.60 29.61
N HIS F 377 17.27 -2.56 28.90
CA HIS F 377 17.25 -2.08 27.53
C HIS F 377 15.86 -1.56 27.22
N ARG F 378 15.78 -0.38 26.61
CA ARG F 378 14.51 0.27 26.33
C ARG F 378 14.23 0.25 24.83
N ILE F 379 13.02 -0.14 24.47
CA ILE F 379 12.56 -0.13 23.09
C ILE F 379 11.37 0.81 23.00
N SER F 380 11.41 1.74 22.07
CA SER F 380 10.39 2.76 21.94
C SER F 380 9.50 2.41 20.77
N LEU F 381 8.22 2.15 21.05
CA LEU F 381 7.24 1.73 20.05
C LEU F 381 6.33 2.88 19.66
N GLY F 382 6.89 4.07 19.49
CA GLY F 382 6.09 5.27 19.45
C GLY F 382 5.19 5.37 18.24
N GLY F 383 5.73 5.20 17.05
CA GLY F 383 4.91 5.33 15.87
C GLY F 383 5.20 4.21 14.89
N VAL F 384 5.58 3.06 15.42
CA VAL F 384 6.02 1.95 14.58
C VAL F 384 4.83 1.40 13.81
N ARG F 385 4.93 1.46 12.49
CA ARG F 385 3.88 0.98 11.60
C ARG F 385 4.25 -0.31 10.91
N ASP F 386 5.44 -0.82 11.15
CA ASP F 386 6.06 -1.79 10.26
C ASP F 386 6.31 -3.08 11.03
N GLU F 387 5.68 -4.17 10.62
CA GLU F 387 6.26 -5.48 10.87
C GLU F 387 7.59 -5.57 10.15
N ALA F 388 8.46 -6.43 10.65
CA ALA F 388 9.91 -6.56 10.44
C ALA F 388 10.64 -5.49 11.22
N GLU F 389 9.97 -4.69 12.04
CA GLU F 389 10.63 -4.06 13.17
C GLU F 389 10.58 -4.95 14.40
N ILE F 390 9.55 -5.79 14.48
CA ILE F 390 9.46 -6.80 15.54
C ILE F 390 10.10 -8.10 15.09
N ARG F 391 9.67 -8.62 13.94
CA ARG F 391 10.30 -9.74 13.28
C ARG F 391 11.44 -9.20 12.40
N GLY F 392 11.95 -10.02 11.50
CA GLY F 392 12.96 -9.49 10.60
C GLY F 392 12.58 -9.65 9.15
N HIS F 393 13.58 -9.61 8.27
CA HIS F 393 13.43 -10.06 6.90
C HIS F 393 14.24 -11.33 6.72
N ARG F 394 13.74 -12.22 5.86
CA ARG F 394 14.45 -13.46 5.55
C ARG F 394 15.76 -13.14 4.84
N ARG F 395 16.77 -13.98 5.08
CA ARG F 395 18.13 -13.62 4.65
C ARG F 395 18.36 -13.82 3.16
N THR F 396 17.34 -14.16 2.38
CA THR F 396 17.47 -14.19 0.94
C THR F 396 17.46 -12.80 0.32
N TYR F 397 17.02 -11.79 1.05
CA TYR F 397 17.04 -10.42 0.55
C TYR F 397 18.45 -9.85 0.65
N ILE F 398 18.59 -8.59 0.21
CA ILE F 398 19.92 -7.99 0.11
C ILE F 398 20.44 -7.59 1.49
N GLY F 399 19.74 -6.69 2.16
CA GLY F 399 20.22 -6.17 3.42
C GLY F 399 19.42 -6.63 4.62
N ALA F 400 19.12 -7.92 4.68
CA ALA F 400 18.23 -8.46 5.70
C ALA F 400 18.90 -8.47 7.07
N MET F 401 18.13 -8.10 8.08
CA MET F 401 18.59 -7.99 9.46
C MET F 401 17.47 -8.43 10.38
N PRO F 402 17.78 -8.91 11.57
CA PRO F 402 16.73 -9.27 12.53
C PRO F 402 16.06 -8.03 13.13
N GLY F 403 15.04 -8.29 13.94
CA GLY F 403 14.23 -7.24 14.50
C GLY F 403 14.84 -6.56 15.69
N LYS F 404 14.02 -5.79 16.39
CA LYS F 404 14.49 -5.08 17.57
C LYS F 404 14.72 -6.01 18.74
N LEU F 405 14.03 -7.15 18.79
CA LEU F 405 14.13 -8.02 19.96
C LEU F 405 15.40 -8.82 19.94
N ILE F 406 15.80 -9.36 18.79
CA ILE F 406 17.07 -10.07 18.70
C ILE F 406 18.23 -9.11 18.86
N HIS F 407 18.07 -7.87 18.38
CA HIS F 407 19.11 -6.87 18.54
C HIS F 407 19.25 -6.45 20.01
N ALA F 408 18.13 -6.34 20.71
CA ALA F 408 18.17 -6.03 22.14
C ALA F 408 18.74 -7.19 22.94
N MET F 409 18.42 -8.42 22.56
CA MET F 409 19.01 -9.57 23.24
C MET F 409 20.48 -9.73 22.91
N LYS F 410 20.96 -9.15 21.82
CA LYS F 410 22.39 -9.17 21.56
C LYS F 410 23.13 -8.10 22.35
N GLN F 411 22.55 -6.90 22.48
CA GLN F 411 23.18 -5.83 23.24
C GLN F 411 23.32 -6.20 24.71
N VAL F 412 22.22 -6.65 25.31
CA VAL F 412 22.27 -7.26 26.63
C VAL F 412 23.07 -8.56 26.56
N GLY F 413 24.00 -8.73 27.48
CA GLY F 413 24.77 -9.95 27.39
C GLY F 413 24.08 -11.22 27.89
N VAL F 414 22.93 -11.11 28.56
CA VAL F 414 22.38 -12.26 29.26
C VAL F 414 21.02 -12.64 28.68
N ILE F 415 20.41 -13.69 29.23
CA ILE F 415 19.13 -14.19 28.75
C ILE F 415 17.96 -13.73 29.59
N ASN F 416 18.20 -13.06 30.72
CA ASN F 416 17.12 -12.55 31.55
C ASN F 416 17.30 -11.06 31.86
N PRO F 417 17.04 -10.18 30.89
CA PRO F 417 17.05 -8.75 31.20
C PRO F 417 15.68 -8.23 31.57
N VAL F 418 15.62 -6.94 31.85
CA VAL F 418 14.38 -6.18 31.94
C VAL F 418 14.26 -5.41 30.63
N ILE F 419 13.13 -5.55 29.96
CA ILE F 419 12.88 -4.85 28.71
C ILE F 419 11.69 -3.93 28.89
N LEU F 420 11.90 -2.65 28.59
CA LEU F 420 10.85 -1.65 28.66
C LEU F 420 10.32 -1.36 27.27
N LEU F 421 9.01 -1.50 27.10
CA LEU F 421 8.30 -1.17 25.86
C LEU F 421 7.50 0.08 26.17
N ASP F 422 7.88 1.19 25.54
CA ASP F 422 7.66 2.49 26.15
C ASP F 422 6.22 2.96 25.96
N GLU F 423 5.78 3.16 24.75
CA GLU F 423 4.36 3.47 24.54
C GLU F 423 3.77 2.39 23.65
N ILE F 424 3.06 1.45 24.28
CA ILE F 424 2.50 0.34 23.54
C ILE F 424 1.08 0.65 23.09
N ASP F 425 0.46 1.70 23.61
CA ASP F 425 -0.84 2.12 23.15
C ASP F 425 -0.78 3.04 21.94
N LYS F 426 0.39 3.17 21.31
CA LYS F 426 0.57 4.15 20.25
C LYS F 426 1.09 3.54 18.96
N MET F 427 1.05 2.22 18.82
CA MET F 427 1.53 1.63 17.58
C MET F 427 0.56 1.88 16.44
N SER F 428 1.11 2.04 15.24
CA SER F 428 0.32 2.28 14.05
C SER F 428 0.21 1.00 13.24
N SER F 429 -0.90 0.85 12.54
CA SER F 429 -1.07 -0.26 11.62
C SER F 429 -0.72 0.19 10.21
N ASP F 430 -0.84 -0.72 9.25
CA ASP F 430 -0.49 -0.42 7.88
C ASP F 430 -1.29 -1.35 6.99
N TRP F 431 -1.26 -1.09 5.68
CA TRP F 431 -1.93 -1.98 4.74
C TRP F 431 -1.18 -3.30 4.59
N ARG F 432 0.14 -3.27 4.69
CA ARG F 432 0.92 -4.48 4.49
C ARG F 432 0.94 -5.34 5.74
N GLY F 433 0.97 -4.74 6.92
CA GLY F 433 1.02 -5.52 8.13
C GLY F 433 0.52 -4.74 9.32
N ASP F 434 0.73 -5.32 10.48
CA ASP F 434 0.31 -4.73 11.74
C ASP F 434 1.23 -5.26 12.83
N PRO F 435 2.02 -4.40 13.47
CA PRO F 435 2.97 -4.88 14.49
C PRO F 435 2.33 -5.40 15.75
N ALA F 436 1.04 -5.15 15.98
CA ALA F 436 0.37 -5.71 17.15
C ALA F 436 0.22 -7.22 17.04
N SER F 437 0.04 -7.73 15.83
CA SER F 437 -0.03 -9.17 15.62
C SER F 437 1.30 -9.83 15.91
N ALA F 438 2.41 -9.14 15.65
CA ALA F 438 3.70 -9.70 15.99
C ALA F 438 4.01 -9.54 17.47
N MET F 439 3.54 -8.46 18.09
CA MET F 439 3.73 -8.27 19.52
C MET F 439 2.90 -9.24 20.35
N LEU F 440 1.84 -9.79 19.78
CA LEU F 440 1.12 -10.87 20.45
C LEU F 440 2.01 -12.09 20.65
N GLU F 441 2.79 -12.44 19.63
CA GLU F 441 3.66 -13.62 19.68
C GLU F 441 4.78 -13.46 20.69
N VAL F 442 5.17 -12.24 21.02
CA VAL F 442 6.25 -11.99 21.95
C VAL F 442 5.78 -12.03 23.39
N LEU F 443 4.62 -11.44 23.67
CA LEU F 443 4.13 -11.31 25.03
C LEU F 443 3.20 -12.45 25.43
N ASP F 444 3.18 -13.54 24.67
CA ASP F 444 2.29 -14.65 24.96
C ASP F 444 3.08 -15.69 25.74
N PRO F 445 2.71 -16.02 26.97
CA PRO F 445 3.49 -17.04 27.71
C PRO F 445 3.10 -18.47 27.39
N GLU F 446 2.83 -18.74 26.11
CA GLU F 446 2.79 -20.08 25.55
C GLU F 446 3.48 -20.18 24.21
N GLN F 447 3.89 -19.05 23.63
CA GLN F 447 4.52 -19.03 22.32
C GLN F 447 5.94 -18.49 22.35
N ASN F 448 6.28 -17.68 23.35
CA ASN F 448 7.63 -17.11 23.42
C ASN F 448 8.68 -18.10 23.90
N ASN F 449 8.28 -19.33 24.24
CA ASN F 449 9.26 -20.40 24.37
C ASN F 449 9.88 -20.73 23.02
N THR F 450 9.11 -20.60 21.95
CA THR F 450 9.55 -20.91 20.59
C THR F 450 9.32 -19.71 19.68
N PHE F 451 9.75 -18.52 20.14
CA PHE F 451 9.70 -17.34 19.30
C PHE F 451 10.65 -17.48 18.12
N THR F 452 10.18 -17.14 16.93
CA THR F 452 10.99 -17.24 15.73
C THR F 452 10.75 -16.05 14.84
N ASP F 453 11.82 -15.33 14.52
CA ASP F 453 11.75 -14.25 13.55
C ASP F 453 12.11 -14.78 12.17
N HIS F 454 12.11 -13.91 11.18
CA HIS F 454 12.37 -14.35 9.83
C HIS F 454 13.86 -14.43 9.49
N TYR F 455 14.71 -13.69 10.20
CA TYR F 455 16.13 -13.75 9.88
C TYR F 455 16.76 -15.01 10.45
N LEU F 456 16.69 -15.18 11.77
CA LEU F 456 17.10 -16.43 12.39
C LEU F 456 16.05 -17.49 12.12
N ASP F 457 16.44 -18.57 11.45
CA ASP F 457 15.48 -19.63 11.15
C ASP F 457 15.12 -20.47 12.37
N VAL F 458 15.94 -20.47 13.40
CA VAL F 458 15.76 -21.33 14.56
C VAL F 458 14.78 -20.68 15.54
N PRO F 459 14.06 -21.45 16.34
CA PRO F 459 13.25 -20.84 17.41
C PRO F 459 14.12 -20.37 18.56
N TYR F 460 13.70 -19.26 19.16
CA TYR F 460 14.48 -18.62 20.21
C TYR F 460 13.63 -18.48 21.46
N ASP F 461 14.27 -18.67 22.61
CA ASP F 461 13.58 -18.78 23.89
C ASP F 461 13.59 -17.44 24.61
N LEU F 462 12.44 -16.80 24.65
CA LEU F 462 12.15 -15.72 25.58
C LEU F 462 11.57 -16.34 26.85
N SER F 463 10.89 -15.55 27.67
CA SER F 463 10.17 -15.85 28.92
C SER F 463 11.11 -15.98 30.11
N LYS F 464 12.42 -15.89 29.92
CA LYS F 464 13.28 -15.46 31.02
C LYS F 464 13.31 -13.96 31.14
N VAL F 465 12.76 -13.25 30.16
CA VAL F 465 12.82 -11.80 30.05
C VAL F 465 11.69 -11.20 30.88
N PHE F 466 11.97 -10.12 31.60
CA PHE F 466 10.97 -9.43 32.39
C PHE F 466 10.50 -8.21 31.60
N PHE F 467 9.29 -8.27 31.07
CA PHE F 467 8.75 -7.19 30.23
C PHE F 467 7.95 -6.20 31.05
N ILE F 468 8.18 -4.92 30.81
CA ILE F 468 7.38 -3.84 31.37
C ILE F 468 6.96 -2.95 30.21
N THR F 469 5.67 -2.67 30.10
CA THR F 469 5.16 -1.77 29.08
C THR F 469 4.45 -0.60 29.76
N THR F 470 4.53 0.57 29.16
CA THR F 470 3.86 1.73 29.77
C THR F 470 2.83 2.31 28.81
N ALA F 471 1.87 3.05 29.37
CA ALA F 471 0.73 3.52 28.59
C ALA F 471 0.03 4.68 29.28
N ASN F 472 -0.68 5.46 28.47
CA ASN F 472 -1.52 6.56 28.96
C ASN F 472 -2.97 6.17 29.15
N THR F 473 -3.57 5.48 28.20
CA THR F 473 -4.93 4.97 28.32
C THR F 473 -4.98 3.52 27.90
N LEU F 474 -5.96 2.81 28.44
CA LEU F 474 -6.18 1.42 28.07
C LEU F 474 -7.04 1.26 26.83
N GLN F 475 -7.69 2.34 26.38
CA GLN F 475 -8.74 2.21 25.38
C GLN F 475 -8.20 1.93 23.99
N THR F 476 -6.93 2.20 23.75
CA THR F 476 -6.36 2.03 22.42
C THR F 476 -5.31 0.93 22.38
N ILE F 477 -5.19 0.13 23.42
CA ILE F 477 -4.38 -1.08 23.38
C ILE F 477 -5.26 -2.14 22.73
N PRO F 478 -4.75 -2.97 21.83
CA PRO F 478 -5.59 -4.00 21.20
C PRO F 478 -6.07 -5.05 22.20
N ARG F 479 -7.23 -5.61 21.89
CA ARG F 479 -7.86 -6.59 22.79
C ARG F 479 -7.08 -7.90 22.99
N PRO F 480 -6.41 -8.51 22.01
CA PRO F 480 -5.58 -9.69 22.32
C PRO F 480 -4.37 -9.41 23.19
N LEU F 481 -4.06 -8.15 23.52
CA LEU F 481 -2.96 -7.86 24.43
C LEU F 481 -3.41 -7.45 25.82
N LEU F 482 -4.62 -6.89 25.96
CA LEU F 482 -5.09 -6.50 27.29
C LEU F 482 -5.34 -7.69 28.19
N ASP F 483 -5.85 -8.78 27.62
CA ASP F 483 -6.18 -9.95 28.42
C ASP F 483 -4.96 -10.73 28.89
N ARG F 484 -3.79 -10.46 28.32
CA ARG F 484 -2.56 -11.14 28.72
C ARG F 484 -1.63 -10.25 29.52
N MET F 485 -2.14 -9.19 30.12
CA MET F 485 -1.34 -8.27 30.90
C MET F 485 -2.00 -8.00 32.24
N GLU F 486 -1.18 -7.84 33.26
CA GLU F 486 -1.63 -7.34 34.55
C GLU F 486 -1.47 -5.84 34.57
N VAL F 487 -2.54 -5.12 34.89
CA VAL F 487 -2.56 -3.67 34.80
C VAL F 487 -2.41 -3.06 36.18
N ILE F 488 -1.45 -2.15 36.32
CA ILE F 488 -1.27 -1.36 37.53
C ILE F 488 -1.50 0.09 37.18
N GLU F 489 -2.44 0.73 37.85
CA GLU F 489 -2.76 2.11 37.57
C GLU F 489 -2.04 3.03 38.54
N ILE F 490 -1.51 4.13 38.01
CA ILE F 490 -0.78 5.08 38.83
C ILE F 490 -1.53 6.41 38.77
N PRO F 491 -2.00 6.93 39.90
CA PRO F 491 -3.04 7.96 39.84
C PRO F 491 -2.56 9.40 39.73
N GLY F 492 -1.35 9.71 40.14
CA GLY F 492 -1.05 11.12 40.22
C GLY F 492 -0.96 11.57 41.66
N TYR F 493 -0.13 12.57 41.90
CA TYR F 493 0.34 12.82 43.25
C TYR F 493 -0.51 13.88 43.94
N THR F 494 -0.50 13.84 45.26
CA THR F 494 -1.16 14.84 46.10
C THR F 494 -0.20 16.01 46.29
N ASN F 495 -0.50 16.93 47.19
CA ASN F 495 0.44 18.01 47.40
C ASN F 495 1.54 17.68 48.39
N MET F 496 1.29 16.78 49.35
CA MET F 496 2.37 16.38 50.24
C MET F 496 3.36 15.48 49.53
N GLU F 497 2.87 14.62 48.65
CA GLU F 497 3.76 13.78 47.85
C GLU F 497 4.59 14.63 46.91
N LYS F 498 3.99 15.63 46.26
CA LYS F 498 4.75 16.52 45.41
C LYS F 498 5.75 17.35 46.19
N GLN F 499 5.42 17.73 47.42
CA GLN F 499 6.37 18.50 48.20
C GLN F 499 7.56 17.66 48.63
N ALA F 500 7.32 16.38 48.93
CA ALA F 500 8.43 15.50 49.26
C ALA F 500 9.30 15.20 48.04
N ILE F 501 8.67 14.94 46.89
CA ILE F 501 9.40 14.72 45.64
C ILE F 501 10.22 15.94 45.28
N ALA F 502 9.66 17.14 45.47
CA ALA F 502 10.36 18.38 45.19
C ALA F 502 11.60 18.51 46.06
N ARG F 503 11.42 18.40 47.37
CA ARG F 503 12.50 18.61 48.34
C ARG F 503 13.64 17.62 48.17
N GLN F 504 13.35 16.34 47.95
CA GLN F 504 14.47 15.42 47.94
C GLN F 504 14.81 14.88 46.55
N TYR F 505 14.17 15.35 45.50
CA TYR F 505 14.69 14.96 44.20
C TYR F 505 14.85 16.11 43.23
N LEU F 506 13.92 17.08 43.22
CA LEU F 506 13.87 17.96 42.07
C LEU F 506 14.68 19.23 42.28
N TRP F 507 14.66 19.75 43.48
CA TRP F 507 15.42 20.96 43.76
C TRP F 507 16.93 20.77 43.80
N PRO F 508 17.51 19.68 44.35
CA PRO F 508 18.97 19.53 44.21
C PRO F 508 19.45 19.36 42.80
N LYS F 509 18.66 18.71 41.94
CA LYS F 509 19.03 18.56 40.53
C LYS F 509 19.08 19.91 39.83
N GLN F 510 18.04 20.72 40.02
CA GLN F 510 17.98 22.01 39.36
C GLN F 510 18.94 23.01 39.97
N VAL F 511 19.37 22.81 41.21
CA VAL F 511 20.42 23.65 41.77
C VAL F 511 21.77 23.27 41.21
N ARG F 512 22.06 21.98 41.07
CA ARG F 512 23.34 21.57 40.48
C ARG F 512 23.46 22.03 39.04
N GLU F 513 22.43 21.83 38.24
CA GLU F 513 22.59 22.07 36.81
C GLU F 513 22.58 23.53 36.42
N SER F 514 22.50 24.45 37.37
CA SER F 514 22.60 25.87 37.06
C SER F 514 23.81 26.53 37.69
N GLY F 515 24.63 25.80 38.42
CA GLY F 515 25.83 26.36 39.00
C GLY F 515 25.64 27.04 40.33
N MET F 516 24.41 27.22 40.78
CA MET F 516 24.13 27.97 42.00
C MET F 516 24.08 27.07 43.22
N GLU F 517 25.08 26.24 43.46
CA GLU F 517 25.01 25.29 44.56
C GLU F 517 25.66 25.88 45.80
N GLY F 518 24.90 25.94 46.88
CA GLY F 518 25.38 26.55 48.09
C GLY F 518 25.18 28.04 48.17
N ARG F 519 24.50 28.63 47.19
CA ARG F 519 24.28 30.05 47.15
C ARG F 519 22.82 30.45 47.26
N ILE F 520 21.90 29.50 47.12
CA ILE F 520 20.48 29.82 47.14
C ILE F 520 19.76 28.63 47.75
N GLU F 521 18.63 28.91 48.38
CA GLU F 521 17.87 27.87 49.07
C GLU F 521 16.42 28.29 49.17
N VAL F 522 15.52 27.32 49.00
CA VAL F 522 14.10 27.54 49.08
C VAL F 522 13.59 26.87 50.35
N THR F 523 12.46 27.35 50.86
CA THR F 523 11.85 26.77 52.06
C THR F 523 10.61 25.98 51.68
N ASP F 524 10.04 25.30 52.69
CA ASP F 524 8.92 24.40 52.42
C ASP F 524 7.65 25.16 52.11
N ALA F 525 7.42 26.27 52.79
CA ALA F 525 6.26 27.10 52.52
C ALA F 525 6.31 27.68 51.11
N ALA F 526 7.51 27.99 50.63
CA ALA F 526 7.66 28.46 49.26
C ALA F 526 7.38 27.36 48.26
N ILE F 527 7.71 26.11 48.58
CA ILE F 527 7.39 25.01 47.68
C ILE F 527 5.88 24.79 47.62
N LEU F 528 5.19 24.94 48.76
CA LEU F 528 3.73 24.87 48.73
C LEU F 528 3.13 26.02 47.93
N ARG F 529 3.72 27.21 48.04
CA ARG F 529 3.25 28.36 47.27
C ARG F 529 3.39 28.11 45.77
N VAL F 530 4.53 27.54 45.36
CA VAL F 530 4.77 27.24 43.95
C VAL F 530 3.78 26.19 43.44
N ILE F 531 3.60 25.11 44.21
CA ILE F 531 2.72 24.01 43.80
C ILE F 531 1.28 24.50 43.68
N SER F 532 0.80 25.23 44.69
CA SER F 532 -0.60 25.59 44.71
C SER F 532 -0.93 26.70 43.72
N GLU F 533 -0.05 27.68 43.53
CA GLU F 533 -0.44 28.85 42.77
C GLU F 533 0.14 28.92 41.38
N TYR F 534 1.13 28.10 41.04
CA TYR F 534 1.77 28.25 39.75
C TYR F 534 1.66 27.03 38.85
N THR F 535 1.11 25.92 39.33
CA THR F 535 0.93 24.72 38.53
C THR F 535 -0.41 24.11 38.87
N ARG F 536 -1.04 23.44 37.90
CA ARG F 536 -2.00 22.38 38.22
C ARG F 536 -1.90 21.30 37.15
N GLU F 537 -1.71 20.07 37.62
CA GLU F 537 -1.33 18.93 36.80
C GLU F 537 -1.33 17.70 37.67
N ALA F 538 -1.26 16.53 37.05
CA ALA F 538 -1.17 15.31 37.82
C ALA F 538 0.29 14.96 38.14
N GLY F 539 1.21 15.26 37.24
CA GLY F 539 2.59 14.88 37.39
C GLY F 539 3.48 15.98 37.91
N VAL F 540 4.77 15.91 37.58
CA VAL F 540 5.75 16.80 38.20
C VAL F 540 6.71 17.46 37.21
N ARG F 541 6.38 17.48 35.92
CA ARG F 541 7.26 18.16 34.97
C ARG F 541 7.12 19.68 35.07
N GLY F 542 5.91 20.17 35.24
CA GLY F 542 5.71 21.61 35.38
C GLY F 542 6.33 22.16 36.65
N LEU F 543 6.31 21.35 37.72
CA LEU F 543 6.93 21.77 38.97
C LEU F 543 8.43 21.90 38.83
N GLU F 544 9.08 21.00 38.09
CA GLU F 544 10.52 21.13 37.96
C GLU F 544 10.88 22.22 36.97
N ARG F 545 9.98 22.55 36.05
CA ARG F 545 10.24 23.72 35.23
C ARG F 545 10.16 25.02 36.02
N GLU F 546 9.23 25.11 36.98
CA GLU F 546 9.19 26.30 37.85
C GLU F 546 10.42 26.40 38.73
N LEU F 547 10.89 25.27 39.27
CA LEU F 547 12.07 25.30 40.11
C LEU F 547 13.33 25.64 39.31
N GLY F 548 13.41 25.16 38.07
CA GLY F 548 14.50 25.58 37.20
C GLY F 548 14.45 27.04 36.85
N LYS F 549 13.24 27.61 36.77
CA LYS F 549 13.13 29.05 36.55
C LYS F 549 13.68 29.84 37.73
N ILE F 550 13.41 29.39 38.95
CA ILE F 550 13.98 30.02 40.13
C ILE F 550 15.50 29.95 40.10
N ALA F 551 16.05 28.80 39.68
CA ALA F 551 17.50 28.66 39.60
C ALA F 551 18.13 29.56 38.54
N ARG F 552 17.49 29.68 37.36
CA ARG F 552 18.01 30.56 36.31
C ARG F 552 18.06 32.00 36.76
N LYS F 553 16.97 32.48 37.37
CA LYS F 553 16.97 33.87 37.77
C LYS F 553 17.87 34.13 38.96
N GLY F 554 18.10 33.12 39.80
CA GLY F 554 19.12 33.24 40.81
C GLY F 554 20.51 33.39 40.22
N ALA F 555 20.79 32.66 39.14
CA ALA F 555 22.08 32.80 38.47
C ALA F 555 22.23 34.18 37.85
N LYS F 556 21.15 34.72 37.29
CA LYS F 556 21.16 36.06 36.71
C LYS F 556 21.46 37.12 37.76
N PHE F 557 20.76 37.05 38.89
CA PHE F 557 20.98 38.01 39.98
C PHE F 557 22.37 37.89 40.59
N TRP F 558 22.90 36.67 40.68
CA TRP F 558 24.27 36.51 41.15
C TRP F 558 25.25 37.15 40.19
N LEU F 559 25.02 36.98 38.89
CA LEU F 559 25.98 37.47 37.93
C LEU F 559 25.89 38.97 37.76
N GLU F 560 24.79 39.60 38.17
CA GLU F 560 24.78 41.06 38.26
C GLU F 560 25.60 41.55 39.44
N GLY F 561 25.17 41.23 40.65
CA GLY F 561 25.91 41.62 41.85
C GLY F 561 25.91 40.53 42.90
N ALA F 562 27.08 40.07 43.30
CA ALA F 562 27.17 38.88 44.13
C ALA F 562 26.86 39.19 45.58
N TRP F 563 26.50 38.14 46.32
CA TRP F 563 26.30 38.26 47.76
C TRP F 563 27.16 37.23 48.47
N GLU F 564 26.98 37.07 49.77
CA GLU F 564 27.73 36.09 50.53
C GLU F 564 26.80 35.32 51.44
N GLY F 565 27.25 34.17 51.89
CA GLY F 565 26.34 33.26 52.55
C GLY F 565 25.42 32.66 51.51
N LEU F 566 24.23 32.28 51.96
CA LEU F 566 23.21 31.78 51.05
C LEU F 566 21.93 32.56 51.25
N ARG F 567 21.33 32.96 50.13
CA ARG F 567 20.06 33.65 50.14
C ARG F 567 18.95 32.63 50.28
N THR F 568 17.99 32.90 51.15
CA THR F 568 16.91 31.98 51.43
C THR F 568 15.62 32.52 50.83
N ILE F 569 15.06 31.80 49.86
CA ILE F 569 13.84 32.24 49.19
C ILE F 569 12.67 31.86 50.07
N ASP F 570 12.01 32.84 50.65
CA ASP F 570 10.83 32.57 51.45
C ASP F 570 9.59 32.84 50.63
N ALA F 571 8.44 32.40 51.13
CA ALA F 571 7.20 32.35 50.37
C ALA F 571 6.66 33.71 49.96
N SER F 572 7.14 34.79 50.55
CA SER F 572 6.78 36.11 50.10
C SER F 572 7.72 36.65 49.04
N ASP F 573 8.71 35.86 48.62
CA ASP F 573 9.66 36.27 47.60
C ASP F 573 9.46 35.52 46.30
N ILE F 574 8.45 34.64 46.24
CA ILE F 574 8.19 33.90 45.01
C ILE F 574 7.76 34.76 43.84
N PRO F 575 6.88 35.78 43.97
CA PRO F 575 6.56 36.59 42.77
C PRO F 575 7.69 37.48 42.28
N THR F 576 8.79 37.60 43.01
CA THR F 576 9.97 38.24 42.44
C THR F 576 10.56 37.39 41.32
N TYR F 577 10.52 36.07 41.49
CA TYR F 577 11.13 35.15 40.54
C TYR F 577 10.16 34.62 39.52
N LEU F 578 8.91 34.36 39.87
CA LEU F 578 8.02 33.72 38.95
C LEU F 578 6.98 34.63 38.33
N GLY F 579 6.77 35.81 38.90
CA GLY F 579 5.80 36.74 38.34
C GLY F 579 4.48 36.72 39.08
N ILE F 580 3.46 37.21 38.39
CA ILE F 580 2.10 37.20 38.94
C ILE F 580 1.60 35.76 39.01
N PRO F 581 0.99 35.33 40.11
CA PRO F 581 0.50 33.96 40.19
C PRO F 581 -0.64 33.70 39.24
N ARG F 582 -0.73 32.45 38.78
CA ARG F 582 -1.69 32.10 37.75
C ARG F 582 -3.03 31.63 38.29
N TYR F 583 -3.04 30.92 39.41
CA TYR F 583 -4.25 30.32 39.92
C TYR F 583 -4.54 30.90 41.29
N ARG F 584 -5.77 31.31 41.51
CA ARG F 584 -5.96 31.82 42.85
C ARG F 584 -6.34 30.68 43.79
N PRO F 585 -5.82 30.66 45.01
CA PRO F 585 -6.11 29.55 45.90
C PRO F 585 -7.51 29.63 46.47
N ASP F 586 -8.09 28.47 46.73
CA ASP F 586 -9.35 28.40 47.44
C ASP F 586 -9.15 28.83 48.88
N LYS F 587 -10.19 29.42 49.47
CA LYS F 587 -10.08 29.84 50.85
C LYS F 587 -11.41 29.70 51.56
N ALA F 588 -11.35 29.27 52.80
CA ALA F 588 -12.54 29.20 53.62
C ALA F 588 -12.96 30.60 54.04
N GLU F 589 -14.16 30.67 54.60
CA GLU F 589 -14.60 31.92 55.19
C GLU F 589 -15.14 31.64 56.59
N THR F 590 -15.26 32.70 57.36
CA THR F 590 -15.37 32.57 58.81
C THR F 590 -16.78 32.78 59.34
N GLU F 591 -17.50 33.72 58.83
CA GLU F 591 -18.80 34.02 59.40
C GLU F 591 -19.86 33.07 58.89
N PRO F 592 -20.85 32.75 59.72
CA PRO F 592 -22.00 32.02 59.20
C PRO F 592 -22.88 32.91 58.34
N GLN F 593 -23.25 32.39 57.17
CA GLN F 593 -23.99 33.14 56.18
C GLN F 593 -25.39 32.56 56.02
N VAL F 594 -26.29 33.36 55.48
CA VAL F 594 -27.67 32.95 55.27
C VAL F 594 -27.83 32.49 53.84
N GLY F 595 -28.20 31.24 53.64
CA GLY F 595 -28.42 30.73 52.32
C GLY F 595 -27.16 30.33 51.58
N THR F 596 -26.12 29.94 52.30
CA THR F 596 -24.84 29.65 51.68
C THR F 596 -24.29 28.40 52.33
N ALA F 597 -23.69 27.52 51.54
CA ALA F 597 -23.11 26.33 52.14
C ALA F 597 -21.85 25.93 51.39
N GLN F 598 -20.93 25.33 52.13
CA GLN F 598 -19.62 24.93 51.63
C GLN F 598 -19.64 23.47 51.25
N GLY F 599 -19.17 23.15 50.04
CA GLY F 599 -19.11 21.80 49.57
C GLY F 599 -17.79 21.53 48.88
N LEU F 600 -17.62 20.28 48.46
CA LEU F 600 -16.34 19.81 47.97
C LEU F 600 -16.55 19.21 46.59
N ALA F 601 -15.66 19.49 45.65
CA ALA F 601 -15.74 18.94 44.32
C ALA F 601 -14.47 18.20 43.96
N TRP F 602 -14.62 17.22 43.08
CA TRP F 602 -13.53 16.37 42.61
C TRP F 602 -13.24 16.75 41.16
N THR F 603 -11.97 16.89 40.83
CA THR F 603 -11.49 17.10 39.47
C THR F 603 -10.31 16.16 39.30
N PRO F 604 -9.96 15.78 38.07
CA PRO F 604 -8.84 14.85 37.91
C PRO F 604 -7.47 15.42 38.21
N VAL F 605 -7.36 16.71 38.54
CA VAL F 605 -6.12 17.27 39.04
C VAL F 605 -6.22 17.58 40.53
N GLY F 606 -7.26 17.11 41.20
CA GLY F 606 -7.38 17.26 42.63
C GLY F 606 -8.75 17.76 43.05
N GLY F 607 -8.86 18.04 44.31
CA GLY F 607 -10.11 18.54 44.83
C GLY F 607 -10.17 20.03 44.84
N THR F 608 -11.37 20.55 45.04
CA THR F 608 -11.55 21.99 45.17
C THR F 608 -12.78 22.25 46.02
N LEU F 609 -12.91 23.49 46.46
CA LEU F 609 -14.12 23.89 47.16
C LEU F 609 -15.15 24.37 46.15
N LEU F 610 -16.42 24.10 46.42
CA LEU F 610 -17.48 24.80 45.70
C LEU F 610 -18.48 25.34 46.70
N THR F 611 -18.85 26.59 46.53
CA THR F 611 -19.83 27.25 47.36
C THR F 611 -21.15 27.25 46.64
N ILE F 612 -22.21 26.82 47.32
CA ILE F 612 -23.55 26.87 46.77
C ILE F 612 -24.30 27.99 47.46
N GLU F 613 -24.91 28.89 46.69
CA GLU F 613 -25.65 29.97 47.32
C GLU F 613 -27.02 30.11 46.67
N VAL F 614 -28.03 30.29 47.52
CA VAL F 614 -29.42 30.34 47.07
C VAL F 614 -30.07 31.59 47.58
N ALA F 615 -31.16 31.97 46.92
CA ALA F 615 -31.92 33.15 47.28
C ALA F 615 -33.40 32.83 47.17
N ALA F 616 -34.16 33.24 48.18
CA ALA F 616 -35.60 33.05 48.22
C ALA F 616 -36.25 34.42 48.16
N VAL F 617 -36.85 34.74 47.02
CA VAL F 617 -37.47 36.04 46.81
C VAL F 617 -38.97 35.79 46.71
N PRO F 618 -39.80 36.80 46.98
CA PRO F 618 -41.24 36.59 46.82
C PRO F 618 -41.61 36.45 45.37
N GLY F 619 -42.50 35.50 45.09
CA GLY F 619 -42.83 35.17 43.72
C GLY F 619 -44.00 34.23 43.63
N SER F 620 -43.99 33.34 42.64
CA SER F 620 -45.11 32.45 42.38
C SER F 620 -44.75 30.98 42.48
N GLY F 621 -43.50 30.66 42.73
CA GLY F 621 -43.06 29.29 42.89
C GLY F 621 -42.41 28.83 41.62
N LYS F 622 -41.09 28.97 41.56
CA LYS F 622 -40.29 28.58 40.42
C LYS F 622 -38.97 28.06 40.96
N LEU F 623 -38.08 27.68 40.07
CA LEU F 623 -36.79 27.16 40.50
C LEU F 623 -35.81 27.45 39.38
N SER F 624 -34.97 28.45 39.58
CA SER F 624 -33.91 28.76 38.63
C SER F 624 -32.64 28.11 39.12
N LEU F 625 -31.89 27.53 38.20
CA LEU F 625 -30.70 26.74 38.54
C LEU F 625 -29.56 27.20 37.63
N THR F 626 -28.68 28.06 38.12
CA THR F 626 -27.66 28.63 37.26
C THR F 626 -26.25 28.37 37.77
N GLY F 627 -25.32 28.41 36.82
CA GLY F 627 -23.92 28.17 37.08
C GLY F 627 -23.35 27.05 36.26
N GLN F 628 -23.89 26.83 35.06
CA GLN F 628 -23.45 25.78 34.12
C GLN F 628 -23.59 24.39 34.72
N LEU F 629 -24.77 24.08 35.23
CA LEU F 629 -25.02 22.84 35.92
C LEU F 629 -25.42 21.74 34.95
N GLY F 630 -24.97 20.51 35.23
CA GLY F 630 -25.41 19.37 34.48
C GLY F 630 -26.78 18.91 34.93
N GLU F 631 -27.27 17.83 34.32
CA GLU F 631 -28.63 17.39 34.58
C GLU F 631 -28.77 16.63 35.88
N VAL F 632 -27.75 15.84 36.26
CA VAL F 632 -27.81 15.07 37.49
C VAL F 632 -27.81 16.00 38.69
N MET F 633 -27.09 17.12 38.60
CA MET F 633 -27.04 18.05 39.70
C MET F 633 -28.36 18.82 39.85
N LYS F 634 -29.01 19.13 38.73
CA LYS F 634 -30.34 19.73 38.78
C LYS F 634 -31.36 18.79 39.38
N GLU F 635 -31.26 17.50 39.04
CA GLU F 635 -32.20 16.54 39.62
C GLU F 635 -31.95 16.34 41.11
N SER F 636 -30.70 16.46 41.55
CA SER F 636 -30.43 16.42 42.99
C SER F 636 -31.00 17.64 43.71
N ALA F 637 -30.97 18.81 43.06
CA ALA F 637 -31.60 19.99 43.65
C ALA F 637 -33.10 19.80 43.80
N GLN F 638 -33.74 19.22 42.79
CA GLN F 638 -35.18 18.99 42.88
C GLN F 638 -35.53 17.95 43.93
N ALA F 639 -34.69 16.93 44.10
CA ALA F 639 -34.90 15.94 45.15
C ALA F 639 -34.81 16.55 46.53
N ALA F 640 -33.82 17.44 46.73
CA ALA F 640 -33.70 18.13 48.01
C ALA F 640 -34.89 19.03 48.29
N LEU F 641 -35.38 19.72 47.26
CA LEU F 641 -36.52 20.60 47.47
C LEU F 641 -37.80 19.81 47.76
N THR F 642 -37.95 18.62 47.16
CA THR F 642 -39.12 17.81 47.46
C THR F 642 -39.08 17.26 48.88
N TYR F 643 -37.90 16.84 49.34
CA TYR F 643 -37.75 16.42 50.72
C TYR F 643 -38.10 17.54 51.69
N LEU F 644 -37.71 18.77 51.39
CA LEU F 644 -38.05 19.83 52.32
C LEU F 644 -39.51 20.23 52.24
N ARG F 645 -40.15 20.07 51.08
CA ARG F 645 -41.59 20.30 51.00
C ARG F 645 -42.39 19.26 51.76
N ALA F 646 -41.87 18.05 51.90
CA ALA F 646 -42.62 17.05 52.65
C ALA F 646 -42.50 17.25 54.15
N HIS F 647 -41.38 17.75 54.64
CA HIS F 647 -41.15 17.94 56.08
C HIS F 647 -41.01 19.42 56.33
N THR F 648 -42.13 20.10 56.47
CA THR F 648 -42.11 21.55 56.59
C THR F 648 -42.34 22.03 58.01
N GLN F 649 -42.82 21.16 58.90
CA GLN F 649 -43.00 21.51 60.28
C GLN F 649 -41.74 21.31 61.10
N ASP F 650 -40.84 20.44 60.64
CA ASP F 650 -39.72 20.02 61.47
C ASP F 650 -38.60 21.04 61.49
N TYR F 651 -38.55 21.95 60.51
CA TYR F 651 -37.44 22.87 60.43
C TYR F 651 -37.84 24.32 60.49
N GLY F 652 -39.13 24.61 60.69
CA GLY F 652 -39.56 25.98 60.80
C GLY F 652 -39.71 26.68 59.48
N LEU F 653 -39.92 25.93 58.41
CA LEU F 653 -40.12 26.53 57.11
C LEU F 653 -41.52 27.13 57.04
N PRO F 654 -41.72 28.14 56.18
CA PRO F 654 -43.08 28.65 55.98
C PRO F 654 -43.97 27.60 55.35
N GLU F 655 -45.24 27.62 55.73
CA GLU F 655 -46.13 26.52 55.40
C GLU F 655 -46.60 26.53 53.96
N ASP F 656 -46.35 27.60 53.22
CA ASP F 656 -46.83 27.73 51.85
C ASP F 656 -45.78 28.35 50.95
N PHE F 657 -44.53 27.92 51.08
CA PHE F 657 -43.53 28.50 50.19
C PHE F 657 -43.60 27.94 48.78
N TYR F 658 -44.36 26.86 48.55
CA TYR F 658 -44.31 26.21 47.26
C TYR F 658 -45.01 27.01 46.18
N ASN F 659 -45.86 27.97 46.54
CA ASN F 659 -46.46 28.82 45.52
C ASN F 659 -46.44 30.28 45.91
N LYS F 660 -45.53 30.69 46.78
CA LYS F 660 -45.36 32.08 47.15
C LYS F 660 -43.94 32.58 47.01
N VAL F 661 -42.98 31.70 46.75
CA VAL F 661 -41.57 32.00 46.84
C VAL F 661 -40.87 31.46 45.62
N ASP F 662 -40.11 32.30 44.94
CA ASP F 662 -39.23 31.86 43.88
C ASP F 662 -37.85 31.60 44.47
N LEU F 663 -37.23 30.52 44.03
CA LEU F 663 -35.92 30.11 44.52
C LEU F 663 -34.92 30.13 43.38
N HIS F 664 -33.76 30.71 43.64
CA HIS F 664 -32.68 30.71 42.68
C HIS F 664 -31.48 30.04 43.34
N VAL F 665 -30.92 29.06 42.65
CA VAL F 665 -29.78 28.30 43.14
C VAL F 665 -28.62 28.57 42.20
N HIS F 666 -27.59 29.25 42.69
CA HIS F 666 -26.45 29.64 41.89
C HIS F 666 -25.22 28.96 42.44
N VAL F 667 -24.44 28.35 41.55
CA VAL F 667 -23.16 27.76 41.92
C VAL F 667 -22.07 28.53 41.21
N PRO F 668 -21.43 29.48 41.88
CA PRO F 668 -20.37 30.26 41.25
C PRO F 668 -19.09 29.42 41.13
N ASP F 669 -18.32 29.67 40.07
CA ASP F 669 -18.52 30.72 39.08
C ASP F 669 -19.11 30.23 37.77
N GLY F 670 -19.55 31.15 36.94
CA GLY F 670 -19.93 30.81 35.59
C GLY F 670 -18.72 30.45 34.75
N ALA F 671 -19.01 29.88 33.58
CA ALA F 671 -18.02 29.34 32.65
C ALA F 671 -17.14 28.29 33.31
N THR F 672 -17.75 27.45 34.13
CA THR F 672 -17.12 26.27 34.68
C THR F 672 -18.21 25.22 34.81
N PRO F 673 -18.27 24.22 33.92
CA PRO F 673 -19.35 23.24 34.00
C PRO F 673 -19.15 22.30 35.17
N LYS F 674 -20.27 21.96 35.82
CA LYS F 674 -20.30 21.27 37.10
C LYS F 674 -21.42 20.23 37.07
N ASP F 675 -21.10 19.00 37.45
CA ASP F 675 -22.07 17.91 37.36
C ASP F 675 -21.73 16.84 38.38
N GLY F 676 -22.71 16.01 38.70
CA GLY F 676 -22.54 14.92 39.62
C GLY F 676 -23.60 14.96 40.71
N PRO F 677 -23.88 13.82 41.33
CA PRO F 677 -24.92 13.78 42.35
C PRO F 677 -24.46 14.08 43.76
N SER F 678 -23.17 14.35 43.97
CA SER F 678 -22.59 14.37 45.29
C SER F 678 -22.73 15.69 46.01
N ALA F 679 -23.64 16.56 45.58
CA ALA F 679 -23.87 17.83 46.25
C ALA F 679 -25.29 17.95 46.75
N GLY F 680 -25.92 16.83 47.08
CA GLY F 680 -27.29 16.86 47.55
C GLY F 680 -27.44 17.38 48.95
N ILE F 681 -26.46 17.08 49.81
CA ILE F 681 -26.51 17.54 51.19
C ILE F 681 -26.26 19.04 51.27
N THR F 682 -25.37 19.54 50.42
CA THR F 682 -25.04 20.96 50.40
C THR F 682 -26.23 21.78 49.96
N MET F 683 -26.96 21.30 48.96
CA MET F 683 -28.13 22.01 48.47
C MET F 683 -29.27 21.96 49.46
N ALA F 684 -29.43 20.85 50.18
CA ALA F 684 -30.46 20.79 51.20
C ALA F 684 -30.18 21.77 52.33
N THR F 685 -28.92 21.88 52.75
CA THR F 685 -28.56 22.82 53.80
C THR F 685 -28.76 24.26 53.34
N ALA F 686 -28.37 24.56 52.10
CA ALA F 686 -28.51 25.92 51.59
C ALA F 686 -29.97 26.33 51.42
N ILE F 687 -30.80 25.46 50.86
CA ILE F 687 -32.22 25.77 50.66
C ILE F 687 -32.93 25.91 52.00
N ALA F 688 -32.61 25.05 52.97
CA ALA F 688 -33.24 25.18 54.28
C ALA F 688 -32.81 26.44 55.00
N SER F 689 -31.56 26.85 54.82
CA SER F 689 -31.09 28.07 55.45
C SER F 689 -31.71 29.30 54.82
N ALA F 690 -31.94 29.27 53.51
CA ALA F 690 -32.56 30.42 52.86
C ALA F 690 -34.04 30.52 53.15
N LEU F 691 -34.73 29.39 53.28
CA LEU F 691 -36.15 29.48 53.56
C LEU F 691 -36.44 29.78 55.02
N SER F 692 -35.64 29.27 55.95
CA SER F 692 -35.96 29.43 57.36
C SER F 692 -35.23 30.58 58.03
N ARG F 693 -34.44 31.34 57.27
CA ARG F 693 -33.72 32.54 57.73
C ARG F 693 -32.75 32.26 58.86
N ARG F 694 -32.19 31.06 58.90
CA ARG F 694 -31.21 30.76 59.92
C ARG F 694 -29.85 30.58 59.28
N PRO F 695 -28.80 31.22 59.81
CA PRO F 695 -27.51 31.21 59.13
C PRO F 695 -26.84 29.85 59.23
N ALA F 696 -26.46 29.30 58.09
CA ALA F 696 -25.64 28.11 58.09
C ALA F 696 -24.20 28.50 58.34
N ARG F 697 -23.50 27.67 59.09
CA ARG F 697 -22.12 27.98 59.43
C ARG F 697 -21.18 27.44 58.37
N MET F 698 -20.11 28.19 58.10
CA MET F 698 -19.29 27.99 56.92
C MET F 698 -17.95 27.36 57.23
N ASP F 699 -17.70 26.98 58.48
CA ASP F 699 -16.47 26.30 58.82
C ASP F 699 -16.63 24.78 58.84
N ILE F 700 -17.62 24.26 58.12
CA ILE F 700 -17.86 22.83 58.00
C ILE F 700 -18.07 22.53 56.54
N ALA F 701 -17.21 21.72 55.96
CA ALA F 701 -17.43 21.26 54.61
C ALA F 701 -18.22 19.96 54.64
N MET F 702 -19.03 19.74 53.62
CA MET F 702 -19.90 18.58 53.60
C MET F 702 -20.03 18.07 52.18
N THR F 703 -20.42 16.81 52.07
CA THR F 703 -20.61 16.15 50.80
C THR F 703 -21.45 14.91 51.03
N GLY F 704 -22.22 14.53 50.04
CA GLY F 704 -23.10 13.39 50.16
C GLY F 704 -24.28 13.52 49.22
N GLU F 705 -24.76 12.39 48.76
CA GLU F 705 -25.92 12.30 47.87
C GLU F 705 -27.18 12.14 48.70
N VAL F 706 -28.26 12.80 48.30
CA VAL F 706 -29.51 12.77 49.05
C VAL F 706 -30.54 12.00 48.24
N SER F 707 -31.45 11.33 48.94
CA SER F 707 -32.57 10.66 48.31
C SER F 707 -33.85 11.35 48.74
N LEU F 708 -34.97 10.79 48.30
CA LEU F 708 -36.24 11.46 48.49
C LEU F 708 -36.84 11.19 49.87
N ARG F 709 -36.41 10.14 50.54
CA ARG F 709 -36.75 9.93 51.94
C ARG F 709 -35.82 10.68 52.88
N GLY F 710 -34.87 11.45 52.35
CA GLY F 710 -33.91 12.14 53.17
C GLY F 710 -32.93 11.17 53.77
N LYS F 711 -32.06 10.61 52.94
CA LYS F 711 -31.26 9.47 53.37
C LYS F 711 -29.94 9.56 52.63
N VAL F 712 -28.85 9.76 53.37
CA VAL F 712 -27.59 10.13 52.77
C VAL F 712 -26.91 8.89 52.20
N MET F 713 -26.43 9.00 50.97
CA MET F 713 -25.92 7.84 50.26
C MET F 713 -24.46 8.06 49.87
N PRO F 714 -23.65 7.00 49.76
CA PRO F 714 -22.21 7.19 49.62
C PRO F 714 -21.80 7.74 48.28
N ILE F 715 -20.62 8.35 48.26
CA ILE F 715 -20.11 9.10 47.12
C ILE F 715 -18.78 8.55 46.67
N GLY F 716 -18.19 9.17 45.66
CA GLY F 716 -16.88 8.80 45.21
C GLY F 716 -15.88 9.93 45.33
N GLY F 717 -14.60 9.61 45.39
CA GLY F 717 -13.56 10.62 45.43
C GLY F 717 -13.40 11.25 46.80
N VAL F 718 -13.37 10.44 47.85
CA VAL F 718 -13.36 10.97 49.21
C VAL F 718 -12.01 11.59 49.54
N LYS F 719 -10.94 10.99 49.03
CA LYS F 719 -9.59 11.32 49.46
C LYS F 719 -9.17 12.68 48.96
N GLU F 720 -9.43 12.97 47.68
CA GLU F 720 -9.11 14.27 47.10
C GLU F 720 -9.93 15.38 47.74
N LYS F 721 -11.20 15.11 48.03
CA LYS F 721 -12.05 16.10 48.68
C LYS F 721 -11.57 16.44 50.07
N LEU F 722 -11.16 15.43 50.84
CA LEU F 722 -10.71 15.72 52.20
C LEU F 722 -9.36 16.41 52.20
N LEU F 723 -8.49 16.08 51.25
CA LEU F 723 -7.22 16.79 51.16
C LEU F 723 -7.43 18.25 50.77
N ALA F 724 -8.37 18.50 49.86
CA ALA F 724 -8.68 19.88 49.47
C ALA F 724 -9.28 20.65 50.63
N ALA F 725 -10.09 20.00 51.46
CA ALA F 725 -10.63 20.68 52.62
C ALA F 725 -9.57 20.95 53.66
N HIS F 726 -8.53 20.11 53.71
CA HIS F 726 -7.49 20.34 54.70
C HIS F 726 -6.48 21.37 54.24
N GLN F 727 -6.31 21.55 52.94
CA GLN F 727 -5.47 22.65 52.44
C GLN F 727 -6.02 24.00 52.84
N ALA F 728 -7.33 24.18 52.73
CA ALA F 728 -7.93 25.49 52.89
C ALA F 728 -8.17 25.88 54.34
N GLY F 729 -7.87 24.99 55.29
CA GLY F 729 -8.04 25.34 56.68
C GLY F 729 -9.40 25.06 57.26
N ILE F 730 -10.09 24.04 56.75
CA ILE F 730 -11.35 23.58 57.31
C ILE F 730 -11.08 22.29 58.05
N HIS F 731 -11.53 22.20 59.29
CA HIS F 731 -11.19 21.05 60.11
C HIS F 731 -12.42 20.29 60.60
N LYS F 732 -13.55 20.42 59.91
CA LYS F 732 -14.78 19.76 60.30
C LYS F 732 -15.49 19.26 59.06
N ILE F 733 -15.79 17.97 59.00
CA ILE F 733 -16.33 17.34 57.81
C ILE F 733 -17.60 16.60 58.18
N VAL F 734 -18.60 16.65 57.30
CA VAL F 734 -19.80 15.83 57.40
C VAL F 734 -19.78 14.88 56.22
N LEU F 735 -19.84 13.58 56.50
CA LEU F 735 -19.60 12.56 55.49
C LEU F 735 -20.61 11.44 55.68
N PRO F 736 -20.98 10.75 54.61
CA PRO F 736 -21.90 9.62 54.75
C PRO F 736 -21.30 8.47 55.52
N LYS F 737 -22.18 7.71 56.18
CA LYS F 737 -21.75 6.59 57.01
C LYS F 737 -21.07 5.49 56.21
N ASP F 738 -21.46 5.33 54.96
CA ASP F 738 -20.93 4.26 54.15
C ASP F 738 -19.61 4.58 53.48
N ASN F 739 -18.97 5.68 53.84
CA ASN F 739 -17.65 5.99 53.30
C ASN F 739 -16.54 5.86 54.33
N GLU F 740 -16.84 5.38 55.53
CA GLU F 740 -15.78 5.27 56.52
C GLU F 740 -14.80 4.15 56.23
N ALA F 741 -15.10 3.28 55.27
CA ALA F 741 -14.12 2.32 54.80
C ALA F 741 -13.02 2.99 53.98
N GLN F 742 -13.25 4.21 53.53
CA GLN F 742 -12.33 4.88 52.63
C GLN F 742 -11.54 5.98 53.31
N LEU F 743 -11.62 6.06 54.63
CA LEU F 743 -10.77 6.96 55.38
C LEU F 743 -9.40 6.37 55.65
N GLU F 744 -9.17 5.13 55.25
CA GLU F 744 -7.89 4.49 55.48
C GLU F 744 -6.83 4.93 54.51
N GLU F 745 -7.22 5.48 53.36
CA GLU F 745 -6.29 5.89 52.33
C GLU F 745 -5.82 7.33 52.50
N LEU F 746 -5.98 7.90 53.67
CA LEU F 746 -5.46 9.22 53.98
C LEU F 746 -4.23 9.11 54.86
N PRO F 747 -3.30 10.07 54.76
CA PRO F 747 -2.16 10.09 55.68
C PRO F 747 -2.59 10.34 57.10
N LYS F 748 -1.86 9.76 58.03
CA LYS F 748 -2.29 9.74 59.43
C LYS F 748 -2.12 11.05 60.14
N GLU F 749 -1.51 12.05 59.53
CA GLU F 749 -1.49 13.37 60.12
C GLU F 749 -2.59 14.26 59.59
N VAL F 750 -3.24 13.84 58.50
CA VAL F 750 -4.44 14.54 58.06
C VAL F 750 -5.63 14.12 58.91
N LEU F 751 -5.74 12.82 59.21
CA LEU F 751 -6.88 12.31 59.97
C LEU F 751 -6.89 12.78 61.42
N GLU F 752 -5.77 13.23 61.95
CA GLU F 752 -5.76 13.73 63.32
C GLU F 752 -6.14 15.19 63.41
N GLY F 753 -6.06 15.92 62.31
CA GLY F 753 -6.50 17.30 62.30
C GLY F 753 -7.96 17.41 61.97
N LEU F 754 -8.47 16.51 61.14
CA LEU F 754 -9.87 16.54 60.77
C LEU F 754 -10.73 16.02 61.90
N GLU F 755 -12.03 16.29 61.79
CA GLU F 755 -13.00 15.95 62.82
C GLU F 755 -14.28 15.57 62.09
N ILE F 756 -14.43 14.28 61.83
CA ILE F 756 -15.37 13.77 60.85
C ILE F 756 -16.62 13.28 61.55
N LYS F 757 -17.78 13.73 61.06
CA LYS F 757 -19.07 13.28 61.55
C LYS F 757 -19.74 12.45 60.47
N LEU F 758 -20.13 11.23 60.83
CA LEU F 758 -20.70 10.27 59.89
C LEU F 758 -22.22 10.27 60.05
N VAL F 759 -22.93 10.53 58.96
CA VAL F 759 -24.37 10.74 59.04
C VAL F 759 -25.10 9.72 58.19
N GLU F 760 -26.38 9.56 58.49
CA GLU F 760 -27.26 8.69 57.71
C GLU F 760 -28.52 9.43 57.28
N ASP F 761 -28.93 10.41 58.06
CA ASP F 761 -30.17 11.14 57.83
C ASP F 761 -29.86 12.60 57.57
N VAL F 762 -30.70 13.24 56.77
CA VAL F 762 -30.52 14.65 56.46
C VAL F 762 -30.83 15.52 57.67
N GLY F 763 -31.72 15.04 58.54
CA GLY F 763 -32.06 15.79 59.74
C GLY F 763 -30.90 15.97 60.69
N GLU F 764 -29.96 15.03 60.70
CA GLU F 764 -28.75 15.19 61.48
C GLU F 764 -27.88 16.32 60.95
N VAL F 765 -27.76 16.42 59.63
CA VAL F 765 -26.99 17.49 59.00
C VAL F 765 -27.62 18.84 59.27
N LEU F 766 -28.94 18.95 59.12
CA LEU F 766 -29.60 20.21 59.36
C LEU F 766 -29.57 20.60 60.83
N GLU F 767 -29.59 19.63 61.73
CA GLU F 767 -29.45 19.96 63.14
C GLU F 767 -28.04 20.39 63.48
N TYR F 768 -27.05 19.90 62.74
CA TYR F 768 -25.67 20.24 63.06
C TYR F 768 -25.20 21.52 62.41
N LEU F 769 -25.78 21.92 61.27
CA LEU F 769 -25.27 23.04 60.50
C LEU F 769 -25.97 24.36 60.76
N LEU F 770 -27.26 24.36 61.03
CA LEU F 770 -27.99 25.61 61.12
C LEU F 770 -27.86 26.16 62.53
N LEU F 771 -27.57 27.46 62.63
CA LEU F 771 -27.62 28.12 63.91
C LEU F 771 -29.07 28.20 64.39
N PRO F 772 -29.32 28.03 65.69
CA PRO F 772 -30.70 27.80 66.14
C PRO F 772 -31.60 29.01 66.11
N GLU F 773 -31.06 30.21 65.91
CA GLU F 773 -31.87 31.41 66.03
C GLU F 773 -32.00 32.09 64.67
N PRO F 774 -33.21 32.47 64.26
CA PRO F 774 -33.35 33.23 63.02
C PRO F 774 -32.89 34.67 63.22
N THR F 775 -32.34 35.24 62.15
CA THR F 775 -31.85 36.60 62.15
C THR F 775 -32.65 37.52 61.24
N MET F 776 -32.79 37.16 59.97
CA MET F 776 -33.48 38.00 59.02
C MET F 776 -34.99 37.91 59.22
N PRO F 777 -35.75 38.92 58.76
CA PRO F 777 -37.20 38.78 58.71
C PRO F 777 -37.62 37.77 57.65
N PRO F 778 -38.84 37.23 57.73
CA PRO F 778 -39.26 36.22 56.76
C PRO F 778 -39.42 36.79 55.36
N VAL F 779 -39.48 35.87 54.39
CA VAL F 779 -39.55 36.27 52.98
C VAL F 779 -40.94 36.78 52.62
N VAL F 780 -41.98 36.22 53.22
CA VAL F 780 -43.34 36.65 52.92
C VAL F 780 -43.65 37.94 53.67
N UNK G 1 39.94 -21.84 -19.98
CA UNK G 1 38.54 -21.95 -20.36
C UNK G 1 37.73 -20.84 -19.70
N UNK G 2 37.23 -19.92 -20.53
CA UNK G 2 36.38 -18.85 -20.04
C UNK G 2 35.04 -19.42 -19.57
N UNK G 3 34.82 -19.36 -18.26
CA UNK G 3 33.65 -19.96 -17.63
C UNK G 3 32.49 -18.97 -17.66
N UNK G 4 31.39 -19.37 -17.03
CA UNK G 4 30.16 -18.58 -16.98
C UNK G 4 29.66 -18.44 -15.56
N UNK G 5 28.65 -17.59 -15.37
CA UNK G 5 28.05 -17.34 -14.07
C UNK G 5 26.67 -16.73 -14.25
N UNK G 6 25.77 -17.04 -13.31
CA UNK G 6 24.39 -16.53 -13.36
C UNK G 6 23.82 -16.60 -11.94
N UNK G 7 23.43 -15.45 -11.40
CA UNK G 7 22.83 -15.38 -10.08
C UNK G 7 21.97 -14.13 -9.99
N UNK G 8 20.88 -14.21 -9.22
CA UNK G 8 20.00 -13.06 -9.02
C UNK G 8 19.29 -13.23 -7.68
N UNK G 9 19.40 -12.22 -6.82
CA UNK G 9 18.76 -12.23 -5.51
C UNK G 9 17.65 -11.19 -5.45
N UNK G 10 16.76 -11.35 -4.47
CA UNK G 10 15.60 -10.48 -4.35
C UNK G 10 15.92 -9.25 -3.52
N UNK G 11 15.03 -8.26 -3.57
CA UNK G 11 15.22 -6.98 -2.88
C UNK G 11 13.87 -6.44 -2.47
N UNK G 12 13.78 -5.93 -1.25
CA UNK G 12 12.52 -5.44 -0.72
C UNK G 12 12.32 -3.98 -1.06
N UNK G 13 11.06 -3.57 -1.20
CA UNK G 13 10.72 -2.22 -1.62
C UNK G 13 9.42 -1.80 -0.95
N UNK G 14 9.40 -0.57 -0.44
CA UNK G 14 8.23 -0.05 0.25
C UNK G 14 7.28 0.59 -0.75
N UNK G 15 5.99 0.56 -0.42
CA UNK G 15 4.98 1.10 -1.32
C UNK G 15 3.85 1.69 -0.50
N UNK G 16 3.29 2.80 -0.97
CA UNK G 16 2.20 3.44 -0.27
C UNK G 16 0.87 2.94 -0.81
N UNK G 17 -0.21 3.24 -0.09
CA UNK G 17 -1.54 2.82 -0.50
C UNK G 17 -2.57 3.78 0.06
N UNK G 18 -3.65 3.97 -0.70
CA UNK G 18 -4.76 4.80 -0.26
C UNK G 18 -5.81 3.93 0.40
N UNK G 19 -6.50 4.50 1.39
CA UNK G 19 -7.55 3.79 2.08
C UNK G 19 -8.55 4.81 2.64
N UNK G 20 -9.76 4.33 2.90
CA UNK G 20 -10.83 5.18 3.44
C UNK G 20 -11.84 4.28 4.14
N UNK G 21 -11.99 4.45 5.45
CA UNK G 21 -12.94 3.68 6.23
C UNK G 21 -13.41 4.52 7.40
N UNK G 22 -14.35 3.96 8.17
CA UNK G 22 -14.89 4.65 9.34
C UNK G 22 -14.62 3.85 10.60
PG AGS H . 2.27 32.40 11.61
S1G AGS H . 3.48 31.08 10.84
O2G AGS H . 1.97 32.06 13.09
O3G AGS H . 0.90 32.39 10.89
PB AGS H . 4.19 34.24 12.23
O1B AGS H . 5.31 33.38 11.92
O2B AGS H . 3.86 34.24 13.71
O3B AGS H . 2.86 33.83 11.53
PA AGS H . 5.99 35.99 11.28
O1A AGS H . 6.18 35.45 9.96
O2A AGS H . 6.94 35.42 12.32
O3A AGS H . 4.58 35.71 11.87
O5' AGS H . 6.13 37.53 11.20
C5' AGS H . 5.61 38.23 10.08
C4' AGS H . 6.35 39.52 9.90
O4' AGS H . 6.09 40.40 11.01
C3' AGS H . 7.87 39.41 9.76
O3' AGS H . 8.32 40.23 8.69
C2' AGS H . 8.38 39.95 11.09
O2' AGS H . 9.62 40.61 10.92
C1' AGS H . 7.31 40.96 11.45
N9 AGS H . 7.21 41.19 12.87
C8 AGS H . 6.34 40.59 13.73
N7 AGS H . 6.47 40.97 14.97
C5 AGS H . 7.49 41.91 14.93
C6 AGS H . 8.10 42.69 15.91
N6 AGS H . 7.75 42.66 17.20
N1 AGS H . 9.09 43.51 15.53
C2 AGS H . 9.43 43.56 14.25
N3 AGS H . 8.93 42.87 13.22
C4 AGS H . 7.95 42.05 13.64
PG AGS I . -16.53 30.79 -10.93
S1G AGS I . -18.12 29.81 -11.42
O2G AGS I . -15.25 30.04 -11.39
O3G AGS I . -16.49 30.90 -9.38
PB AGS I . -15.43 32.70 -12.51
O1B AGS I . -14.36 31.69 -12.60
O2B AGS I . -15.01 34.04 -11.95
O3B AGS I . -16.54 32.22 -11.53
PA AGS I . -15.18 33.09 -15.21
O1A AGS I . -14.58 31.81 -15.50
O2A AGS I . -14.17 34.22 -15.11
O3A AGS I . -16.03 33.07 -13.90
O5' AGS I . -16.19 33.38 -16.36
C5' AGS I . -16.79 34.65 -16.57
C4' AGS I . -17.04 34.79 -18.05
O4' AGS I . -17.31 36.17 -18.38
C3' AGS I . -15.85 34.36 -18.91
O3' AGS I . -16.31 33.61 -20.03
C2' AGS I . -15.27 35.69 -19.37
O2' AGS I . -14.63 35.56 -20.64
C1' AGS I . -16.54 36.51 -19.50
N9 AGS I . -16.33 37.96 -19.56
C8 AGS I . -16.17 38.68 -20.70
N7 AGS I . -16.00 39.96 -20.49
C5 AGS I . -16.05 40.08 -19.11
C6 AGS I . -15.92 41.19 -18.26
N6 AGS I . -15.73 42.43 -18.67
N1 AGS I . -16.02 40.96 -16.93
C2 AGS I . -16.21 39.71 -16.51
N3 AGS I . -16.34 38.59 -17.22
C4 AGS I . -16.25 38.85 -18.52
PB ADP J . -36.02 8.50 -17.29
O1B ADP J . -35.20 7.55 -16.45
O2B ADP J . -35.23 9.25 -18.30
O3B ADP J . -36.99 9.33 -16.50
PA ADP J . -36.34 6.75 -19.42
O1A ADP J . -35.24 5.91 -18.86
O2A ADP J . -36.02 7.67 -20.56
O3A ADP J . -36.97 7.58 -18.20
O5' ADP J . -37.51 5.76 -19.90
C5' ADP J . -38.76 6.21 -20.38
C4' ADP J . -39.32 5.19 -21.36
O4' ADP J . -40.34 5.76 -22.17
C3' ADP J . -38.22 4.77 -22.31
O3' ADP J . -38.11 3.35 -22.23
C2' ADP J . -38.69 5.15 -23.68
O2' ADP J . -38.46 4.05 -24.56
C1' ADP J . -40.16 5.34 -23.52
N9 ADP J . -40.68 6.31 -24.52
C8 ADP J . -40.94 6.03 -25.81
N7 ADP J . -41.41 7.10 -26.47
C5 ADP J . -41.44 8.10 -25.60
C6 ADP J . -41.82 9.50 -25.62
N6 ADP J . -42.27 10.05 -26.76
N1 ADP J . -41.71 10.21 -24.50
C2 ADP J . -41.27 9.65 -23.37
N3 ADP J . -40.90 8.38 -23.26
C4 ADP J . -40.96 7.58 -24.32
PB ADP K . -33.48 -18.75 1.05
O1B ADP K . -32.01 -18.68 1.34
O2B ADP K . -33.83 -18.89 -0.41
O3B ADP K . -34.30 -17.71 1.76
PA ADP K . -33.60 -21.53 1.06
O1A ADP K . -32.10 -21.62 1.00
O2A ADP K . -34.40 -21.71 -0.21
O3A ADP K . -33.98 -20.11 1.72
O5' ADP K . -34.11 -22.62 2.13
C5' ADP K . -35.48 -22.74 2.47
C4' ADP K . -35.83 -24.22 2.44
O4' ADP K . -37.23 -24.39 2.59
C3' ADP K . -35.48 -24.80 1.08
O3' ADP K . -34.39 -25.71 1.21
C2' ADP K . -36.70 -25.54 0.60
O2' ADP K . -36.42 -26.92 0.50
C1' ADP K . -37.76 -25.31 1.65
N9 ADP K . -38.92 -24.71 0.97
C8 ADP K . -39.11 -23.42 0.71
N7 ADP K . -40.27 -23.22 0.05
C5 ADP K . -40.84 -24.41 -0.13
C6 ADP K . -42.08 -24.93 -0.75
N6 ADP K . -42.97 -24.11 -1.34
N1 ADP K . -42.29 -26.25 -0.71
C2 ADP K . -41.40 -27.08 -0.14
N3 ADP K . -40.27 -26.69 0.44
C4 ADP K . -39.94 -25.39 0.47
PB ADP L . -12.69 -18.34 27.23
O1B ADP L . -11.79 -17.67 26.22
O2B ADP L . -13.24 -19.69 26.80
O3B ADP L . -13.73 -17.45 27.84
PA ADP L . -10.45 -19.66 28.37
O1A ADP L . -9.22 -18.86 28.03
O2A ADP L . -10.80 -20.88 27.55
O3A ADP L . -11.71 -18.66 28.46
O5' ADP L . -10.35 -20.09 29.90
C5' ADP L . -11.54 -20.35 30.65
C4' ADP L . -11.08 -20.50 32.09
O4' ADP L . -12.09 -21.10 32.90
C3' ADP L . -9.88 -21.43 32.16
O3' ADP L . -8.69 -20.68 32.33
C2' ADP L . -10.13 -22.31 33.36
O2' ADP L . -9.08 -22.15 34.31
C1' ADP L . -11.43 -21.82 33.93
N9 ADP L . -12.21 -22.98 34.39
C8 ADP L . -11.68 -24.08 34.94
N7 ADP L . -12.65 -24.97 35.27
C5 ADP L . -13.83 -24.43 34.93
C6 ADP L . -15.24 -24.84 35.00
N6 ADP L . -15.61 -26.03 35.52
N1 ADP L . -16.15 -23.99 34.53
C2 ADP L . -15.80 -22.79 34.02
N3 ADP L . -14.54 -22.36 33.91
C4 ADP L . -13.53 -23.12 34.35
PG AGS M . 4.96 9.91 29.84
S1G AGS M . 3.32 9.15 29.18
O2G AGS M . 4.96 11.42 29.53
O3G AGS M . 6.15 9.23 29.11
PB AGS M . 6.48 9.33 31.95
O1B AGS M . 7.29 8.67 30.93
O2B AGS M . 6.14 8.47 33.14
O3B AGS M . 5.11 9.68 31.35
PA AGS M . 8.63 10.13 33.26
O1A AGS M . 9.72 10.31 32.32
O2A AGS M . 8.48 8.69 33.66
O3A AGS M . 7.23 10.51 32.66
O5' AGS M . 8.89 11.03 34.50
C5' AGS M . 9.21 12.41 34.39
C4' AGS M . 10.11 12.81 35.53
O4' AGS M . 9.40 12.71 36.78
C3' AGS M . 11.39 11.99 35.67
O3' AGS M . 12.51 12.85 35.70
C2' AGS M . 11.23 11.30 37.02
O2' AGS M . 12.47 11.21 37.70
C1' AGS M . 10.31 12.25 37.76
N9 AGS M . 9.55 11.61 38.82
C8 AGS M . 8.27 11.15 38.75
N7 AGS M . 7.85 10.58 39.86
C5 AGS M . 8.94 10.67 40.70
C6 AGS M . 9.14 10.26 42.02
N6 AGS M . 8.21 9.65 42.76
N1 AGS M . 10.34 10.50 42.58
C2 AGS M . 11.27 11.12 41.85
N3 AGS M . 11.20 11.55 40.60
C4 AGS M . 10.00 11.29 40.07
#